data_1WYP
#
_entry.id   1WYP
#
_entity_poly.entity_id   1
_entity_poly.type   'polypeptide(L)'
_entity_poly.pdbx_seq_one_letter_code
;GSSGSSGNKLAQKYDHQREQELREWIEGVTGRRIGNNFMDGLKDGIILCEFINKLQPGSVKKINESTQNWHQLENIGNFI
KAITKYGVKPHDIFEANDLFENTNHTQVQSTLLALASMAKTKGNKVNVGVSGPSSG
;
_entity_poly.pdbx_strand_id   A
#
# COMPACT_ATOMS: atom_id res chain seq x y z
N GLY A 1 -21.33 -8.83 -1.00
CA GLY A 1 -21.98 -8.12 -2.08
C GLY A 1 -21.97 -8.90 -3.38
N SER A 2 -22.87 -8.54 -4.29
CA SER A 2 -22.95 -9.22 -5.59
C SER A 2 -21.57 -9.37 -6.21
N SER A 3 -21.14 -10.62 -6.39
CA SER A 3 -19.84 -10.90 -6.97
C SER A 3 -19.71 -12.39 -7.31
N GLY A 4 -19.57 -12.69 -8.59
CA GLY A 4 -19.44 -14.07 -9.02
C GLY A 4 -17.99 -14.52 -9.08
N SER A 5 -17.66 -15.53 -8.29
CA SER A 5 -16.30 -16.05 -8.25
C SER A 5 -16.26 -17.52 -8.68
N SER A 6 -17.07 -18.34 -8.02
CA SER A 6 -17.14 -19.76 -8.33
C SER A 6 -15.75 -20.40 -8.27
N GLY A 7 -14.96 -20.01 -7.27
CA GLY A 7 -13.62 -20.55 -7.12
C GLY A 7 -13.24 -20.76 -5.68
N ASN A 8 -13.37 -19.71 -4.87
CA ASN A 8 -13.03 -19.78 -3.45
C ASN A 8 -11.63 -20.37 -3.26
N LYS A 9 -10.70 -19.91 -4.10
CA LYS A 9 -9.32 -20.39 -4.02
C LYS A 9 -8.46 -19.43 -3.19
N LEU A 10 -7.81 -19.97 -2.17
CA LEU A 10 -6.95 -19.17 -1.30
C LEU A 10 -5.48 -19.43 -1.58
N ALA A 11 -4.76 -18.39 -1.97
CA ALA A 11 -3.34 -18.50 -2.27
C ALA A 11 -2.57 -17.30 -1.76
N GLN A 12 -1.25 -17.30 -1.98
CA GLN A 12 -0.41 -16.20 -1.54
C GLN A 12 0.03 -15.33 -2.72
N LYS A 13 -0.04 -15.91 -3.91
CA LYS A 13 0.35 -15.18 -5.13
C LYS A 13 -0.42 -13.87 -5.24
N TYR A 14 -0.09 -13.09 -6.26
CA TYR A 14 -0.74 -11.80 -6.48
C TYR A 14 -2.22 -11.99 -6.80
N ASP A 15 -3.08 -11.51 -5.91
CA ASP A 15 -4.53 -11.62 -6.11
C ASP A 15 -5.06 -10.43 -6.88
N HIS A 16 -5.64 -10.69 -8.04
CA HIS A 16 -6.20 -9.64 -8.88
C HIS A 16 -7.44 -9.04 -8.24
N GLN A 17 -8.04 -9.78 -7.31
CA GLN A 17 -9.23 -9.31 -6.61
C GLN A 17 -8.91 -8.14 -5.69
N ARG A 18 -7.92 -8.34 -4.83
CA ARG A 18 -7.52 -7.31 -3.89
C ARG A 18 -6.90 -6.11 -4.61
N GLU A 19 -6.14 -6.41 -5.66
CA GLU A 19 -5.49 -5.35 -6.44
C GLU A 19 -6.49 -4.25 -6.80
N GLN A 20 -7.73 -4.63 -7.05
CA GLN A 20 -8.77 -3.67 -7.39
C GLN A 20 -9.37 -3.04 -6.14
N GLU A 21 -9.22 -3.72 -5.01
CA GLU A 21 -9.75 -3.23 -3.75
C GLU A 21 -8.76 -2.26 -3.10
N LEU A 22 -7.49 -2.38 -3.45
CA LEU A 22 -6.45 -1.52 -2.91
C LEU A 22 -6.39 -0.19 -3.66
N ARG A 23 -6.21 -0.27 -4.98
CA ARG A 23 -6.13 0.92 -5.82
C ARG A 23 -7.36 1.80 -5.62
N GLU A 24 -8.51 1.16 -5.42
CA GLU A 24 -9.76 1.89 -5.22
C GLU A 24 -9.75 2.61 -3.87
N TRP A 25 -8.98 2.09 -2.93
CA TRP A 25 -8.89 2.68 -1.60
C TRP A 25 -7.86 3.80 -1.57
N ILE A 26 -6.70 3.54 -2.16
CA ILE A 26 -5.63 4.54 -2.20
C ILE A 26 -5.99 5.71 -3.11
N GLU A 27 -6.26 5.40 -4.37
CA GLU A 27 -6.63 6.42 -5.34
C GLU A 27 -7.66 7.37 -4.76
N GLY A 28 -8.41 6.91 -3.77
CA GLY A 28 -9.42 7.73 -3.14
C GLY A 28 -8.87 8.55 -1.98
N VAL A 29 -8.36 7.85 -0.97
CA VAL A 29 -7.80 8.52 0.21
C VAL A 29 -6.87 9.65 -0.20
N THR A 30 -5.72 9.30 -0.77
CA THR A 30 -4.75 10.29 -1.20
C THR A 30 -5.33 11.22 -2.25
N GLY A 31 -5.74 10.65 -3.38
CA GLY A 31 -6.32 11.46 -4.45
C GLY A 31 -5.46 11.47 -5.69
N ARG A 32 -4.62 10.45 -5.85
CA ARG A 32 -3.74 10.35 -7.01
C ARG A 32 -4.18 9.22 -7.93
N ARG A 33 -4.10 9.46 -9.24
CA ARG A 33 -4.48 8.47 -10.23
C ARG A 33 -3.37 7.44 -10.44
N ILE A 34 -3.35 6.41 -9.61
CA ILE A 34 -2.34 5.37 -9.71
C ILE A 34 -2.20 4.87 -11.14
N GLY A 35 -3.30 4.93 -11.89
CA GLY A 35 -3.30 4.47 -13.27
C GLY A 35 -3.23 2.96 -13.39
N ASN A 36 -3.39 2.47 -14.61
CA ASN A 36 -3.36 1.02 -14.85
C ASN A 36 -2.23 0.36 -14.06
N ASN A 37 -1.01 0.66 -14.44
CA ASN A 37 0.16 0.10 -13.76
C ASN A 37 0.09 0.34 -12.26
N PHE A 38 -0.36 -0.67 -11.53
CA PHE A 38 -0.47 -0.56 -10.07
C PHE A 38 0.89 -0.37 -9.44
N MET A 39 1.92 -0.95 -10.06
CA MET A 39 3.28 -0.84 -9.55
C MET A 39 3.92 0.47 -9.98
N ASP A 40 4.22 0.59 -11.27
CA ASP A 40 4.83 1.79 -11.81
C ASP A 40 4.21 3.04 -11.19
N GLY A 41 2.89 3.06 -11.10
CA GLY A 41 2.19 4.20 -10.53
C GLY A 41 2.55 4.42 -9.07
N LEU A 42 2.80 3.33 -8.34
CA LEU A 42 3.16 3.42 -6.93
C LEU A 42 4.67 3.46 -6.75
N LYS A 43 5.39 3.19 -7.82
CA LYS A 43 6.85 3.21 -7.78
C LYS A 43 7.37 4.55 -7.30
N ASP A 44 6.84 5.63 -7.88
CA ASP A 44 7.25 6.98 -7.51
C ASP A 44 7.54 7.06 -6.02
N GLY A 45 6.75 6.35 -5.22
CA GLY A 45 6.93 6.36 -3.78
C GLY A 45 6.16 7.47 -3.10
N ILE A 46 5.73 8.45 -3.88
CA ILE A 46 4.97 9.58 -3.35
C ILE A 46 3.64 9.12 -2.77
N ILE A 47 2.77 8.63 -3.64
CA ILE A 47 1.46 8.15 -3.22
C ILE A 47 1.55 7.37 -1.92
N LEU A 48 2.66 6.67 -1.74
CA LEU A 48 2.87 5.88 -0.52
C LEU A 48 3.03 6.77 0.69
N CYS A 49 3.98 7.71 0.62
CA CYS A 49 4.23 8.63 1.72
C CYS A 49 2.95 9.34 2.14
N GLU A 50 2.19 9.80 1.15
CA GLU A 50 0.93 10.49 1.42
C GLU A 50 -0.11 9.54 2.00
N PHE A 51 -0.09 8.29 1.54
CA PHE A 51 -1.03 7.28 2.00
C PHE A 51 -1.00 7.19 3.54
N ILE A 52 0.14 6.79 4.08
CA ILE A 52 0.29 6.66 5.52
C ILE A 52 0.09 8.01 6.22
N ASN A 53 0.30 9.09 5.48
CA ASN A 53 0.14 10.43 6.03
C ASN A 53 -1.34 10.75 6.26
N LYS A 54 -2.18 10.40 5.29
CA LYS A 54 -3.60 10.65 5.38
C LYS A 54 -4.20 9.92 6.58
N LEU A 55 -3.62 8.78 6.94
CA LEU A 55 -4.09 7.99 8.07
C LEU A 55 -3.55 8.54 9.38
N GLN A 56 -2.27 8.90 9.38
CA GLN A 56 -1.62 9.44 10.57
C GLN A 56 -1.02 10.82 10.29
N PRO A 57 -1.49 11.83 11.04
CA PRO A 57 -1.03 13.21 10.89
C PRO A 57 0.41 13.38 11.38
N GLY A 58 1.36 13.22 10.47
CA GLY A 58 2.76 13.36 10.82
C GLY A 58 3.60 12.19 10.34
N SER A 59 2.97 11.24 9.67
CA SER A 59 3.66 10.06 9.16
C SER A 59 4.96 10.46 8.47
N VAL A 60 4.84 11.11 7.31
CA VAL A 60 6.00 11.55 6.55
C VAL A 60 6.19 13.06 6.64
N LYS A 61 7.22 13.48 7.35
CA LYS A 61 7.51 14.89 7.52
C LYS A 61 7.33 15.64 6.20
N LYS A 62 8.25 15.43 5.27
CA LYS A 62 8.20 16.08 3.96
C LYS A 62 8.35 15.06 2.84
N ILE A 63 7.76 15.36 1.69
CA ILE A 63 7.83 14.47 0.53
C ILE A 63 8.43 15.19 -0.67
N ASN A 64 9.21 14.45 -1.45
CA ASN A 64 9.85 15.02 -2.64
C ASN A 64 8.98 14.80 -3.88
N GLU A 65 8.79 15.86 -4.65
CA GLU A 65 7.98 15.79 -5.86
C GLU A 65 8.78 16.22 -7.09
N SER A 66 9.33 15.24 -7.80
CA SER A 66 10.13 15.51 -8.99
C SER A 66 9.99 14.38 -10.00
N THR A 67 10.65 14.54 -11.14
CA THR A 67 10.60 13.53 -12.20
C THR A 67 11.84 12.64 -12.17
N GLN A 68 12.63 12.77 -11.11
CA GLN A 68 13.84 11.97 -10.95
C GLN A 68 13.55 10.68 -10.21
N ASN A 69 14.56 9.84 -10.07
CA ASN A 69 14.42 8.56 -9.38
C ASN A 69 15.03 8.63 -7.98
N TRP A 70 16.26 9.10 -7.90
CA TRP A 70 16.96 9.21 -6.63
C TRP A 70 16.02 9.70 -5.53
N HIS A 71 15.21 10.71 -5.85
CA HIS A 71 14.26 11.26 -4.90
C HIS A 71 13.16 10.26 -4.59
N GLN A 72 12.68 9.57 -5.63
CA GLN A 72 11.61 8.59 -5.47
C GLN A 72 12.00 7.55 -4.41
N LEU A 73 13.27 7.19 -4.38
CA LEU A 73 13.76 6.21 -3.42
C LEU A 73 13.59 6.71 -1.99
N GLU A 74 14.16 7.88 -1.70
CA GLU A 74 14.07 8.47 -0.38
C GLU A 74 12.64 8.43 0.14
N ASN A 75 11.70 8.82 -0.72
CA ASN A 75 10.29 8.83 -0.35
C ASN A 75 9.86 7.49 0.22
N ILE A 76 9.91 6.46 -0.61
CA ILE A 76 9.53 5.11 -0.20
C ILE A 76 10.16 4.76 1.14
N GLY A 77 11.37 5.27 1.38
CA GLY A 77 12.06 5.00 2.63
C GLY A 77 11.31 5.54 3.83
N ASN A 78 10.79 6.75 3.71
CA ASN A 78 10.06 7.39 4.79
C ASN A 78 8.74 6.66 5.05
N PHE A 79 8.05 6.29 3.98
CA PHE A 79 6.78 5.58 4.08
C PHE A 79 6.94 4.26 4.82
N ILE A 80 7.66 3.33 4.20
CA ILE A 80 7.89 2.02 4.80
C ILE A 80 8.13 2.14 6.31
N LYS A 81 8.89 3.15 6.71
CA LYS A 81 9.18 3.38 8.12
C LYS A 81 7.98 3.98 8.83
N ALA A 82 7.27 4.88 8.15
CA ALA A 82 6.10 5.52 8.72
C ALA A 82 5.01 4.50 9.04
N ILE A 83 4.81 3.56 8.12
CA ILE A 83 3.80 2.51 8.31
C ILE A 83 4.20 1.55 9.42
N THR A 84 5.50 1.53 9.74
CA THR A 84 6.01 0.65 10.78
C THR A 84 5.54 1.09 12.16
N LYS A 85 5.48 2.40 12.37
CA LYS A 85 5.04 2.95 13.65
C LYS A 85 3.52 2.91 13.77
N TYR A 86 2.84 3.33 12.70
CA TYR A 86 1.38 3.34 12.68
C TYR A 86 0.82 2.06 13.31
N GLY A 87 1.03 0.94 12.63
CA GLY A 87 0.54 -0.33 13.13
C GLY A 87 0.77 -1.47 12.17
N VAL A 88 1.96 -1.51 11.57
CA VAL A 88 2.30 -2.55 10.62
C VAL A 88 3.65 -3.19 10.95
N LYS A 89 3.63 -4.47 11.30
CA LYS A 89 4.84 -5.19 11.64
C LYS A 89 5.84 -5.17 10.48
N PRO A 90 7.14 -5.16 10.82
CA PRO A 90 8.21 -5.13 9.82
C PRO A 90 8.32 -6.45 9.06
N HIS A 91 7.64 -7.48 9.56
CA HIS A 91 7.66 -8.80 8.92
C HIS A 91 6.62 -8.86 7.80
N ASP A 92 5.79 -7.84 7.71
CA ASP A 92 4.75 -7.78 6.68
C ASP A 92 4.90 -6.54 5.82
N ILE A 93 6.08 -5.93 5.88
CA ILE A 93 6.36 -4.73 5.10
C ILE A 93 7.30 -5.02 3.94
N PHE A 94 7.11 -4.31 2.83
CA PHE A 94 7.95 -4.50 1.65
C PHE A 94 9.21 -3.65 1.75
N GLU A 95 10.17 -3.93 0.87
CA GLU A 95 11.44 -3.21 0.85
C GLU A 95 11.42 -2.12 -0.21
N ALA A 96 12.31 -1.14 -0.06
CA ALA A 96 12.40 -0.03 -1.01
C ALA A 96 12.65 -0.55 -2.42
N ASN A 97 13.40 -1.64 -2.53
CA ASN A 97 13.72 -2.23 -3.82
C ASN A 97 12.52 -3.00 -4.37
N ASP A 98 11.72 -3.58 -3.48
CA ASP A 98 10.55 -4.33 -3.88
C ASP A 98 9.61 -3.49 -4.73
N LEU A 99 9.40 -2.24 -4.31
CA LEU A 99 8.54 -1.33 -5.04
C LEU A 99 9.32 -0.55 -6.10
N PHE A 100 10.51 -0.10 -5.72
CA PHE A 100 11.36 0.65 -6.64
C PHE A 100 11.82 -0.22 -7.80
N GLU A 101 12.50 -1.32 -7.47
CA GLU A 101 13.00 -2.24 -8.49
C GLU A 101 11.91 -3.23 -8.91
N ASN A 102 10.69 -2.99 -8.44
CA ASN A 102 9.57 -3.85 -8.76
C ASN A 102 9.98 -5.32 -8.75
N THR A 103 11.01 -5.63 -7.96
CA THR A 103 11.51 -6.99 -7.87
C THR A 103 10.48 -7.92 -7.23
N ASN A 104 9.51 -7.32 -6.54
CA ASN A 104 8.46 -8.09 -5.88
C ASN A 104 7.17 -7.29 -5.78
N HIS A 105 6.10 -7.83 -6.35
CA HIS A 105 4.80 -7.16 -6.34
C HIS A 105 3.97 -7.64 -5.16
N THR A 106 3.88 -8.94 -4.99
CA THR A 106 3.11 -9.53 -3.90
C THR A 106 3.56 -8.99 -2.55
N GLN A 107 4.88 -8.93 -2.35
CA GLN A 107 5.44 -8.43 -1.11
C GLN A 107 4.85 -7.07 -0.74
N VAL A 108 4.65 -6.23 -1.76
CA VAL A 108 4.08 -4.90 -1.55
C VAL A 108 2.59 -4.97 -1.26
N GLN A 109 1.90 -5.84 -1.99
CA GLN A 109 0.46 -6.01 -1.81
C GLN A 109 0.14 -6.45 -0.39
N SER A 110 0.73 -7.56 0.03
CA SER A 110 0.50 -8.09 1.37
C SER A 110 0.61 -6.99 2.42
N THR A 111 1.60 -6.12 2.24
CA THR A 111 1.83 -5.01 3.17
C THR A 111 0.57 -4.16 3.32
N LEU A 112 -0.03 -3.81 2.20
CA LEU A 112 -1.24 -2.98 2.20
C LEU A 112 -2.41 -3.74 2.82
N LEU A 113 -2.57 -5.00 2.42
CA LEU A 113 -3.65 -5.83 2.94
C LEU A 113 -3.78 -5.67 4.46
N ALA A 114 -2.65 -5.51 5.13
CA ALA A 114 -2.64 -5.33 6.58
C ALA A 114 -2.99 -3.90 6.96
N LEU A 115 -2.36 -2.95 6.28
CA LEU A 115 -2.61 -1.53 6.55
C LEU A 115 -4.10 -1.24 6.62
N ALA A 116 -4.84 -1.70 5.63
CA ALA A 116 -6.28 -1.49 5.57
C ALA A 116 -6.93 -1.83 6.92
N SER A 117 -6.50 -2.94 7.51
CA SER A 117 -7.04 -3.37 8.79
C SER A 117 -6.62 -2.43 9.91
N MET A 118 -5.45 -1.82 9.75
CA MET A 118 -4.92 -0.89 10.75
C MET A 118 -5.72 0.41 10.75
N ALA A 119 -6.28 0.76 9.60
CA ALA A 119 -7.07 1.98 9.47
C ALA A 119 -8.53 1.72 9.82
N LYS A 120 -8.96 0.48 9.66
CA LYS A 120 -10.34 0.10 9.95
C LYS A 120 -10.65 0.30 11.43
N THR A 121 -9.91 -0.40 12.29
CA THR A 121 -10.10 -0.29 13.73
C THR A 121 -10.15 1.16 14.17
N LYS A 122 -9.19 1.95 13.70
CA LYS A 122 -9.11 3.37 14.04
C LYS A 122 -10.44 4.07 13.77
N GLY A 123 -10.99 3.84 12.59
CA GLY A 123 -12.25 4.45 12.23
C GLY A 123 -12.21 5.13 10.88
N ASN A 124 -11.55 4.49 9.92
CA ASN A 124 -11.44 5.05 8.57
C ASN A 124 -12.35 4.32 7.60
N LYS A 125 -12.49 4.86 6.39
CA LYS A 125 -13.32 4.27 5.36
C LYS A 125 -12.49 3.45 4.38
N VAL A 126 -12.35 2.16 4.67
CA VAL A 126 -11.58 1.26 3.81
C VAL A 126 -12.49 0.34 3.02
N ASN A 127 -12.20 0.18 1.74
CA ASN A 127 -13.00 -0.67 0.87
C ASN A 127 -12.22 -1.92 0.46
N VAL A 128 -11.47 -2.48 1.41
CA VAL A 128 -10.68 -3.67 1.15
C VAL A 128 -11.23 -4.88 1.90
N GLY A 129 -11.41 -5.99 1.18
CA GLY A 129 -11.93 -7.20 1.79
C GLY A 129 -10.93 -7.87 2.72
N VAL A 130 -10.64 -7.20 3.83
CA VAL A 130 -9.69 -7.74 4.81
C VAL A 130 -10.30 -7.78 6.20
N SER A 131 -10.48 -8.99 6.73
CA SER A 131 -11.06 -9.18 8.05
C SER A 131 -10.07 -9.86 8.98
N GLY A 132 -9.79 -9.23 10.11
CA GLY A 132 -8.87 -9.79 11.08
C GLY A 132 -7.54 -10.16 10.46
N PRO A 133 -6.60 -10.65 11.28
CA PRO A 133 -5.26 -11.05 10.83
C PRO A 133 -5.30 -12.30 9.96
N SER A 134 -5.54 -12.12 8.67
CA SER A 134 -5.60 -13.23 7.73
C SER A 134 -4.20 -13.59 7.23
N SER A 135 -3.64 -14.67 7.77
CA SER A 135 -2.31 -15.12 7.37
C SER A 135 -2.36 -16.54 6.84
N GLY A 136 -2.37 -16.68 5.52
CA GLY A 136 -2.41 -17.99 4.90
C GLY A 136 -3.03 -17.97 3.51
N GLY A 1 -13.63 -23.30 9.15
CA GLY A 1 -12.52 -24.24 9.03
C GLY A 1 -11.18 -23.51 8.93
N SER A 2 -10.19 -24.00 9.67
CA SER A 2 -8.87 -23.40 9.65
C SER A 2 -7.91 -24.21 8.79
N SER A 3 -7.87 -23.90 7.50
CA SER A 3 -6.99 -24.60 6.57
C SER A 3 -6.92 -23.87 5.24
N GLY A 4 -5.79 -23.22 4.98
CA GLY A 4 -5.61 -22.49 3.74
C GLY A 4 -5.60 -23.40 2.53
N SER A 5 -5.60 -22.80 1.35
CA SER A 5 -5.61 -23.56 0.10
C SER A 5 -4.21 -23.60 -0.52
N SER A 6 -3.61 -22.41 -0.68
CA SER A 6 -2.28 -22.31 -1.26
C SER A 6 -1.39 -23.45 -0.79
N GLY A 7 -0.43 -23.83 -1.63
CA GLY A 7 0.48 -24.90 -1.28
C GLY A 7 1.35 -25.34 -2.45
N ASN A 8 1.95 -24.36 -3.12
CA ASN A 8 2.81 -24.64 -4.27
C ASN A 8 3.85 -23.55 -4.46
N LYS A 9 4.70 -23.71 -5.47
CA LYS A 9 5.74 -22.74 -5.76
C LYS A 9 5.57 -22.16 -7.16
N LEU A 10 4.33 -21.84 -7.52
CA LEU A 10 4.03 -21.28 -8.82
C LEU A 10 2.83 -20.35 -8.76
N ALA A 11 2.82 -19.33 -9.61
CA ALA A 11 1.73 -18.36 -9.64
C ALA A 11 1.63 -17.60 -8.32
N GLN A 12 2.76 -17.11 -7.84
CA GLN A 12 2.80 -16.36 -6.59
C GLN A 12 1.91 -15.12 -6.67
N LYS A 13 1.47 -14.81 -7.88
CA LYS A 13 0.60 -13.64 -8.09
C LYS A 13 -0.46 -13.55 -7.01
N TYR A 14 -0.85 -12.32 -6.67
CA TYR A 14 -1.87 -12.09 -5.66
C TYR A 14 -3.27 -12.21 -6.25
N ASP A 15 -4.28 -11.97 -5.42
CA ASP A 15 -5.67 -12.04 -5.86
C ASP A 15 -6.06 -10.76 -6.60
N HIS A 16 -6.66 -10.94 -7.78
CA HIS A 16 -7.08 -9.81 -8.59
C HIS A 16 -8.11 -8.96 -7.85
N GLN A 17 -8.95 -9.62 -7.06
CA GLN A 17 -9.99 -8.92 -6.29
C GLN A 17 -9.36 -7.87 -5.37
N ARG A 18 -8.46 -8.32 -4.51
CA ARG A 18 -7.79 -7.43 -3.57
C ARG A 18 -7.05 -6.33 -4.31
N GLU A 19 -6.39 -6.69 -5.40
CA GLU A 19 -5.63 -5.74 -6.21
C GLU A 19 -6.55 -4.62 -6.73
N GLN A 20 -7.80 -4.97 -6.97
CA GLN A 20 -8.77 -4.00 -7.47
C GLN A 20 -9.24 -3.07 -6.35
N GLU A 21 -9.58 -3.65 -5.21
CA GLU A 21 -10.04 -2.87 -4.06
C GLU A 21 -8.94 -1.97 -3.54
N LEU A 22 -7.73 -2.53 -3.42
CA LEU A 22 -6.58 -1.77 -2.93
C LEU A 22 -6.50 -0.40 -3.59
N ARG A 23 -6.40 -0.39 -4.92
CA ARG A 23 -6.32 0.86 -5.67
C ARG A 23 -7.51 1.75 -5.38
N GLU A 24 -8.71 1.15 -5.40
CA GLU A 24 -9.93 1.90 -5.14
C GLU A 24 -9.87 2.59 -3.79
N TRP A 25 -9.08 2.04 -2.87
CA TRP A 25 -8.94 2.60 -1.54
C TRP A 25 -7.95 3.77 -1.55
N ILE A 26 -6.75 3.50 -2.06
CA ILE A 26 -5.71 4.52 -2.14
C ILE A 26 -6.16 5.71 -2.98
N GLU A 27 -6.47 5.45 -4.24
CA GLU A 27 -6.93 6.50 -5.15
C GLU A 27 -8.05 7.32 -4.52
N GLY A 28 -8.75 6.71 -3.57
CA GLY A 28 -9.84 7.40 -2.91
C GLY A 28 -9.37 8.28 -1.77
N VAL A 29 -8.41 7.79 -0.99
CA VAL A 29 -7.87 8.53 0.13
C VAL A 29 -6.91 9.62 -0.34
N THR A 30 -5.73 9.21 -0.78
CA THR A 30 -4.73 10.15 -1.26
C THR A 30 -5.31 11.08 -2.32
N GLY A 31 -5.79 10.51 -3.42
CA GLY A 31 -6.36 11.30 -4.48
C GLY A 31 -5.54 11.27 -5.76
N ARG A 32 -4.57 10.34 -5.80
CA ARG A 32 -3.70 10.21 -6.96
C ARG A 32 -4.17 9.06 -7.86
N ARG A 33 -4.10 9.28 -9.17
CA ARG A 33 -4.52 8.27 -10.12
C ARG A 33 -3.40 7.25 -10.37
N ILE A 34 -3.56 6.06 -9.81
CA ILE A 34 -2.56 5.01 -9.97
C ILE A 34 -2.41 4.60 -11.42
N GLY A 35 -3.54 4.53 -12.12
CA GLY A 35 -3.52 4.15 -13.53
C GLY A 35 -3.32 2.66 -13.73
N ASN A 36 -3.48 2.21 -14.96
CA ASN A 36 -3.32 0.79 -15.28
C ASN A 36 -2.19 0.17 -14.46
N ASN A 37 -0.96 0.54 -14.79
CA ASN A 37 0.21 0.01 -14.09
C ASN A 37 0.10 0.28 -12.59
N PHE A 38 -0.28 -0.75 -11.84
CA PHE A 38 -0.42 -0.63 -10.39
C PHE A 38 0.94 -0.46 -9.72
N MET A 39 1.95 -1.11 -10.29
CA MET A 39 3.31 -1.04 -9.76
C MET A 39 3.97 0.28 -10.15
N ASP A 40 4.10 0.50 -11.44
CA ASP A 40 4.72 1.73 -11.95
C ASP A 40 4.07 2.97 -11.34
N GLY A 41 2.76 2.90 -11.15
CA GLY A 41 2.04 4.02 -10.58
C GLY A 41 2.41 4.28 -9.13
N LEU A 42 2.58 3.20 -8.37
CA LEU A 42 2.95 3.30 -6.96
C LEU A 42 4.46 3.27 -6.79
N LYS A 43 5.17 2.94 -7.86
CA LYS A 43 6.62 2.88 -7.82
C LYS A 43 7.22 4.22 -7.40
N ASP A 44 6.71 5.30 -7.98
CA ASP A 44 7.18 6.64 -7.67
C ASP A 44 7.52 6.76 -6.19
N GLY A 45 6.62 6.26 -5.34
CA GLY A 45 6.84 6.32 -3.90
C GLY A 45 6.09 7.47 -3.26
N ILE A 46 5.79 8.50 -4.05
CA ILE A 46 5.07 9.66 -3.54
C ILE A 46 3.72 9.27 -2.97
N ILE A 47 2.87 8.68 -3.80
CA ILE A 47 1.55 8.25 -3.38
C ILE A 47 1.60 7.53 -2.04
N LEU A 48 2.54 6.59 -1.91
CA LEU A 48 2.70 5.84 -0.66
C LEU A 48 2.84 6.77 0.53
N CYS A 49 3.89 7.58 0.52
CA CYS A 49 4.15 8.53 1.59
C CYS A 49 2.86 9.22 2.02
N GLU A 50 2.15 9.79 1.04
CA GLU A 50 0.90 10.49 1.33
C GLU A 50 -0.14 9.54 1.90
N PHE A 51 -0.06 8.27 1.50
CA PHE A 51 -0.99 7.25 1.96
C PHE A 51 -0.95 7.14 3.48
N ILE A 52 0.20 6.71 4.01
CA ILE A 52 0.37 6.56 5.44
C ILE A 52 0.11 7.87 6.18
N ASN A 53 0.31 8.99 5.47
CA ASN A 53 0.11 10.30 6.05
C ASN A 53 -1.37 10.55 6.34
N LYS A 54 -2.21 10.30 5.35
CA LYS A 54 -3.65 10.48 5.49
C LYS A 54 -4.18 9.70 6.68
N LEU A 55 -3.59 8.55 6.95
CA LEU A 55 -4.00 7.70 8.06
C LEU A 55 -3.47 8.25 9.38
N GLN A 56 -2.23 8.71 9.37
CA GLN A 56 -1.61 9.27 10.57
C GLN A 56 -1.06 10.67 10.29
N PRO A 57 -1.56 11.65 11.06
CA PRO A 57 -1.13 13.05 10.93
C PRO A 57 0.30 13.27 11.40
N GLY A 58 1.25 13.14 10.47
CA GLY A 58 2.65 13.33 10.80
C GLY A 58 3.50 12.13 10.45
N SER A 59 3.03 11.33 9.51
CA SER A 59 3.74 10.13 9.08
C SER A 59 5.12 10.49 8.52
N VAL A 60 5.11 11.18 7.38
CA VAL A 60 6.36 11.59 6.73
C VAL A 60 6.55 13.10 6.81
N LYS A 61 7.64 13.52 7.42
CA LYS A 61 7.94 14.94 7.56
C LYS A 61 7.72 15.69 6.25
N LYS A 62 8.61 15.46 5.29
CA LYS A 62 8.49 16.11 3.98
C LYS A 62 8.61 15.08 2.86
N ILE A 63 7.72 15.19 1.87
CA ILE A 63 7.72 14.28 0.75
C ILE A 63 8.37 14.91 -0.48
N ASN A 64 9.23 14.15 -1.16
CA ASN A 64 9.92 14.64 -2.34
C ASN A 64 9.07 14.43 -3.59
N GLU A 65 8.93 15.49 -4.37
CA GLU A 65 8.13 15.43 -5.60
C GLU A 65 8.94 15.92 -6.80
N SER A 66 9.65 14.99 -7.44
CA SER A 66 10.47 15.34 -8.60
C SER A 66 10.64 14.14 -9.52
N THR A 67 11.34 14.33 -10.62
CA THR A 67 11.57 13.26 -11.59
C THR A 67 12.73 12.38 -11.16
N GLN A 68 13.82 13.01 -10.72
CA GLN A 68 15.00 12.28 -10.28
C GLN A 68 14.60 11.00 -9.55
N ASN A 69 15.23 9.89 -9.93
CA ASN A 69 14.95 8.60 -9.31
C ASN A 69 15.46 8.56 -7.88
N TRP A 70 16.64 9.13 -7.65
CA TRP A 70 17.23 9.17 -6.32
C TRP A 70 16.24 9.71 -5.29
N HIS A 71 15.58 10.81 -5.64
CA HIS A 71 14.61 11.43 -4.74
C HIS A 71 13.48 10.45 -4.41
N GLN A 72 12.84 9.91 -5.45
CA GLN A 72 11.75 8.97 -5.27
C GLN A 72 12.06 7.99 -4.15
N LEU A 73 13.25 7.39 -4.20
CA LEU A 73 13.67 6.43 -3.19
C LEU A 73 13.48 7.00 -1.79
N GLU A 74 13.85 8.26 -1.61
CA GLU A 74 13.73 8.92 -0.32
C GLU A 74 12.30 8.80 0.22
N ASN A 75 11.33 8.82 -0.68
CA ASN A 75 9.92 8.71 -0.30
C ASN A 75 9.62 7.31 0.22
N ILE A 76 9.78 6.31 -0.65
CA ILE A 76 9.52 4.92 -0.28
C ILE A 76 10.27 4.54 1.00
N GLY A 77 11.37 5.24 1.26
CA GLY A 77 12.17 4.96 2.44
C GLY A 77 11.52 5.48 3.70
N ASN A 78 10.89 6.64 3.61
CA ASN A 78 10.22 7.25 4.75
C ASN A 78 8.88 6.58 5.02
N PHE A 79 8.20 6.18 3.96
CA PHE A 79 6.90 5.53 4.07
C PHE A 79 7.01 4.25 4.89
N ILE A 80 7.81 3.31 4.40
CA ILE A 80 8.01 2.03 5.08
C ILE A 80 8.12 2.22 6.59
N LYS A 81 9.01 3.13 6.99
CA LYS A 81 9.22 3.41 8.40
C LYS A 81 7.94 3.97 9.04
N ALA A 82 7.24 4.81 8.30
CA ALA A 82 6.00 5.40 8.79
C ALA A 82 4.97 4.33 9.12
N ILE A 83 4.79 3.39 8.20
CA ILE A 83 3.82 2.32 8.40
C ILE A 83 4.28 1.37 9.51
N THR A 84 5.59 1.27 9.69
CA THR A 84 6.15 0.40 10.72
C THR A 84 5.77 0.89 12.11
N LYS A 85 5.65 2.20 12.27
CA LYS A 85 5.29 2.79 13.55
C LYS A 85 3.77 2.80 13.73
N TYR A 86 3.06 3.14 12.67
CA TYR A 86 1.60 3.19 12.71
C TYR A 86 1.03 1.91 13.32
N GLY A 87 1.15 0.81 12.58
CA GLY A 87 0.64 -0.46 13.05
C GLY A 87 0.88 -1.59 12.06
N VAL A 88 2.06 -1.61 11.47
CA VAL A 88 2.41 -2.65 10.50
C VAL A 88 3.76 -3.27 10.81
N LYS A 89 3.74 -4.54 11.21
CA LYS A 89 4.97 -5.26 11.54
C LYS A 89 5.96 -5.21 10.38
N PRO A 90 7.26 -5.32 10.70
CA PRO A 90 8.33 -5.30 9.70
C PRO A 90 8.34 -6.56 8.83
N HIS A 91 7.76 -7.64 9.37
CA HIS A 91 7.71 -8.91 8.64
C HIS A 91 6.62 -8.86 7.57
N ASP A 92 5.77 -7.85 7.62
CA ASP A 92 4.70 -7.69 6.65
C ASP A 92 4.88 -6.43 5.83
N ILE A 93 6.08 -5.84 5.91
CA ILE A 93 6.37 -4.62 5.17
C ILE A 93 7.33 -4.91 4.00
N PHE A 94 7.11 -4.24 2.88
CA PHE A 94 7.94 -4.42 1.71
C PHE A 94 9.16 -3.49 1.75
N GLU A 95 10.30 -4.00 1.31
CA GLU A 95 11.52 -3.22 1.30
C GLU A 95 11.46 -2.12 0.25
N ALA A 96 12.33 -1.12 0.40
CA ALA A 96 12.37 0.00 -0.55
C ALA A 96 12.65 -0.48 -1.96
N ASN A 97 13.37 -1.59 -2.07
CA ASN A 97 13.72 -2.16 -3.37
C ASN A 97 12.54 -2.94 -3.94
N ASP A 98 11.71 -3.48 -3.06
CA ASP A 98 10.54 -4.26 -3.48
C ASP A 98 9.63 -3.42 -4.38
N LEU A 99 9.40 -2.17 -3.98
CA LEU A 99 8.54 -1.27 -4.73
C LEU A 99 9.35 -0.50 -5.77
N PHE A 100 10.45 0.10 -5.33
CA PHE A 100 11.31 0.87 -6.22
C PHE A 100 11.78 0.01 -7.39
N GLU A 101 12.58 -1.01 -7.07
CA GLU A 101 13.11 -1.91 -8.09
C GLU A 101 12.05 -2.91 -8.54
N ASN A 102 10.83 -2.73 -8.05
CA ASN A 102 9.73 -3.63 -8.39
C ASN A 102 10.19 -5.08 -8.38
N THR A 103 11.11 -5.40 -7.48
CA THR A 103 11.63 -6.75 -7.36
C THR A 103 10.55 -7.73 -6.91
N ASN A 104 9.74 -7.29 -5.94
CA ASN A 104 8.66 -8.13 -5.42
C ASN A 104 7.35 -7.35 -5.38
N HIS A 105 6.51 -7.57 -6.39
CA HIS A 105 5.21 -6.88 -6.47
C HIS A 105 4.29 -7.36 -5.35
N THR A 106 4.24 -8.67 -5.15
CA THR A 106 3.38 -9.26 -4.12
C THR A 106 3.78 -8.76 -2.74
N GLN A 107 5.08 -8.80 -2.44
CA GLN A 107 5.59 -8.35 -1.15
C GLN A 107 4.98 -7.00 -0.77
N VAL A 108 4.52 -6.26 -1.77
CA VAL A 108 3.91 -4.95 -1.53
C VAL A 108 2.39 -5.06 -1.42
N GLN A 109 1.80 -5.82 -2.33
CA GLN A 109 0.35 -6.00 -2.34
C GLN A 109 -0.15 -6.43 -0.96
N SER A 110 0.62 -7.28 -0.29
CA SER A 110 0.26 -7.76 1.03
C SER A 110 0.37 -6.65 2.08
N THR A 111 1.57 -6.11 2.22
CA THR A 111 1.82 -5.04 3.18
C THR A 111 0.59 -4.13 3.31
N LEU A 112 -0.06 -3.87 2.18
CA LEU A 112 -1.24 -3.01 2.17
C LEU A 112 -2.43 -3.72 2.81
N LEU A 113 -2.73 -4.92 2.34
CA LEU A 113 -3.84 -5.70 2.87
C LEU A 113 -3.95 -5.53 4.38
N ALA A 114 -2.80 -5.45 5.05
CA ALA A 114 -2.77 -5.29 6.50
C ALA A 114 -3.08 -3.85 6.89
N LEU A 115 -2.39 -2.90 6.25
CA LEU A 115 -2.59 -1.49 6.53
C LEU A 115 -4.08 -1.15 6.61
N ALA A 116 -4.83 -1.57 5.59
CA ALA A 116 -6.25 -1.31 5.55
C ALA A 116 -6.91 -1.62 6.89
N SER A 117 -6.48 -2.70 7.53
CA SER A 117 -7.02 -3.10 8.81
C SER A 117 -6.53 -2.18 9.93
N MET A 118 -5.36 -1.58 9.71
CA MET A 118 -4.79 -0.67 10.70
C MET A 118 -5.49 0.69 10.67
N ALA A 119 -6.07 1.01 9.51
CA ALA A 119 -6.77 2.29 9.36
C ALA A 119 -8.26 2.13 9.65
N LYS A 120 -8.78 0.91 9.47
CA LYS A 120 -10.18 0.63 9.71
C LYS A 120 -10.48 0.61 11.20
N THR A 121 -9.73 -0.20 11.94
CA THR A 121 -9.91 -0.32 13.39
C THR A 121 -9.94 1.06 14.04
N LYS A 122 -9.26 2.02 13.43
CA LYS A 122 -9.21 3.38 13.95
C LYS A 122 -10.51 4.13 13.65
N GLY A 123 -10.97 4.03 12.40
CA GLY A 123 -12.19 4.71 12.01
C GLY A 123 -12.07 5.36 10.65
N ASN A 124 -11.32 4.73 9.75
CA ASN A 124 -11.14 5.26 8.41
C ASN A 124 -11.81 4.36 7.36
N LYS A 125 -12.72 4.95 6.60
CA LYS A 125 -13.43 4.20 5.56
C LYS A 125 -12.45 3.53 4.60
N VAL A 126 -12.51 2.21 4.53
CA VAL A 126 -11.63 1.45 3.65
C VAL A 126 -12.40 0.33 2.94
N ASN A 127 -12.60 0.49 1.64
CA ASN A 127 -13.32 -0.50 0.84
C ASN A 127 -12.37 -1.60 0.37
N VAL A 128 -11.62 -2.17 1.31
CA VAL A 128 -10.69 -3.24 0.98
C VAL A 128 -11.05 -4.54 1.69
N GLY A 129 -11.31 -5.58 0.92
CA GLY A 129 -11.66 -6.87 1.50
C GLY A 129 -10.51 -7.49 2.26
N VAL A 130 -10.25 -6.99 3.46
CA VAL A 130 -9.17 -7.51 4.30
C VAL A 130 -9.51 -8.89 4.84
N SER A 131 -8.68 -9.87 4.53
CA SER A 131 -8.90 -11.23 4.98
C SER A 131 -9.51 -11.25 6.38
N GLY A 132 -10.47 -12.15 6.59
CA GLY A 132 -11.12 -12.25 7.87
C GLY A 132 -11.90 -13.53 8.04
N PRO A 133 -12.86 -13.54 8.99
CA PRO A 133 -13.68 -14.73 9.25
C PRO A 133 -14.65 -15.03 8.13
N SER A 134 -14.85 -14.05 7.23
CA SER A 134 -15.76 -14.21 6.11
C SER A 134 -15.19 -13.53 4.86
N SER A 135 -14.99 -14.32 3.81
CA SER A 135 -14.44 -13.79 2.56
C SER A 135 -15.51 -13.02 1.79
N GLY A 136 -15.10 -12.33 0.74
CA GLY A 136 -16.03 -11.55 -0.06
C GLY A 136 -15.56 -11.37 -1.48
N GLY A 1 -25.12 3.68 1.95
CA GLY A 1 -25.51 2.68 0.97
C GLY A 1 -25.50 1.28 1.53
N SER A 2 -25.53 0.28 0.64
CA SER A 2 -25.53 -1.11 1.05
C SER A 2 -24.26 -1.81 0.60
N SER A 3 -23.96 -2.95 1.23
CA SER A 3 -22.78 -3.72 0.89
C SER A 3 -22.94 -5.19 1.27
N GLY A 4 -21.97 -6.01 0.90
CA GLY A 4 -22.03 -7.42 1.20
C GLY A 4 -20.88 -8.20 0.61
N SER A 5 -20.39 -9.20 1.33
CA SER A 5 -19.29 -10.02 0.87
C SER A 5 -19.77 -11.38 0.38
N SER A 6 -19.53 -11.68 -0.89
CA SER A 6 -19.95 -12.94 -1.48
C SER A 6 -18.75 -13.72 -2.01
N GLY A 7 -18.59 -14.95 -1.53
CA GLY A 7 -17.48 -15.77 -1.96
C GLY A 7 -16.30 -15.72 -1.00
N ASN A 8 -15.43 -16.71 -1.09
CA ASN A 8 -14.26 -16.78 -0.22
C ASN A 8 -12.98 -16.57 -1.02
N LYS A 9 -12.30 -15.45 -0.77
CA LYS A 9 -11.06 -15.14 -1.47
C LYS A 9 -10.25 -16.41 -1.73
N LEU A 10 -9.69 -16.51 -2.93
CA LEU A 10 -8.89 -17.66 -3.31
C LEU A 10 -7.54 -17.23 -3.90
N ALA A 11 -6.69 -16.64 -3.07
CA ALA A 11 -5.39 -16.18 -3.52
C ALA A 11 -4.30 -16.58 -2.53
N GLN A 12 -3.33 -17.35 -3.01
CA GLN A 12 -2.23 -17.81 -2.17
C GLN A 12 -1.01 -16.91 -2.32
N LYS A 13 -0.97 -16.16 -3.42
CA LYS A 13 0.14 -15.25 -3.69
C LYS A 13 -0.38 -13.85 -4.01
N TYR A 14 -1.11 -13.74 -5.12
CA TYR A 14 -1.65 -12.45 -5.55
C TYR A 14 -3.08 -12.61 -6.05
N ASP A 15 -4.02 -11.95 -5.37
CA ASP A 15 -5.43 -12.02 -5.76
C ASP A 15 -5.74 -10.97 -6.82
N HIS A 16 -6.88 -11.15 -7.49
CA HIS A 16 -7.30 -10.23 -8.54
C HIS A 16 -8.23 -9.16 -7.97
N GLN A 17 -9.07 -9.55 -7.02
CA GLN A 17 -10.01 -8.62 -6.40
C GLN A 17 -9.29 -7.64 -5.49
N ARG A 18 -8.38 -8.16 -4.66
CA ARG A 18 -7.61 -7.33 -3.75
C ARG A 18 -6.98 -6.14 -4.48
N GLU A 19 -6.49 -6.39 -5.68
CA GLU A 19 -5.86 -5.35 -6.48
C GLU A 19 -6.79 -4.14 -6.63
N GLN A 20 -8.05 -4.40 -6.93
CA GLN A 20 -9.04 -3.34 -7.09
C GLN A 20 -9.31 -2.64 -5.77
N GLU A 21 -9.70 -3.42 -4.76
CA GLU A 21 -9.99 -2.86 -3.45
C GLU A 21 -8.86 -1.96 -2.97
N LEU A 22 -7.62 -2.37 -3.26
CA LEU A 22 -6.45 -1.59 -2.87
C LEU A 22 -6.45 -0.23 -3.53
N ARG A 23 -6.44 -0.23 -4.87
CA ARG A 23 -6.44 1.01 -5.63
C ARG A 23 -7.61 1.89 -5.24
N GLU A 24 -8.82 1.40 -5.45
CA GLU A 24 -10.03 2.14 -5.12
C GLU A 24 -9.88 2.85 -3.77
N TRP A 25 -9.27 2.15 -2.82
CA TRP A 25 -9.08 2.70 -1.48
C TRP A 25 -8.05 3.84 -1.52
N ILE A 26 -6.84 3.51 -1.93
CA ILE A 26 -5.77 4.51 -2.01
C ILE A 26 -6.24 5.77 -2.74
N GLU A 27 -6.54 5.63 -4.02
CA GLU A 27 -7.00 6.75 -4.82
C GLU A 27 -8.12 7.51 -4.12
N GLY A 28 -8.84 6.81 -3.24
CA GLY A 28 -9.92 7.43 -2.50
C GLY A 28 -9.42 8.30 -1.37
N VAL A 29 -8.33 7.89 -0.74
CA VAL A 29 -7.75 8.64 0.38
C VAL A 29 -6.82 9.74 -0.13
N THR A 30 -5.72 9.33 -0.76
CA THR A 30 -4.74 10.27 -1.28
C THR A 30 -5.37 11.17 -2.34
N GLY A 31 -5.90 10.56 -3.40
CA GLY A 31 -6.52 11.32 -4.46
C GLY A 31 -5.73 11.25 -5.77
N ARG A 32 -4.73 10.38 -5.79
CA ARG A 32 -3.90 10.23 -6.98
C ARG A 32 -4.44 9.12 -7.89
N ARG A 33 -4.30 9.31 -9.19
CA ARG A 33 -4.78 8.33 -10.16
C ARG A 33 -3.69 7.31 -10.49
N ILE A 34 -3.50 6.34 -9.59
CA ILE A 34 -2.49 5.32 -9.79
C ILE A 34 -2.44 4.86 -11.25
N GLY A 35 -3.62 4.65 -11.83
CA GLY A 35 -3.69 4.21 -13.21
C GLY A 35 -3.54 2.71 -13.35
N ASN A 36 -3.81 2.20 -14.55
CA ASN A 36 -3.70 0.77 -14.81
C ASN A 36 -2.54 0.16 -14.04
N ASN A 37 -1.32 0.53 -14.41
CA ASN A 37 -0.13 0.02 -13.75
C ASN A 37 -0.15 0.35 -12.27
N PHE A 38 -0.57 -0.62 -11.45
CA PHE A 38 -0.65 -0.43 -10.00
C PHE A 38 0.75 -0.36 -9.40
N MET A 39 1.68 -1.11 -9.97
CA MET A 39 3.06 -1.14 -9.50
C MET A 39 3.83 0.07 -10.00
N ASP A 40 3.75 0.32 -11.29
CA ASP A 40 4.44 1.46 -11.90
C ASP A 40 3.94 2.78 -11.32
N GLY A 41 2.63 2.91 -11.20
CA GLY A 41 2.05 4.13 -10.66
C GLY A 41 2.52 4.41 -9.25
N LEU A 42 2.67 3.36 -8.46
CA LEU A 42 3.11 3.50 -7.07
C LEU A 42 4.64 3.47 -6.98
N LYS A 43 5.28 3.05 -8.07
CA LYS A 43 6.73 2.97 -8.12
C LYS A 43 7.36 4.27 -7.63
N ASP A 44 6.83 5.40 -8.11
CA ASP A 44 7.34 6.70 -7.72
C ASP A 44 7.73 6.73 -6.24
N GLY A 45 6.81 6.27 -5.38
CA GLY A 45 7.07 6.25 -3.96
C GLY A 45 6.33 7.35 -3.22
N ILE A 46 6.04 8.44 -3.92
CA ILE A 46 5.33 9.56 -3.31
C ILE A 46 3.97 9.14 -2.78
N ILE A 47 3.12 8.63 -3.67
CA ILE A 47 1.79 8.18 -3.28
C ILE A 47 1.79 7.57 -1.88
N LEU A 48 2.60 6.54 -1.70
CA LEU A 48 2.69 5.87 -0.41
C LEU A 48 2.88 6.88 0.72
N CYS A 49 3.98 7.62 0.66
CA CYS A 49 4.27 8.63 1.67
C CYS A 49 3.01 9.41 2.05
N GLU A 50 2.30 9.89 1.05
CA GLU A 50 1.08 10.65 1.28
C GLU A 50 -0.03 9.74 1.81
N PHE A 51 0.02 8.47 1.45
CA PHE A 51 -0.98 7.50 1.90
C PHE A 51 -0.96 7.37 3.42
N ILE A 52 0.14 6.87 3.96
CA ILE A 52 0.28 6.69 5.39
C ILE A 52 0.00 7.99 6.14
N ASN A 53 0.30 9.11 5.50
CA ASN A 53 0.08 10.42 6.10
C ASN A 53 -1.41 10.65 6.37
N LYS A 54 -2.24 10.41 5.35
CA LYS A 54 -3.67 10.59 5.48
C LYS A 54 -4.20 9.87 6.72
N LEU A 55 -3.63 8.71 7.01
CA LEU A 55 -4.04 7.93 8.18
C LEU A 55 -3.41 8.48 9.45
N GLN A 56 -2.15 8.87 9.36
CA GLN A 56 -1.43 9.41 10.50
C GLN A 56 -0.81 10.76 10.17
N PRO A 57 -1.08 11.76 11.02
CA PRO A 57 -0.57 13.12 10.84
C PRO A 57 0.94 13.20 11.07
N GLY A 58 1.51 12.13 11.63
CA GLY A 58 2.93 12.11 11.89
C GLY A 58 3.62 10.94 11.22
N SER A 59 3.38 10.77 9.92
CA SER A 59 3.97 9.68 9.17
C SER A 59 5.25 10.13 8.48
N VAL A 60 5.13 11.20 7.69
CA VAL A 60 6.28 11.74 6.96
C VAL A 60 6.34 13.26 7.09
N LYS A 61 7.52 13.77 7.42
CA LYS A 61 7.73 15.20 7.58
C LYS A 61 7.64 15.91 6.23
N LYS A 62 8.51 15.52 5.30
CA LYS A 62 8.53 16.12 3.97
C LYS A 62 8.56 15.04 2.90
N ILE A 63 7.88 15.29 1.79
CA ILE A 63 7.84 14.34 0.68
C ILE A 63 8.39 14.96 -0.60
N ASN A 64 9.51 14.43 -1.08
CA ASN A 64 10.13 14.93 -2.30
C ASN A 64 9.26 14.64 -3.51
N GLU A 65 9.11 15.65 -4.37
CA GLU A 65 8.29 15.50 -5.58
C GLU A 65 9.09 15.91 -6.81
N SER A 66 9.82 14.96 -7.38
CA SER A 66 10.62 15.22 -8.57
C SER A 66 10.87 13.94 -9.36
N THR A 67 10.84 14.05 -10.68
CA THR A 67 11.04 12.90 -11.55
C THR A 67 12.36 12.19 -11.22
N GLN A 68 13.25 12.89 -10.53
CA GLN A 68 14.53 12.32 -10.15
C GLN A 68 14.35 11.04 -9.34
N ASN A 69 15.12 10.02 -9.69
CA ASN A 69 15.04 8.74 -8.99
C ASN A 69 15.42 8.89 -7.53
N TRP A 70 16.60 9.46 -7.28
CA TRP A 70 17.08 9.67 -5.92
C TRP A 70 15.95 10.09 -5.00
N HIS A 71 15.20 11.10 -5.42
CA HIS A 71 14.08 11.60 -4.63
C HIS A 71 13.03 10.51 -4.42
N GLN A 72 12.73 9.77 -5.49
CA GLN A 72 11.74 8.71 -5.42
C GLN A 72 12.08 7.73 -4.30
N LEU A 73 13.29 7.17 -4.35
CA LEU A 73 13.73 6.22 -3.34
C LEU A 73 13.56 6.80 -1.94
N GLU A 74 14.09 8.00 -1.73
CA GLU A 74 14.00 8.65 -0.43
C GLU A 74 12.57 8.60 0.11
N ASN A 75 11.60 8.81 -0.78
CA ASN A 75 10.20 8.80 -0.39
C ASN A 75 9.80 7.42 0.14
N ILE A 76 9.98 6.40 -0.70
CA ILE A 76 9.64 5.04 -0.32
C ILE A 76 10.21 4.69 1.05
N GLY A 77 11.37 5.26 1.37
CA GLY A 77 12.00 5.01 2.65
C GLY A 77 11.22 5.61 3.81
N ASN A 78 10.75 6.84 3.64
CA ASN A 78 10.00 7.52 4.68
C ASN A 78 8.70 6.76 5.00
N PHE A 79 8.03 6.28 3.96
CA PHE A 79 6.79 5.54 4.12
C PHE A 79 7.03 4.23 4.86
N ILE A 80 7.75 3.32 4.21
CA ILE A 80 8.06 2.03 4.79
C ILE A 80 8.33 2.15 6.29
N LYS A 81 9.14 3.13 6.66
CA LYS A 81 9.48 3.37 8.06
C LYS A 81 8.28 3.92 8.82
N ALA A 82 7.54 4.82 8.19
CA ALA A 82 6.37 5.43 8.80
C ALA A 82 5.33 4.37 9.14
N ILE A 83 4.82 3.69 8.11
CA ILE A 83 3.81 2.66 8.30
C ILE A 83 4.21 1.70 9.42
N THR A 84 5.51 1.50 9.60
CA THR A 84 6.01 0.62 10.63
C THR A 84 5.57 1.09 12.02
N LYS A 85 5.53 2.40 12.21
CA LYS A 85 5.12 2.97 13.49
C LYS A 85 3.59 2.97 13.62
N TYR A 86 2.91 3.27 12.52
CA TYR A 86 1.45 3.30 12.52
C TYR A 86 0.88 2.04 13.16
N GLY A 87 1.00 0.92 12.46
CA GLY A 87 0.50 -0.34 12.97
C GLY A 87 0.76 -1.50 12.02
N VAL A 88 1.96 -1.54 11.46
CA VAL A 88 2.32 -2.61 10.53
C VAL A 88 3.68 -3.21 10.90
N LYS A 89 3.67 -4.44 11.40
CA LYS A 89 4.90 -5.13 11.78
C LYS A 89 5.94 -5.03 10.68
N PRO A 90 7.21 -5.21 11.05
CA PRO A 90 8.34 -5.16 10.11
C PRO A 90 8.34 -6.33 9.15
N HIS A 91 7.81 -7.46 9.60
CA HIS A 91 7.75 -8.67 8.77
C HIS A 91 6.58 -8.60 7.79
N ASP A 92 5.86 -7.48 7.81
CA ASP A 92 4.73 -7.29 6.92
C ASP A 92 4.90 -6.03 6.08
N ILE A 93 6.13 -5.55 5.98
CA ILE A 93 6.43 -4.36 5.21
C ILE A 93 7.34 -4.68 4.02
N PHE A 94 7.13 -3.99 2.91
CA PHE A 94 7.93 -4.20 1.72
C PHE A 94 9.22 -3.39 1.78
N GLU A 95 10.27 -3.90 1.13
CA GLU A 95 11.55 -3.21 1.10
C GLU A 95 11.57 -2.10 0.06
N ALA A 96 12.51 -1.18 0.20
CA ALA A 96 12.64 -0.07 -0.74
C ALA A 96 12.82 -0.57 -2.16
N ASN A 97 13.70 -1.55 -2.33
CA ASN A 97 13.97 -2.12 -3.64
C ASN A 97 12.81 -3.00 -4.11
N ASP A 98 11.93 -3.36 -3.17
CA ASP A 98 10.78 -4.19 -3.48
C ASP A 98 9.81 -3.46 -4.39
N LEU A 99 9.53 -2.20 -4.07
CA LEU A 99 8.61 -1.40 -4.87
C LEU A 99 9.37 -0.62 -5.94
N PHE A 100 10.53 -0.09 -5.56
CA PHE A 100 11.35 0.68 -6.49
C PHE A 100 11.79 -0.18 -7.68
N GLU A 101 12.37 -1.33 -7.38
CA GLU A 101 12.84 -2.24 -8.41
C GLU A 101 11.78 -3.29 -8.74
N ASN A 102 10.62 -3.16 -8.09
CA ASN A 102 9.52 -4.10 -8.32
C ASN A 102 10.02 -5.55 -8.24
N THR A 103 11.08 -5.77 -7.47
CA THR A 103 11.65 -7.10 -7.32
C THR A 103 10.60 -8.10 -6.83
N ASN A 104 9.58 -7.58 -6.16
CA ASN A 104 8.51 -8.43 -5.62
C ASN A 104 7.19 -7.66 -5.58
N HIS A 105 6.21 -8.14 -6.33
CA HIS A 105 4.89 -7.51 -6.37
C HIS A 105 4.06 -7.92 -5.16
N THR A 106 3.90 -9.23 -4.97
CA THR A 106 3.12 -9.76 -3.86
C THR A 106 3.54 -9.11 -2.55
N GLN A 107 4.83 -9.14 -2.26
CA GLN A 107 5.35 -8.56 -1.03
C GLN A 107 4.73 -7.19 -0.77
N VAL A 108 4.75 -6.33 -1.78
CA VAL A 108 4.19 -5.00 -1.67
C VAL A 108 2.71 -5.05 -1.34
N GLN A 109 1.99 -5.95 -2.00
CA GLN A 109 0.56 -6.10 -1.77
C GLN A 109 0.27 -6.44 -0.31
N SER A 110 0.87 -7.54 0.17
CA SER A 110 0.67 -7.98 1.54
C SER A 110 0.79 -6.81 2.51
N THR A 111 1.79 -5.97 2.30
CA THR A 111 2.01 -4.81 3.15
C THR A 111 0.77 -3.93 3.22
N LEU A 112 0.11 -3.77 2.07
CA LEU A 112 -1.10 -2.95 2.00
C LEU A 112 -2.30 -3.70 2.57
N LEU A 113 -2.48 -4.95 2.15
CA LEU A 113 -3.58 -5.76 2.64
C LEU A 113 -3.76 -5.61 4.14
N ALA A 114 -2.64 -5.52 4.85
CA ALA A 114 -2.67 -5.37 6.30
C ALA A 114 -3.00 -3.94 6.70
N LEU A 115 -2.29 -2.99 6.10
CA LEU A 115 -2.51 -1.57 6.39
C LEU A 115 -4.00 -1.25 6.43
N ALA A 116 -4.73 -1.70 5.41
CA ALA A 116 -6.17 -1.45 5.33
C ALA A 116 -6.84 -1.73 6.67
N SER A 117 -6.55 -2.89 7.25
CA SER A 117 -7.13 -3.29 8.52
C SER A 117 -6.72 -2.32 9.63
N MET A 118 -5.48 -1.85 9.55
CA MET A 118 -4.96 -0.91 10.54
C MET A 118 -5.76 0.39 10.54
N ALA A 119 -6.33 0.73 9.38
CA ALA A 119 -7.12 1.95 9.25
C ALA A 119 -8.58 1.68 9.55
N LYS A 120 -9.02 0.45 9.30
CA LYS A 120 -10.41 0.06 9.55
C LYS A 120 -10.74 0.14 11.03
N THR A 121 -9.79 -0.28 11.87
CA THR A 121 -9.99 -0.25 13.31
C THR A 121 -10.14 1.18 13.83
N LYS A 122 -9.30 2.07 13.32
CA LYS A 122 -9.35 3.47 13.72
C LYS A 122 -10.69 4.11 13.34
N GLY A 123 -11.31 3.57 12.29
CA GLY A 123 -12.58 4.10 11.83
C GLY A 123 -12.46 4.88 10.54
N ASN A 124 -11.84 4.27 9.53
CA ASN A 124 -11.65 4.92 8.25
C ASN A 124 -12.35 4.13 7.13
N LYS A 125 -12.67 4.82 6.04
CA LYS A 125 -13.33 4.18 4.91
C LYS A 125 -12.34 3.41 4.06
N VAL A 126 -12.43 2.08 4.10
CA VAL A 126 -11.54 1.22 3.33
C VAL A 126 -12.33 0.26 2.45
N ASN A 127 -13.02 -0.69 3.08
CA ASN A 127 -13.81 -1.67 2.35
C ASN A 127 -12.91 -2.62 1.57
N VAL A 128 -11.76 -2.96 2.14
CA VAL A 128 -10.82 -3.86 1.49
C VAL A 128 -10.81 -5.22 2.16
N GLY A 129 -10.96 -6.27 1.36
CA GLY A 129 -10.96 -7.62 1.90
C GLY A 129 -9.69 -7.95 2.66
N VAL A 130 -9.65 -7.53 3.92
CA VAL A 130 -8.49 -7.78 4.77
C VAL A 130 -8.54 -9.17 5.39
N SER A 131 -7.38 -9.80 5.53
CA SER A 131 -7.30 -11.13 6.09
C SER A 131 -7.18 -11.07 7.61
N GLY A 132 -8.28 -11.37 8.30
CA GLY A 132 -8.28 -11.34 9.76
C GLY A 132 -7.13 -12.12 10.35
N PRO A 133 -7.06 -12.16 11.69
CA PRO A 133 -6.01 -12.86 12.41
C PRO A 133 -6.11 -14.38 12.26
N SER A 134 -5.25 -14.96 11.43
CA SER A 134 -5.25 -16.40 11.20
C SER A 134 -5.31 -17.16 12.52
N SER A 135 -4.38 -16.83 13.42
CA SER A 135 -4.32 -17.48 14.72
C SER A 135 -4.44 -16.46 15.84
N GLY A 136 -5.38 -16.70 16.76
CA GLY A 136 -5.58 -15.79 17.87
C GLY A 136 -4.39 -15.77 18.82
N GLY A 1 -23.39 3.70 0.68
CA GLY A 1 -22.49 2.69 1.20
C GLY A 1 -22.96 1.28 0.89
N SER A 2 -22.05 0.32 1.05
CA SER A 2 -22.37 -1.08 0.78
C SER A 2 -22.80 -1.80 2.06
N SER A 3 -23.22 -3.05 1.91
CA SER A 3 -23.67 -3.85 3.04
C SER A 3 -22.56 -4.78 3.53
N GLY A 4 -21.47 -4.82 2.77
CA GLY A 4 -20.35 -5.68 3.13
C GLY A 4 -20.45 -7.06 2.51
N SER A 5 -19.41 -7.86 2.70
CA SER A 5 -19.38 -9.21 2.14
C SER A 5 -18.40 -10.10 2.92
N SER A 6 -18.68 -11.40 2.93
CA SER A 6 -17.83 -12.35 3.63
C SER A 6 -17.77 -13.68 2.89
N GLY A 7 -16.73 -14.46 3.16
CA GLY A 7 -16.59 -15.75 2.51
C GLY A 7 -15.20 -16.34 2.70
N ASN A 8 -15.04 -17.61 2.33
CA ASN A 8 -13.75 -18.28 2.45
C ASN A 8 -12.67 -17.54 1.68
N LYS A 9 -11.45 -17.57 2.20
CA LYS A 9 -10.32 -16.89 1.56
C LYS A 9 -9.47 -17.89 0.78
N LEU A 10 -8.88 -17.42 -0.31
CA LEU A 10 -8.03 -18.26 -1.15
C LEU A 10 -6.58 -18.18 -0.71
N ALA A 11 -5.78 -19.18 -1.10
CA ALA A 11 -4.37 -19.21 -0.75
C ALA A 11 -3.49 -19.03 -1.98
N GLN A 12 -3.24 -17.77 -2.34
CA GLN A 12 -2.41 -17.47 -3.50
C GLN A 12 -1.35 -16.41 -3.16
N LYS A 13 -0.51 -16.09 -4.13
CA LYS A 13 0.54 -15.12 -3.93
C LYS A 13 0.09 -13.72 -4.35
N TYR A 14 -0.61 -13.66 -5.48
CA TYR A 14 -1.11 -12.38 -5.99
C TYR A 14 -2.51 -12.55 -6.58
N ASP A 15 -3.41 -11.66 -6.19
CA ASP A 15 -4.79 -11.71 -6.68
C ASP A 15 -5.14 -10.42 -7.42
N HIS A 16 -6.08 -10.51 -8.36
CA HIS A 16 -6.51 -9.36 -9.14
C HIS A 16 -7.54 -8.53 -8.37
N GLN A 17 -8.45 -9.22 -7.69
CA GLN A 17 -9.48 -8.55 -6.91
C GLN A 17 -8.87 -7.60 -5.89
N ARG A 18 -8.15 -8.17 -4.92
CA ARG A 18 -7.52 -7.36 -3.88
C ARG A 18 -6.81 -6.16 -4.48
N GLU A 19 -6.12 -6.37 -5.60
CA GLU A 19 -5.39 -5.30 -6.27
C GLU A 19 -6.35 -4.20 -6.71
N GLN A 20 -7.58 -4.59 -7.04
CA GLN A 20 -8.58 -3.64 -7.49
C GLN A 20 -9.09 -2.79 -6.32
N GLU A 21 -9.29 -3.42 -5.18
CA GLU A 21 -9.78 -2.73 -3.99
C GLU A 21 -8.75 -1.72 -3.49
N LEU A 22 -7.49 -2.17 -3.42
CA LEU A 22 -6.40 -1.31 -2.96
C LEU A 22 -6.40 0.01 -3.71
N ARG A 23 -6.49 -0.06 -5.03
CA ARG A 23 -6.50 1.12 -5.87
C ARG A 23 -7.57 2.11 -5.41
N GLU A 24 -8.83 1.72 -5.58
CA GLU A 24 -9.94 2.58 -5.19
C GLU A 24 -9.72 3.18 -3.81
N TRP A 25 -9.21 2.36 -2.88
CA TRP A 25 -8.94 2.81 -1.52
C TRP A 25 -7.92 3.94 -1.52
N ILE A 26 -6.76 3.70 -2.13
CA ILE A 26 -5.71 4.69 -2.19
C ILE A 26 -6.16 5.91 -3.01
N GLU A 27 -6.40 5.70 -4.30
CA GLU A 27 -6.82 6.78 -5.18
C GLU A 27 -7.85 7.67 -4.48
N GLY A 28 -8.75 7.06 -3.72
CA GLY A 28 -9.77 7.82 -3.01
C GLY A 28 -9.21 8.53 -1.80
N VAL A 29 -8.37 7.85 -1.04
CA VAL A 29 -7.78 8.43 0.16
C VAL A 29 -6.86 9.60 -0.20
N THR A 30 -5.73 9.30 -0.82
CA THR A 30 -4.76 10.32 -1.22
C THR A 30 -5.35 11.23 -2.29
N GLY A 31 -5.71 10.65 -3.43
CA GLY A 31 -6.28 11.42 -4.51
C GLY A 31 -5.50 11.26 -5.80
N ARG A 32 -4.30 10.70 -5.71
CA ARG A 32 -3.46 10.49 -6.88
C ARG A 32 -4.00 9.34 -7.73
N ARG A 33 -3.93 9.52 -9.06
CA ARG A 33 -4.41 8.50 -9.98
C ARG A 33 -3.33 7.44 -10.23
N ILE A 34 -3.41 6.33 -9.50
CA ILE A 34 -2.45 5.25 -9.64
C ILE A 34 -2.23 4.91 -11.11
N GLY A 35 -3.31 4.87 -11.88
CA GLY A 35 -3.21 4.55 -13.29
C GLY A 35 -3.28 3.06 -13.55
N ASN A 36 -3.35 2.69 -14.83
CA ASN A 36 -3.43 1.28 -15.21
C ASN A 36 -2.43 0.45 -14.43
N ASN A 37 -1.15 0.67 -14.70
CA ASN A 37 -0.08 -0.06 -14.02
C ASN A 37 -0.16 0.14 -12.51
N PHE A 38 -0.62 -0.88 -11.80
CA PHE A 38 -0.75 -0.82 -10.35
C PHE A 38 0.63 -0.67 -9.69
N MET A 39 1.56 -1.54 -10.07
CA MET A 39 2.90 -1.51 -9.52
C MET A 39 3.58 -0.17 -9.80
N ASP A 40 3.83 0.09 -11.08
CA ASP A 40 4.48 1.34 -11.49
C ASP A 40 3.73 2.54 -10.92
N GLY A 41 2.40 2.48 -10.95
CA GLY A 41 1.60 3.57 -10.43
C GLY A 41 1.97 3.94 -9.01
N LEU A 42 2.42 2.95 -8.24
CA LEU A 42 2.81 3.17 -6.86
C LEU A 42 4.32 3.19 -6.71
N LYS A 43 5.02 2.71 -7.73
CA LYS A 43 6.47 2.67 -7.72
C LYS A 43 7.06 4.02 -7.31
N ASP A 44 6.52 5.08 -7.91
CA ASP A 44 6.99 6.44 -7.61
C ASP A 44 7.38 6.56 -6.14
N GLY A 45 6.55 6.03 -5.25
CA GLY A 45 6.83 6.10 -3.83
C GLY A 45 6.16 7.27 -3.16
N ILE A 46 5.84 8.31 -3.94
CA ILE A 46 5.19 9.49 -3.41
C ILE A 46 3.78 9.17 -2.92
N ILE A 47 3.05 8.41 -3.72
CA ILE A 47 1.68 8.03 -3.37
C ILE A 47 1.64 7.30 -2.03
N LEU A 48 2.67 6.50 -1.77
CA LEU A 48 2.76 5.74 -0.52
C LEU A 48 2.82 6.69 0.68
N CYS A 49 3.81 7.57 0.68
CA CYS A 49 3.97 8.52 1.77
C CYS A 49 2.67 9.27 2.04
N GLU A 50 2.07 9.80 0.99
CA GLU A 50 0.83 10.55 1.11
C GLU A 50 -0.29 9.65 1.65
N PHE A 51 -0.06 8.35 1.61
CA PHE A 51 -1.05 7.39 2.09
C PHE A 51 -1.00 7.28 3.61
N ILE A 52 0.14 6.85 4.14
CA ILE A 52 0.31 6.70 5.58
C ILE A 52 0.13 8.04 6.28
N ASN A 53 0.19 9.12 5.52
CA ASN A 53 0.03 10.46 6.09
C ASN A 53 -1.43 10.76 6.36
N LYS A 54 -2.28 10.50 5.38
CA LYS A 54 -3.72 10.74 5.52
C LYS A 54 -4.27 10.02 6.74
N LEU A 55 -3.73 8.85 7.04
CA LEU A 55 -4.17 8.05 8.18
C LEU A 55 -3.57 8.59 9.48
N GLN A 56 -2.26 8.83 9.46
CA GLN A 56 -1.57 9.35 10.63
C GLN A 56 -0.99 10.73 10.36
N PRO A 57 -1.50 11.74 11.07
CA PRO A 57 -1.05 13.12 10.93
C PRO A 57 0.36 13.34 11.45
N GLY A 58 1.36 13.09 10.61
CA GLY A 58 2.75 13.25 11.02
C GLY A 58 3.58 12.02 10.74
N SER A 59 3.18 11.25 9.74
CA SER A 59 3.90 10.03 9.38
C SER A 59 5.20 10.36 8.65
N VAL A 60 5.09 11.14 7.58
CA VAL A 60 6.26 11.53 6.80
C VAL A 60 6.49 13.03 6.87
N LYS A 61 7.58 13.42 7.52
CA LYS A 61 7.93 14.83 7.67
C LYS A 61 7.61 15.61 6.39
N LYS A 62 8.22 15.19 5.28
CA LYS A 62 7.99 15.84 4.00
C LYS A 62 8.22 14.87 2.85
N ILE A 63 7.62 15.17 1.70
CA ILE A 63 7.76 14.32 0.52
C ILE A 63 8.37 15.09 -0.64
N ASN A 64 9.00 14.37 -1.55
CA ASN A 64 9.63 14.98 -2.72
C ASN A 64 8.76 14.80 -3.96
N GLU A 65 8.69 15.84 -4.79
CA GLU A 65 7.91 15.80 -6.01
C GLU A 65 8.77 16.09 -7.23
N SER A 66 8.95 15.08 -8.07
CA SER A 66 9.76 15.23 -9.27
C SER A 66 9.57 14.04 -10.21
N THR A 67 10.33 14.02 -11.30
CA THR A 67 10.25 12.94 -12.27
C THR A 67 11.47 12.04 -12.20
N GLN A 68 12.42 12.40 -11.35
CA GLN A 68 13.65 11.62 -11.18
C GLN A 68 13.36 10.32 -10.45
N ASN A 69 14.41 9.53 -10.23
CA ASN A 69 14.27 8.25 -9.53
C ASN A 69 14.96 8.31 -8.17
N TRP A 70 15.93 9.20 -8.03
CA TRP A 70 16.66 9.34 -6.78
C TRP A 70 15.73 9.80 -5.66
N HIS A 71 14.99 10.88 -5.92
CA HIS A 71 14.06 11.43 -4.94
C HIS A 71 13.01 10.39 -4.55
N GLN A 72 12.46 9.71 -5.55
CA GLN A 72 11.44 8.70 -5.31
C GLN A 72 11.89 7.71 -4.23
N LEU A 73 13.14 7.27 -4.33
CA LEU A 73 13.69 6.32 -3.36
C LEU A 73 13.59 6.88 -1.95
N GLU A 74 13.81 8.18 -1.81
CA GLU A 74 13.74 8.83 -0.50
C GLU A 74 12.31 8.77 0.06
N ASN A 75 11.34 9.01 -0.81
CA ASN A 75 9.94 8.98 -0.40
C ASN A 75 9.57 7.63 0.18
N ILE A 76 9.75 6.58 -0.62
CA ILE A 76 9.42 5.22 -0.18
C ILE A 76 10.07 4.91 1.17
N GLY A 77 11.34 5.28 1.29
CA GLY A 77 12.06 5.03 2.54
C GLY A 77 11.32 5.56 3.75
N ASN A 78 10.80 6.78 3.64
CA ASN A 78 10.06 7.41 4.74
C ASN A 78 8.78 6.65 5.03
N PHE A 79 8.06 6.28 3.96
CA PHE A 79 6.81 5.55 4.11
C PHE A 79 7.03 4.21 4.81
N ILE A 80 7.82 3.34 4.19
CA ILE A 80 8.11 2.04 4.76
C ILE A 80 8.24 2.10 6.27
N LYS A 81 9.03 3.07 6.74
CA LYS A 81 9.25 3.25 8.17
C LYS A 81 8.01 3.84 8.83
N ALA A 82 7.38 4.80 8.15
CA ALA A 82 6.18 5.45 8.67
C ALA A 82 5.12 4.42 9.05
N ILE A 83 4.83 3.51 8.12
CA ILE A 83 3.83 2.47 8.36
C ILE A 83 4.27 1.54 9.48
N THR A 84 5.58 1.40 9.64
CA THR A 84 6.13 0.52 10.68
C THR A 84 5.71 0.99 12.06
N LYS A 85 5.65 2.30 12.25
CA LYS A 85 5.26 2.88 13.54
C LYS A 85 3.73 2.88 13.69
N TYR A 86 3.03 3.15 12.60
CA TYR A 86 1.58 3.18 12.62
C TYR A 86 1.01 1.91 13.24
N GLY A 87 1.16 0.79 12.54
CA GLY A 87 0.66 -0.47 13.04
C GLY A 87 0.84 -1.60 12.05
N VAL A 88 2.02 -1.66 11.43
CA VAL A 88 2.32 -2.70 10.46
C VAL A 88 3.63 -3.41 10.79
N LYS A 89 3.52 -4.61 11.33
CA LYS A 89 4.70 -5.40 11.70
C LYS A 89 5.80 -5.24 10.66
N PRO A 90 7.06 -5.32 11.11
CA PRO A 90 8.23 -5.18 10.23
C PRO A 90 8.38 -6.38 9.30
N HIS A 91 7.75 -7.50 9.65
CA HIS A 91 7.83 -8.71 8.85
C HIS A 91 6.74 -8.72 7.79
N ASP A 92 5.92 -7.67 7.77
CA ASP A 92 4.84 -7.56 6.80
C ASP A 92 5.02 -6.32 5.93
N ILE A 93 6.21 -5.72 5.98
CA ILE A 93 6.50 -4.53 5.20
C ILE A 93 7.42 -4.85 4.02
N PHE A 94 7.23 -4.15 2.92
CA PHE A 94 8.04 -4.36 1.73
C PHE A 94 9.28 -3.48 1.75
N GLU A 95 10.35 -3.95 1.12
CA GLU A 95 11.61 -3.21 1.08
C GLU A 95 11.54 -2.09 0.04
N ALA A 96 12.45 -1.13 0.15
CA ALA A 96 12.49 -0.01 -0.79
C ALA A 96 12.61 -0.49 -2.22
N ASN A 97 13.39 -1.55 -2.43
CA ASN A 97 13.58 -2.11 -3.77
C ASN A 97 12.34 -2.88 -4.21
N ASP A 98 11.80 -3.69 -3.31
CA ASP A 98 10.61 -4.49 -3.62
C ASP A 98 9.62 -3.67 -4.44
N LEU A 99 9.54 -2.37 -4.16
CA LEU A 99 8.62 -1.50 -4.87
C LEU A 99 9.37 -0.68 -5.92
N PHE A 100 10.42 0.01 -5.50
CA PHE A 100 11.21 0.83 -6.40
C PHE A 100 11.63 0.04 -7.63
N GLU A 101 12.32 -1.07 -7.41
CA GLU A 101 12.78 -1.92 -8.51
C GLU A 101 11.73 -2.97 -8.85
N ASN A 102 10.55 -2.85 -8.25
CA ASN A 102 9.47 -3.79 -8.49
C ASN A 102 9.99 -5.22 -8.57
N THR A 103 10.86 -5.57 -7.62
CA THR A 103 11.44 -6.91 -7.58
C THR A 103 10.50 -7.90 -6.90
N ASN A 104 9.74 -7.40 -5.92
CA ASN A 104 8.80 -8.25 -5.19
C ASN A 104 7.43 -7.58 -5.11
N HIS A 105 6.61 -7.82 -6.12
CA HIS A 105 5.26 -7.25 -6.17
C HIS A 105 4.42 -7.76 -5.01
N THR A 106 4.20 -9.07 -4.95
CA THR A 106 3.42 -9.68 -3.89
C THR A 106 3.79 -9.10 -2.54
N GLN A 107 5.08 -9.14 -2.20
CA GLN A 107 5.55 -8.62 -0.93
C GLN A 107 4.93 -7.27 -0.62
N VAL A 108 4.77 -6.44 -1.65
CA VAL A 108 4.18 -5.13 -1.50
C VAL A 108 2.68 -5.22 -1.27
N GLN A 109 2.02 -6.11 -2.00
CA GLN A 109 0.58 -6.29 -1.87
C GLN A 109 0.20 -6.62 -0.44
N SER A 110 0.77 -7.70 0.09
CA SER A 110 0.48 -8.12 1.46
C SER A 110 0.53 -6.94 2.42
N THR A 111 1.64 -6.20 2.41
CA THR A 111 1.80 -5.04 3.27
C THR A 111 0.54 -4.20 3.29
N LEU A 112 0.04 -3.84 2.12
CA LEU A 112 -1.17 -3.02 2.01
C LEU A 112 -2.36 -3.75 2.61
N LEU A 113 -2.56 -4.99 2.20
CA LEU A 113 -3.68 -5.79 2.69
C LEU A 113 -3.83 -5.64 4.20
N ALA A 114 -2.70 -5.54 4.90
CA ALA A 114 -2.70 -5.38 6.35
C ALA A 114 -3.05 -3.96 6.73
N LEU A 115 -2.38 -2.99 6.12
CA LEU A 115 -2.62 -1.58 6.41
C LEU A 115 -4.11 -1.28 6.45
N ALA A 116 -4.82 -1.69 5.41
CA ALA A 116 -6.27 -1.47 5.32
C ALA A 116 -6.95 -1.78 6.65
N SER A 117 -6.56 -2.90 7.26
CA SER A 117 -7.14 -3.32 8.54
C SER A 117 -6.64 -2.42 9.67
N MET A 118 -5.42 -1.91 9.53
CA MET A 118 -4.83 -1.05 10.54
C MET A 118 -5.50 0.32 10.54
N ALA A 119 -6.12 0.67 9.42
CA ALA A 119 -6.80 1.95 9.29
C ALA A 119 -8.29 1.82 9.60
N LYS A 120 -8.81 0.61 9.46
CA LYS A 120 -10.21 0.35 9.74
C LYS A 120 -10.53 0.53 11.22
N THR A 121 -9.85 -0.24 12.07
CA THR A 121 -10.04 -0.16 13.51
C THR A 121 -10.06 1.29 13.98
N LYS A 122 -9.08 2.06 13.54
CA LYS A 122 -8.98 3.47 13.92
C LYS A 122 -10.27 4.21 13.58
N GLY A 123 -10.88 3.85 12.45
CA GLY A 123 -12.11 4.49 12.04
C GLY A 123 -12.03 5.06 10.63
N ASN A 124 -11.46 4.29 9.72
CA ASN A 124 -11.31 4.73 8.33
C ASN A 124 -11.94 3.73 7.37
N LYS A 125 -13.22 3.92 7.09
CA LYS A 125 -13.95 3.04 6.18
C LYS A 125 -13.07 2.62 5.01
N VAL A 126 -12.50 1.42 5.10
CA VAL A 126 -11.64 0.90 4.05
C VAL A 126 -12.41 -0.05 3.12
N ASN A 127 -12.29 0.17 1.82
CA ASN A 127 -12.96 -0.66 0.84
C ASN A 127 -12.37 -2.07 0.82
N VAL A 128 -11.04 -2.14 0.83
CA VAL A 128 -10.35 -3.43 0.81
C VAL A 128 -11.10 -4.47 1.65
N GLY A 129 -11.59 -5.51 0.98
CA GLY A 129 -12.32 -6.56 1.67
C GLY A 129 -11.41 -7.49 2.44
N VAL A 130 -10.53 -6.92 3.26
CA VAL A 130 -9.60 -7.70 4.06
C VAL A 130 -10.33 -8.57 5.07
N SER A 131 -9.70 -9.66 5.47
CA SER A 131 -10.30 -10.58 6.43
C SER A 131 -9.48 -10.63 7.71
N GLY A 132 -8.16 -10.65 7.57
CA GLY A 132 -7.29 -10.69 8.73
C GLY A 132 -5.82 -10.68 8.35
N PRO A 133 -4.99 -10.05 9.20
CA PRO A 133 -3.55 -9.96 8.97
C PRO A 133 -2.85 -11.29 9.13
N SER A 134 -2.23 -11.77 8.05
CA SER A 134 -1.53 -13.04 8.06
C SER A 134 -0.32 -13.01 7.13
N SER A 135 0.69 -13.81 7.45
CA SER A 135 1.90 -13.87 6.65
C SER A 135 1.57 -13.97 5.16
N GLY A 136 0.65 -14.88 4.83
CA GLY A 136 0.26 -15.06 3.45
C GLY A 136 1.40 -15.55 2.58
N GLY A 1 -17.66 -27.54 3.68
CA GLY A 1 -17.02 -27.71 2.39
C GLY A 1 -15.60 -27.18 2.38
N SER A 2 -14.81 -27.62 3.34
CA SER A 2 -13.42 -27.20 3.44
C SER A 2 -12.79 -27.03 2.05
N SER A 3 -12.65 -25.79 1.62
CA SER A 3 -12.07 -25.49 0.31
C SER A 3 -10.62 -25.05 0.44
N GLY A 4 -9.71 -26.01 0.40
CA GLY A 4 -8.29 -25.70 0.52
C GLY A 4 -7.90 -25.34 1.94
N SER A 5 -6.60 -25.45 2.23
CA SER A 5 -6.09 -25.14 3.57
C SER A 5 -5.11 -23.98 3.51
N SER A 6 -5.48 -22.87 4.12
CA SER A 6 -4.63 -21.68 4.15
C SER A 6 -4.70 -20.99 5.51
N GLY A 7 -3.61 -20.33 5.88
CA GLY A 7 -3.55 -19.64 7.16
C GLY A 7 -2.14 -19.27 7.56
N ASN A 8 -1.38 -18.76 6.61
CA ASN A 8 0.00 -18.36 6.87
C ASN A 8 0.25 -16.93 6.39
N LYS A 9 1.18 -16.25 7.05
CA LYS A 9 1.53 -14.87 6.69
C LYS A 9 2.51 -14.84 5.53
N LEU A 10 2.24 -15.64 4.50
CA LEU A 10 3.10 -15.71 3.33
C LEU A 10 2.74 -14.62 2.33
N ALA A 11 3.71 -14.22 1.51
CA ALA A 11 3.50 -13.19 0.50
C ALA A 11 3.69 -13.75 -0.90
N GLN A 12 2.66 -14.37 -1.44
CA GLN A 12 2.72 -14.94 -2.79
C GLN A 12 1.32 -15.07 -3.39
N LYS A 13 1.26 -15.59 -4.61
CA LYS A 13 -0.02 -15.77 -5.29
C LYS A 13 -0.72 -14.43 -5.50
N TYR A 14 0.00 -13.48 -6.07
CA TYR A 14 -0.56 -12.14 -6.33
C TYR A 14 -2.03 -12.24 -6.72
N ASP A 15 -2.90 -11.70 -5.87
CA ASP A 15 -4.33 -11.71 -6.13
C ASP A 15 -4.74 -10.57 -7.05
N HIS A 16 -5.47 -10.90 -8.11
CA HIS A 16 -5.91 -9.89 -9.06
C HIS A 16 -7.08 -9.09 -8.51
N GLN A 17 -7.86 -9.72 -7.65
CA GLN A 17 -9.02 -9.06 -7.03
C GLN A 17 -8.58 -7.92 -6.13
N ARG A 18 -7.83 -8.26 -5.08
CA ARG A 18 -7.34 -7.27 -4.13
C ARG A 18 -6.72 -6.08 -4.87
N GLU A 19 -6.00 -6.37 -5.94
CA GLU A 19 -5.35 -5.32 -6.72
C GLU A 19 -6.30 -4.15 -6.95
N GLN A 20 -7.54 -4.45 -7.32
CA GLN A 20 -8.54 -3.42 -7.58
C GLN A 20 -8.87 -2.66 -6.29
N GLU A 21 -9.35 -3.39 -5.29
CA GLU A 21 -9.70 -2.77 -4.01
C GLU A 21 -8.61 -1.83 -3.53
N LEU A 22 -7.36 -2.25 -3.71
CA LEU A 22 -6.22 -1.45 -3.29
C LEU A 22 -6.25 -0.08 -3.98
N ARG A 23 -6.12 -0.08 -5.30
CA ARG A 23 -6.14 1.17 -6.06
C ARG A 23 -7.43 1.93 -5.85
N GLU A 24 -8.42 1.26 -5.25
CA GLU A 24 -9.72 1.87 -4.99
C GLU A 24 -9.73 2.54 -3.61
N TRP A 25 -8.75 2.19 -2.78
CA TRP A 25 -8.65 2.74 -1.44
C TRP A 25 -7.65 3.88 -1.40
N ILE A 26 -6.48 3.65 -1.98
CA ILE A 26 -5.42 4.67 -2.01
C ILE A 26 -5.87 5.90 -2.80
N GLU A 27 -6.18 5.68 -4.08
CA GLU A 27 -6.63 6.77 -4.95
C GLU A 27 -7.74 7.58 -4.28
N GLY A 28 -8.59 6.89 -3.53
CA GLY A 28 -9.69 7.56 -2.84
C GLY A 28 -9.21 8.44 -1.71
N VAL A 29 -8.33 7.91 -0.88
CA VAL A 29 -7.79 8.65 0.26
C VAL A 29 -6.84 9.75 -0.19
N THR A 30 -5.73 9.33 -0.80
CA THR A 30 -4.73 10.27 -1.29
C THR A 30 -5.30 11.16 -2.39
N GLY A 31 -5.65 10.54 -3.52
CA GLY A 31 -6.20 11.29 -4.63
C GLY A 31 -5.44 11.05 -5.92
N ARG A 32 -4.20 10.58 -5.80
CA ARG A 32 -3.37 10.32 -6.97
C ARG A 32 -3.95 9.18 -7.80
N ARG A 33 -3.88 9.34 -9.12
CA ARG A 33 -4.40 8.32 -10.04
C ARG A 33 -3.33 7.28 -10.36
N ILE A 34 -3.36 6.17 -9.64
CA ILE A 34 -2.39 5.10 -9.85
C ILE A 34 -2.38 4.64 -11.31
N GLY A 35 -3.57 4.61 -11.91
CA GLY A 35 -3.67 4.19 -13.30
C GLY A 35 -3.66 2.68 -13.46
N ASN A 36 -3.71 2.21 -14.70
CA ASN A 36 -3.71 0.78 -14.98
C ASN A 36 -2.58 0.09 -14.23
N ASN A 37 -1.35 0.33 -14.65
CA ASN A 37 -0.19 -0.28 -14.02
C ASN A 37 -0.14 0.08 -12.54
N PHE A 38 -0.56 -0.87 -11.70
CA PHE A 38 -0.56 -0.67 -10.26
C PHE A 38 0.85 -0.44 -9.73
N MET A 39 1.74 -1.39 -10.02
CA MET A 39 3.12 -1.30 -9.58
C MET A 39 3.73 0.04 -9.97
N ASP A 40 4.03 0.20 -11.25
CA ASP A 40 4.62 1.44 -11.75
C ASP A 40 3.89 2.65 -11.19
N GLY A 41 2.57 2.53 -11.04
CA GLY A 41 1.78 3.62 -10.51
C GLY A 41 2.14 3.96 -9.07
N LEU A 42 2.53 2.94 -8.31
CA LEU A 42 2.91 3.13 -6.92
C LEU A 42 4.42 3.19 -6.76
N LYS A 43 5.13 2.81 -7.82
CA LYS A 43 6.59 2.83 -7.80
C LYS A 43 7.12 4.19 -7.37
N ASP A 44 6.59 5.25 -7.99
CA ASP A 44 7.02 6.60 -7.68
C ASP A 44 7.30 6.75 -6.19
N GLY A 45 6.45 6.16 -5.36
CA GLY A 45 6.63 6.24 -3.93
C GLY A 45 5.90 7.43 -3.31
N ILE A 46 5.72 8.47 -4.10
CA ILE A 46 5.05 9.68 -3.63
C ILE A 46 3.66 9.35 -3.07
N ILE A 47 2.99 8.40 -3.72
CA ILE A 47 1.66 7.99 -3.29
C ILE A 47 1.70 7.29 -1.93
N LEU A 48 2.74 6.49 -1.73
CA LEU A 48 2.91 5.77 -0.47
C LEU A 48 3.05 6.73 0.71
N CYS A 49 4.07 7.57 0.66
CA CYS A 49 4.30 8.55 1.72
C CYS A 49 3.05 9.37 1.99
N GLU A 50 2.40 9.81 0.92
CA GLU A 50 1.18 10.60 1.03
C GLU A 50 0.00 9.75 1.48
N PHE A 51 0.21 8.44 1.51
CA PHE A 51 -0.84 7.51 1.91
C PHE A 51 -0.87 7.37 3.44
N ILE A 52 0.22 6.87 4.01
CA ILE A 52 0.32 6.69 5.45
C ILE A 52 0.06 8.00 6.19
N ASN A 53 0.40 9.11 5.55
CA ASN A 53 0.19 10.42 6.14
C ASN A 53 -1.29 10.70 6.36
N LYS A 54 -2.10 10.35 5.36
CA LYS A 54 -3.55 10.57 5.45
C LYS A 54 -4.14 9.80 6.61
N LEU A 55 -3.53 8.68 6.96
CA LEU A 55 -4.00 7.86 8.07
C LEU A 55 -3.45 8.36 9.40
N GLN A 56 -2.22 8.84 9.39
CA GLN A 56 -1.58 9.35 10.59
C GLN A 56 -1.02 10.75 10.35
N PRO A 57 -1.52 11.73 11.12
CA PRO A 57 -1.08 13.13 11.01
C PRO A 57 0.34 13.33 11.51
N GLY A 58 1.32 13.02 10.65
CA GLY A 58 2.71 13.18 11.02
C GLY A 58 3.54 11.94 10.70
N SER A 59 3.19 11.27 9.61
CA SER A 59 3.90 10.07 9.18
C SER A 59 5.28 10.42 8.64
N VAL A 60 5.30 11.13 7.51
CA VAL A 60 6.56 11.53 6.88
C VAL A 60 6.85 13.00 7.13
N LYS A 61 8.08 13.29 7.55
CA LYS A 61 8.49 14.66 7.82
C LYS A 61 8.44 15.51 6.56
N LYS A 62 9.02 14.99 5.48
CA LYS A 62 9.04 15.70 4.20
C LYS A 62 9.00 14.73 3.04
N ILE A 63 8.41 15.16 1.93
CA ILE A 63 8.31 14.33 0.74
C ILE A 63 8.88 15.03 -0.49
N ASN A 64 9.70 14.31 -1.25
CA ASN A 64 10.31 14.87 -2.44
C ASN A 64 9.45 14.60 -3.67
N GLU A 65 8.66 15.60 -4.07
CA GLU A 65 7.79 15.47 -5.22
C GLU A 65 8.54 15.79 -6.52
N SER A 66 8.77 14.77 -7.32
CA SER A 66 9.49 14.94 -8.58
C SER A 66 9.44 13.66 -9.42
N THR A 67 10.13 13.67 -10.55
CA THR A 67 10.17 12.51 -11.45
C THR A 67 11.57 11.92 -11.51
N GLN A 68 12.33 12.11 -10.43
CA GLN A 68 13.70 11.58 -10.37
C GLN A 68 13.75 10.31 -9.53
N ASN A 69 14.85 9.57 -9.65
CA ASN A 69 15.03 8.34 -8.90
C ASN A 69 15.43 8.63 -7.46
N TRP A 70 16.53 9.34 -7.29
CA TRP A 70 17.01 9.69 -5.96
C TRP A 70 15.86 10.04 -5.02
N HIS A 71 15.21 11.17 -5.28
CA HIS A 71 14.09 11.62 -4.46
C HIS A 71 13.04 10.51 -4.33
N GLN A 72 12.56 10.03 -5.48
CA GLN A 72 11.56 8.97 -5.50
C GLN A 72 11.87 7.91 -4.44
N LEU A 73 13.14 7.56 -4.33
CA LEU A 73 13.58 6.55 -3.37
C LEU A 73 13.41 7.06 -1.94
N GLU A 74 13.72 8.34 -1.73
CA GLU A 74 13.62 8.94 -0.41
C GLU A 74 12.18 8.84 0.12
N ASN A 75 11.22 9.07 -0.78
CA ASN A 75 9.80 9.01 -0.40
C ASN A 75 9.46 7.65 0.20
N ILE A 76 9.62 6.60 -0.59
CA ILE A 76 9.33 5.25 -0.14
C ILE A 76 10.00 4.96 1.20
N GLY A 77 11.32 5.10 1.24
CA GLY A 77 12.07 4.84 2.45
C GLY A 77 11.34 5.36 3.68
N ASN A 78 10.99 6.65 3.66
CA ASN A 78 10.30 7.27 4.78
C ASN A 78 8.98 6.57 5.06
N PHE A 79 8.24 6.27 3.99
CA PHE A 79 6.95 5.60 4.13
C PHE A 79 7.11 4.26 4.84
N ILE A 80 7.83 3.33 4.20
CA ILE A 80 8.05 2.01 4.77
C ILE A 80 8.26 2.10 6.28
N LYS A 81 9.01 3.09 6.72
CA LYS A 81 9.29 3.29 8.14
C LYS A 81 8.09 3.92 8.84
N ALA A 82 7.45 4.88 8.17
CA ALA A 82 6.29 5.57 8.74
C ALA A 82 5.18 4.57 9.06
N ILE A 83 4.98 3.60 8.17
CA ILE A 83 3.95 2.59 8.36
C ILE A 83 4.35 1.58 9.43
N THR A 84 5.66 1.46 9.66
CA THR A 84 6.17 0.54 10.66
C THR A 84 5.78 0.97 12.06
N LYS A 85 5.80 2.28 12.31
CA LYS A 85 5.44 2.82 13.61
C LYS A 85 3.93 2.88 13.79
N TYR A 86 3.24 3.25 12.71
CA TYR A 86 1.78 3.34 12.75
C TYR A 86 1.17 2.11 13.40
N GLY A 87 1.22 0.98 12.69
CA GLY A 87 0.68 -0.26 13.22
C GLY A 87 0.87 -1.42 12.27
N VAL A 88 2.08 -1.56 11.73
CA VAL A 88 2.38 -2.63 10.80
C VAL A 88 3.73 -3.28 11.15
N LYS A 89 3.70 -4.59 11.36
CA LYS A 89 4.90 -5.34 11.70
C LYS A 89 5.91 -5.29 10.55
N PRO A 90 7.21 -5.29 10.91
CA PRO A 90 8.29 -5.24 9.92
C PRO A 90 8.41 -6.53 9.13
N HIS A 91 7.74 -7.58 9.60
CA HIS A 91 7.77 -8.87 8.93
C HIS A 91 6.68 -8.95 7.87
N ASP A 92 5.89 -7.89 7.74
CA ASP A 92 4.82 -7.84 6.76
C ASP A 92 4.93 -6.58 5.90
N ILE A 93 6.08 -5.93 5.95
CA ILE A 93 6.31 -4.71 5.17
C ILE A 93 7.27 -4.97 4.01
N PHE A 94 7.03 -4.29 2.90
CA PHE A 94 7.87 -4.44 1.72
C PHE A 94 9.10 -3.54 1.80
N GLU A 95 10.13 -3.87 1.02
CA GLU A 95 11.36 -3.09 1.02
C GLU A 95 11.33 -2.04 -0.10
N ALA A 96 12.24 -1.07 -0.01
CA ALA A 96 12.32 -0.02 -1.02
C ALA A 96 12.50 -0.60 -2.41
N ASN A 97 13.23 -1.70 -2.50
CA ASN A 97 13.49 -2.35 -3.77
C ASN A 97 12.26 -3.13 -4.24
N ASP A 98 11.50 -3.64 -3.28
CA ASP A 98 10.30 -4.42 -3.59
C ASP A 98 9.32 -3.58 -4.41
N LEU A 99 9.34 -2.27 -4.19
CA LEU A 99 8.44 -1.36 -4.92
C LEU A 99 9.20 -0.61 -6.01
N PHE A 100 10.31 0.01 -5.63
CA PHE A 100 11.13 0.76 -6.58
C PHE A 100 11.46 -0.09 -7.81
N GLU A 101 12.19 -1.18 -7.58
CA GLU A 101 12.59 -2.07 -8.66
C GLU A 101 11.48 -3.07 -8.97
N ASN A 102 10.38 -2.97 -8.24
CA ASN A 102 9.24 -3.86 -8.42
C ASN A 102 9.71 -5.31 -8.52
N THR A 103 10.57 -5.71 -7.60
CA THR A 103 11.10 -7.07 -7.58
C THR A 103 10.07 -8.05 -7.00
N ASN A 104 9.45 -7.65 -5.89
CA ASN A 104 8.46 -8.49 -5.24
C ASN A 104 7.12 -7.77 -5.14
N HIS A 105 6.31 -7.88 -6.19
CA HIS A 105 5.01 -7.23 -6.23
C HIS A 105 4.15 -7.68 -5.06
N THR A 106 3.93 -8.99 -4.96
CA THR A 106 3.12 -9.55 -3.87
C THR A 106 3.52 -8.96 -2.53
N GLN A 107 4.78 -9.17 -2.15
CA GLN A 107 5.28 -8.66 -0.88
C GLN A 107 4.68 -7.29 -0.56
N VAL A 108 4.56 -6.45 -1.58
CA VAL A 108 4.00 -5.12 -1.42
C VAL A 108 2.50 -5.18 -1.18
N GLN A 109 1.80 -5.96 -2.01
CA GLN A 109 0.37 -6.11 -1.89
C GLN A 109 -0.04 -6.49 -0.47
N SER A 110 0.68 -7.45 0.10
CA SER A 110 0.39 -7.92 1.46
C SER A 110 0.46 -6.75 2.44
N THR A 111 1.54 -5.98 2.36
CA THR A 111 1.74 -4.84 3.26
C THR A 111 0.50 -3.96 3.30
N LEU A 112 -0.10 -3.73 2.13
CA LEU A 112 -1.30 -2.90 2.04
C LEU A 112 -2.50 -3.61 2.65
N LEU A 113 -2.67 -4.88 2.31
CA LEU A 113 -3.78 -5.68 2.82
C LEU A 113 -3.91 -5.51 4.33
N ALA A 114 -2.77 -5.49 5.03
CA ALA A 114 -2.77 -5.33 6.47
C ALA A 114 -3.05 -3.89 6.86
N LEU A 115 -2.35 -2.95 6.22
CA LEU A 115 -2.53 -1.53 6.50
C LEU A 115 -4.01 -1.18 6.59
N ALA A 116 -4.76 -1.57 5.58
CA ALA A 116 -6.19 -1.29 5.53
C ALA A 116 -6.87 -1.66 6.86
N SER A 117 -6.63 -2.89 7.31
CA SER A 117 -7.22 -3.36 8.56
C SER A 117 -6.76 -2.49 9.74
N MET A 118 -5.54 -1.99 9.65
CA MET A 118 -4.98 -1.14 10.70
C MET A 118 -5.74 0.17 10.80
N ALA A 119 -6.16 0.69 9.65
CA ALA A 119 -6.90 1.94 9.60
C ALA A 119 -8.39 1.72 9.89
N LYS A 120 -8.84 0.49 9.71
CA LYS A 120 -10.23 0.13 9.95
C LYS A 120 -10.57 0.25 11.44
N THR A 121 -9.70 -0.29 12.28
CA THR A 121 -9.90 -0.25 13.72
C THR A 121 -9.96 1.18 14.23
N LYS A 122 -9.15 2.05 13.65
CA LYS A 122 -9.10 3.45 14.03
C LYS A 122 -10.40 4.16 13.65
N GLY A 123 -10.93 3.81 12.49
CA GLY A 123 -12.17 4.42 12.03
C GLY A 123 -12.01 5.12 10.69
N ASN A 124 -11.44 4.40 9.72
CA ASN A 124 -11.23 4.95 8.39
C ASN A 124 -12.08 4.23 7.36
N LYS A 125 -12.63 4.99 6.42
CA LYS A 125 -13.46 4.42 5.36
C LYS A 125 -12.63 3.58 4.40
N VAL A 126 -12.50 2.30 4.70
CA VAL A 126 -11.73 1.38 3.85
C VAL A 126 -12.65 0.44 3.09
N ASN A 127 -12.56 0.48 1.77
CA ASN A 127 -13.38 -0.38 0.92
C ASN A 127 -12.60 -1.62 0.46
N VAL A 128 -11.67 -2.06 1.30
CA VAL A 128 -10.85 -3.22 0.99
C VAL A 128 -11.32 -4.44 1.75
N GLY A 129 -11.60 -5.52 1.02
CA GLY A 129 -12.05 -6.75 1.65
C GLY A 129 -10.91 -7.57 2.23
N VAL A 130 -10.15 -6.95 3.12
CA VAL A 130 -9.02 -7.62 3.75
C VAL A 130 -9.45 -8.95 4.39
N SER A 131 -8.66 -9.99 4.16
CA SER A 131 -8.96 -11.30 4.71
C SER A 131 -7.73 -11.92 5.37
N GLY A 132 -7.82 -12.14 6.67
CA GLY A 132 -6.72 -12.72 7.40
C GLY A 132 -6.78 -14.24 7.45
N PRO A 133 -6.08 -14.83 8.44
CA PRO A 133 -6.05 -16.28 8.62
C PRO A 133 -7.39 -16.85 9.08
N SER A 134 -8.01 -17.66 8.24
CA SER A 134 -9.30 -18.27 8.56
C SER A 134 -9.11 -19.62 9.25
N SER A 135 -9.13 -19.61 10.58
CA SER A 135 -8.96 -20.83 11.37
C SER A 135 -10.12 -21.79 11.11
N GLY A 136 -9.94 -22.69 10.14
CA GLY A 136 -10.97 -23.65 9.82
C GLY A 136 -11.59 -24.27 11.06
N GLY A 1 -13.50 -10.62 -23.10
CA GLY A 1 -12.76 -10.64 -21.85
C GLY A 1 -11.35 -11.19 -22.01
N SER A 2 -10.39 -10.56 -21.36
CA SER A 2 -8.99 -10.98 -21.44
C SER A 2 -8.87 -12.47 -21.10
N SER A 3 -7.70 -13.03 -21.41
CA SER A 3 -7.45 -14.44 -21.15
C SER A 3 -5.99 -14.80 -21.45
N GLY A 4 -5.63 -16.04 -21.16
CA GLY A 4 -4.27 -16.49 -21.40
C GLY A 4 -3.95 -17.79 -20.71
N SER A 5 -4.89 -18.73 -20.75
CA SER A 5 -4.71 -20.03 -20.11
C SER A 5 -5.67 -21.06 -20.70
N SER A 6 -5.43 -22.33 -20.39
CA SER A 6 -6.26 -23.41 -20.89
C SER A 6 -7.30 -23.84 -19.84
N GLY A 7 -6.81 -24.22 -18.67
CA GLY A 7 -7.69 -24.64 -17.59
C GLY A 7 -6.93 -25.17 -16.39
N ASN A 8 -5.85 -24.48 -16.04
CA ASN A 8 -5.03 -24.89 -14.89
C ASN A 8 -4.03 -23.81 -14.52
N LYS A 9 -4.22 -23.21 -13.34
CA LYS A 9 -3.32 -22.17 -12.87
C LYS A 9 -3.60 -21.83 -11.41
N LEU A 10 -2.71 -21.07 -10.79
CA LEU A 10 -2.86 -20.68 -9.39
C LEU A 10 -2.03 -19.44 -9.09
N ALA A 11 -2.69 -18.39 -8.63
CA ALA A 11 -2.01 -17.14 -8.28
C ALA A 11 -2.23 -16.78 -6.82
N GLN A 12 -2.04 -17.76 -5.94
CA GLN A 12 -2.22 -17.55 -4.51
C GLN A 12 -1.28 -16.45 -4.00
N LYS A 13 -0.25 -16.16 -4.78
CA LYS A 13 0.73 -15.15 -4.42
C LYS A 13 0.18 -13.75 -4.68
N TYR A 14 -0.51 -13.59 -5.80
CA TYR A 14 -1.08 -12.30 -6.16
C TYR A 14 -2.54 -12.46 -6.62
N ASP A 15 -3.45 -11.84 -5.86
CA ASP A 15 -4.87 -11.92 -6.19
C ASP A 15 -5.27 -10.79 -7.12
N HIS A 16 -6.21 -11.07 -8.01
CA HIS A 16 -6.69 -10.07 -8.96
C HIS A 16 -7.76 -9.19 -8.33
N GLN A 17 -8.51 -9.75 -7.39
CA GLN A 17 -9.57 -9.01 -6.72
C GLN A 17 -9.00 -8.03 -5.70
N ARG A 18 -8.14 -8.53 -4.83
CA ARG A 18 -7.51 -7.68 -3.81
C ARG A 18 -6.93 -6.42 -4.43
N GLU A 19 -6.36 -6.55 -5.62
CA GLU A 19 -5.78 -5.41 -6.32
C GLU A 19 -6.84 -4.36 -6.64
N GLN A 20 -8.07 -4.82 -6.83
CA GLN A 20 -9.18 -3.93 -7.14
C GLN A 20 -9.60 -3.13 -5.91
N GLU A 21 -9.61 -3.80 -4.75
CA GLU A 21 -10.00 -3.15 -3.51
C GLU A 21 -8.90 -2.21 -3.02
N LEU A 22 -7.65 -2.58 -3.29
CA LEU A 22 -6.51 -1.76 -2.87
C LEU A 22 -6.52 -0.41 -3.57
N ARG A 23 -6.55 -0.43 -4.90
CA ARG A 23 -6.56 0.80 -5.69
C ARG A 23 -7.71 1.71 -5.24
N GLU A 24 -8.94 1.25 -5.43
CA GLU A 24 -10.11 2.03 -5.04
C GLU A 24 -9.89 2.72 -3.71
N TRP A 25 -9.18 2.05 -2.81
CA TRP A 25 -8.91 2.62 -1.48
C TRP A 25 -7.85 3.71 -1.58
N ILE A 26 -6.64 3.35 -1.99
CA ILE A 26 -5.56 4.31 -2.12
C ILE A 26 -6.03 5.58 -2.81
N GLU A 27 -6.41 5.46 -4.08
CA GLU A 27 -6.88 6.60 -4.85
C GLU A 27 -7.94 7.37 -4.08
N GLY A 28 -8.91 6.65 -3.53
CA GLY A 28 -9.97 7.28 -2.77
C GLY A 28 -9.45 8.07 -1.59
N VAL A 29 -8.43 7.55 -0.93
CA VAL A 29 -7.84 8.22 0.23
C VAL A 29 -7.00 9.42 -0.20
N THR A 30 -5.82 9.14 -0.75
CA THR A 30 -4.93 10.21 -1.20
C THR A 30 -5.59 11.07 -2.26
N GLY A 31 -6.08 10.43 -3.32
CA GLY A 31 -6.74 11.16 -4.38
C GLY A 31 -5.98 11.07 -5.70
N ARG A 32 -4.84 10.38 -5.67
CA ARG A 32 -4.02 10.22 -6.87
C ARG A 32 -4.56 9.09 -7.75
N ARG A 33 -4.51 9.30 -9.06
CA ARG A 33 -5.00 8.32 -10.01
C ARG A 33 -3.89 7.35 -10.41
N ILE A 34 -3.84 6.21 -9.71
CA ILE A 34 -2.82 5.20 -9.98
C ILE A 34 -2.76 4.87 -11.47
N GLY A 35 -3.92 4.83 -12.11
CA GLY A 35 -3.98 4.52 -13.52
C GLY A 35 -4.21 3.04 -13.79
N ASN A 36 -4.31 2.68 -15.06
CA ASN A 36 -4.53 1.30 -15.45
C ASN A 36 -3.68 0.35 -14.61
N ASN A 37 -2.37 0.58 -14.62
CA ASN A 37 -1.44 -0.25 -13.85
C ASN A 37 -1.60 0.01 -12.35
N PHE A 38 -0.83 -0.72 -11.55
CA PHE A 38 -0.87 -0.57 -10.10
C PHE A 38 0.53 -0.42 -9.52
N MET A 39 1.46 -1.23 -10.02
CA MET A 39 2.84 -1.18 -9.55
C MET A 39 3.47 0.18 -9.85
N ASP A 40 3.65 0.48 -11.12
CA ASP A 40 4.24 1.74 -11.54
C ASP A 40 3.70 2.90 -10.70
N GLY A 41 2.38 3.03 -10.69
CA GLY A 41 1.76 4.10 -9.91
C GLY A 41 2.30 4.20 -8.50
N LEU A 42 2.63 3.05 -7.92
CA LEU A 42 3.17 3.02 -6.56
C LEU A 42 4.69 3.08 -6.58
N LYS A 43 5.27 2.88 -7.76
CA LYS A 43 6.72 2.92 -7.91
C LYS A 43 7.30 4.25 -7.43
N ASP A 44 6.75 5.34 -7.95
CA ASP A 44 7.20 6.67 -7.57
C ASP A 44 7.46 6.75 -6.07
N GLY A 45 6.56 6.15 -5.28
CA GLY A 45 6.73 6.15 -3.84
C GLY A 45 6.03 7.34 -3.19
N ILE A 46 5.85 8.41 -3.96
CA ILE A 46 5.20 9.61 -3.45
C ILE A 46 3.82 9.30 -2.91
N ILE A 47 3.06 8.49 -3.65
CA ILE A 47 1.72 8.11 -3.24
C ILE A 47 1.72 7.46 -1.87
N LEU A 48 2.58 6.45 -1.69
CA LEU A 48 2.68 5.75 -0.42
C LEU A 48 2.86 6.73 0.73
N CYS A 49 3.91 7.54 0.66
CA CYS A 49 4.20 8.52 1.70
C CYS A 49 2.95 9.34 2.03
N GLU A 50 2.28 9.85 1.00
CA GLU A 50 1.08 10.65 1.18
C GLU A 50 -0.07 9.78 1.72
N PHE A 51 0.07 8.47 1.57
CA PHE A 51 -0.95 7.54 2.02
C PHE A 51 -0.95 7.44 3.55
N ILE A 52 0.14 6.97 4.11
CA ILE A 52 0.27 6.83 5.56
C ILE A 52 0.03 8.16 6.26
N ASN A 53 0.30 9.25 5.55
CA ASN A 53 0.11 10.58 6.11
C ASN A 53 -1.37 10.86 6.38
N LYS A 54 -2.21 10.57 5.38
CA LYS A 54 -3.65 10.77 5.51
C LYS A 54 -4.19 10.09 6.77
N LEU A 55 -3.64 8.92 7.08
CA LEU A 55 -4.07 8.17 8.26
C LEU A 55 -3.32 8.64 9.50
N GLN A 56 -2.14 9.21 9.30
CA GLN A 56 -1.33 9.70 10.40
C GLN A 56 -0.63 11.00 10.03
N PRO A 57 -1.04 12.10 10.68
CA PRO A 57 -0.47 13.43 10.43
C PRO A 57 0.97 13.54 10.94
N GLY A 58 1.48 12.45 11.49
CA GLY A 58 2.85 12.45 12.01
C GLY A 58 3.64 11.26 11.52
N SER A 59 3.64 11.04 10.20
CA SER A 59 4.38 9.93 9.61
C SER A 59 5.62 10.42 8.88
N VAL A 60 5.41 11.12 7.78
CA VAL A 60 6.51 11.65 6.99
C VAL A 60 6.53 13.18 7.01
N LYS A 61 7.65 13.75 7.43
CA LYS A 61 7.80 15.20 7.49
C LYS A 61 7.37 15.85 6.18
N LYS A 62 8.16 15.65 5.14
CA LYS A 62 7.87 16.21 3.82
C LYS A 62 8.08 15.18 2.72
N ILE A 63 7.54 15.46 1.54
CA ILE A 63 7.67 14.55 0.42
C ILE A 63 8.13 15.29 -0.83
N ASN A 64 9.24 14.84 -1.41
CA ASN A 64 9.78 15.46 -2.61
C ASN A 64 8.86 15.25 -3.81
N GLU A 65 9.11 15.99 -4.88
CA GLU A 65 8.29 15.89 -6.09
C GLU A 65 9.12 16.21 -7.33
N SER A 66 9.43 15.18 -8.10
CA SER A 66 10.23 15.35 -9.31
C SER A 66 10.03 14.16 -10.26
N THR A 67 10.77 14.18 -11.37
CA THR A 67 10.68 13.11 -12.36
C THR A 67 11.83 12.14 -12.22
N GLN A 68 12.82 12.51 -11.40
CA GLN A 68 13.99 11.67 -11.19
C GLN A 68 13.62 10.41 -10.42
N ASN A 69 14.62 9.61 -10.07
CA ASN A 69 14.40 8.37 -9.33
C ASN A 69 15.04 8.44 -7.95
N TRP A 70 16.03 9.32 -7.80
CA TRP A 70 16.73 9.48 -6.53
C TRP A 70 15.76 9.94 -5.44
N HIS A 71 14.99 10.98 -5.72
CA HIS A 71 14.03 11.51 -4.77
C HIS A 71 13.00 10.45 -4.38
N GLN A 72 12.42 9.80 -5.39
CA GLN A 72 11.43 8.76 -5.15
C GLN A 72 11.90 7.80 -4.07
N LEU A 73 13.14 7.37 -4.17
CA LEU A 73 13.72 6.44 -3.20
C LEU A 73 13.63 7.01 -1.78
N GLU A 74 14.09 8.24 -1.61
CA GLU A 74 14.06 8.89 -0.31
C GLU A 74 12.65 8.87 0.27
N ASN A 75 11.65 8.99 -0.58
CA ASN A 75 10.26 8.98 -0.15
C ASN A 75 9.87 7.61 0.37
N ILE A 76 9.97 6.60 -0.49
CA ILE A 76 9.62 5.23 -0.11
C ILE A 76 10.22 4.87 1.24
N GLY A 77 11.47 5.28 1.45
CA GLY A 77 12.14 4.99 2.71
C GLY A 77 11.39 5.53 3.91
N ASN A 78 10.82 6.72 3.76
CA ASN A 78 10.07 7.35 4.84
C ASN A 78 8.77 6.62 5.10
N PHE A 79 8.08 6.24 4.03
CA PHE A 79 6.81 5.53 4.14
C PHE A 79 7.01 4.19 4.85
N ILE A 80 7.74 3.30 4.22
CA ILE A 80 8.00 1.97 4.80
C ILE A 80 8.19 2.06 6.31
N LYS A 81 9.09 2.93 6.74
CA LYS A 81 9.36 3.11 8.16
C LYS A 81 8.15 3.72 8.87
N ALA A 82 7.49 4.65 8.21
CA ALA A 82 6.31 5.30 8.77
C ALA A 82 5.24 4.28 9.13
N ILE A 83 4.91 3.42 8.16
CA ILE A 83 3.90 2.39 8.38
C ILE A 83 4.31 1.42 9.48
N THR A 84 5.62 1.29 9.67
CA THR A 84 6.15 0.40 10.70
C THR A 84 5.71 0.84 12.09
N LYS A 85 5.65 2.15 12.30
CA LYS A 85 5.25 2.71 13.58
C LYS A 85 3.73 2.75 13.71
N TYR A 86 3.08 3.21 12.65
CA TYR A 86 1.62 3.30 12.64
C TYR A 86 0.98 2.05 13.25
N GLY A 87 1.06 0.94 12.51
CA GLY A 87 0.49 -0.30 13.00
C GLY A 87 0.71 -1.45 12.03
N VAL A 88 1.93 -1.56 11.50
CA VAL A 88 2.26 -2.61 10.56
C VAL A 88 3.59 -3.28 10.92
N LYS A 89 3.54 -4.57 11.19
CA LYS A 89 4.73 -5.33 11.55
C LYS A 89 5.75 -5.32 10.42
N PRO A 90 7.04 -5.35 10.77
CA PRO A 90 8.14 -5.35 9.79
C PRO A 90 8.21 -6.65 9.01
N HIS A 91 7.52 -7.68 9.50
CA HIS A 91 7.51 -8.97 8.83
C HIS A 91 6.50 -8.99 7.68
N ASP A 92 5.77 -7.90 7.52
CA ASP A 92 4.78 -7.79 6.46
C ASP A 92 5.00 -6.52 5.65
N ILE A 93 6.13 -5.86 5.88
CA ILE A 93 6.45 -4.64 5.16
C ILE A 93 7.42 -4.91 4.01
N PHE A 94 7.19 -4.24 2.88
CA PHE A 94 8.04 -4.42 1.71
C PHE A 94 9.27 -3.51 1.80
N GLU A 95 10.32 -3.89 1.07
CA GLU A 95 11.55 -3.12 1.07
C GLU A 95 11.53 -2.07 -0.04
N ALA A 96 12.30 -1.00 0.14
CA ALA A 96 12.37 0.08 -0.84
C ALA A 96 12.60 -0.48 -2.24
N ASN A 97 13.29 -1.62 -2.32
CA ASN A 97 13.58 -2.25 -3.59
C ASN A 97 12.37 -3.02 -4.10
N ASP A 98 11.59 -3.56 -3.18
CA ASP A 98 10.40 -4.34 -3.54
C ASP A 98 9.47 -3.50 -4.42
N LEU A 99 9.36 -2.21 -4.11
CA LEU A 99 8.50 -1.31 -4.86
C LEU A 99 9.31 -0.53 -5.90
N PHE A 100 10.28 0.24 -5.43
CA PHE A 100 11.13 1.03 -6.32
C PHE A 100 11.54 0.21 -7.54
N GLU A 101 12.39 -0.79 -7.30
CA GLU A 101 12.87 -1.65 -8.38
C GLU A 101 11.79 -2.61 -8.84
N ASN A 102 10.60 -2.50 -8.24
CA ASN A 102 9.48 -3.37 -8.57
C ASN A 102 9.93 -4.82 -8.66
N THR A 103 10.98 -5.17 -7.92
CA THR A 103 11.51 -6.52 -7.92
C THR A 103 10.53 -7.49 -7.26
N ASN A 104 9.92 -7.05 -6.17
CA ASN A 104 8.96 -7.87 -5.44
C ASN A 104 7.60 -7.18 -5.34
N HIS A 105 6.70 -7.53 -6.26
CA HIS A 105 5.37 -6.94 -6.27
C HIS A 105 4.51 -7.48 -5.14
N THR A 106 4.30 -8.80 -5.15
CA THR A 106 3.50 -9.45 -4.12
C THR A 106 3.83 -8.91 -2.73
N GLN A 107 5.11 -8.98 -2.36
CA GLN A 107 5.55 -8.50 -1.06
C GLN A 107 4.87 -7.17 -0.71
N VAL A 108 4.78 -6.29 -1.70
CA VAL A 108 4.15 -4.98 -1.50
C VAL A 108 2.65 -5.11 -1.35
N GLN A 109 2.05 -6.03 -2.11
CA GLN A 109 0.62 -6.26 -2.06
C GLN A 109 0.17 -6.55 -0.63
N SER A 110 0.74 -7.59 -0.03
CA SER A 110 0.39 -7.98 1.33
C SER A 110 0.51 -6.79 2.27
N THR A 111 1.66 -6.11 2.24
CA THR A 111 1.90 -4.96 3.09
C THR A 111 0.66 -4.09 3.21
N LEU A 112 0.04 -3.79 2.07
CA LEU A 112 -1.16 -2.97 2.04
C LEU A 112 -2.34 -3.70 2.69
N LEU A 113 -2.61 -4.91 2.21
CA LEU A 113 -3.70 -5.72 2.74
C LEU A 113 -3.86 -5.51 4.24
N ALA A 114 -2.73 -5.47 4.94
CA ALA A 114 -2.73 -5.27 6.39
C ALA A 114 -3.08 -3.82 6.75
N LEU A 115 -2.34 -2.89 6.16
CA LEU A 115 -2.55 -1.47 6.42
C LEU A 115 -4.05 -1.14 6.37
N ALA A 116 -4.75 -1.71 5.40
CA ALA A 116 -6.18 -1.48 5.26
C ALA A 116 -6.91 -1.70 6.58
N SER A 117 -6.59 -2.79 7.25
CA SER A 117 -7.22 -3.13 8.52
C SER A 117 -6.74 -2.18 9.63
N MET A 118 -5.51 -1.71 9.50
CA MET A 118 -4.93 -0.78 10.48
C MET A 118 -5.62 0.58 10.42
N ALA A 119 -6.12 0.92 9.24
CA ALA A 119 -6.80 2.20 9.04
C ALA A 119 -8.29 2.07 9.29
N LYS A 120 -8.85 0.90 8.96
CA LYS A 120 -10.27 0.65 9.15
C LYS A 120 -10.63 0.65 10.63
N THR A 121 -9.81 -0.02 11.44
CA THR A 121 -10.05 -0.09 12.88
C THR A 121 -10.03 1.30 13.50
N LYS A 122 -9.21 2.19 12.97
CA LYS A 122 -9.10 3.55 13.47
C LYS A 122 -10.36 4.36 13.14
N GLY A 123 -10.79 4.28 11.88
CA GLY A 123 -11.98 4.99 11.46
C GLY A 123 -11.79 5.67 10.11
N ASN A 124 -11.30 4.91 9.14
CA ASN A 124 -11.08 5.43 7.79
C ASN A 124 -11.78 4.56 6.75
N LYS A 125 -12.00 5.14 5.58
CA LYS A 125 -12.66 4.42 4.48
C LYS A 125 -11.69 3.47 3.80
N VAL A 126 -11.91 2.17 3.99
CA VAL A 126 -11.05 1.15 3.40
C VAL A 126 -11.84 0.28 2.42
N ASN A 127 -12.83 -0.44 2.93
CA ASN A 127 -13.65 -1.31 2.10
C ASN A 127 -12.79 -2.32 1.34
N VAL A 128 -11.81 -2.88 2.04
CA VAL A 128 -10.90 -3.85 1.43
C VAL A 128 -11.00 -5.20 2.14
N GLY A 129 -11.00 -6.28 1.36
CA GLY A 129 -11.09 -7.61 1.93
C GLY A 129 -9.74 -8.13 2.39
N VAL A 130 -9.35 -7.75 3.61
CA VAL A 130 -8.07 -8.19 4.17
C VAL A 130 -8.18 -9.59 4.74
N SER A 131 -7.40 -10.52 4.18
CA SER A 131 -7.41 -11.90 4.64
C SER A 131 -6.74 -12.03 5.99
N GLY A 132 -7.52 -12.40 7.01
CA GLY A 132 -6.99 -12.55 8.35
C GLY A 132 -7.96 -12.09 9.41
N PRO A 133 -7.95 -12.77 10.56
CA PRO A 133 -8.83 -12.46 11.69
C PRO A 133 -8.46 -11.14 12.36
N SER A 134 -7.40 -10.51 11.87
CA SER A 134 -6.94 -9.23 12.42
C SER A 134 -8.12 -8.39 12.89
N SER A 135 -8.98 -8.01 11.95
CA SER A 135 -10.15 -7.20 12.27
C SER A 135 -11.21 -8.03 12.97
N GLY A 136 -11.14 -8.07 14.30
CA GLY A 136 -12.11 -8.84 15.07
C GLY A 136 -12.03 -10.32 14.78
N GLY A 1 -23.20 -0.46 -1.38
CA GLY A 1 -21.98 0.31 -1.54
C GLY A 1 -21.05 -0.29 -2.57
N SER A 2 -20.32 -1.33 -2.17
CA SER A 2 -19.38 -1.99 -3.06
C SER A 2 -19.98 -3.26 -3.66
N SER A 3 -19.43 -3.72 -4.77
CA SER A 3 -19.91 -4.92 -5.43
C SER A 3 -18.79 -5.93 -5.60
N GLY A 4 -17.73 -5.53 -6.29
CA GLY A 4 -16.60 -6.41 -6.51
C GLY A 4 -16.71 -7.17 -7.81
N SER A 5 -15.58 -7.34 -8.49
CA SER A 5 -15.54 -8.04 -9.77
C SER A 5 -14.17 -8.67 -10.01
N SER A 6 -14.13 -9.67 -10.89
CA SER A 6 -12.88 -10.35 -11.21
C SER A 6 -13.02 -11.16 -12.49
N GLY A 7 -11.89 -11.58 -13.05
CA GLY A 7 -11.91 -12.36 -14.27
C GLY A 7 -12.15 -13.84 -14.01
N ASN A 8 -11.41 -14.69 -14.70
CA ASN A 8 -11.56 -16.13 -14.54
C ASN A 8 -10.24 -16.78 -14.17
N LYS A 9 -9.44 -16.06 -13.38
CA LYS A 9 -8.14 -16.57 -12.93
C LYS A 9 -7.94 -16.31 -11.44
N LEU A 10 -7.08 -17.11 -10.82
CA LEU A 10 -6.79 -16.98 -9.40
C LEU A 10 -5.45 -17.61 -9.05
N ALA A 11 -4.87 -17.19 -7.93
CA ALA A 11 -3.59 -17.71 -7.49
C ALA A 11 -3.39 -17.45 -5.99
N GLN A 12 -2.38 -18.11 -5.42
CA GLN A 12 -2.08 -17.95 -4.00
C GLN A 12 -1.05 -16.84 -3.79
N LYS A 13 -0.34 -16.49 -4.85
CA LYS A 13 0.67 -15.44 -4.79
C LYS A 13 0.01 -14.05 -4.84
N TYR A 14 -0.42 -13.67 -6.04
CA TYR A 14 -1.06 -12.37 -6.23
C TYR A 14 -2.56 -12.53 -6.51
N ASP A 15 -3.34 -11.54 -6.09
CA ASP A 15 -4.78 -11.58 -6.28
C ASP A 15 -5.25 -10.36 -7.06
N HIS A 16 -6.08 -10.60 -8.07
CA HIS A 16 -6.60 -9.51 -8.90
C HIS A 16 -7.62 -8.68 -8.13
N GLN A 17 -8.50 -9.35 -7.41
CA GLN A 17 -9.53 -8.67 -6.63
C GLN A 17 -8.90 -7.70 -5.63
N ARG A 18 -8.08 -8.22 -4.73
CA ARG A 18 -7.42 -7.40 -3.73
C ARG A 18 -6.77 -6.18 -4.38
N GLU A 19 -6.16 -6.38 -5.53
CA GLU A 19 -5.49 -5.31 -6.26
C GLU A 19 -6.50 -4.26 -6.72
N GLN A 20 -7.69 -4.71 -7.10
CA GLN A 20 -8.75 -3.82 -7.56
C GLN A 20 -9.22 -2.90 -6.43
N GLU A 21 -9.44 -3.49 -5.25
CA GLU A 21 -9.89 -2.73 -4.10
C GLU A 21 -8.80 -1.76 -3.62
N LEU A 22 -7.60 -2.28 -3.42
CA LEU A 22 -6.48 -1.47 -2.98
C LEU A 22 -6.45 -0.13 -3.70
N ARG A 23 -6.49 -0.18 -5.03
CA ARG A 23 -6.46 1.03 -5.85
C ARG A 23 -7.59 1.98 -5.44
N GLU A 24 -8.83 1.50 -5.53
CA GLU A 24 -9.98 2.30 -5.17
C GLU A 24 -9.80 2.94 -3.79
N TRP A 25 -9.16 2.21 -2.89
CA TRP A 25 -8.91 2.70 -1.55
C TRP A 25 -7.92 3.86 -1.56
N ILE A 26 -6.77 3.64 -2.17
CA ILE A 26 -5.73 4.67 -2.25
C ILE A 26 -6.21 5.86 -3.08
N GLU A 27 -6.46 5.62 -4.36
CA GLU A 27 -6.92 6.67 -5.26
C GLU A 27 -7.89 7.61 -4.55
N GLY A 28 -8.68 7.06 -3.63
CA GLY A 28 -9.64 7.86 -2.89
C GLY A 28 -9.00 8.58 -1.72
N VAL A 29 -8.31 7.82 -0.87
CA VAL A 29 -7.66 8.40 0.31
C VAL A 29 -6.72 9.53 -0.09
N THR A 30 -5.57 9.18 -0.67
CA THR A 30 -4.59 10.17 -1.08
C THR A 30 -5.19 11.15 -2.09
N GLY A 31 -5.77 10.61 -3.16
CA GLY A 31 -6.38 11.45 -4.18
C GLY A 31 -5.58 11.48 -5.46
N ARG A 32 -4.83 10.40 -5.71
CA ARG A 32 -4.00 10.32 -6.91
C ARG A 32 -4.56 9.26 -7.87
N ARG A 33 -4.02 9.22 -9.07
CA ARG A 33 -4.45 8.26 -10.08
C ARG A 33 -3.37 7.22 -10.34
N ILE A 34 -3.46 6.08 -9.66
CA ILE A 34 -2.49 5.01 -9.82
C ILE A 34 -2.31 4.64 -11.29
N GLY A 35 -3.41 4.60 -12.03
CA GLY A 35 -3.36 4.27 -13.44
C GLY A 35 -3.34 2.77 -13.69
N ASN A 36 -3.50 2.38 -14.94
CA ASN A 36 -3.50 0.97 -15.30
C ASN A 36 -2.45 0.19 -14.51
N ASN A 37 -1.18 0.46 -14.81
CA ASN A 37 -0.08 -0.22 -14.12
C ASN A 37 -0.11 0.09 -12.63
N PHE A 38 -0.74 -0.79 -11.86
CA PHE A 38 -0.84 -0.62 -10.42
C PHE A 38 0.54 -0.46 -9.79
N MET A 39 1.43 -1.39 -10.11
CA MET A 39 2.79 -1.35 -9.57
C MET A 39 3.45 -0.01 -9.89
N ASP A 40 3.67 0.25 -11.18
CA ASP A 40 4.30 1.48 -11.62
C ASP A 40 3.67 2.69 -10.92
N GLY A 41 2.34 2.75 -10.93
CA GLY A 41 1.63 3.85 -10.30
C GLY A 41 2.10 4.10 -8.88
N LEU A 42 2.45 3.03 -8.18
CA LEU A 42 2.91 3.13 -6.80
C LEU A 42 4.44 3.14 -6.74
N LYS A 43 5.07 2.69 -7.81
CA LYS A 43 6.52 2.64 -7.89
C LYS A 43 7.13 3.96 -7.41
N ASP A 44 6.70 5.06 -8.01
CA ASP A 44 7.21 6.37 -7.65
C ASP A 44 7.47 6.46 -6.15
N GLY A 45 6.51 5.99 -5.36
CA GLY A 45 6.67 6.02 -3.92
C GLY A 45 6.03 7.26 -3.29
N ILE A 46 5.98 8.33 -4.06
CA ILE A 46 5.39 9.58 -3.58
C ILE A 46 3.98 9.36 -3.05
N ILE A 47 3.19 8.58 -3.78
CA ILE A 47 1.82 8.28 -3.39
C ILE A 47 1.78 7.58 -2.03
N LEU A 48 2.73 6.67 -1.83
CA LEU A 48 2.80 5.92 -0.57
C LEU A 48 2.91 6.86 0.61
N CYS A 49 3.93 7.71 0.59
CA CYS A 49 4.15 8.67 1.67
C CYS A 49 2.86 9.40 2.03
N GLU A 50 2.11 9.81 1.01
CA GLU A 50 0.86 10.51 1.20
C GLU A 50 -0.20 9.59 1.78
N PHE A 51 -0.06 8.29 1.53
CA PHE A 51 -0.99 7.30 2.02
C PHE A 51 -0.95 7.19 3.53
N ILE A 52 0.22 6.79 4.06
CA ILE A 52 0.39 6.65 5.49
C ILE A 52 0.12 7.97 6.22
N ASN A 53 0.23 9.08 5.48
CA ASN A 53 -0.01 10.39 6.06
C ASN A 53 -1.49 10.61 6.31
N LYS A 54 -2.31 10.34 5.29
CA LYS A 54 -3.75 10.51 5.40
C LYS A 54 -4.30 9.76 6.60
N LEU A 55 -3.58 8.70 7.01
CA LEU A 55 -4.00 7.90 8.16
C LEU A 55 -3.44 8.46 9.45
N GLN A 56 -2.18 8.91 9.40
CA GLN A 56 -1.53 9.48 10.57
C GLN A 56 -1.09 10.91 10.31
N PRO A 57 -1.60 11.85 11.12
CA PRO A 57 -1.27 13.27 10.99
C PRO A 57 0.17 13.57 11.40
N GLY A 58 1.09 13.39 10.46
CA GLY A 58 2.49 13.65 10.74
C GLY A 58 3.37 12.45 10.48
N SER A 59 3.01 11.67 9.46
CA SER A 59 3.77 10.47 9.11
C SER A 59 5.13 10.85 8.52
N VAL A 60 5.10 11.38 7.30
CA VAL A 60 6.33 11.78 6.62
C VAL A 60 6.57 13.28 6.74
N LYS A 61 7.82 13.67 6.97
CA LYS A 61 8.17 15.08 7.10
C LYS A 61 7.82 15.85 5.84
N LYS A 62 8.58 15.59 4.77
CA LYS A 62 8.36 16.26 3.50
C LYS A 62 8.62 15.30 2.33
N ILE A 63 7.83 15.44 1.28
CA ILE A 63 7.97 14.59 0.10
C ILE A 63 8.68 15.34 -1.03
N ASN A 64 9.68 14.70 -1.61
CA ASN A 64 10.44 15.29 -2.70
C ASN A 64 9.53 15.71 -3.85
N GLU A 65 8.99 14.72 -4.55
CA GLU A 65 8.08 14.99 -5.67
C GLU A 65 8.82 15.71 -6.79
N SER A 66 10.01 15.23 -7.12
CA SER A 66 10.81 15.83 -8.18
C SER A 66 11.04 14.85 -9.32
N THR A 67 10.10 13.91 -9.48
CA THR A 67 10.18 12.91 -10.54
C THR A 67 11.63 12.48 -10.77
N GLN A 68 12.40 12.42 -9.68
CA GLN A 68 13.80 12.01 -9.76
C GLN A 68 14.02 10.69 -9.04
N ASN A 69 14.50 9.69 -9.78
CA ASN A 69 14.75 8.37 -9.21
C ASN A 69 15.25 8.49 -7.77
N TRP A 70 16.49 8.93 -7.61
CA TRP A 70 17.08 9.09 -6.28
C TRP A 70 16.08 9.69 -5.31
N HIS A 71 15.38 10.72 -5.74
CA HIS A 71 14.39 11.39 -4.90
C HIS A 71 13.24 10.44 -4.57
N GLN A 72 12.90 9.58 -5.53
CA GLN A 72 11.81 8.62 -5.33
C GLN A 72 12.14 7.65 -4.21
N LEU A 73 13.36 7.12 -4.22
CA LEU A 73 13.79 6.17 -3.19
C LEU A 73 13.63 6.77 -1.80
N GLU A 74 14.15 7.98 -1.62
CA GLU A 74 14.05 8.67 -0.34
C GLU A 74 12.62 8.65 0.19
N ASN A 75 11.66 8.82 -0.71
CA ASN A 75 10.25 8.82 -0.34
C ASN A 75 9.83 7.46 0.20
N ILE A 76 10.01 6.43 -0.62
CA ILE A 76 9.65 5.07 -0.23
C ILE A 76 10.30 4.69 1.10
N GLY A 77 11.52 5.19 1.32
CA GLY A 77 12.22 4.90 2.55
C GLY A 77 11.52 5.45 3.77
N ASN A 78 10.95 6.63 3.63
CA ASN A 78 10.24 7.27 4.74
C ASN A 78 8.90 6.59 4.99
N PHE A 79 8.19 6.26 3.93
CA PHE A 79 6.89 5.61 4.03
C PHE A 79 7.02 4.28 4.77
N ILE A 80 7.77 3.36 4.19
CA ILE A 80 7.96 2.04 4.81
C ILE A 80 8.15 2.16 6.32
N LYS A 81 8.92 3.15 6.74
CA LYS A 81 9.17 3.38 8.16
C LYS A 81 7.96 3.99 8.83
N ALA A 82 7.30 4.91 8.13
CA ALA A 82 6.12 5.58 8.67
C ALA A 82 5.01 4.57 8.99
N ILE A 83 4.93 3.52 8.19
CA ILE A 83 3.92 2.48 8.39
C ILE A 83 4.35 1.50 9.48
N THR A 84 5.65 1.49 9.77
CA THR A 84 6.19 0.60 10.79
C THR A 84 5.78 1.05 12.19
N LYS A 85 5.64 2.36 12.37
CA LYS A 85 5.26 2.92 13.65
C LYS A 85 3.74 2.97 13.79
N TYR A 86 3.06 3.30 12.69
CA TYR A 86 1.60 3.37 12.69
C TYR A 86 0.99 2.14 13.34
N GLY A 87 1.07 1.01 12.64
CA GLY A 87 0.51 -0.23 13.18
C GLY A 87 0.76 -1.41 12.26
N VAL A 88 1.97 -1.50 11.72
CA VAL A 88 2.33 -2.59 10.82
C VAL A 88 3.69 -3.17 11.19
N LYS A 89 3.72 -4.50 11.33
CA LYS A 89 4.96 -5.20 11.69
C LYS A 89 5.93 -5.19 10.52
N PRO A 90 7.24 -5.20 10.84
CA PRO A 90 8.30 -5.19 9.83
C PRO A 90 8.38 -6.52 9.07
N HIS A 91 7.72 -7.53 9.60
CA HIS A 91 7.71 -8.85 8.96
C HIS A 91 6.64 -8.93 7.88
N ASP A 92 5.86 -7.87 7.75
CA ASP A 92 4.79 -7.81 6.75
C ASP A 92 4.94 -6.56 5.88
N ILE A 93 6.07 -5.89 5.99
CA ILE A 93 6.33 -4.69 5.21
C ILE A 93 7.30 -4.97 4.07
N PHE A 94 7.10 -4.28 2.96
CA PHE A 94 7.97 -4.45 1.79
C PHE A 94 9.21 -3.56 1.89
N GLU A 95 10.16 -3.79 0.99
CA GLU A 95 11.40 -3.02 0.98
C GLU A 95 11.38 -1.97 -0.11
N ALA A 96 12.17 -0.91 0.06
CA ALA A 96 12.24 0.17 -0.92
C ALA A 96 12.46 -0.38 -2.32
N ASN A 97 13.30 -1.41 -2.43
CA ASN A 97 13.59 -2.02 -3.72
C ASN A 97 12.39 -2.81 -4.23
N ASP A 98 11.72 -3.51 -3.32
CA ASP A 98 10.55 -4.30 -3.66
C ASP A 98 9.57 -3.50 -4.52
N LEU A 99 9.38 -2.23 -4.16
CA LEU A 99 8.48 -1.35 -4.89
C LEU A 99 9.23 -0.57 -5.96
N PHE A 100 10.31 0.10 -5.54
CA PHE A 100 11.10 0.89 -6.46
C PHE A 100 11.55 0.06 -7.66
N GLU A 101 12.18 -1.08 -7.39
CA GLU A 101 12.65 -1.97 -8.44
C GLU A 101 11.55 -2.95 -8.86
N ASN A 102 10.37 -2.78 -8.28
CA ASN A 102 9.23 -3.64 -8.58
C ASN A 102 9.69 -5.08 -8.82
N THR A 103 10.42 -5.62 -7.84
CA THR A 103 10.93 -6.99 -7.94
C THR A 103 10.12 -7.94 -7.06
N ASN A 104 9.46 -7.37 -6.05
CA ASN A 104 8.65 -8.17 -5.13
C ASN A 104 7.22 -7.64 -5.06
N HIS A 105 6.58 -7.55 -6.23
CA HIS A 105 5.20 -7.05 -6.30
C HIS A 105 4.37 -7.60 -5.15
N THR A 106 4.09 -8.90 -5.19
CA THR A 106 3.29 -9.54 -4.14
C THR A 106 3.64 -8.98 -2.77
N GLN A 107 4.91 -9.09 -2.39
CA GLN A 107 5.37 -8.59 -1.10
C GLN A 107 4.74 -7.23 -0.79
N VAL A 108 4.79 -6.33 -1.75
CA VAL A 108 4.24 -4.99 -1.58
C VAL A 108 2.72 -5.05 -1.37
N GLN A 109 2.07 -5.98 -2.06
CA GLN A 109 0.63 -6.14 -1.96
C GLN A 109 0.23 -6.54 -0.53
N SER A 110 0.81 -7.63 -0.05
CA SER A 110 0.52 -8.12 1.29
C SER A 110 0.61 -6.99 2.31
N THR A 111 1.69 -6.21 2.24
CA THR A 111 1.90 -5.11 3.14
C THR A 111 0.64 -4.25 3.27
N LEU A 112 0.07 -3.88 2.14
CA LEU A 112 -1.15 -3.07 2.13
C LEU A 112 -2.32 -3.82 2.78
N LEU A 113 -2.56 -5.04 2.31
CA LEU A 113 -3.63 -5.86 2.85
C LEU A 113 -3.79 -5.64 4.36
N ALA A 114 -2.66 -5.53 5.06
CA ALA A 114 -2.67 -5.32 6.49
C ALA A 114 -3.04 -3.89 6.83
N LEU A 115 -2.34 -2.94 6.23
CA LEU A 115 -2.58 -1.52 6.47
C LEU A 115 -4.09 -1.24 6.53
N ALA A 116 -4.81 -1.69 5.52
CA ALA A 116 -6.25 -1.49 5.45
C ALA A 116 -6.91 -1.86 6.79
N SER A 117 -6.60 -3.05 7.28
CA SER A 117 -7.17 -3.52 8.55
C SER A 117 -6.73 -2.62 9.70
N MET A 118 -5.53 -2.08 9.60
CA MET A 118 -4.99 -1.21 10.64
C MET A 118 -5.73 0.12 10.67
N ALA A 119 -6.11 0.61 9.49
CA ALA A 119 -6.83 1.88 9.38
C ALA A 119 -8.32 1.67 9.61
N LYS A 120 -8.78 0.43 9.51
CA LYS A 120 -10.18 0.10 9.70
C LYS A 120 -10.55 0.16 11.18
N THR A 121 -9.76 -0.48 12.02
CA THR A 121 -10.00 -0.50 13.45
C THR A 121 -10.03 0.93 14.02
N LYS A 122 -9.22 1.81 13.43
CA LYS A 122 -9.16 3.19 13.88
C LYS A 122 -10.43 3.95 13.48
N GLY A 123 -10.85 3.79 12.24
CA GLY A 123 -12.04 4.47 11.76
C GLY A 123 -11.83 5.17 10.44
N ASN A 124 -11.15 4.50 9.52
CA ASN A 124 -10.87 5.08 8.20
C ASN A 124 -11.62 4.32 7.11
N LYS A 125 -12.30 5.05 6.24
CA LYS A 125 -13.04 4.45 5.14
C LYS A 125 -12.14 3.56 4.29
N VAL A 126 -12.29 2.25 4.44
CA VAL A 126 -11.49 1.29 3.68
C VAL A 126 -12.37 0.28 2.96
N ASN A 127 -12.32 0.31 1.63
CA ASN A 127 -13.11 -0.60 0.82
C ASN A 127 -12.28 -1.78 0.34
N VAL A 128 -11.42 -2.28 1.22
CA VAL A 128 -10.56 -3.41 0.88
C VAL A 128 -11.02 -4.69 1.59
N GLY A 129 -11.35 -5.70 0.80
CA GLY A 129 -11.81 -6.96 1.36
C GLY A 129 -10.68 -7.78 1.95
N VAL A 130 -10.22 -7.39 3.14
CA VAL A 130 -9.14 -8.09 3.80
C VAL A 130 -9.65 -9.34 4.51
N SER A 131 -8.87 -10.42 4.44
CA SER A 131 -9.25 -11.68 5.07
C SER A 131 -8.26 -12.04 6.18
N GLY A 132 -8.78 -12.13 7.40
CA GLY A 132 -7.93 -12.46 8.54
C GLY A 132 -7.92 -13.95 8.82
N PRO A 133 -6.99 -14.39 9.69
CA PRO A 133 -6.85 -15.79 10.06
C PRO A 133 -8.02 -16.29 10.91
N SER A 134 -8.84 -17.15 10.33
CA SER A 134 -10.00 -17.71 11.03
C SER A 134 -9.99 -19.22 10.98
N SER A 135 -9.53 -19.85 12.06
CA SER A 135 -9.47 -21.30 12.13
C SER A 135 -10.50 -21.84 13.13
N GLY A 136 -10.51 -21.25 14.33
CA GLY A 136 -11.44 -21.68 15.35
C GLY A 136 -10.75 -22.04 16.65
N GLY A 1 -13.66 -12.37 -19.00
CA GLY A 1 -13.67 -11.04 -19.56
C GLY A 1 -14.02 -9.98 -18.53
N SER A 2 -14.53 -8.84 -18.99
CA SER A 2 -14.90 -7.75 -18.11
C SER A 2 -16.30 -7.96 -17.53
N SER A 3 -16.37 -8.68 -16.41
CA SER A 3 -17.65 -8.97 -15.77
C SER A 3 -17.44 -9.42 -14.33
N GLY A 4 -18.53 -9.61 -13.61
CA GLY A 4 -18.45 -10.05 -12.22
C GLY A 4 -18.39 -11.56 -12.10
N SER A 5 -17.39 -12.16 -12.73
CA SER A 5 -17.22 -13.61 -12.68
C SER A 5 -15.76 -13.99 -12.55
N SER A 6 -15.51 -15.14 -11.94
CA SER A 6 -14.14 -15.61 -11.74
C SER A 6 -13.74 -16.62 -12.82
N GLY A 7 -12.46 -16.67 -13.13
CA GLY A 7 -11.97 -17.58 -14.15
C GLY A 7 -10.62 -18.18 -13.80
N ASN A 8 -9.56 -17.55 -14.28
CA ASN A 8 -8.20 -18.03 -14.02
C ASN A 8 -7.57 -17.28 -12.85
N LYS A 9 -8.32 -17.16 -11.75
CA LYS A 9 -7.83 -16.46 -10.56
C LYS A 9 -7.14 -17.43 -9.61
N LEU A 10 -6.39 -18.37 -10.17
CA LEU A 10 -5.66 -19.35 -9.37
C LEU A 10 -4.33 -18.79 -8.90
N ALA A 11 -4.30 -18.29 -7.67
CA ALA A 11 -3.09 -17.73 -7.10
C ALA A 11 -3.25 -17.46 -5.61
N GLN A 12 -2.21 -17.76 -4.84
CA GLN A 12 -2.24 -17.55 -3.39
C GLN A 12 -1.32 -16.41 -2.99
N LYS A 13 -0.38 -16.08 -3.86
CA LYS A 13 0.57 -15.00 -3.60
C LYS A 13 0.04 -13.67 -4.10
N TYR A 14 -1.13 -13.71 -4.74
CA TYR A 14 -1.75 -12.50 -5.27
C TYR A 14 -3.23 -12.73 -5.58
N ASP A 15 -3.98 -11.64 -5.69
CA ASP A 15 -5.41 -11.73 -5.99
C ASP A 15 -5.86 -10.56 -6.85
N HIS A 16 -6.61 -10.86 -7.90
CA HIS A 16 -7.11 -9.83 -8.81
C HIS A 16 -8.15 -8.96 -8.13
N GLN A 17 -8.87 -9.54 -7.18
CA GLN A 17 -9.92 -8.82 -6.45
C GLN A 17 -9.29 -7.77 -5.54
N ARG A 18 -8.43 -8.21 -4.63
CA ARG A 18 -7.77 -7.31 -3.69
C ARG A 18 -7.12 -6.14 -4.43
N GLU A 19 -6.45 -6.45 -5.53
CA GLU A 19 -5.79 -5.42 -6.33
C GLU A 19 -6.79 -4.40 -6.86
N GLN A 20 -8.05 -4.82 -6.96
CA GLN A 20 -9.11 -3.95 -7.45
C GLN A 20 -9.69 -3.10 -6.33
N GLU A 21 -9.64 -3.64 -5.11
CA GLU A 21 -10.17 -2.93 -3.95
C GLU A 21 -9.10 -2.02 -3.34
N LEU A 22 -7.84 -2.36 -3.57
CA LEU A 22 -6.73 -1.58 -3.04
C LEU A 22 -6.66 -0.22 -3.71
N ARG A 23 -6.57 -0.21 -5.04
CA ARG A 23 -6.50 1.03 -5.80
C ARG A 23 -7.66 1.95 -5.46
N GLU A 24 -8.84 1.36 -5.28
CA GLU A 24 -10.04 2.12 -4.95
C GLU A 24 -9.90 2.78 -3.58
N TRP A 25 -9.06 2.21 -2.75
CA TRP A 25 -8.83 2.75 -1.40
C TRP A 25 -7.84 3.91 -1.43
N ILE A 26 -6.70 3.68 -2.08
CA ILE A 26 -5.67 4.71 -2.20
C ILE A 26 -6.12 5.85 -3.10
N GLU A 27 -6.55 5.51 -4.31
CA GLU A 27 -7.01 6.51 -5.26
C GLU A 27 -7.94 7.51 -4.60
N GLY A 28 -8.66 7.04 -3.58
CA GLY A 28 -9.59 7.92 -2.86
C GLY A 28 -8.92 8.67 -1.73
N VAL A 29 -8.28 7.94 -0.83
CA VAL A 29 -7.60 8.55 0.30
C VAL A 29 -6.65 9.66 -0.15
N THR A 30 -5.52 9.27 -0.74
CA THR A 30 -4.54 10.23 -1.21
C THR A 30 -5.13 11.15 -2.28
N GLY A 31 -5.72 10.54 -3.30
CA GLY A 31 -6.33 11.31 -4.38
C GLY A 31 -5.49 11.29 -5.64
N ARG A 32 -4.53 10.38 -5.70
CA ARG A 32 -3.65 10.26 -6.86
C ARG A 32 -4.17 9.21 -7.83
N ARG A 33 -4.16 9.54 -9.12
CA ARG A 33 -4.64 8.61 -10.15
C ARG A 33 -3.59 7.55 -10.45
N ILE A 34 -3.66 6.44 -9.72
CA ILE A 34 -2.72 5.35 -9.91
C ILE A 34 -2.64 4.94 -11.37
N GLY A 35 -3.79 4.67 -11.97
CA GLY A 35 -3.84 4.27 -13.37
C GLY A 35 -3.71 2.77 -13.55
N ASN A 36 -3.77 2.32 -14.79
CA ASN A 36 -3.66 0.90 -15.10
C ASN A 36 -2.57 0.24 -14.27
N ASN A 37 -1.32 0.50 -14.64
CA ASN A 37 -0.18 -0.06 -13.92
C ASN A 37 -0.25 0.28 -12.44
N PHE A 38 -0.69 -0.68 -11.63
CA PHE A 38 -0.80 -0.47 -10.19
C PHE A 38 0.58 -0.37 -9.55
N MET A 39 1.48 -1.25 -9.96
CA MET A 39 2.84 -1.25 -9.43
C MET A 39 3.59 0.00 -9.84
N ASP A 40 3.86 0.13 -11.14
CA ASP A 40 4.56 1.29 -11.67
C ASP A 40 3.98 2.58 -11.12
N GLY A 41 2.67 2.61 -10.96
CA GLY A 41 2.01 3.80 -10.44
C GLY A 41 2.44 4.13 -9.03
N LEU A 42 2.79 3.10 -8.27
CA LEU A 42 3.22 3.28 -6.88
C LEU A 42 4.73 3.26 -6.78
N LYS A 43 5.40 2.84 -7.85
CA LYS A 43 6.85 2.78 -7.88
C LYS A 43 7.46 4.11 -7.47
N ASP A 44 6.90 5.20 -8.00
CA ASP A 44 7.39 6.54 -7.68
C ASP A 44 7.77 6.65 -6.20
N GLY A 45 6.96 6.03 -5.34
CA GLY A 45 7.22 6.07 -3.92
C GLY A 45 6.57 7.27 -3.25
N ILE A 46 5.97 8.14 -4.04
CA ILE A 46 5.31 9.33 -3.51
C ILE A 46 3.90 9.00 -3.02
N ILE A 47 3.12 8.35 -3.87
CA ILE A 47 1.75 7.98 -3.52
C ILE A 47 1.70 7.33 -2.14
N LEU A 48 2.65 6.45 -1.86
CA LEU A 48 2.71 5.76 -0.58
C LEU A 48 2.86 6.76 0.57
N CYS A 49 3.93 7.55 0.52
CA CYS A 49 4.20 8.55 1.54
C CYS A 49 2.92 9.34 1.88
N GLU A 50 2.25 9.81 0.84
CA GLU A 50 1.02 10.58 1.02
C GLU A 50 -0.09 9.71 1.60
N PHE A 51 0.01 8.41 1.36
CA PHE A 51 -0.98 7.46 1.87
C PHE A 51 -0.95 7.38 3.38
N ILE A 52 0.10 6.78 3.92
CA ILE A 52 0.25 6.65 5.37
C ILE A 52 0.11 8.00 6.06
N ASN A 53 0.31 9.07 5.30
CA ASN A 53 0.21 10.42 5.85
C ASN A 53 -1.24 10.79 6.13
N LYS A 54 -2.12 10.50 5.17
CA LYS A 54 -3.54 10.80 5.33
C LYS A 54 -4.13 10.04 6.52
N LEU A 55 -3.57 8.86 6.80
CA LEU A 55 -4.04 8.05 7.91
C LEU A 55 -3.53 8.59 9.24
N GLN A 56 -2.27 9.01 9.26
CA GLN A 56 -1.66 9.56 10.47
C GLN A 56 -1.14 10.97 10.24
N PRO A 57 -1.62 11.92 11.05
CA PRO A 57 -1.20 13.33 10.95
C PRO A 57 0.25 13.54 11.37
N GLY A 58 1.16 13.34 10.43
CA GLY A 58 2.57 13.51 10.72
C GLY A 58 3.39 12.28 10.42
N SER A 59 2.96 11.52 9.40
CA SER A 59 3.67 10.30 9.01
C SER A 59 4.99 10.62 8.35
N VAL A 60 4.94 11.32 7.23
CA VAL A 60 6.15 11.71 6.50
C VAL A 60 6.41 13.20 6.60
N LYS A 61 7.46 13.57 7.32
CA LYS A 61 7.83 14.98 7.48
C LYS A 61 7.66 15.74 6.18
N LYS A 62 8.37 15.31 5.14
CA LYS A 62 8.31 15.95 3.83
C LYS A 62 8.33 14.91 2.72
N ILE A 63 7.61 15.20 1.64
CA ILE A 63 7.56 14.29 0.49
C ILE A 63 8.12 14.95 -0.76
N ASN A 64 9.01 14.22 -1.45
CA ASN A 64 9.63 14.74 -2.66
C ASN A 64 8.77 14.41 -3.88
N GLU A 65 8.52 15.43 -4.71
CA GLU A 65 7.72 15.26 -5.90
C GLU A 65 8.59 15.32 -7.16
N SER A 66 9.83 14.86 -7.04
CA SER A 66 10.77 14.87 -8.15
C SER A 66 10.88 13.49 -8.77
N THR A 67 10.94 13.44 -10.10
CA THR A 67 11.05 12.18 -10.82
C THR A 67 12.42 11.55 -10.62
N GLN A 68 13.37 12.35 -10.15
CA GLN A 68 14.73 11.87 -9.91
C GLN A 68 14.72 10.62 -9.04
N ASN A 69 15.33 9.55 -9.54
CA ASN A 69 15.40 8.29 -8.80
C ASN A 69 15.72 8.54 -7.33
N TRP A 70 16.85 9.18 -7.08
CA TRP A 70 17.29 9.47 -5.72
C TRP A 70 16.10 9.88 -4.85
N HIS A 71 15.41 10.95 -5.26
CA HIS A 71 14.26 11.43 -4.52
C HIS A 71 13.18 10.36 -4.41
N GLN A 72 12.87 9.73 -5.54
CA GLN A 72 11.85 8.68 -5.57
C GLN A 72 12.09 7.66 -4.46
N LEU A 73 13.35 7.27 -4.29
CA LEU A 73 13.71 6.29 -3.26
C LEU A 73 13.54 6.90 -1.87
N GLU A 74 14.23 8.01 -1.62
CA GLU A 74 14.16 8.67 -0.33
C GLU A 74 12.73 8.72 0.19
N ASN A 75 11.78 8.85 -0.73
CA ASN A 75 10.36 8.91 -0.37
C ASN A 75 9.91 7.57 0.22
N ILE A 76 10.04 6.51 -0.58
CA ILE A 76 9.64 5.18 -0.14
C ILE A 76 10.20 4.85 1.25
N GLY A 77 11.43 5.29 1.49
CA GLY A 77 12.06 5.04 2.78
C GLY A 77 11.25 5.59 3.93
N ASN A 78 10.78 6.82 3.79
CA ASN A 78 9.99 7.46 4.83
C ASN A 78 8.69 6.70 5.08
N PHE A 79 8.03 6.30 4.00
CA PHE A 79 6.78 5.55 4.09
C PHE A 79 6.98 4.25 4.85
N ILE A 80 7.74 3.33 4.25
CA ILE A 80 8.02 2.04 4.86
C ILE A 80 8.20 2.18 6.37
N LYS A 81 8.98 3.17 6.77
CA LYS A 81 9.24 3.42 8.19
C LYS A 81 8.00 3.98 8.88
N ALA A 82 7.34 4.92 8.21
CA ALA A 82 6.14 5.54 8.76
C ALA A 82 5.09 4.50 9.09
N ILE A 83 4.82 3.60 8.15
CA ILE A 83 3.82 2.55 8.34
C ILE A 83 4.23 1.62 9.47
N THR A 84 5.54 1.49 9.68
CA THR A 84 6.06 0.62 10.73
C THR A 84 5.61 1.10 12.11
N LYS A 85 5.42 2.41 12.25
CA LYS A 85 4.99 2.98 13.51
C LYS A 85 3.47 2.96 13.63
N TYR A 86 2.79 3.32 12.55
CA TYR A 86 1.33 3.34 12.53
C TYR A 86 0.76 2.08 13.15
N GLY A 87 0.96 0.95 12.48
CA GLY A 87 0.45 -0.31 12.99
C GLY A 87 0.76 -1.47 12.06
N VAL A 88 1.97 -1.48 11.50
CA VAL A 88 2.38 -2.53 10.58
C VAL A 88 3.76 -3.07 10.95
N LYS A 89 3.84 -4.38 11.15
CA LYS A 89 5.10 -5.02 11.50
C LYS A 89 6.07 -5.02 10.33
N PRO A 90 7.37 -5.09 10.62
CA PRO A 90 8.42 -5.09 9.61
C PRO A 90 8.44 -6.39 8.79
N HIS A 91 7.78 -7.43 9.32
CA HIS A 91 7.72 -8.71 8.64
C HIS A 91 6.67 -8.69 7.53
N ASP A 92 5.71 -7.78 7.65
CA ASP A 92 4.65 -7.66 6.66
C ASP A 92 4.88 -6.44 5.77
N ILE A 93 6.00 -5.76 5.98
CA ILE A 93 6.34 -4.58 5.20
C ILE A 93 7.35 -4.92 4.10
N PHE A 94 7.21 -4.25 2.96
CA PHE A 94 8.10 -4.48 1.83
C PHE A 94 9.37 -3.65 1.95
N GLU A 95 10.37 -3.95 1.12
CA GLU A 95 11.63 -3.22 1.15
C GLU A 95 11.65 -2.13 0.09
N ALA A 96 12.53 -1.15 0.28
CA ALA A 96 12.65 -0.04 -0.66
C ALA A 96 12.84 -0.55 -2.09
N ASN A 97 13.64 -1.59 -2.24
CA ASN A 97 13.92 -2.17 -3.55
C ASN A 97 12.72 -2.97 -4.05
N ASP A 98 12.05 -3.66 -3.13
CA ASP A 98 10.89 -4.47 -3.47
C ASP A 98 9.90 -3.67 -4.31
N LEU A 99 9.79 -2.37 -4.01
CA LEU A 99 8.88 -1.50 -4.73
C LEU A 99 9.62 -0.72 -5.82
N PHE A 100 10.62 0.06 -5.40
CA PHE A 100 11.41 0.85 -6.34
C PHE A 100 11.86 0.01 -7.53
N GLU A 101 12.60 -1.05 -7.24
CA GLU A 101 13.09 -1.94 -8.29
C GLU A 101 11.97 -2.86 -8.80
N ASN A 102 10.86 -2.90 -8.06
CA ASN A 102 9.73 -3.72 -8.44
C ASN A 102 10.12 -5.20 -8.47
N THR A 103 11.10 -5.56 -7.65
CA THR A 103 11.57 -6.95 -7.59
C THR A 103 10.53 -7.85 -6.95
N ASN A 104 9.85 -7.33 -5.93
CA ASN A 104 8.82 -8.09 -5.22
C ASN A 104 7.48 -7.37 -5.28
N HIS A 105 6.58 -7.86 -6.12
CA HIS A 105 5.26 -7.27 -6.27
C HIS A 105 4.33 -7.74 -5.16
N THR A 106 4.18 -9.06 -5.03
CA THR A 106 3.32 -9.63 -4.01
C THR A 106 3.65 -9.08 -2.63
N GLN A 107 4.91 -9.19 -2.24
CA GLN A 107 5.35 -8.69 -0.94
C GLN A 107 4.77 -7.30 -0.66
N VAL A 108 4.81 -6.44 -1.67
CA VAL A 108 4.30 -5.08 -1.54
C VAL A 108 2.78 -5.09 -1.41
N GLN A 109 2.13 -5.90 -2.24
CA GLN A 109 0.67 -5.99 -2.22
C GLN A 109 0.16 -6.33 -0.82
N SER A 110 0.70 -7.41 -0.24
CA SER A 110 0.30 -7.84 1.08
C SER A 110 0.41 -6.70 2.08
N THR A 111 1.59 -6.07 2.11
CA THR A 111 1.83 -4.96 3.03
C THR A 111 0.60 -4.06 3.15
N LEU A 112 -0.07 -3.83 2.03
CA LEU A 112 -1.26 -2.99 2.01
C LEU A 112 -2.45 -3.73 2.63
N LEU A 113 -2.66 -4.97 2.20
CA LEU A 113 -3.76 -5.77 2.70
C LEU A 113 -3.90 -5.62 4.22
N ALA A 114 -2.76 -5.51 4.90
CA ALA A 114 -2.76 -5.35 6.35
C ALA A 114 -3.11 -3.92 6.74
N LEU A 115 -2.42 -2.96 6.14
CA LEU A 115 -2.65 -1.55 6.42
C LEU A 115 -4.14 -1.25 6.48
N ALA A 116 -4.87 -1.67 5.46
CA ALA A 116 -6.31 -1.45 5.39
C ALA A 116 -6.98 -1.77 6.73
N SER A 117 -6.64 -2.92 7.29
CA SER A 117 -7.21 -3.35 8.57
C SER A 117 -6.72 -2.46 9.70
N MET A 118 -5.51 -1.94 9.56
CA MET A 118 -4.91 -1.07 10.57
C MET A 118 -5.66 0.26 10.65
N ALA A 119 -6.24 0.67 9.53
CA ALA A 119 -6.99 1.93 9.46
C ALA A 119 -8.46 1.69 9.80
N LYS A 120 -8.94 0.48 9.57
CA LYS A 120 -10.33 0.13 9.84
C LYS A 120 -10.58 0.02 11.35
N THR A 121 -9.61 -0.56 12.06
CA THR A 121 -9.72 -0.72 13.50
C THR A 121 -9.77 0.63 14.21
N LYS A 122 -9.02 1.60 13.67
CA LYS A 122 -8.98 2.92 14.26
C LYS A 122 -10.32 3.65 14.07
N GLY A 123 -10.89 3.53 12.88
CA GLY A 123 -12.16 4.17 12.59
C GLY A 123 -12.16 4.87 11.25
N ASN A 124 -11.46 4.30 10.28
CA ASN A 124 -11.38 4.88 8.94
C ASN A 124 -12.02 3.94 7.91
N LYS A 125 -13.21 4.31 7.44
CA LYS A 125 -13.91 3.50 6.46
C LYS A 125 -12.95 3.00 5.38
N VAL A 126 -13.04 1.71 5.07
CA VAL A 126 -12.17 1.10 4.07
C VAL A 126 -12.96 0.12 3.20
N ASN A 127 -12.81 0.25 1.89
CA ASN A 127 -13.51 -0.62 0.95
C ASN A 127 -12.83 -1.99 0.88
N VAL A 128 -11.49 -1.99 0.94
CA VAL A 128 -10.73 -3.22 0.89
C VAL A 128 -11.37 -4.31 1.72
N GLY A 129 -11.84 -5.37 1.05
CA GLY A 129 -12.48 -6.47 1.75
C GLY A 129 -11.70 -6.91 2.97
N VAL A 130 -10.72 -7.77 2.77
CA VAL A 130 -9.90 -8.28 3.87
C VAL A 130 -10.74 -8.53 5.11
N SER A 131 -12.03 -8.79 4.91
CA SER A 131 -12.95 -9.04 6.01
C SER A 131 -12.62 -10.36 6.69
N GLY A 132 -11.61 -10.34 7.56
CA GLY A 132 -11.21 -11.54 8.27
C GLY A 132 -9.74 -11.53 8.64
N PRO A 133 -9.31 -12.58 9.36
CA PRO A 133 -7.91 -12.72 9.79
C PRO A 133 -6.95 -12.97 8.63
N SER A 134 -7.52 -13.36 7.48
CA SER A 134 -6.71 -13.64 6.31
C SER A 134 -5.84 -12.44 5.95
N SER A 135 -4.62 -12.73 5.48
CA SER A 135 -3.68 -11.67 5.09
C SER A 135 -3.81 -10.47 6.03
N GLY A 136 -3.91 -10.75 7.33
CA GLY A 136 -4.03 -9.68 8.30
C GLY A 136 -3.44 -10.05 9.65
N GLY A 1 -22.53 -0.33 -11.38
CA GLY A 1 -22.21 -1.73 -11.59
C GLY A 1 -22.01 -2.49 -10.30
N SER A 2 -20.77 -2.56 -9.84
CA SER A 2 -20.46 -3.27 -8.61
C SER A 2 -20.78 -4.76 -8.72
N SER A 3 -20.43 -5.34 -9.87
CA SER A 3 -20.69 -6.75 -10.11
C SER A 3 -19.55 -7.38 -10.90
N GLY A 4 -19.03 -8.50 -10.40
CA GLY A 4 -17.94 -9.18 -11.07
C GLY A 4 -16.96 -9.81 -10.10
N SER A 5 -16.67 -11.09 -10.28
CA SER A 5 -15.74 -11.81 -9.42
C SER A 5 -14.98 -12.87 -10.19
N SER A 6 -13.67 -12.69 -10.32
CA SER A 6 -12.83 -13.63 -11.04
C SER A 6 -11.77 -14.23 -10.12
N GLY A 7 -12.13 -15.36 -9.50
CA GLY A 7 -11.20 -16.03 -8.61
C GLY A 7 -11.80 -17.26 -7.96
N ASN A 8 -11.35 -18.43 -8.40
CA ASN A 8 -11.85 -19.69 -7.87
C ASN A 8 -10.90 -20.25 -6.81
N LYS A 9 -9.61 -20.30 -7.15
CA LYS A 9 -8.61 -20.82 -6.22
C LYS A 9 -8.29 -19.79 -5.14
N LEU A 10 -7.97 -20.28 -3.95
CA LEU A 10 -7.65 -19.40 -2.82
C LEU A 10 -6.23 -18.87 -2.94
N ALA A 11 -6.12 -17.59 -3.30
CA ALA A 11 -4.83 -16.94 -3.45
C ALA A 11 -4.44 -16.18 -2.18
N GLN A 12 -3.23 -16.43 -1.69
CA GLN A 12 -2.75 -15.77 -0.49
C GLN A 12 -1.54 -14.89 -0.79
N LYS A 13 -0.90 -15.16 -1.92
CA LYS A 13 0.28 -14.40 -2.34
C LYS A 13 -0.13 -13.21 -3.20
N TYR A 14 -1.11 -13.41 -4.07
CA TYR A 14 -1.60 -12.36 -4.95
C TYR A 14 -3.06 -12.58 -5.30
N ASP A 15 -3.91 -11.64 -4.88
CA ASP A 15 -5.33 -11.73 -5.16
C ASP A 15 -5.76 -10.68 -6.18
N HIS A 16 -6.17 -11.14 -7.36
CA HIS A 16 -6.59 -10.24 -8.43
C HIS A 16 -7.74 -9.35 -7.96
N GLN A 17 -8.65 -9.92 -7.18
CA GLN A 17 -9.80 -9.19 -6.67
C GLN A 17 -9.34 -8.05 -5.75
N ARG A 18 -8.51 -8.37 -4.78
CA ARG A 18 -8.00 -7.37 -3.83
C ARG A 18 -7.34 -6.21 -4.58
N GLU A 19 -6.49 -6.54 -5.54
CA GLU A 19 -5.79 -5.53 -6.31
C GLU A 19 -6.71 -4.34 -6.60
N GLN A 20 -7.92 -4.63 -7.07
CA GLN A 20 -8.89 -3.58 -7.37
C GLN A 20 -9.24 -2.78 -6.13
N GLU A 21 -9.59 -3.49 -5.05
CA GLU A 21 -9.95 -2.84 -3.81
C GLU A 21 -8.86 -1.87 -3.35
N LEU A 22 -7.62 -2.32 -3.44
CA LEU A 22 -6.48 -1.50 -3.04
C LEU A 22 -6.53 -0.13 -3.71
N ARG A 23 -6.31 -0.11 -5.02
CA ARG A 23 -6.34 1.14 -5.78
C ARG A 23 -7.60 1.93 -5.47
N GLU A 24 -8.72 1.23 -5.35
CA GLU A 24 -10.00 1.87 -5.06
C GLU A 24 -9.96 2.55 -3.69
N TRP A 25 -9.11 2.05 -2.81
CA TRP A 25 -8.98 2.61 -1.46
C TRP A 25 -7.97 3.76 -1.45
N ILE A 26 -6.85 3.55 -2.13
CA ILE A 26 -5.80 4.56 -2.19
C ILE A 26 -6.24 5.77 -3.01
N GLU A 27 -6.44 5.55 -4.31
CA GLU A 27 -6.86 6.63 -5.20
C GLU A 27 -7.93 7.50 -4.53
N GLY A 28 -8.71 6.89 -3.66
CA GLY A 28 -9.75 7.63 -2.97
C GLY A 28 -9.23 8.41 -1.78
N VAL A 29 -8.25 7.83 -1.09
CA VAL A 29 -7.66 8.49 0.08
C VAL A 29 -6.77 9.66 -0.34
N THR A 30 -5.59 9.34 -0.88
CA THR A 30 -4.66 10.37 -1.32
C THR A 30 -5.25 11.20 -2.44
N GLY A 31 -5.75 10.53 -3.47
CA GLY A 31 -6.35 11.23 -4.60
C GLY A 31 -5.53 11.08 -5.86
N ARG A 32 -4.33 10.51 -5.73
CA ARG A 32 -3.45 10.31 -6.88
C ARG A 32 -4.01 9.24 -7.82
N ARG A 33 -3.96 9.53 -9.12
CA ARG A 33 -4.46 8.60 -10.13
C ARG A 33 -3.41 7.54 -10.46
N ILE A 34 -3.43 6.44 -9.71
CA ILE A 34 -2.48 5.36 -9.94
C ILE A 34 -2.51 4.89 -11.39
N GLY A 35 -3.70 4.76 -11.94
CA GLY A 35 -3.85 4.32 -13.31
C GLY A 35 -3.66 2.83 -13.47
N ASN A 36 -3.88 2.33 -14.69
CA ASN A 36 -3.73 0.90 -14.96
C ASN A 36 -2.57 0.31 -14.18
N ASN A 37 -1.35 0.73 -14.54
CA ASN A 37 -0.16 0.25 -13.86
C ASN A 37 -0.21 0.53 -12.36
N PHE A 38 -0.47 -0.49 -11.57
CA PHE A 38 -0.56 -0.35 -10.13
C PHE A 38 0.83 -0.22 -9.52
N MET A 39 1.73 -1.12 -9.91
CA MET A 39 3.10 -1.11 -9.40
C MET A 39 3.79 0.21 -9.72
N ASP A 40 4.08 0.42 -11.00
CA ASP A 40 4.75 1.64 -11.44
C ASP A 40 4.10 2.87 -10.81
N GLY A 41 2.76 2.92 -10.83
CA GLY A 41 2.05 4.04 -10.24
C GLY A 41 2.44 4.29 -8.81
N LEU A 42 2.76 3.22 -8.09
CA LEU A 42 3.15 3.32 -6.68
C LEU A 42 4.67 3.41 -6.55
N LYS A 43 5.37 3.07 -7.62
CA LYS A 43 6.83 3.11 -7.62
C LYS A 43 7.35 4.47 -7.21
N ASP A 44 6.79 5.52 -7.82
CA ASP A 44 7.19 6.89 -7.52
C ASP A 44 7.55 7.03 -6.04
N GLY A 45 6.76 6.42 -5.18
CA GLY A 45 7.01 6.50 -3.75
C GLY A 45 6.21 7.60 -3.08
N ILE A 46 5.86 8.62 -3.85
CA ILE A 46 5.09 9.75 -3.32
C ILE A 46 3.73 9.30 -2.82
N ILE A 47 2.99 8.61 -3.70
CA ILE A 47 1.66 8.12 -3.36
C ILE A 47 1.66 7.42 -2.00
N LEU A 48 2.68 6.60 -1.76
CA LEU A 48 2.81 5.88 -0.51
C LEU A 48 2.92 6.85 0.68
N CYS A 49 3.91 7.73 0.61
CA CYS A 49 4.13 8.71 1.67
C CYS A 49 2.82 9.39 2.05
N GLU A 50 2.10 9.88 1.05
CA GLU A 50 0.83 10.57 1.28
C GLU A 50 -0.21 9.60 1.84
N PHE A 51 -0.05 8.32 1.53
CA PHE A 51 -0.97 7.30 2.00
C PHE A 51 -0.94 7.19 3.52
N ILE A 52 0.20 6.77 4.05
CA ILE A 52 0.37 6.62 5.49
C ILE A 52 0.19 7.96 6.20
N ASN A 53 0.30 9.04 5.44
CA ASN A 53 0.16 10.39 6.00
C ASN A 53 -1.31 10.71 6.26
N LYS A 54 -2.16 10.48 5.26
CA LYS A 54 -3.58 10.74 5.38
C LYS A 54 -4.18 9.98 6.56
N LEU A 55 -3.58 8.84 6.89
CA LEU A 55 -4.05 8.02 8.01
C LEU A 55 -3.50 8.54 9.33
N GLN A 56 -2.23 8.96 9.31
CA GLN A 56 -1.59 9.47 10.51
C GLN A 56 -0.98 10.85 10.26
N PRO A 57 -1.49 11.87 10.96
CA PRO A 57 -1.01 13.24 10.82
C PRO A 57 0.39 13.43 11.39
N GLY A 58 1.40 13.29 10.54
CA GLY A 58 2.78 13.44 10.98
C GLY A 58 3.66 12.31 10.52
N SER A 59 3.07 11.32 9.86
CA SER A 59 3.81 10.17 9.36
C SER A 59 5.10 10.61 8.68
N VAL A 60 4.97 11.25 7.53
CA VAL A 60 6.12 11.72 6.78
C VAL A 60 6.25 13.24 6.88
N LYS A 61 7.44 13.70 7.26
CA LYS A 61 7.70 15.13 7.41
C LYS A 61 7.36 15.87 6.12
N LYS A 62 8.17 15.66 5.09
CA LYS A 62 7.96 16.31 3.80
C LYS A 62 8.09 15.30 2.66
N ILE A 63 7.63 15.69 1.48
CA ILE A 63 7.70 14.82 0.30
C ILE A 63 8.36 15.55 -0.87
N ASN A 64 9.34 14.89 -1.50
CA ASN A 64 10.04 15.47 -2.63
C ASN A 64 9.25 15.27 -3.92
N GLU A 65 9.58 16.06 -4.94
CA GLU A 65 8.90 15.96 -6.22
C GLU A 65 9.91 15.97 -7.38
N SER A 66 10.16 14.78 -7.93
CA SER A 66 11.10 14.64 -9.03
C SER A 66 10.97 13.27 -9.70
N THR A 67 11.78 13.04 -10.72
CA THR A 67 11.76 11.77 -11.44
C THR A 67 13.06 11.00 -11.23
N GLN A 68 13.97 11.58 -10.46
CA GLN A 68 15.25 10.94 -10.19
C GLN A 68 15.10 9.83 -9.15
N ASN A 69 15.92 8.80 -9.27
CA ASN A 69 15.87 7.67 -8.34
C ASN A 69 15.90 8.16 -6.90
N TRP A 70 16.96 8.86 -6.53
CA TRP A 70 17.11 9.39 -5.17
C TRP A 70 15.76 9.81 -4.61
N HIS A 71 15.20 10.88 -5.17
CA HIS A 71 13.90 11.39 -4.73
C HIS A 71 12.95 10.24 -4.40
N GLN A 72 12.79 9.32 -5.35
CA GLN A 72 11.91 8.17 -5.17
C GLN A 72 12.38 7.31 -4.00
N LEU A 73 13.55 6.70 -4.17
CA LEU A 73 14.11 5.83 -3.13
C LEU A 73 13.87 6.43 -1.74
N GLU A 74 13.90 7.75 -1.65
CA GLU A 74 13.69 8.44 -0.39
C GLU A 74 12.24 8.31 0.07
N ASN A 75 11.33 8.95 -0.65
CA ASN A 75 9.91 8.90 -0.33
C ASN A 75 9.52 7.53 0.18
N ILE A 76 9.81 6.50 -0.61
CA ILE A 76 9.50 5.13 -0.22
C ILE A 76 10.08 4.78 1.14
N GLY A 77 11.30 5.25 1.38
CA GLY A 77 11.96 4.98 2.65
C GLY A 77 11.21 5.55 3.83
N ASN A 78 10.79 6.81 3.70
CA ASN A 78 10.05 7.48 4.76
C ASN A 78 8.73 6.77 5.04
N PHE A 79 8.08 6.30 3.99
CA PHE A 79 6.80 5.60 4.12
C PHE A 79 6.99 4.29 4.86
N ILE A 80 7.77 3.39 4.28
CA ILE A 80 8.03 2.09 4.89
C ILE A 80 8.20 2.21 6.40
N LYS A 81 9.07 3.12 6.81
CA LYS A 81 9.33 3.34 8.23
C LYS A 81 8.10 3.91 8.93
N ALA A 82 7.38 4.78 8.22
CA ALA A 82 6.18 5.40 8.77
C ALA A 82 5.11 4.35 9.09
N ILE A 83 4.90 3.43 8.14
CA ILE A 83 3.90 2.39 8.32
C ILE A 83 4.33 1.41 9.42
N THR A 84 5.61 1.46 9.77
CA THR A 84 6.15 0.58 10.81
C THR A 84 5.69 1.01 12.19
N LYS A 85 5.62 2.32 12.41
CA LYS A 85 5.19 2.86 13.69
C LYS A 85 3.67 2.87 13.80
N TYR A 86 3.01 3.22 12.71
CA TYR A 86 1.54 3.26 12.68
C TYR A 86 0.96 1.99 13.29
N GLY A 87 1.10 0.87 12.57
CA GLY A 87 0.58 -0.39 13.05
C GLY A 87 0.85 -1.53 12.09
N VAL A 88 2.04 -1.54 11.51
CA VAL A 88 2.43 -2.58 10.57
C VAL A 88 3.80 -3.15 10.89
N LYS A 89 3.83 -4.37 11.38
CA LYS A 89 5.09 -5.03 11.75
C LYS A 89 6.07 -5.00 10.58
N PRO A 90 7.37 -5.01 10.91
CA PRO A 90 8.44 -4.98 9.91
C PRO A 90 8.52 -6.28 9.12
N HIS A 91 7.83 -7.31 9.61
CA HIS A 91 7.83 -8.62 8.95
C HIS A 91 6.70 -8.71 7.92
N ASP A 92 6.00 -7.60 7.71
CA ASP A 92 4.91 -7.55 6.75
C ASP A 92 5.03 -6.34 5.84
N ILE A 93 6.21 -5.73 5.83
CA ILE A 93 6.46 -4.56 4.99
C ILE A 93 7.42 -4.91 3.85
N PHE A 94 7.26 -4.22 2.72
CA PHE A 94 8.11 -4.45 1.57
C PHE A 94 9.41 -3.67 1.68
N GLU A 95 10.31 -3.89 0.73
CA GLU A 95 11.60 -3.20 0.72
C GLU A 95 11.64 -2.11 -0.35
N ALA A 96 12.50 -1.12 -0.15
CA ALA A 96 12.64 -0.03 -1.10
C ALA A 96 12.80 -0.56 -2.53
N ASN A 97 13.48 -1.69 -2.66
CA ASN A 97 13.70 -2.30 -3.96
C ASN A 97 12.47 -3.06 -4.43
N ASP A 98 11.72 -3.59 -3.48
CA ASP A 98 10.51 -4.34 -3.79
C ASP A 98 9.55 -3.51 -4.64
N LEU A 99 9.42 -2.23 -4.29
CA LEU A 99 8.54 -1.32 -5.01
C LEU A 99 9.30 -0.59 -6.12
N PHE A 100 10.40 0.05 -5.75
CA PHE A 100 11.22 0.78 -6.70
C PHE A 100 11.60 -0.11 -7.89
N GLU A 101 12.43 -1.11 -7.63
CA GLU A 101 12.86 -2.02 -8.67
C GLU A 101 11.72 -2.94 -9.10
N ASN A 102 10.67 -2.99 -8.30
CA ASN A 102 9.51 -3.83 -8.60
C ASN A 102 9.92 -5.30 -8.71
N THR A 103 10.88 -5.71 -7.88
CA THR A 103 11.35 -7.08 -7.89
C THR A 103 10.39 -7.99 -7.14
N ASN A 104 9.77 -7.47 -6.09
CA ASN A 104 8.84 -8.24 -5.29
C ASN A 104 7.47 -7.57 -5.27
N HIS A 105 6.61 -7.95 -6.21
CA HIS A 105 5.26 -7.38 -6.30
C HIS A 105 4.41 -7.84 -5.12
N THR A 106 4.13 -9.13 -5.05
CA THR A 106 3.32 -9.69 -3.98
C THR A 106 3.63 -9.00 -2.65
N GLN A 107 4.88 -9.10 -2.20
CA GLN A 107 5.29 -8.49 -0.95
C GLN A 107 4.56 -7.17 -0.72
N VAL A 108 4.64 -6.28 -1.70
CA VAL A 108 3.99 -4.98 -1.61
C VAL A 108 2.47 -5.13 -1.51
N GLN A 109 1.91 -5.98 -2.36
CA GLN A 109 0.48 -6.23 -2.36
C GLN A 109 -0.03 -6.57 -0.97
N SER A 110 0.72 -7.41 -0.27
CA SER A 110 0.35 -7.82 1.08
C SER A 110 0.48 -6.65 2.06
N THR A 111 1.64 -6.03 2.08
CA THR A 111 1.89 -4.91 2.97
C THR A 111 0.65 -4.02 3.10
N LEU A 112 -0.02 -3.80 1.97
CA LEU A 112 -1.23 -2.97 1.96
C LEU A 112 -2.39 -3.69 2.65
N LEU A 113 -2.65 -4.92 2.22
CA LEU A 113 -3.74 -5.70 2.79
C LEU A 113 -3.81 -5.50 4.31
N ALA A 114 -2.66 -5.41 4.95
CA ALA A 114 -2.59 -5.20 6.39
C ALA A 114 -2.98 -3.77 6.77
N LEU A 115 -2.33 -2.80 6.13
CA LEU A 115 -2.60 -1.40 6.39
C LEU A 115 -4.09 -1.13 6.41
N ALA A 116 -4.80 -1.63 5.40
CA ALA A 116 -6.24 -1.45 5.31
C ALA A 116 -6.92 -1.77 6.64
N SER A 117 -6.47 -2.82 7.29
CA SER A 117 -7.04 -3.24 8.57
C SER A 117 -6.55 -2.34 9.69
N MET A 118 -5.35 -1.79 9.54
CA MET A 118 -4.78 -0.90 10.54
C MET A 118 -5.47 0.45 10.54
N ALA A 119 -6.17 0.75 9.44
CA ALA A 119 -6.88 2.02 9.30
C ALA A 119 -8.35 1.85 9.66
N LYS A 120 -8.84 0.63 9.58
CA LYS A 120 -10.24 0.34 9.89
C LYS A 120 -10.50 0.45 11.39
N THR A 121 -9.78 -0.36 12.18
CA THR A 121 -9.93 -0.34 13.62
C THR A 121 -9.91 1.09 14.17
N LYS A 122 -9.26 1.98 13.44
CA LYS A 122 -9.17 3.38 13.85
C LYS A 122 -10.45 4.13 13.50
N GLY A 123 -10.92 3.96 12.27
CA GLY A 123 -12.14 4.63 11.84
C GLY A 123 -12.03 5.17 10.43
N ASN A 124 -11.49 4.37 9.52
CA ASN A 124 -11.33 4.80 8.14
C ASN A 124 -12.13 3.89 7.20
N LYS A 125 -13.09 4.49 6.51
CA LYS A 125 -13.93 3.74 5.58
C LYS A 125 -13.08 3.02 4.54
N VAL A 126 -12.59 1.84 4.90
CA VAL A 126 -11.77 1.04 3.99
C VAL A 126 -12.62 0.09 3.16
N ASN A 127 -12.39 0.09 1.85
CA ASN A 127 -13.15 -0.77 0.94
C ASN A 127 -12.31 -1.98 0.54
N VAL A 128 -11.56 -2.52 1.49
CA VAL A 128 -10.71 -3.68 1.23
C VAL A 128 -11.27 -4.93 1.91
N GLY A 129 -11.55 -5.96 1.11
CA GLY A 129 -12.08 -7.20 1.66
C GLY A 129 -11.01 -8.08 2.25
N VAL A 130 -10.11 -7.48 3.04
CA VAL A 130 -9.03 -8.22 3.67
C VAL A 130 -9.52 -9.03 4.85
N SER A 131 -9.35 -10.35 4.78
CA SER A 131 -9.79 -11.24 5.85
C SER A 131 -9.29 -10.76 7.21
N GLY A 132 -10.08 -11.01 8.25
CA GLY A 132 -9.69 -10.59 9.58
C GLY A 132 -10.88 -10.41 10.50
N PRO A 133 -10.65 -10.49 11.82
CA PRO A 133 -11.70 -10.34 12.82
C PRO A 133 -12.22 -8.90 12.90
N SER A 134 -11.60 -8.01 12.13
CA SER A 134 -12.00 -6.61 12.13
C SER A 134 -13.51 -6.47 12.17
N SER A 135 -14.01 -5.74 13.18
CA SER A 135 -15.44 -5.54 13.34
C SER A 135 -15.80 -4.08 13.11
N GLY A 136 -16.87 -3.85 12.33
CA GLY A 136 -17.31 -2.49 12.05
C GLY A 136 -16.82 -2.00 10.71
N GLY A 1 -26.30 -6.38 7.62
CA GLY A 1 -26.41 -7.70 7.02
C GLY A 1 -25.07 -8.25 6.59
N SER A 2 -24.60 -9.28 7.30
CA SER A 2 -23.31 -9.89 6.99
C SER A 2 -23.42 -10.76 5.74
N SER A 3 -22.81 -10.30 4.65
CA SER A 3 -22.82 -11.03 3.39
C SER A 3 -21.58 -11.88 3.24
N GLY A 4 -21.18 -12.54 4.32
CA GLY A 4 -19.99 -13.39 4.28
C GLY A 4 -19.48 -13.72 5.67
N SER A 5 -19.68 -14.97 6.09
CA SER A 5 -19.23 -15.42 7.40
C SER A 5 -17.99 -16.28 7.29
N SER A 6 -18.01 -17.23 6.36
CA SER A 6 -16.88 -18.13 6.15
C SER A 6 -15.98 -17.61 5.03
N GLY A 7 -15.76 -16.31 5.01
CA GLY A 7 -14.92 -15.71 3.99
C GLY A 7 -13.51 -15.43 4.48
N ASN A 8 -12.68 -16.46 4.52
CA ASN A 8 -11.30 -16.33 4.98
C ASN A 8 -10.34 -17.06 4.05
N LYS A 9 -9.51 -16.30 3.34
CA LYS A 9 -8.55 -16.88 2.42
C LYS A 9 -7.12 -16.51 2.83
N LEU A 10 -6.21 -17.47 2.70
CA LEU A 10 -4.81 -17.26 3.06
C LEU A 10 -3.89 -17.79 1.97
N ALA A 11 -3.02 -16.91 1.46
CA ALA A 11 -2.07 -17.28 0.41
C ALA A 11 -1.03 -16.20 0.20
N GLN A 12 0.19 -16.61 -0.11
CA GLN A 12 1.29 -15.67 -0.33
C GLN A 12 1.30 -15.18 -1.78
N LYS A 13 0.65 -15.94 -2.66
CA LYS A 13 0.59 -15.59 -4.07
C LYS A 13 -0.14 -14.26 -4.27
N TYR A 14 -0.15 -13.78 -5.51
CA TYR A 14 -0.81 -12.52 -5.83
C TYR A 14 -2.29 -12.74 -6.13
N ASP A 15 -3.08 -11.69 -5.96
CA ASP A 15 -4.52 -11.76 -6.21
C ASP A 15 -4.93 -10.75 -7.27
N HIS A 16 -6.18 -10.84 -7.71
CA HIS A 16 -6.71 -9.92 -8.72
C HIS A 16 -7.83 -9.06 -8.15
N GLN A 17 -8.66 -9.67 -7.32
CA GLN A 17 -9.78 -8.96 -6.70
C GLN A 17 -9.28 -7.88 -5.75
N ARG A 18 -8.39 -8.26 -4.85
CA ARG A 18 -7.83 -7.33 -3.87
C ARG A 18 -7.23 -6.11 -4.58
N GLU A 19 -6.57 -6.36 -5.70
CA GLU A 19 -5.95 -5.28 -6.46
C GLU A 19 -6.90 -4.09 -6.62
N GLN A 20 -8.05 -4.35 -7.24
CA GLN A 20 -9.05 -3.32 -7.45
C GLN A 20 -9.40 -2.62 -6.14
N GLU A 21 -9.55 -3.39 -5.08
CA GLU A 21 -9.89 -2.85 -3.77
C GLU A 21 -8.79 -1.90 -3.28
N LEU A 22 -7.54 -2.29 -3.50
CA LEU A 22 -6.40 -1.48 -3.08
C LEU A 22 -6.36 -0.17 -3.86
N ARG A 23 -6.38 -0.26 -5.18
CA ARG A 23 -6.35 0.92 -6.03
C ARG A 23 -7.45 1.90 -5.65
N GLU A 24 -8.69 1.41 -5.67
CA GLU A 24 -9.84 2.25 -5.34
C GLU A 24 -9.65 2.90 -3.97
N TRP A 25 -9.12 2.15 -3.03
CA TRP A 25 -8.87 2.66 -1.68
C TRP A 25 -7.87 3.81 -1.70
N ILE A 26 -6.70 3.54 -2.24
CA ILE A 26 -5.64 4.56 -2.33
C ILE A 26 -6.07 5.72 -3.22
N GLU A 27 -6.33 5.41 -4.50
CA GLU A 27 -6.75 6.43 -5.44
C GLU A 27 -7.68 7.45 -4.79
N GLY A 28 -8.43 6.99 -3.79
CA GLY A 28 -9.36 7.87 -3.10
C GLY A 28 -8.72 8.54 -1.89
N VAL A 29 -8.16 7.73 -1.00
CA VAL A 29 -7.51 8.25 0.20
C VAL A 29 -6.54 9.37 -0.14
N THR A 30 -5.43 9.01 -0.79
CA THR A 30 -4.41 9.98 -1.18
C THR A 30 -4.96 10.98 -2.19
N GLY A 31 -5.49 10.47 -3.30
CA GLY A 31 -6.04 11.33 -4.33
C GLY A 31 -5.17 11.37 -5.57
N ARG A 32 -4.50 10.27 -5.87
CA ARG A 32 -3.63 10.19 -7.04
C ARG A 32 -4.11 9.10 -7.99
N ARG A 33 -3.96 9.36 -9.30
CA ARG A 33 -4.38 8.41 -10.32
C ARG A 33 -3.30 7.37 -10.57
N ILE A 34 -3.38 6.24 -9.87
CA ILE A 34 -2.40 5.18 -10.02
C ILE A 34 -2.33 4.71 -11.47
N GLY A 35 -3.48 4.55 -12.09
CA GLY A 35 -3.52 4.10 -13.48
C GLY A 35 -3.35 2.61 -13.61
N ASN A 36 -3.59 2.08 -14.81
CA ASN A 36 -3.48 0.66 -15.07
C ASN A 36 -2.33 0.05 -14.25
N ASN A 37 -1.11 0.37 -14.64
CA ASN A 37 0.07 -0.14 -13.94
C ASN A 37 0.00 0.17 -12.45
N PHE A 38 -0.37 -0.84 -11.66
CA PHE A 38 -0.47 -0.67 -10.22
C PHE A 38 0.90 -0.47 -9.58
N MET A 39 1.85 -1.31 -9.98
CA MET A 39 3.21 -1.23 -9.46
C MET A 39 3.88 0.07 -9.88
N ASP A 40 3.77 0.39 -11.16
CA ASP A 40 4.36 1.61 -11.70
C ASP A 40 3.74 2.85 -11.06
N GLY A 41 2.42 2.84 -10.94
CA GLY A 41 1.71 3.96 -10.34
C GLY A 41 2.11 4.20 -8.90
N LEU A 42 2.58 3.15 -8.24
CA LEU A 42 3.00 3.26 -6.85
C LEU A 42 4.52 3.33 -6.74
N LYS A 43 5.20 3.06 -7.85
CA LYS A 43 6.65 3.09 -7.89
C LYS A 43 7.18 4.48 -7.52
N ASP A 44 6.50 5.51 -8.02
CA ASP A 44 6.90 6.88 -7.74
C ASP A 44 7.38 7.03 -6.30
N GLY A 45 6.62 6.49 -5.37
CA GLY A 45 6.99 6.57 -3.96
C GLY A 45 6.25 7.67 -3.23
N ILE A 46 5.98 8.76 -3.93
CA ILE A 46 5.26 9.89 -3.34
C ILE A 46 3.87 9.47 -2.88
N ILE A 47 3.19 8.69 -3.70
CA ILE A 47 1.84 8.23 -3.37
C ILE A 47 1.83 7.48 -2.04
N LEU A 48 2.85 6.67 -1.82
CA LEU A 48 2.96 5.90 -0.58
C LEU A 48 3.06 6.82 0.63
N CYS A 49 4.08 7.68 0.64
CA CYS A 49 4.28 8.62 1.74
C CYS A 49 3.00 9.37 2.05
N GLU A 50 2.23 9.69 1.00
CA GLU A 50 0.98 10.42 1.17
C GLU A 50 -0.11 9.51 1.73
N PHE A 51 0.02 8.21 1.47
CA PHE A 51 -0.95 7.24 1.93
C PHE A 51 -0.96 7.17 3.47
N ILE A 52 0.14 6.70 4.03
CA ILE A 52 0.26 6.58 5.48
C ILE A 52 0.04 7.93 6.16
N ASN A 53 0.20 9.01 5.40
CA ASN A 53 0.01 10.35 5.92
C ASN A 53 -1.47 10.64 6.17
N LYS A 54 -2.31 10.28 5.21
CA LYS A 54 -3.75 10.50 5.33
C LYS A 54 -4.32 9.73 6.52
N LEU A 55 -3.69 8.61 6.84
CA LEU A 55 -4.13 7.78 7.97
C LEU A 55 -3.64 8.35 9.29
N GLN A 56 -2.36 8.73 9.32
CA GLN A 56 -1.76 9.29 10.52
C GLN A 56 -1.19 10.68 10.25
N PRO A 57 -1.69 11.67 10.99
CA PRO A 57 -1.24 13.07 10.85
C PRO A 57 0.18 13.28 11.36
N GLY A 58 1.14 13.25 10.44
CA GLY A 58 2.53 13.43 10.81
C GLY A 58 3.40 12.23 10.46
N SER A 59 2.91 11.42 9.54
CA SER A 59 3.64 10.23 9.11
C SER A 59 4.96 10.61 8.46
N VAL A 60 4.89 11.30 7.33
CA VAL A 60 6.08 11.73 6.61
C VAL A 60 6.23 13.25 6.66
N LYS A 61 7.36 13.71 7.17
CA LYS A 61 7.64 15.14 7.27
C LYS A 61 7.44 15.83 5.92
N LYS A 62 8.31 15.52 4.97
CA LYS A 62 8.23 16.10 3.64
C LYS A 62 8.41 15.04 2.56
N ILE A 63 7.99 15.36 1.34
CA ILE A 63 8.11 14.43 0.22
C ILE A 63 8.66 15.12 -1.02
N ASN A 64 9.55 14.43 -1.73
CA ASN A 64 10.14 14.97 -2.94
C ASN A 64 9.50 14.37 -4.19
N GLU A 65 8.95 15.24 -5.04
CA GLU A 65 8.30 14.79 -6.26
C GLU A 65 9.17 15.08 -7.48
N SER A 66 9.79 14.03 -8.03
CA SER A 66 10.65 14.18 -9.19
C SER A 66 11.08 12.81 -9.72
N THR A 67 11.54 12.78 -10.97
CA THR A 67 11.98 11.55 -11.60
C THR A 67 13.28 11.05 -10.96
N GLN A 68 14.14 11.98 -10.57
CA GLN A 68 15.41 11.63 -9.95
C GLN A 68 15.24 10.49 -8.95
N ASN A 69 15.73 9.31 -9.33
CA ASN A 69 15.63 8.14 -8.47
C ASN A 69 15.73 8.53 -6.99
N TRP A 70 16.85 9.15 -6.63
CA TRP A 70 17.08 9.57 -5.26
C TRP A 70 15.78 10.03 -4.61
N HIS A 71 15.14 11.03 -5.21
CA HIS A 71 13.90 11.55 -4.69
C HIS A 71 12.87 10.44 -4.47
N GLN A 72 12.60 9.68 -5.53
CA GLN A 72 11.64 8.59 -5.46
C GLN A 72 11.97 7.66 -4.29
N LEU A 73 13.20 7.15 -4.27
CA LEU A 73 13.64 6.26 -3.20
C LEU A 73 13.43 6.89 -1.84
N GLU A 74 14.08 8.02 -1.61
CA GLU A 74 13.97 8.73 -0.35
C GLU A 74 12.54 8.70 0.17
N ASN A 75 11.58 8.81 -0.74
CA ASN A 75 10.17 8.78 -0.39
C ASN A 75 9.75 7.41 0.12
N ILE A 76 9.87 6.40 -0.74
CA ILE A 76 9.51 5.04 -0.38
C ILE A 76 10.13 4.64 0.95
N GLY A 77 11.35 5.11 1.19
CA GLY A 77 12.03 4.80 2.44
C GLY A 77 11.33 5.38 3.65
N ASN A 78 10.92 6.63 3.54
CA ASN A 78 10.22 7.30 4.64
C ASN A 78 8.88 6.64 4.93
N PHE A 79 8.17 6.28 3.87
CA PHE A 79 6.87 5.63 4.02
C PHE A 79 6.99 4.31 4.77
N ILE A 80 7.78 3.40 4.22
CA ILE A 80 8.00 2.08 4.84
C ILE A 80 8.15 2.22 6.36
N LYS A 81 9.01 3.13 6.78
CA LYS A 81 9.26 3.37 8.20
C LYS A 81 8.01 3.93 8.88
N ALA A 82 7.33 4.85 8.20
CA ALA A 82 6.13 5.46 8.73
C ALA A 82 5.08 4.40 9.05
N ILE A 83 4.86 3.48 8.13
CA ILE A 83 3.88 2.42 8.32
C ILE A 83 4.34 1.45 9.40
N THR A 84 5.64 1.42 9.66
CA THR A 84 6.20 0.53 10.67
C THR A 84 5.78 0.96 12.07
N LYS A 85 5.65 2.27 12.28
CA LYS A 85 5.26 2.81 13.57
C LYS A 85 3.74 2.77 13.73
N TYR A 86 3.03 3.15 12.66
CA TYR A 86 1.57 3.17 12.68
C TYR A 86 1.02 1.87 13.29
N GLY A 87 1.16 0.77 12.56
CA GLY A 87 0.67 -0.50 13.05
C GLY A 87 0.88 -1.62 12.05
N VAL A 88 2.09 -1.71 11.50
CA VAL A 88 2.42 -2.74 10.53
C VAL A 88 3.77 -3.38 10.85
N LYS A 89 3.73 -4.64 11.28
CA LYS A 89 4.94 -5.37 11.62
C LYS A 89 5.97 -5.26 10.49
N PRO A 90 7.26 -5.27 10.86
CA PRO A 90 8.36 -5.18 9.90
C PRO A 90 8.49 -6.42 9.05
N HIS A 91 7.78 -7.48 9.44
CA HIS A 91 7.82 -8.74 8.71
C HIS A 91 6.78 -8.75 7.59
N ASP A 92 5.87 -7.78 7.62
CA ASP A 92 4.83 -7.67 6.61
C ASP A 92 5.01 -6.43 5.75
N ILE A 93 6.18 -5.81 5.87
CA ILE A 93 6.49 -4.61 5.12
C ILE A 93 7.44 -4.91 3.96
N PHE A 94 7.19 -4.27 2.82
CA PHE A 94 8.01 -4.48 1.63
C PHE A 94 9.26 -3.61 1.68
N GLU A 95 10.37 -4.13 1.16
CA GLU A 95 11.63 -3.40 1.14
C GLU A 95 11.59 -2.26 0.12
N ALA A 96 12.35 -1.21 0.39
CA ALA A 96 12.41 -0.07 -0.52
C ALA A 96 12.48 -0.51 -1.97
N ASN A 97 13.50 -1.31 -2.30
CA ASN A 97 13.68 -1.81 -3.65
C ASN A 97 12.48 -2.63 -4.09
N ASP A 98 11.79 -3.24 -3.12
CA ASP A 98 10.62 -4.05 -3.41
C ASP A 98 9.62 -3.29 -4.26
N LEU A 99 9.46 -2.00 -3.99
CA LEU A 99 8.54 -1.15 -4.73
C LEU A 99 9.26 -0.41 -5.84
N PHE A 100 10.53 -0.08 -5.61
CA PHE A 100 11.32 0.64 -6.59
C PHE A 100 11.66 -0.26 -7.78
N GLU A 101 12.42 -1.32 -7.51
CA GLU A 101 12.81 -2.26 -8.56
C GLU A 101 11.76 -3.35 -8.74
N ASN A 102 10.56 -3.10 -8.22
CA ASN A 102 9.47 -4.06 -8.31
C ASN A 102 9.99 -5.49 -8.17
N THR A 103 11.04 -5.66 -7.38
CA THR A 103 11.62 -6.97 -7.16
C THR A 103 10.57 -7.96 -6.66
N ASN A 104 9.51 -7.45 -6.06
CA ASN A 104 8.43 -8.30 -5.55
C ASN A 104 7.10 -7.56 -5.60
N HIS A 105 6.11 -8.20 -6.20
CA HIS A 105 4.77 -7.61 -6.32
C HIS A 105 3.90 -8.01 -5.14
N THR A 106 3.88 -9.31 -4.83
CA THR A 106 3.09 -9.81 -3.71
C THR A 106 3.53 -9.19 -2.39
N GLN A 107 4.84 -9.04 -2.23
CA GLN A 107 5.39 -8.45 -1.01
C GLN A 107 4.74 -7.10 -0.71
N VAL A 108 4.73 -6.22 -1.69
CA VAL A 108 4.14 -4.90 -1.53
C VAL A 108 2.64 -4.99 -1.27
N GLN A 109 2.00 -5.97 -1.91
CA GLN A 109 0.57 -6.17 -1.73
C GLN A 109 0.22 -6.50 -0.29
N SER A 110 0.88 -7.52 0.26
CA SER A 110 0.64 -7.93 1.64
C SER A 110 0.66 -6.73 2.57
N THR A 111 1.73 -5.93 2.49
CA THR A 111 1.88 -4.75 3.33
C THR A 111 0.59 -3.94 3.36
N LEU A 112 -0.05 -3.78 2.21
CA LEU A 112 -1.29 -3.03 2.11
C LEU A 112 -2.44 -3.78 2.78
N LEU A 113 -2.69 -5.00 2.30
CA LEU A 113 -3.76 -5.83 2.85
C LEU A 113 -3.85 -5.66 4.37
N ALA A 114 -2.69 -5.52 5.01
CA ALA A 114 -2.65 -5.34 6.46
C ALA A 114 -3.06 -3.93 6.86
N LEU A 115 -2.42 -2.94 6.26
CA LEU A 115 -2.72 -1.54 6.56
C LEU A 115 -4.22 -1.30 6.61
N ALA A 116 -4.92 -1.78 5.58
CA ALA A 116 -6.36 -1.63 5.50
C ALA A 116 -7.03 -1.96 6.84
N SER A 117 -6.52 -3.00 7.50
CA SER A 117 -7.06 -3.42 8.78
C SER A 117 -6.64 -2.46 9.90
N MET A 118 -5.45 -1.89 9.75
CA MET A 118 -4.92 -0.95 10.74
C MET A 118 -5.69 0.36 10.71
N ALA A 119 -6.24 0.70 9.55
CA ALA A 119 -7.00 1.92 9.39
C ALA A 119 -8.49 1.69 9.68
N LYS A 120 -8.86 0.43 9.81
CA LYS A 120 -10.25 0.07 10.09
C LYS A 120 -10.58 0.28 11.56
N THR A 121 -9.69 -0.17 12.45
CA THR A 121 -9.89 -0.02 13.88
C THR A 121 -9.94 1.46 14.27
N LYS A 122 -9.11 2.27 13.62
CA LYS A 122 -9.06 3.69 13.91
C LYS A 122 -10.37 4.37 13.52
N GLY A 123 -10.86 4.05 12.32
CA GLY A 123 -12.11 4.64 11.85
C GLY A 123 -11.96 5.26 10.47
N ASN A 124 -11.25 4.57 9.59
CA ASN A 124 -11.05 5.06 8.23
C ASN A 124 -11.77 4.18 7.21
N LYS A 125 -12.60 4.80 6.38
CA LYS A 125 -13.35 4.07 5.36
C LYS A 125 -12.43 3.21 4.51
N VAL A 126 -12.48 1.91 4.74
CA VAL A 126 -11.64 0.97 3.99
C VAL A 126 -12.50 -0.10 3.31
N ASN A 127 -12.63 0.01 1.99
CA ASN A 127 -13.42 -0.94 1.22
C ASN A 127 -12.55 -2.11 0.75
N VAL A 128 -11.58 -2.48 1.58
CA VAL A 128 -10.69 -3.59 1.26
C VAL A 128 -11.07 -4.86 2.02
N GLY A 129 -11.36 -5.92 1.28
CA GLY A 129 -11.73 -7.17 1.90
C GLY A 129 -10.56 -7.86 2.58
N VAL A 130 -10.28 -7.46 3.82
CA VAL A 130 -9.18 -8.03 4.58
C VAL A 130 -9.57 -9.39 5.17
N SER A 131 -8.63 -10.32 5.19
CA SER A 131 -8.87 -11.65 5.73
C SER A 131 -9.83 -11.59 6.91
N GLY A 132 -9.49 -10.78 7.90
CA GLY A 132 -10.33 -10.65 9.08
C GLY A 132 -11.81 -10.62 8.73
N PRO A 133 -12.64 -11.15 9.65
CA PRO A 133 -14.09 -11.19 9.46
C PRO A 133 -14.73 -9.82 9.52
N SER A 134 -13.95 -8.82 9.94
CA SER A 134 -14.45 -7.46 10.05
C SER A 134 -14.62 -6.82 8.67
N SER A 135 -15.72 -7.15 8.01
CA SER A 135 -16.00 -6.62 6.68
C SER A 135 -17.48 -6.28 6.53
N GLY A 136 -17.75 -5.22 5.76
CA GLY A 136 -19.13 -4.80 5.55
C GLY A 136 -19.29 -3.99 4.28
N GLY A 1 -4.36 -6.65 -21.67
CA GLY A 1 -4.17 -5.29 -22.14
C GLY A 1 -4.23 -5.19 -23.65
N SER A 2 -3.49 -4.23 -24.20
CA SER A 2 -3.47 -4.03 -25.65
C SER A 2 -3.45 -5.36 -26.38
N SER A 3 -2.60 -6.27 -25.95
CA SER A 3 -2.50 -7.59 -26.56
C SER A 3 -2.62 -8.70 -25.51
N GLY A 4 -2.70 -9.94 -25.98
CA GLY A 4 -2.82 -11.06 -25.07
C GLY A 4 -4.24 -11.26 -24.60
N SER A 5 -4.76 -12.48 -24.74
CA SER A 5 -6.12 -12.80 -24.32
C SER A 5 -6.25 -12.74 -22.80
N SER A 6 -7.48 -12.64 -22.33
CA SER A 6 -7.75 -12.57 -20.90
C SER A 6 -7.96 -13.96 -20.31
N GLY A 7 -8.12 -14.03 -19.00
CA GLY A 7 -8.33 -15.30 -18.33
C GLY A 7 -8.55 -15.15 -16.84
N ASN A 8 -8.09 -16.14 -16.08
CA ASN A 8 -8.24 -16.11 -14.62
C ASN A 8 -7.27 -17.09 -13.96
N LYS A 9 -6.94 -16.82 -12.70
CA LYS A 9 -6.03 -17.68 -11.95
C LYS A 9 -6.61 -18.01 -10.57
N LEU A 10 -6.20 -19.15 -10.04
CA LEU A 10 -6.67 -19.59 -8.73
C LEU A 10 -5.54 -19.54 -7.70
N ALA A 11 -4.80 -18.43 -7.70
CA ALA A 11 -3.69 -18.26 -6.77
C ALA A 11 -4.12 -17.47 -5.54
N GLN A 12 -3.28 -17.45 -4.52
CA GLN A 12 -3.58 -16.72 -3.29
C GLN A 12 -2.54 -15.63 -3.03
N LYS A 13 -1.40 -15.73 -3.71
CA LYS A 13 -0.33 -14.76 -3.55
C LYS A 13 -0.75 -13.40 -4.10
N TYR A 14 -1.57 -13.41 -5.16
CA TYR A 14 -2.04 -12.19 -5.78
C TYR A 14 -3.47 -12.35 -6.30
N ASP A 15 -4.40 -11.65 -5.68
CA ASP A 15 -5.80 -11.72 -6.08
C ASP A 15 -6.18 -10.51 -6.94
N HIS A 16 -6.93 -10.76 -8.01
CA HIS A 16 -7.35 -9.69 -8.91
C HIS A 16 -8.36 -8.78 -8.22
N GLN A 17 -9.21 -9.37 -7.39
CA GLN A 17 -10.23 -8.61 -6.67
C GLN A 17 -9.58 -7.63 -5.69
N ARG A 18 -8.66 -8.14 -4.87
CA ARG A 18 -7.97 -7.31 -3.88
C ARG A 18 -7.24 -6.15 -4.57
N GLU A 19 -6.58 -6.45 -5.68
CA GLU A 19 -5.85 -5.43 -6.42
C GLU A 19 -6.64 -4.13 -6.50
N GLN A 20 -7.95 -4.26 -6.66
CA GLN A 20 -8.82 -3.09 -6.76
C GLN A 20 -8.98 -2.43 -5.40
N GLU A 21 -9.69 -3.09 -4.49
CA GLU A 21 -9.92 -2.55 -3.15
C GLU A 21 -8.66 -1.86 -2.62
N LEU A 22 -7.51 -2.29 -3.13
CA LEU A 22 -6.23 -1.72 -2.70
C LEU A 22 -6.01 -0.36 -3.35
N ARG A 23 -5.89 -0.35 -4.66
CA ARG A 23 -5.67 0.90 -5.40
C ARG A 23 -6.80 1.90 -5.13
N GLU A 24 -8.03 1.47 -5.35
CA GLU A 24 -9.19 2.32 -5.13
C GLU A 24 -9.11 2.99 -3.76
N TRP A 25 -8.76 2.21 -2.75
CA TRP A 25 -8.65 2.72 -1.39
C TRP A 25 -7.58 3.80 -1.30
N ILE A 26 -6.47 3.61 -2.01
CA ILE A 26 -5.38 4.57 -2.01
C ILE A 26 -5.78 5.85 -2.73
N GLU A 27 -6.00 5.73 -4.04
CA GLU A 27 -6.39 6.88 -4.84
C GLU A 27 -7.63 7.57 -4.27
N GLY A 28 -8.41 6.82 -3.49
CA GLY A 28 -9.60 7.38 -2.90
C GLY A 28 -9.30 8.29 -1.74
N VAL A 29 -8.24 7.98 -0.98
CA VAL A 29 -7.85 8.78 0.16
C VAL A 29 -6.99 9.97 -0.27
N THR A 30 -5.81 9.67 -0.80
CA THR A 30 -4.89 10.71 -1.25
C THR A 30 -5.46 11.47 -2.44
N GLY A 31 -5.97 10.73 -3.43
CA GLY A 31 -6.54 11.35 -4.60
C GLY A 31 -5.70 11.14 -5.84
N ARG A 32 -4.62 10.39 -5.69
CA ARG A 32 -3.73 10.11 -6.82
C ARG A 32 -4.13 8.82 -7.53
N ARG A 33 -4.64 8.95 -8.74
CA ARG A 33 -5.07 7.81 -9.53
C ARG A 33 -3.88 6.94 -9.93
N ILE A 34 -3.87 5.70 -9.44
CA ILE A 34 -2.78 4.78 -9.74
C ILE A 34 -2.75 4.44 -11.23
N GLY A 35 -3.92 4.16 -11.80
CA GLY A 35 -4.00 3.83 -13.21
C GLY A 35 -3.73 2.36 -13.47
N ASN A 36 -3.98 1.92 -14.70
CA ASN A 36 -3.77 0.54 -15.08
C ASN A 36 -2.58 -0.06 -14.34
N ASN A 37 -1.38 0.44 -14.66
CA ASN A 37 -0.16 -0.04 -14.02
C ASN A 37 -0.16 0.29 -12.53
N PHE A 38 -0.27 -0.73 -11.69
CA PHE A 38 -0.28 -0.55 -10.26
C PHE A 38 1.13 -0.29 -9.73
N MET A 39 1.97 -1.31 -9.79
CA MET A 39 3.35 -1.18 -9.32
C MET A 39 3.97 0.12 -9.80
N ASP A 40 4.02 0.32 -11.11
CA ASP A 40 4.59 1.52 -11.69
C ASP A 40 3.89 2.76 -11.15
N GLY A 41 2.57 2.74 -11.12
CA GLY A 41 1.80 3.87 -10.62
C GLY A 41 2.18 4.24 -9.21
N LEU A 42 2.51 3.24 -8.39
CA LEU A 42 2.90 3.47 -7.01
C LEU A 42 4.41 3.46 -6.86
N LYS A 43 5.10 3.04 -7.91
CA LYS A 43 6.56 2.97 -7.89
C LYS A 43 7.16 4.30 -7.46
N ASP A 44 6.66 5.39 -8.04
CA ASP A 44 7.14 6.73 -7.71
C ASP A 44 7.50 6.82 -6.23
N GLY A 45 6.73 6.14 -5.39
CA GLY A 45 6.98 6.16 -3.96
C GLY A 45 6.31 7.34 -3.26
N ILE A 46 5.86 8.31 -4.05
CA ILE A 46 5.20 9.48 -3.51
C ILE A 46 3.86 9.12 -2.88
N ILE A 47 2.93 8.66 -3.71
CA ILE A 47 1.61 8.28 -3.24
C ILE A 47 1.69 7.56 -1.89
N LEU A 48 2.54 6.55 -1.81
CA LEU A 48 2.71 5.80 -0.58
C LEU A 48 2.89 6.73 0.62
N CYS A 49 3.85 7.64 0.51
CA CYS A 49 4.12 8.60 1.58
C CYS A 49 2.84 9.38 1.95
N GLU A 50 2.16 9.90 0.94
CA GLU A 50 0.93 10.66 1.16
C GLU A 50 -0.18 9.75 1.67
N PHE A 51 -0.05 8.46 1.41
CA PHE A 51 -1.05 7.49 1.83
C PHE A 51 -1.08 7.36 3.35
N ILE A 52 -0.01 6.79 3.90
CA ILE A 52 0.10 6.61 5.35
C ILE A 52 -0.05 7.94 6.08
N ASN A 53 0.14 9.03 5.35
CA ASN A 53 0.03 10.37 5.92
C ASN A 53 -1.42 10.70 6.25
N LYS A 54 -2.31 10.39 5.33
CA LYS A 54 -3.74 10.65 5.52
C LYS A 54 -4.28 9.88 6.72
N LEU A 55 -3.72 8.70 6.96
CA LEU A 55 -4.14 7.87 8.08
C LEU A 55 -3.60 8.41 9.40
N GLN A 56 -2.37 8.91 9.36
CA GLN A 56 -1.73 9.47 10.55
C GLN A 56 -1.18 10.86 10.28
N PRO A 57 -1.64 11.84 11.07
CA PRO A 57 -1.20 13.24 10.93
C PRO A 57 0.25 13.43 11.36
N GLY A 58 1.18 13.10 10.47
CA GLY A 58 2.59 13.24 10.78
C GLY A 58 3.39 12.00 10.45
N SER A 59 2.95 11.26 9.44
CA SER A 59 3.62 10.04 9.03
C SER A 59 4.95 10.35 8.35
N VAL A 60 4.90 11.20 7.32
CA VAL A 60 6.10 11.58 6.59
C VAL A 60 6.32 13.08 6.66
N LYS A 61 7.50 13.48 7.15
CA LYS A 61 7.85 14.89 7.28
C LYS A 61 7.82 15.58 5.92
N LYS A 62 8.81 15.27 5.08
CA LYS A 62 8.89 15.85 3.75
C LYS A 62 8.99 14.76 2.68
N ILE A 63 8.35 15.00 1.55
CA ILE A 63 8.36 14.04 0.45
C ILE A 63 8.97 14.65 -0.80
N ASN A 64 9.51 13.80 -1.67
CA ASN A 64 10.12 14.26 -2.91
C ASN A 64 9.23 13.96 -4.11
N GLU A 65 8.92 14.99 -4.88
CA GLU A 65 8.07 14.86 -6.05
C GLU A 65 8.80 15.30 -7.31
N SER A 66 9.66 14.42 -7.83
CA SER A 66 10.43 14.74 -9.04
C SER A 66 10.72 13.46 -9.82
N THR A 67 10.76 13.58 -11.15
CA THR A 67 11.04 12.45 -12.02
C THR A 67 12.30 11.72 -11.59
N GLN A 68 13.18 12.43 -10.88
CA GLN A 68 14.43 11.84 -10.41
C GLN A 68 14.17 10.52 -9.70
N ASN A 69 14.99 9.52 -10.01
CA ASN A 69 14.85 8.20 -9.40
C ASN A 69 15.33 8.22 -7.96
N TRP A 70 16.52 8.77 -7.75
CA TRP A 70 17.11 8.84 -6.42
C TRP A 70 16.23 9.67 -5.48
N HIS A 71 15.59 10.70 -6.03
CA HIS A 71 14.71 11.56 -5.25
C HIS A 71 13.48 10.79 -4.77
N GLN A 72 13.06 9.81 -5.57
CA GLN A 72 11.88 9.01 -5.23
C GLN A 72 12.21 8.02 -4.11
N LEU A 73 13.33 7.33 -4.25
CA LEU A 73 13.75 6.35 -3.25
C LEU A 73 13.54 6.89 -1.84
N GLU A 74 13.91 8.15 -1.63
CA GLU A 74 13.75 8.78 -0.32
C GLU A 74 12.31 8.68 0.17
N ASN A 75 11.36 8.85 -0.75
CA ASN A 75 9.95 8.78 -0.42
C ASN A 75 9.59 7.40 0.14
N ILE A 76 9.76 6.37 -0.68
CA ILE A 76 9.46 5.01 -0.26
C ILE A 76 10.10 4.69 1.09
N GLY A 77 11.30 5.21 1.30
CA GLY A 77 12.01 4.98 2.55
C GLY A 77 11.26 5.53 3.75
N ASN A 78 10.72 6.74 3.61
CA ASN A 78 9.99 7.38 4.69
C ASN A 78 8.66 6.66 4.95
N PHE A 79 8.00 6.27 3.87
CA PHE A 79 6.72 5.56 3.98
C PHE A 79 6.88 4.25 4.73
N ILE A 80 7.66 3.34 4.16
CA ILE A 80 7.90 2.04 4.78
C ILE A 80 8.08 2.17 6.28
N LYS A 81 8.84 3.18 6.70
CA LYS A 81 9.08 3.43 8.11
C LYS A 81 7.84 4.01 8.78
N ALA A 82 7.13 4.87 8.07
CA ALA A 82 5.93 5.50 8.61
C ALA A 82 4.88 4.45 8.97
N ILE A 83 4.63 3.53 8.04
CA ILE A 83 3.65 2.48 8.27
C ILE A 83 4.09 1.55 9.39
N THR A 84 5.40 1.39 9.55
CA THR A 84 5.94 0.54 10.59
C THR A 84 5.51 1.01 11.98
N LYS A 85 5.49 2.33 12.17
CA LYS A 85 5.09 2.91 13.44
C LYS A 85 3.58 2.89 13.60
N TYR A 86 2.87 3.34 12.57
CA TYR A 86 1.41 3.36 12.59
C TYR A 86 0.85 2.11 13.26
N GLY A 87 0.96 0.98 12.56
CA GLY A 87 0.46 -0.27 13.10
C GLY A 87 0.72 -1.44 12.16
N VAL A 88 1.91 -1.48 11.59
CA VAL A 88 2.29 -2.56 10.68
C VAL A 88 3.66 -3.11 11.01
N LYS A 89 3.73 -4.42 11.26
CA LYS A 89 4.99 -5.07 11.59
C LYS A 89 5.93 -5.06 10.39
N PRO A 90 7.25 -5.03 10.68
CA PRO A 90 8.29 -5.01 9.63
C PRO A 90 8.38 -6.34 8.90
N HIS A 91 7.76 -7.37 9.47
CA HIS A 91 7.78 -8.70 8.86
C HIS A 91 6.73 -8.81 7.75
N ASP A 92 5.87 -7.80 7.66
CA ASP A 92 4.82 -7.77 6.65
C ASP A 92 4.97 -6.55 5.74
N ILE A 93 6.06 -5.82 5.92
CA ILE A 93 6.31 -4.63 5.12
C ILE A 93 7.32 -4.93 4.01
N PHE A 94 7.13 -4.27 2.86
CA PHE A 94 8.02 -4.46 1.72
C PHE A 94 9.26 -3.58 1.85
N GLU A 95 10.32 -3.96 1.13
CA GLU A 95 11.57 -3.21 1.16
C GLU A 95 11.56 -2.09 0.13
N ALA A 96 12.42 -1.10 0.32
CA ALA A 96 12.52 0.03 -0.60
C ALA A 96 12.63 -0.44 -2.04
N ASN A 97 13.35 -1.55 -2.23
CA ASN A 97 13.54 -2.12 -3.57
C ASN A 97 12.31 -2.90 -4.02
N ASP A 98 11.74 -3.67 -3.09
CA ASP A 98 10.56 -4.46 -3.39
C ASP A 98 9.61 -3.71 -4.31
N LEU A 99 9.54 -2.39 -4.13
CA LEU A 99 8.67 -1.56 -4.94
C LEU A 99 9.48 -0.77 -5.98
N PHE A 100 10.46 -0.02 -5.50
CA PHE A 100 11.31 0.78 -6.37
C PHE A 100 11.74 -0.03 -7.59
N GLU A 101 12.56 -1.05 -7.37
CA GLU A 101 13.05 -1.90 -8.45
C GLU A 101 11.98 -2.90 -8.86
N ASN A 102 10.77 -2.73 -8.34
CA ASN A 102 9.67 -3.63 -8.67
C ASN A 102 10.12 -5.08 -8.65
N THR A 103 11.07 -5.38 -7.77
CA THR A 103 11.59 -6.74 -7.65
C THR A 103 10.61 -7.65 -6.93
N ASN A 104 9.80 -7.06 -6.06
CA ASN A 104 8.81 -7.83 -5.31
C ASN A 104 7.43 -7.18 -5.41
N HIS A 105 6.54 -7.80 -6.18
CA HIS A 105 5.19 -7.27 -6.36
C HIS A 105 4.27 -7.74 -5.23
N THR A 106 4.05 -9.05 -5.16
CA THR A 106 3.20 -9.62 -4.13
C THR A 106 3.53 -9.05 -2.75
N GLN A 107 4.78 -9.25 -2.33
CA GLN A 107 5.23 -8.76 -1.03
C GLN A 107 4.62 -7.39 -0.72
N VAL A 108 4.62 -6.51 -1.71
CA VAL A 108 4.07 -5.17 -1.55
C VAL A 108 2.55 -5.23 -1.38
N GLN A 109 1.90 -6.05 -2.20
CA GLN A 109 0.46 -6.19 -2.15
C GLN A 109 0.00 -6.56 -0.75
N SER A 110 0.62 -7.58 -0.16
CA SER A 110 0.27 -8.04 1.17
C SER A 110 0.39 -6.90 2.18
N THR A 111 1.55 -6.25 2.19
CA THR A 111 1.80 -5.14 3.11
C THR A 111 0.58 -4.24 3.22
N LEU A 112 -0.07 -3.99 2.09
CA LEU A 112 -1.26 -3.14 2.06
C LEU A 112 -2.46 -3.87 2.65
N LEU A 113 -2.68 -5.10 2.21
CA LEU A 113 -3.80 -5.90 2.69
C LEU A 113 -3.93 -5.78 4.20
N ALA A 114 -2.80 -5.83 4.90
CA ALA A 114 -2.79 -5.74 6.36
C ALA A 114 -3.11 -4.31 6.81
N LEU A 115 -2.43 -3.34 6.22
CA LEU A 115 -2.64 -1.94 6.56
C LEU A 115 -4.13 -1.61 6.60
N ALA A 116 -4.85 -1.98 5.55
CA ALA A 116 -6.28 -1.73 5.48
C ALA A 116 -6.96 -2.03 6.81
N SER A 117 -6.59 -3.15 7.41
CA SER A 117 -7.17 -3.56 8.69
C SER A 117 -6.70 -2.65 9.82
N MET A 118 -5.50 -2.09 9.66
CA MET A 118 -4.94 -1.20 10.66
C MET A 118 -5.62 0.17 10.63
N ALA A 119 -6.18 0.52 9.48
CA ALA A 119 -6.87 1.79 9.31
C ALA A 119 -8.35 1.65 9.62
N LYS A 120 -8.84 0.41 9.61
CA LYS A 120 -10.25 0.14 9.89
C LYS A 120 -10.57 0.37 11.37
N THR A 121 -9.91 -0.40 12.24
CA THR A 121 -10.13 -0.29 13.67
C THR A 121 -10.04 1.16 14.12
N LYS A 122 -9.28 1.97 13.40
CA LYS A 122 -9.12 3.38 13.72
C LYS A 122 -10.36 4.16 13.33
N GLY A 123 -10.86 3.92 12.12
CA GLY A 123 -12.03 4.61 11.64
C GLY A 123 -11.83 5.25 10.28
N ASN A 124 -11.19 4.51 9.38
CA ASN A 124 -10.92 5.01 8.04
C ASN A 124 -11.70 4.22 7.00
N LYS A 125 -12.23 4.92 5.99
CA LYS A 125 -12.99 4.28 4.93
C LYS A 125 -12.09 3.42 4.06
N VAL A 126 -11.90 2.16 4.46
CA VAL A 126 -11.06 1.23 3.71
C VAL A 126 -11.89 0.38 2.78
N ASN A 127 -12.78 -0.43 3.35
CA ASN A 127 -13.63 -1.31 2.56
C ASN A 127 -12.81 -2.26 1.70
N VAL A 128 -11.80 -2.87 2.32
CA VAL A 128 -10.92 -3.80 1.62
C VAL A 128 -11.07 -5.22 2.18
N GLY A 129 -11.22 -6.19 1.28
CA GLY A 129 -11.37 -7.57 1.70
C GLY A 129 -10.09 -8.14 2.29
N VAL A 130 -9.73 -7.66 3.48
CA VAL A 130 -8.52 -8.13 4.15
C VAL A 130 -8.62 -9.61 4.50
N SER A 131 -7.51 -10.32 4.33
CA SER A 131 -7.47 -11.75 4.62
C SER A 131 -6.62 -12.04 5.86
N GLY A 132 -7.19 -12.77 6.81
CA GLY A 132 -6.47 -13.10 8.03
C GLY A 132 -6.58 -14.57 8.39
N PRO A 133 -5.66 -15.39 7.86
CA PRO A 133 -5.64 -16.83 8.13
C PRO A 133 -5.26 -17.15 9.56
N SER A 134 -6.11 -17.90 10.25
CA SER A 134 -5.86 -18.29 11.63
C SER A 134 -4.40 -18.65 11.84
N SER A 135 -3.90 -18.42 13.05
CA SER A 135 -2.51 -18.73 13.37
C SER A 135 -2.42 -19.63 14.61
N GLY A 136 -2.43 -20.94 14.38
CA GLY A 136 -2.36 -21.88 15.46
C GLY A 136 -3.58 -22.78 15.55
N GLY A 1 -19.11 0.08 12.14
CA GLY A 1 -18.19 -0.61 13.02
C GLY A 1 -18.09 -2.08 12.71
N SER A 2 -16.87 -2.61 12.81
CA SER A 2 -16.63 -4.02 12.54
C SER A 2 -15.61 -4.61 13.51
N SER A 3 -15.73 -5.90 13.78
CA SER A 3 -14.82 -6.57 14.70
C SER A 3 -14.85 -8.09 14.48
N GLY A 4 -13.98 -8.79 15.19
CA GLY A 4 -13.91 -10.24 15.07
C GLY A 4 -13.35 -10.68 13.72
N SER A 5 -12.32 -9.98 13.26
CA SER A 5 -11.70 -10.30 11.98
C SER A 5 -10.40 -11.08 12.19
N SER A 6 -10.48 -12.39 12.00
CA SER A 6 -9.32 -13.27 12.16
C SER A 6 -8.06 -12.60 11.60
N GLY A 7 -8.15 -12.17 10.35
CA GLY A 7 -7.01 -11.53 9.71
C GLY A 7 -6.52 -12.31 8.51
N ASN A 8 -5.30 -12.00 8.07
CA ASN A 8 -4.70 -12.69 6.92
C ASN A 8 -3.18 -12.77 7.07
N LYS A 9 -2.68 -14.00 7.18
CA LYS A 9 -1.25 -14.21 7.32
C LYS A 9 -0.72 -15.12 6.21
N LEU A 10 0.51 -14.86 5.78
CA LEU A 10 1.12 -15.65 4.71
C LEU A 10 0.25 -15.67 3.47
N ALA A 11 -0.20 -14.49 3.05
CA ALA A 11 -1.04 -14.37 1.87
C ALA A 11 -0.22 -13.98 0.65
N GLN A 12 0.94 -14.61 0.49
CA GLN A 12 1.82 -14.32 -0.64
C GLN A 12 1.06 -14.36 -1.95
N LYS A 13 -0.11 -15.00 -1.94
CA LYS A 13 -0.94 -15.11 -3.12
C LYS A 13 -1.33 -13.73 -3.65
N TYR A 14 -1.29 -13.56 -4.96
CA TYR A 14 -1.62 -12.29 -5.58
C TYR A 14 -3.04 -12.34 -6.17
N ASP A 15 -4.01 -11.87 -5.40
CA ASP A 15 -5.39 -11.86 -5.84
C ASP A 15 -5.65 -10.69 -6.79
N HIS A 16 -6.40 -10.96 -7.85
CA HIS A 16 -6.71 -9.93 -8.84
C HIS A 16 -7.74 -8.95 -8.29
N GLN A 17 -8.69 -9.46 -7.52
CA GLN A 17 -9.73 -8.63 -6.94
C GLN A 17 -9.15 -7.68 -5.89
N ARG A 18 -8.51 -8.24 -4.87
CA ARG A 18 -7.91 -7.45 -3.81
C ARG A 18 -7.14 -6.26 -4.39
N GLU A 19 -6.50 -6.49 -5.53
CA GLU A 19 -5.73 -5.43 -6.20
C GLU A 19 -6.65 -4.33 -6.71
N GLN A 20 -7.78 -4.73 -7.28
CA GLN A 20 -8.74 -3.78 -7.82
C GLN A 20 -9.34 -2.91 -6.72
N GLU A 21 -9.31 -3.44 -5.49
CA GLU A 21 -9.85 -2.72 -4.34
C GLU A 21 -8.75 -1.94 -3.62
N LEU A 22 -7.57 -2.53 -3.55
CA LEU A 22 -6.43 -1.89 -2.90
C LEU A 22 -6.22 -0.47 -3.43
N ARG A 23 -6.15 -0.34 -4.75
CA ARG A 23 -5.95 0.95 -5.39
C ARG A 23 -7.08 1.90 -5.05
N GLU A 24 -8.32 1.50 -5.37
CA GLU A 24 -9.49 2.31 -5.10
C GLU A 24 -9.37 3.01 -3.75
N TRP A 25 -8.81 2.30 -2.78
CA TRP A 25 -8.63 2.86 -1.43
C TRP A 25 -7.51 3.89 -1.41
N ILE A 26 -6.35 3.51 -1.93
CA ILE A 26 -5.20 4.40 -1.98
C ILE A 26 -5.53 5.67 -2.76
N GLU A 27 -5.74 5.53 -4.06
CA GLU A 27 -6.06 6.67 -4.91
C GLU A 27 -7.31 7.38 -4.41
N GLY A 28 -8.06 6.71 -3.55
CA GLY A 28 -9.29 7.30 -3.02
C GLY A 28 -9.01 8.23 -1.85
N VAL A 29 -8.10 7.83 -0.97
CA VAL A 29 -7.76 8.63 0.19
C VAL A 29 -6.87 9.81 -0.20
N THR A 30 -5.72 9.51 -0.81
CA THR A 30 -4.79 10.54 -1.22
C THR A 30 -5.34 11.34 -2.40
N GLY A 31 -6.19 10.69 -3.20
CA GLY A 31 -6.78 11.36 -4.36
C GLY A 31 -6.03 11.06 -5.64
N ARG A 32 -4.73 10.80 -5.52
CA ARG A 32 -3.90 10.50 -6.69
C ARG A 32 -4.42 9.27 -7.42
N ARG A 33 -4.74 9.45 -8.70
CA ARG A 33 -5.26 8.36 -9.52
C ARG A 33 -4.12 7.46 -10.01
N ILE A 34 -3.93 6.34 -9.31
CA ILE A 34 -2.89 5.40 -9.66
C ILE A 34 -2.97 5.01 -11.14
N GLY A 35 -4.13 4.52 -11.56
CA GLY A 35 -4.32 4.13 -12.94
C GLY A 35 -3.96 2.67 -13.19
N ASN A 36 -4.32 2.16 -14.35
CA ASN A 36 -4.03 0.78 -14.71
C ASN A 36 -2.68 0.34 -14.14
N ASN A 37 -1.66 1.16 -14.36
CA ASN A 37 -0.33 0.86 -13.86
C ASN A 37 -0.26 0.94 -12.34
N PHE A 38 -0.54 -0.17 -11.68
CA PHE A 38 -0.53 -0.22 -10.22
C PHE A 38 0.89 -0.09 -9.69
N MET A 39 1.69 -1.15 -9.86
CA MET A 39 3.06 -1.14 -9.39
C MET A 39 3.75 0.18 -9.72
N ASP A 40 3.90 0.47 -11.00
CA ASP A 40 4.53 1.70 -11.45
C ASP A 40 3.90 2.91 -10.77
N GLY A 41 2.57 3.00 -10.86
CA GLY A 41 1.88 4.12 -10.25
C GLY A 41 2.23 4.30 -8.79
N LEU A 42 2.72 3.24 -8.17
CA LEU A 42 3.11 3.29 -6.76
C LEU A 42 4.62 3.26 -6.60
N LYS A 43 5.31 2.83 -7.66
CA LYS A 43 6.77 2.77 -7.64
C LYS A 43 7.37 4.10 -7.21
N ASP A 44 6.91 5.18 -7.82
CA ASP A 44 7.40 6.51 -7.49
C ASP A 44 7.61 6.66 -5.99
N GLY A 45 6.67 6.14 -5.21
CA GLY A 45 6.77 6.24 -3.76
C GLY A 45 6.03 7.44 -3.21
N ILE A 46 5.56 8.31 -4.10
CA ILE A 46 4.84 9.50 -3.68
C ILE A 46 3.54 9.15 -2.98
N ILE A 47 2.57 8.64 -3.75
CA ILE A 47 1.28 8.26 -3.21
C ILE A 47 1.44 7.57 -1.85
N LEU A 48 2.41 6.68 -1.76
CA LEU A 48 2.66 5.94 -0.53
C LEU A 48 2.86 6.91 0.64
N CYS A 49 3.92 7.71 0.57
CA CYS A 49 4.23 8.68 1.61
C CYS A 49 2.97 9.42 2.05
N GLU A 50 2.25 9.97 1.08
CA GLU A 50 1.02 10.72 1.36
C GLU A 50 -0.05 9.78 1.91
N PHE A 51 -0.03 8.53 1.48
CA PHE A 51 -1.01 7.55 1.93
C PHE A 51 -1.01 7.44 3.44
N ILE A 52 0.06 6.90 4.00
CA ILE A 52 0.19 6.74 5.44
C ILE A 52 0.04 8.08 6.16
N ASN A 53 0.30 9.17 5.42
CA ASN A 53 0.19 10.51 5.99
C ASN A 53 -1.26 10.86 6.30
N LYS A 54 -2.14 10.59 5.34
CA LYS A 54 -3.56 10.87 5.50
C LYS A 54 -4.12 10.17 6.74
N LEU A 55 -3.61 8.97 7.02
CA LEU A 55 -4.06 8.20 8.17
C LEU A 55 -3.38 8.69 9.45
N GLN A 56 -2.08 8.93 9.36
CA GLN A 56 -1.32 9.41 10.51
C GLN A 56 -0.63 10.74 10.20
N PRO A 57 -1.20 11.84 10.71
CA PRO A 57 -0.67 13.18 10.51
C PRO A 57 0.65 13.40 11.24
N GLY A 58 1.76 13.24 10.53
CA GLY A 58 3.06 13.42 11.13
C GLY A 58 4.07 12.38 10.67
N SER A 59 3.61 11.44 9.84
CA SER A 59 4.47 10.38 9.33
C SER A 59 5.67 10.96 8.58
N VAL A 60 5.40 11.57 7.44
CA VAL A 60 6.44 12.17 6.62
C VAL A 60 6.36 13.69 6.65
N LYS A 61 7.46 14.34 7.02
CA LYS A 61 7.51 15.80 7.08
C LYS A 61 7.52 16.39 5.68
N LYS A 62 8.48 15.97 4.86
CA LYS A 62 8.59 16.45 3.50
C LYS A 62 8.67 15.30 2.50
N ILE A 63 8.15 15.51 1.31
CA ILE A 63 8.17 14.49 0.27
C ILE A 63 8.75 15.03 -1.04
N ASN A 64 9.64 14.27 -1.65
CA ASN A 64 10.26 14.68 -2.91
C ASN A 64 9.38 14.30 -4.10
N GLU A 65 8.34 15.10 -4.34
CA GLU A 65 7.43 14.85 -5.44
C GLU A 65 8.11 15.11 -6.78
N SER A 66 9.06 14.23 -7.14
CA SER A 66 9.79 14.36 -8.39
C SER A 66 9.75 13.05 -9.18
N THR A 67 10.47 13.02 -10.30
CA THR A 67 10.52 11.84 -11.15
C THR A 67 11.92 11.25 -11.17
N GLN A 68 12.82 11.83 -10.40
CA GLN A 68 14.20 11.36 -10.33
C GLN A 68 14.30 10.10 -9.47
N ASN A 69 15.07 9.12 -9.96
CA ASN A 69 15.25 7.87 -9.23
C ASN A 69 15.61 8.12 -7.78
N TRP A 70 16.85 8.53 -7.55
CA TRP A 70 17.33 8.81 -6.20
C TRP A 70 16.22 9.45 -5.35
N HIS A 71 15.53 10.42 -5.92
CA HIS A 71 14.45 11.10 -5.23
C HIS A 71 13.35 10.13 -4.84
N GLN A 72 12.87 9.36 -5.81
CA GLN A 72 11.82 8.38 -5.57
C GLN A 72 12.16 7.48 -4.39
N LEU A 73 13.38 6.95 -4.39
CA LEU A 73 13.84 6.07 -3.33
C LEU A 73 13.68 6.75 -1.96
N GLU A 74 14.23 7.95 -1.84
CA GLU A 74 14.15 8.70 -0.59
C GLU A 74 12.71 8.76 -0.09
N ASN A 75 11.76 8.80 -1.02
CA ASN A 75 10.34 8.86 -0.66
C ASN A 75 9.88 7.53 -0.07
N ILE A 76 9.94 6.48 -0.87
CA ILE A 76 9.52 5.15 -0.42
C ILE A 76 10.13 4.83 0.94
N GLY A 77 11.38 5.21 1.13
CA GLY A 77 12.05 4.94 2.40
C GLY A 77 11.33 5.56 3.57
N ASN A 78 10.88 6.80 3.40
CA ASN A 78 10.16 7.51 4.46
C ASN A 78 8.83 6.85 4.77
N PHE A 79 8.11 6.47 3.71
CA PHE A 79 6.81 5.82 3.87
C PHE A 79 6.94 4.54 4.68
N ILE A 80 7.64 3.56 4.11
CA ILE A 80 7.84 2.27 4.79
C ILE A 80 7.99 2.46 6.29
N LYS A 81 8.93 3.31 6.68
CA LYS A 81 9.19 3.59 8.10
C LYS A 81 7.92 4.11 8.78
N ALA A 82 7.21 5.01 8.09
CA ALA A 82 5.99 5.59 8.64
C ALA A 82 4.95 4.50 8.93
N ILE A 83 4.68 3.67 7.93
CA ILE A 83 3.71 2.59 8.09
C ILE A 83 4.16 1.59 9.14
N THR A 84 5.46 1.58 9.42
CA THR A 84 6.03 0.68 10.41
C THR A 84 5.61 1.06 11.82
N LYS A 85 5.55 2.36 12.09
CA LYS A 85 5.17 2.87 13.40
C LYS A 85 3.65 2.81 13.57
N TYR A 86 2.93 3.26 12.54
CA TYR A 86 1.48 3.27 12.58
C TYR A 86 0.94 1.99 13.22
N GLY A 87 1.05 0.88 12.51
CA GLY A 87 0.57 -0.39 13.02
C GLY A 87 0.82 -1.54 12.07
N VAL A 88 2.02 -1.57 11.49
CA VAL A 88 2.38 -2.62 10.55
C VAL A 88 3.76 -3.19 10.88
N LYS A 89 3.78 -4.46 11.33
CA LYS A 89 5.02 -5.12 11.68
C LYS A 89 6.00 -5.09 10.50
N PRO A 90 7.30 -5.20 10.82
CA PRO A 90 8.37 -5.19 9.81
C PRO A 90 8.37 -6.45 8.96
N HIS A 91 7.82 -7.53 9.50
CA HIS A 91 7.75 -8.80 8.79
C HIS A 91 6.65 -8.78 7.73
N ASP A 92 5.86 -7.72 7.74
CA ASP A 92 4.76 -7.57 6.78
C ASP A 92 4.93 -6.30 5.95
N ILE A 93 6.16 -5.79 5.90
CA ILE A 93 6.45 -4.58 5.15
C ILE A 93 7.40 -4.88 3.99
N PHE A 94 7.21 -4.18 2.87
CA PHE A 94 8.05 -4.36 1.70
C PHE A 94 9.29 -3.47 1.77
N GLU A 95 10.35 -3.89 1.07
CA GLU A 95 11.60 -3.14 1.06
C GLU A 95 11.58 -2.07 -0.03
N ALA A 96 12.47 -1.10 0.08
CA ALA A 96 12.56 -0.02 -0.89
C ALA A 96 12.62 -0.56 -2.32
N ASN A 97 13.25 -1.72 -2.48
CA ASN A 97 13.38 -2.34 -3.78
C ASN A 97 12.09 -3.07 -4.17
N ASP A 98 11.47 -3.71 -3.18
CA ASP A 98 10.23 -4.45 -3.42
C ASP A 98 9.26 -3.62 -4.26
N LEU A 99 9.22 -2.32 -3.99
CA LEU A 99 8.33 -1.42 -4.72
C LEU A 99 9.10 -0.66 -5.80
N PHE A 100 10.19 -0.01 -5.39
CA PHE A 100 11.01 0.75 -6.33
C PHE A 100 11.41 -0.11 -7.53
N GLU A 101 12.20 -1.14 -7.27
CA GLU A 101 12.65 -2.05 -8.33
C GLU A 101 11.59 -3.09 -8.64
N ASN A 102 10.39 -2.87 -8.13
CA ASN A 102 9.29 -3.81 -8.36
C ASN A 102 9.79 -5.24 -8.41
N THR A 103 10.74 -5.57 -7.53
CA THR A 103 11.30 -6.91 -7.48
C THR A 103 10.38 -7.87 -6.73
N ASN A 104 9.75 -7.36 -5.67
CA ASN A 104 8.84 -8.18 -4.88
C ASN A 104 7.44 -7.58 -4.87
N HIS A 105 6.66 -7.89 -5.91
CA HIS A 105 5.31 -7.39 -6.02
C HIS A 105 4.45 -7.87 -4.86
N THR A 106 4.13 -9.15 -4.85
CA THR A 106 3.31 -9.74 -3.79
C THR A 106 3.61 -9.08 -2.44
N GLN A 107 4.88 -9.13 -2.04
CA GLN A 107 5.30 -8.55 -0.77
C GLN A 107 4.62 -7.21 -0.54
N VAL A 108 4.69 -6.33 -1.55
CA VAL A 108 4.08 -5.01 -1.46
C VAL A 108 2.57 -5.11 -1.26
N GLN A 109 1.95 -6.05 -1.97
CA GLN A 109 0.51 -6.25 -1.87
C GLN A 109 0.10 -6.57 -0.44
N SER A 110 0.76 -7.55 0.16
CA SER A 110 0.46 -7.95 1.53
C SER A 110 0.54 -6.76 2.47
N THR A 111 1.63 -6.00 2.38
CA THR A 111 1.83 -4.83 3.23
C THR A 111 0.60 -3.95 3.23
N LEU A 112 -0.06 -3.83 2.07
CA LEU A 112 -1.25 -3.01 1.95
C LEU A 112 -2.47 -3.72 2.55
N LEU A 113 -2.67 -4.97 2.16
CA LEU A 113 -3.79 -5.76 2.65
C LEU A 113 -3.92 -5.63 4.17
N ALA A 114 -2.78 -5.55 4.84
CA ALA A 114 -2.77 -5.42 6.30
C ALA A 114 -3.06 -3.98 6.72
N LEU A 115 -2.36 -3.04 6.11
CA LEU A 115 -2.54 -1.62 6.42
C LEU A 115 -4.02 -1.27 6.46
N ALA A 116 -4.77 -1.69 5.44
CA ALA A 116 -6.19 -1.41 5.37
C ALA A 116 -6.89 -1.78 6.67
N SER A 117 -6.53 -2.94 7.21
CA SER A 117 -7.13 -3.41 8.46
C SER A 117 -6.71 -2.53 9.63
N MET A 118 -5.52 -1.95 9.53
CA MET A 118 -5.00 -1.08 10.58
C MET A 118 -5.79 0.22 10.65
N ALA A 119 -6.38 0.62 9.53
CA ALA A 119 -7.17 1.84 9.46
C ALA A 119 -8.65 1.56 9.70
N LYS A 120 -9.04 0.31 9.48
CA LYS A 120 -10.43 -0.10 9.66
C LYS A 120 -10.82 -0.06 11.13
N THR A 121 -10.01 -0.69 11.97
CA THR A 121 -10.27 -0.73 13.40
C THR A 121 -10.40 0.68 13.97
N LYS A 122 -9.44 1.54 13.65
CA LYS A 122 -9.45 2.92 14.13
C LYS A 122 -10.79 3.58 13.84
N GLY A 123 -11.25 3.47 12.60
CA GLY A 123 -12.52 4.07 12.21
C GLY A 123 -12.45 4.75 10.86
N ASN A 124 -11.86 4.07 9.89
CA ASN A 124 -11.73 4.62 8.54
C ASN A 124 -12.29 3.65 7.50
N LYS A 125 -13.59 3.77 7.23
CA LYS A 125 -14.24 2.90 6.26
C LYS A 125 -13.31 2.59 5.09
N VAL A 126 -12.77 1.38 5.09
CA VAL A 126 -11.86 0.95 4.03
C VAL A 126 -12.57 0.03 3.04
N ASN A 127 -12.58 0.44 1.78
CA ASN A 127 -13.22 -0.34 0.73
C ASN A 127 -12.58 -1.72 0.61
N VAL A 128 -11.25 -1.76 0.59
CA VAL A 128 -10.53 -3.01 0.48
C VAL A 128 -11.24 -4.13 1.24
N GLY A 129 -11.81 -5.07 0.49
CA GLY A 129 -12.52 -6.18 1.10
C GLY A 129 -11.59 -7.14 1.81
N VAL A 130 -11.19 -6.78 3.03
CA VAL A 130 -10.30 -7.61 3.82
C VAL A 130 -11.04 -8.82 4.40
N SER A 131 -11.02 -9.92 3.64
CA SER A 131 -11.69 -11.14 4.07
C SER A 131 -10.68 -12.28 4.24
N GLY A 132 -10.52 -12.72 5.48
CA GLY A 132 -9.59 -13.80 5.77
C GLY A 132 -10.29 -15.08 6.18
N PRO A 133 -10.50 -15.99 5.22
CA PRO A 133 -11.17 -17.26 5.46
C PRO A 133 -10.31 -18.21 6.30
N SER A 134 -10.87 -19.37 6.63
CA SER A 134 -10.16 -20.37 7.43
C SER A 134 -9.81 -21.59 6.58
N SER A 135 -8.78 -22.31 7.00
CA SER A 135 -8.34 -23.50 6.29
C SER A 135 -8.60 -24.76 7.12
N GLY A 136 -8.93 -25.85 6.44
CA GLY A 136 -9.19 -27.11 7.13
C GLY A 136 -9.08 -28.31 6.21
N GLY A 1 -22.58 -13.02 -7.34
CA GLY A 1 -21.22 -13.42 -7.65
C GLY A 1 -21.07 -14.92 -7.77
N SER A 2 -20.84 -15.39 -8.99
CA SER A 2 -20.69 -16.83 -9.24
C SER A 2 -19.78 -17.07 -10.42
N SER A 3 -18.87 -18.04 -10.28
CA SER A 3 -17.92 -18.37 -11.34
C SER A 3 -17.53 -19.85 -11.27
N GLY A 4 -17.20 -20.42 -12.42
CA GLY A 4 -16.81 -21.82 -12.47
C GLY A 4 -15.49 -22.07 -11.78
N SER A 5 -15.38 -23.21 -11.10
CA SER A 5 -14.16 -23.57 -10.38
C SER A 5 -13.35 -24.58 -11.18
N SER A 6 -12.29 -24.10 -11.83
CA SER A 6 -11.44 -24.97 -12.64
C SER A 6 -10.06 -24.35 -12.83
N GLY A 7 -9.03 -25.04 -12.35
CA GLY A 7 -7.68 -24.54 -12.49
C GLY A 7 -7.12 -24.01 -11.18
N ASN A 8 -7.03 -22.69 -11.07
CA ASN A 8 -6.51 -22.06 -9.86
C ASN A 8 -7.05 -20.63 -9.71
N LYS A 9 -7.48 -20.29 -8.51
CA LYS A 9 -8.02 -18.97 -8.24
C LYS A 9 -7.68 -18.52 -6.82
N LEU A 10 -7.74 -17.22 -6.58
CA LEU A 10 -7.44 -16.66 -5.26
C LEU A 10 -6.05 -17.07 -4.81
N ALA A 11 -5.10 -17.07 -5.74
CA ALA A 11 -3.73 -17.44 -5.43
C ALA A 11 -3.27 -16.81 -4.12
N GLN A 12 -2.72 -17.63 -3.23
CA GLN A 12 -2.24 -17.14 -1.94
C GLN A 12 -1.15 -16.10 -2.13
N LYS A 13 -0.53 -16.10 -3.30
CA LYS A 13 0.54 -15.15 -3.60
C LYS A 13 -0.04 -13.77 -3.94
N TYR A 14 -0.83 -13.71 -5.01
CA TYR A 14 -1.44 -12.46 -5.43
C TYR A 14 -2.90 -12.67 -5.79
N ASP A 15 -3.71 -11.63 -5.57
CA ASP A 15 -5.13 -11.68 -5.87
C ASP A 15 -5.51 -10.64 -6.90
N HIS A 16 -6.60 -10.89 -7.62
CA HIS A 16 -7.07 -9.98 -8.65
C HIS A 16 -8.05 -8.96 -8.07
N GLN A 17 -8.97 -9.45 -7.25
CA GLN A 17 -9.97 -8.58 -6.62
C GLN A 17 -9.31 -7.57 -5.69
N ARG A 18 -8.60 -8.07 -4.68
CA ARG A 18 -7.92 -7.21 -3.72
C ARG A 18 -7.08 -6.16 -4.44
N GLU A 19 -6.56 -6.52 -5.61
CA GLU A 19 -5.74 -5.60 -6.40
C GLU A 19 -6.52 -4.34 -6.76
N GLN A 20 -7.73 -4.53 -7.27
CA GLN A 20 -8.58 -3.41 -7.65
C GLN A 20 -9.11 -2.68 -6.42
N GLU A 21 -9.30 -3.43 -5.34
CA GLU A 21 -9.81 -2.84 -4.09
C GLU A 21 -8.82 -1.85 -3.52
N LEU A 22 -7.56 -2.26 -3.42
CA LEU A 22 -6.51 -1.40 -2.88
C LEU A 22 -6.42 -0.09 -3.65
N ARG A 23 -6.21 -0.20 -4.96
CA ARG A 23 -6.11 0.98 -5.82
C ARG A 23 -7.12 2.04 -5.40
N GLU A 24 -8.40 1.75 -5.62
CA GLU A 24 -9.47 2.68 -5.25
C GLU A 24 -9.20 3.33 -3.90
N TRP A 25 -8.80 2.50 -2.94
CA TRP A 25 -8.51 2.99 -1.60
C TRP A 25 -7.34 3.97 -1.61
N ILE A 26 -6.27 3.62 -2.32
CA ILE A 26 -5.10 4.46 -2.42
C ILE A 26 -5.42 5.76 -3.14
N GLU A 27 -5.69 5.67 -4.44
CA GLU A 27 -6.01 6.83 -5.25
C GLU A 27 -7.22 7.56 -4.68
N GLY A 28 -8.02 6.86 -3.89
CA GLY A 28 -9.20 7.46 -3.30
C GLY A 28 -8.88 8.27 -2.07
N VAL A 29 -8.00 7.75 -1.22
CA VAL A 29 -7.61 8.43 0.01
C VAL A 29 -6.71 9.62 -0.30
N THR A 30 -5.58 9.36 -0.93
CA THR A 30 -4.63 10.40 -1.28
C THR A 30 -5.16 11.27 -2.41
N GLY A 31 -5.83 10.64 -3.38
CA GLY A 31 -6.38 11.37 -4.50
C GLY A 31 -5.47 11.35 -5.71
N ARG A 32 -4.58 10.36 -5.76
CA ARG A 32 -3.64 10.22 -6.88
C ARG A 32 -4.02 9.05 -7.76
N ARG A 33 -4.53 9.33 -8.95
CA ARG A 33 -4.92 8.29 -9.88
C ARG A 33 -3.75 7.37 -10.21
N ILE A 34 -3.81 6.14 -9.70
CA ILE A 34 -2.75 5.16 -9.92
C ILE A 34 -2.73 4.71 -11.38
N GLY A 35 -3.92 4.51 -11.96
CA GLY A 35 -4.01 4.08 -13.33
C GLY A 35 -3.72 2.60 -13.49
N ASN A 36 -3.80 2.12 -14.73
CA ASN A 36 -3.54 0.71 -15.02
C ASN A 36 -2.33 0.20 -14.23
N ASN A 37 -1.16 0.69 -14.59
CA ASN A 37 0.08 0.30 -13.93
C ASN A 37 -0.01 0.54 -12.42
N PHE A 38 -0.42 -0.49 -11.68
CA PHE A 38 -0.56 -0.38 -10.23
C PHE A 38 0.81 -0.23 -9.58
N MET A 39 1.75 -1.10 -9.94
CA MET A 39 3.09 -1.07 -9.38
C MET A 39 3.80 0.24 -9.75
N ASP A 40 3.92 0.50 -11.05
CA ASP A 40 4.57 1.71 -11.53
C ASP A 40 3.93 2.95 -10.91
N GLY A 41 2.62 3.07 -11.08
CA GLY A 41 1.90 4.22 -10.53
C GLY A 41 2.25 4.49 -9.08
N LEU A 42 2.49 3.41 -8.33
CA LEU A 42 2.85 3.54 -6.92
C LEU A 42 4.36 3.52 -6.73
N LYS A 43 5.06 3.06 -7.75
CA LYS A 43 6.52 2.98 -7.70
C LYS A 43 7.12 4.32 -7.31
N ASP A 44 6.62 5.38 -7.93
CA ASP A 44 7.11 6.74 -7.65
C ASP A 44 7.47 6.88 -6.17
N GLY A 45 6.66 6.29 -5.31
CA GLY A 45 6.90 6.37 -3.88
C GLY A 45 6.20 7.55 -3.24
N ILE A 46 5.86 8.55 -4.05
CA ILE A 46 5.19 9.75 -3.56
C ILE A 46 3.81 9.41 -3.01
N ILE A 47 3.07 8.60 -3.76
CA ILE A 47 1.73 8.20 -3.34
C ILE A 47 1.75 7.49 -1.99
N LEU A 48 2.68 6.54 -1.84
CA LEU A 48 2.81 5.80 -0.60
C LEU A 48 2.90 6.74 0.60
N CYS A 49 3.88 7.63 0.57
CA CYS A 49 4.06 8.59 1.66
C CYS A 49 2.78 9.36 1.93
N GLU A 50 2.18 9.90 0.87
CA GLU A 50 0.95 10.67 0.99
C GLU A 50 -0.19 9.79 1.51
N PHE A 51 -0.03 8.48 1.35
CA PHE A 51 -1.04 7.53 1.80
C PHE A 51 -1.01 7.36 3.32
N ILE A 52 0.06 6.74 3.82
CA ILE A 52 0.21 6.53 5.25
C ILE A 52 0.03 7.83 6.03
N ASN A 53 0.14 8.95 5.32
CA ASN A 53 -0.01 10.26 5.94
C ASN A 53 -1.48 10.55 6.24
N LYS A 54 -2.34 10.27 5.27
CA LYS A 54 -3.77 10.51 5.44
C LYS A 54 -4.32 9.72 6.62
N LEU A 55 -3.78 8.54 6.83
CA LEU A 55 -4.22 7.69 7.94
C LEU A 55 -3.70 8.22 9.27
N GLN A 56 -2.45 8.67 9.29
CA GLN A 56 -1.84 9.20 10.50
C GLN A 56 -1.34 10.62 10.26
N PRO A 57 -1.84 11.57 11.06
CA PRO A 57 -1.46 12.98 10.96
C PRO A 57 -0.03 13.23 11.43
N GLY A 58 0.93 13.02 10.52
CA GLY A 58 2.33 13.22 10.87
C GLY A 58 3.19 12.03 10.52
N SER A 59 2.72 11.22 9.58
CA SER A 59 3.45 10.03 9.16
C SER A 59 4.74 10.41 8.44
N VAL A 60 4.60 11.09 7.31
CA VAL A 60 5.77 11.52 6.53
C VAL A 60 5.99 13.02 6.67
N LYS A 61 7.23 13.41 6.93
CA LYS A 61 7.59 14.81 7.07
C LYS A 61 7.59 15.52 5.73
N LYS A 62 8.45 15.06 4.82
CA LYS A 62 8.54 15.64 3.49
C LYS A 62 8.52 14.55 2.41
N ILE A 63 8.26 14.97 1.18
CA ILE A 63 8.21 14.03 0.07
C ILE A 63 8.78 14.65 -1.20
N ASN A 64 9.48 13.84 -1.99
CA ASN A 64 10.09 14.31 -3.23
C ASN A 64 9.14 14.13 -4.40
N GLU A 65 8.71 15.25 -4.99
CA GLU A 65 7.79 15.22 -6.13
C GLU A 65 8.55 15.40 -7.44
N SER A 66 9.46 14.47 -7.73
CA SER A 66 10.26 14.54 -8.96
C SER A 66 10.36 13.17 -9.61
N THR A 67 10.53 13.15 -10.92
CA THR A 67 10.65 11.90 -11.67
C THR A 67 11.95 11.18 -11.33
N GLN A 68 12.97 11.94 -10.97
CA GLN A 68 14.26 11.37 -10.63
C GLN A 68 14.10 10.12 -9.78
N ASN A 69 14.58 8.99 -10.30
CA ASN A 69 14.48 7.72 -9.59
C ASN A 69 15.07 7.83 -8.19
N TRP A 70 16.27 8.38 -8.10
CA TRP A 70 16.95 8.55 -6.82
C TRP A 70 16.10 9.39 -5.86
N HIS A 71 15.51 10.45 -6.39
CA HIS A 71 14.66 11.34 -5.59
C HIS A 71 13.39 10.61 -5.14
N GLN A 72 13.02 9.57 -5.87
CA GLN A 72 11.82 8.80 -5.55
C GLN A 72 12.07 7.87 -4.37
N LEU A 73 13.28 7.29 -4.33
CA LEU A 73 13.65 6.38 -3.25
C LEU A 73 13.37 7.00 -1.89
N GLU A 74 13.88 8.21 -1.67
CA GLU A 74 13.69 8.91 -0.42
C GLU A 74 12.24 8.80 0.05
N ASN A 75 11.31 8.86 -0.90
CA ASN A 75 9.89 8.77 -0.58
C ASN A 75 9.55 7.41 0.02
N ILE A 76 9.76 6.36 -0.77
CA ILE A 76 9.48 5.00 -0.31
C ILE A 76 10.11 4.73 1.05
N GLY A 77 11.33 5.23 1.23
CA GLY A 77 12.03 5.04 2.49
C GLY A 77 11.22 5.53 3.68
N ASN A 78 10.77 6.78 3.60
CA ASN A 78 9.98 7.37 4.69
C ASN A 78 8.71 6.57 4.93
N PHE A 79 8.03 6.21 3.85
CA PHE A 79 6.79 5.43 3.95
C PHE A 79 7.02 4.13 4.71
N ILE A 80 7.80 3.23 4.11
CA ILE A 80 8.10 1.95 4.73
C ILE A 80 8.24 2.09 6.24
N LYS A 81 8.98 3.10 6.67
CA LYS A 81 9.19 3.35 8.09
C LYS A 81 7.92 3.87 8.75
N ALA A 82 7.26 4.82 8.10
CA ALA A 82 6.03 5.39 8.62
C ALA A 82 5.04 4.30 8.99
N ILE A 83 4.74 3.42 8.04
CA ILE A 83 3.80 2.33 8.28
C ILE A 83 4.25 1.47 9.45
N THR A 84 5.56 1.39 9.65
CA THR A 84 6.13 0.59 10.74
C THR A 84 5.66 1.11 12.10
N LYS A 85 5.53 2.42 12.21
CA LYS A 85 5.08 3.04 13.46
C LYS A 85 3.57 2.98 13.59
N TYR A 86 2.87 3.30 12.52
CA TYR A 86 1.42 3.29 12.51
C TYR A 86 0.89 2.00 13.14
N GLY A 87 1.10 0.88 12.45
CA GLY A 87 0.64 -0.40 12.94
C GLY A 87 0.89 -1.53 11.96
N VAL A 88 2.08 -1.53 11.36
CA VAL A 88 2.44 -2.56 10.39
C VAL A 88 3.81 -3.15 10.71
N LYS A 89 3.81 -4.38 11.24
CA LYS A 89 5.05 -5.05 11.58
C LYS A 89 6.01 -5.07 10.41
N PRO A 90 7.32 -5.12 10.71
CA PRO A 90 8.37 -5.14 9.68
C PRO A 90 8.40 -6.45 8.90
N HIS A 91 7.81 -7.49 9.49
CA HIS A 91 7.76 -8.80 8.85
C HIS A 91 6.67 -8.85 7.78
N ASP A 92 5.88 -7.78 7.70
CA ASP A 92 4.80 -7.70 6.72
C ASP A 92 4.96 -6.46 5.85
N ILE A 93 6.10 -5.78 5.99
CA ILE A 93 6.36 -4.58 5.21
C ILE A 93 7.31 -4.87 4.06
N PHE A 94 7.15 -4.13 2.96
CA PHE A 94 7.99 -4.31 1.79
C PHE A 94 9.23 -3.42 1.86
N GLU A 95 10.34 -3.91 1.32
CA GLU A 95 11.59 -3.17 1.33
C GLU A 95 11.60 -2.11 0.23
N ALA A 96 12.48 -1.12 0.37
CA ALA A 96 12.59 -0.05 -0.62
C ALA A 96 12.75 -0.62 -2.02
N ASN A 97 13.62 -1.63 -2.15
CA ASN A 97 13.87 -2.26 -3.45
C ASN A 97 12.65 -3.04 -3.91
N ASP A 98 11.84 -3.48 -2.96
CA ASP A 98 10.64 -4.25 -3.26
C ASP A 98 9.76 -3.51 -4.26
N LEU A 99 9.44 -2.26 -3.94
CA LEU A 99 8.60 -1.43 -4.81
C LEU A 99 9.43 -0.73 -5.87
N PHE A 100 10.60 -0.24 -5.46
CA PHE A 100 11.49 0.46 -6.38
C PHE A 100 11.98 -0.47 -7.48
N GLU A 101 12.71 -1.52 -7.08
CA GLU A 101 13.24 -2.48 -8.04
C GLU A 101 12.16 -3.48 -8.45
N ASN A 102 10.93 -3.21 -8.05
CA ASN A 102 9.80 -4.08 -8.38
C ASN A 102 10.23 -5.55 -8.35
N THR A 103 11.20 -5.86 -7.50
CA THR A 103 11.70 -7.22 -7.38
C THR A 103 10.65 -8.14 -6.77
N ASN A 104 9.65 -7.55 -6.13
CA ASN A 104 8.58 -8.32 -5.50
C ASN A 104 7.27 -7.54 -5.52
N HIS A 105 6.25 -8.11 -6.16
CA HIS A 105 4.94 -7.48 -6.26
C HIS A 105 4.05 -7.92 -5.10
N THR A 106 4.11 -9.20 -4.77
CA THR A 106 3.30 -9.74 -3.68
C THR A 106 3.68 -9.12 -2.34
N GLN A 107 4.97 -9.11 -2.04
CA GLN A 107 5.45 -8.54 -0.78
C GLN A 107 4.79 -7.21 -0.50
N VAL A 108 4.68 -6.38 -1.53
CA VAL A 108 4.06 -5.06 -1.39
C VAL A 108 2.56 -5.18 -1.15
N GLN A 109 1.89 -6.00 -1.96
CA GLN A 109 0.46 -6.21 -1.84
C GLN A 109 0.08 -6.57 -0.40
N SER A 110 0.78 -7.56 0.15
CA SER A 110 0.52 -8.00 1.52
C SER A 110 0.60 -6.83 2.50
N THR A 111 1.64 -6.02 2.36
CA THR A 111 1.82 -4.86 3.23
C THR A 111 0.56 -4.02 3.31
N LEU A 112 -0.02 -3.70 2.15
CA LEU A 112 -1.24 -2.91 2.10
C LEU A 112 -2.41 -3.67 2.71
N LEU A 113 -2.62 -4.90 2.27
CA LEU A 113 -3.69 -5.73 2.78
C LEU A 113 -3.83 -5.59 4.30
N ALA A 114 -2.69 -5.43 4.96
CA ALA A 114 -2.67 -5.29 6.41
C ALA A 114 -3.03 -3.87 6.83
N LEU A 115 -2.37 -2.89 6.20
CA LEU A 115 -2.62 -1.49 6.51
C LEU A 115 -4.11 -1.20 6.58
N ALA A 116 -4.85 -1.67 5.58
CA ALA A 116 -6.30 -1.47 5.53
C ALA A 116 -6.94 -1.83 6.86
N SER A 117 -6.47 -2.92 7.47
CA SER A 117 -7.02 -3.38 8.74
C SER A 117 -6.60 -2.44 9.88
N MET A 118 -5.42 -1.83 9.72
CA MET A 118 -4.91 -0.91 10.73
C MET A 118 -5.71 0.40 10.74
N ALA A 119 -6.34 0.71 9.61
CA ALA A 119 -7.13 1.92 9.49
C ALA A 119 -8.59 1.67 9.88
N LYS A 120 -9.03 0.42 9.72
CA LYS A 120 -10.39 0.05 10.06
C LYS A 120 -10.62 0.11 11.57
N THR A 121 -9.67 -0.45 12.32
CA THR A 121 -9.77 -0.48 13.77
C THR A 121 -9.90 0.93 14.33
N LYS A 122 -8.98 1.81 13.93
CA LYS A 122 -8.99 3.20 14.39
C LYS A 122 -10.35 3.84 14.16
N GLY A 123 -10.89 3.68 12.95
CA GLY A 123 -12.18 4.25 12.64
C GLY A 123 -12.17 5.00 11.32
N ASN A 124 -11.66 4.35 10.28
CA ASN A 124 -11.59 4.96 8.95
C ASN A 124 -12.39 4.15 7.94
N LYS A 125 -12.63 4.74 6.77
CA LYS A 125 -13.38 4.07 5.72
C LYS A 125 -12.44 3.38 4.74
N VAL A 126 -12.43 2.05 4.79
CA VAL A 126 -11.59 1.26 3.90
C VAL A 126 -12.41 0.41 2.96
N ASN A 127 -12.07 0.44 1.67
CA ASN A 127 -12.79 -0.33 0.67
C ASN A 127 -11.98 -1.56 0.24
N VAL A 128 -11.58 -2.36 1.22
CA VAL A 128 -10.81 -3.57 0.95
C VAL A 128 -11.42 -4.79 1.63
N GLY A 129 -11.78 -5.79 0.84
CA GLY A 129 -12.37 -6.99 1.38
C GLY A 129 -11.34 -7.93 1.98
N VAL A 130 -10.75 -7.52 3.09
CA VAL A 130 -9.73 -8.33 3.76
C VAL A 130 -10.38 -9.36 4.69
N SER A 131 -9.90 -10.60 4.60
CA SER A 131 -10.43 -11.67 5.43
C SER A 131 -9.32 -12.36 6.21
N GLY A 132 -9.61 -12.70 7.46
CA GLY A 132 -8.62 -13.36 8.30
C GLY A 132 -8.76 -12.99 9.76
N PRO A 133 -7.74 -13.32 10.56
CA PRO A 133 -7.73 -13.04 12.00
C PRO A 133 -7.59 -11.54 12.29
N SER A 134 -7.53 -11.20 13.57
CA SER A 134 -7.40 -9.80 13.99
C SER A 134 -6.18 -9.62 14.88
N SER A 135 -5.73 -8.37 15.01
CA SER A 135 -4.58 -8.05 15.83
C SER A 135 -4.69 -8.71 17.21
N GLY A 136 -3.56 -8.84 17.88
CA GLY A 136 -3.56 -9.46 19.20
C GLY A 136 -3.80 -10.95 19.14
N GLY A 1 -17.66 -1.05 -12.33
CA GLY A 1 -18.37 -0.86 -11.08
C GLY A 1 -18.28 -2.07 -10.18
N SER A 2 -19.28 -2.25 -9.32
CA SER A 2 -19.32 -3.37 -8.40
C SER A 2 -18.82 -4.64 -9.07
N SER A 3 -18.36 -5.60 -8.28
CA SER A 3 -17.86 -6.86 -8.79
C SER A 3 -18.40 -8.04 -8.00
N GLY A 4 -18.70 -9.13 -8.69
CA GLY A 4 -19.23 -10.31 -8.04
C GLY A 4 -19.32 -11.51 -8.97
N SER A 5 -18.28 -12.33 -8.99
CA SER A 5 -18.25 -13.51 -9.84
C SER A 5 -17.77 -14.73 -9.07
N SER A 6 -18.71 -15.40 -8.39
CA SER A 6 -18.37 -16.58 -7.61
C SER A 6 -17.60 -17.60 -8.45
N GLY A 7 -16.31 -17.71 -8.20
CA GLY A 7 -15.48 -18.64 -8.94
C GLY A 7 -14.07 -18.72 -8.41
N ASN A 8 -13.10 -18.75 -9.32
CA ASN A 8 -11.69 -18.82 -8.92
C ASN A 8 -10.79 -18.24 -10.02
N LYS A 9 -9.54 -18.00 -9.67
CA LYS A 9 -8.57 -17.44 -10.62
C LYS A 9 -7.17 -18.00 -10.37
N LEU A 10 -6.36 -18.03 -11.41
CA LEU A 10 -4.99 -18.54 -11.30
C LEU A 10 -4.01 -17.40 -11.02
N ALA A 11 -3.31 -17.50 -9.90
CA ALA A 11 -2.34 -16.48 -9.51
C ALA A 11 -1.40 -17.00 -8.42
N GLN A 12 -0.24 -16.37 -8.30
CA GLN A 12 0.74 -16.76 -7.30
C GLN A 12 0.89 -15.69 -6.22
N LYS A 13 0.66 -16.06 -4.98
CA LYS A 13 0.77 -15.12 -3.87
C LYS A 13 0.22 -13.76 -4.24
N TYR A 14 -0.71 -13.74 -5.19
CA TYR A 14 -1.32 -12.50 -5.64
C TYR A 14 -2.82 -12.68 -5.91
N ASP A 15 -3.56 -11.59 -5.83
CA ASP A 15 -4.99 -11.63 -6.07
C ASP A 15 -5.42 -10.54 -7.05
N HIS A 16 -6.54 -10.77 -7.73
CA HIS A 16 -7.05 -9.81 -8.70
C HIS A 16 -8.02 -8.83 -8.04
N GLN A 17 -8.88 -9.36 -7.18
CA GLN A 17 -9.86 -8.54 -6.48
C GLN A 17 -9.18 -7.56 -5.52
N ARG A 18 -8.44 -8.11 -4.57
CA ARG A 18 -7.73 -7.29 -3.59
C ARG A 18 -6.98 -6.15 -4.28
N GLU A 19 -6.39 -6.45 -5.43
CA GLU A 19 -5.64 -5.46 -6.18
C GLU A 19 -6.53 -4.28 -6.56
N GLN A 20 -7.80 -4.56 -6.84
CA GLN A 20 -8.75 -3.53 -7.23
C GLN A 20 -9.30 -2.83 -5.99
N GLU A 21 -9.49 -3.58 -4.92
CA GLU A 21 -10.02 -3.04 -3.68
C GLU A 21 -8.97 -2.17 -2.97
N LEU A 22 -7.72 -2.34 -3.35
CA LEU A 22 -6.62 -1.59 -2.77
C LEU A 22 -6.50 -0.21 -3.41
N ARG A 23 -6.21 -0.19 -4.71
CA ARG A 23 -6.07 1.05 -5.44
C ARG A 23 -7.29 1.95 -5.22
N GLU A 24 -8.48 1.41 -5.46
CA GLU A 24 -9.70 2.17 -5.28
C GLU A 24 -9.70 2.92 -3.96
N TRP A 25 -9.29 2.23 -2.90
CA TRP A 25 -9.24 2.82 -1.57
C TRP A 25 -8.15 3.90 -1.50
N ILE A 26 -7.02 3.64 -2.14
CA ILE A 26 -5.91 4.58 -2.15
C ILE A 26 -6.23 5.80 -3.00
N GLU A 27 -6.36 5.57 -4.32
CA GLU A 27 -6.66 6.65 -5.24
C GLU A 27 -7.59 7.69 -4.60
N GLY A 28 -8.55 7.20 -3.82
CA GLY A 28 -9.48 8.10 -3.16
C GLY A 28 -8.83 8.89 -2.03
N VAL A 29 -8.38 8.18 -1.00
CA VAL A 29 -7.73 8.82 0.13
C VAL A 29 -6.74 9.88 -0.32
N THR A 30 -5.60 9.43 -0.82
CA THR A 30 -4.56 10.34 -1.29
C THR A 30 -5.10 11.30 -2.35
N GLY A 31 -5.55 10.74 -3.47
CA GLY A 31 -6.09 11.54 -4.55
C GLY A 31 -5.27 11.44 -5.82
N ARG A 32 -4.49 10.38 -5.93
CA ARG A 32 -3.65 10.16 -7.10
C ARG A 32 -4.23 9.08 -8.00
N ARG A 33 -3.90 9.13 -9.28
CA ARG A 33 -4.39 8.16 -10.24
C ARG A 33 -3.34 7.08 -10.50
N ILE A 34 -3.35 6.04 -9.68
CA ILE A 34 -2.40 4.94 -9.83
C ILE A 34 -2.39 4.41 -11.26
N GLY A 35 -3.56 4.36 -11.88
CA GLY A 35 -3.66 3.87 -13.24
C GLY A 35 -3.43 2.38 -13.33
N ASN A 36 -3.70 1.82 -14.51
CA ASN A 36 -3.53 0.39 -14.74
C ASN A 36 -2.31 -0.14 -13.98
N ASN A 37 -1.13 0.29 -14.41
CA ASN A 37 0.11 -0.14 -13.77
C ASN A 37 0.07 0.12 -12.27
N PHE A 38 -0.37 -0.88 -11.52
CA PHE A 38 -0.46 -0.75 -10.05
C PHE A 38 0.92 -0.62 -9.44
N MET A 39 1.84 -1.49 -9.83
CA MET A 39 3.19 -1.47 -9.32
C MET A 39 3.89 -0.16 -9.69
N ASP A 40 3.70 0.29 -10.92
CA ASP A 40 4.30 1.52 -11.39
C ASP A 40 3.69 2.73 -10.68
N GLY A 41 2.37 2.87 -10.77
CA GLY A 41 1.69 3.98 -10.14
C GLY A 41 2.16 4.20 -8.71
N LEU A 42 2.54 3.11 -8.04
CA LEU A 42 2.99 3.20 -6.65
C LEU A 42 4.52 3.30 -6.60
N LYS A 43 5.17 2.91 -7.68
CA LYS A 43 6.63 2.95 -7.75
C LYS A 43 7.15 4.32 -7.36
N ASP A 44 6.59 5.36 -7.97
CA ASP A 44 7.00 6.74 -7.68
C ASP A 44 7.32 6.90 -6.19
N GLY A 45 6.55 6.22 -5.35
CA GLY A 45 6.77 6.30 -3.92
C GLY A 45 6.01 7.46 -3.28
N ILE A 46 5.66 8.45 -4.09
CA ILE A 46 4.93 9.62 -3.61
C ILE A 46 3.62 9.21 -2.96
N ILE A 47 2.85 8.39 -3.67
CA ILE A 47 1.56 7.92 -3.17
C ILE A 47 1.73 7.23 -1.81
N LEU A 48 2.80 6.46 -1.67
CA LEU A 48 3.07 5.75 -0.42
C LEU A 48 3.17 6.73 0.76
N CYS A 49 4.17 7.60 0.71
CA CYS A 49 4.38 8.59 1.76
C CYS A 49 3.16 9.48 1.91
N GLU A 50 2.31 9.50 0.89
CA GLU A 50 1.10 10.32 0.92
C GLU A 50 -0.09 9.51 1.44
N PHE A 51 0.06 8.20 1.47
CA PHE A 51 -1.00 7.31 1.95
C PHE A 51 -0.98 7.22 3.48
N ILE A 52 0.18 6.88 4.03
CA ILE A 52 0.33 6.76 5.48
C ILE A 52 0.17 8.11 6.17
N ASN A 53 0.34 9.19 5.39
CA ASN A 53 0.22 10.54 5.92
C ASN A 53 -1.25 10.90 6.12
N LYS A 54 -2.07 10.59 5.13
CA LYS A 54 -3.50 10.89 5.20
C LYS A 54 -4.16 10.14 6.35
N LEU A 55 -3.62 8.96 6.67
CA LEU A 55 -4.16 8.15 7.75
C LEU A 55 -3.68 8.66 9.10
N GLN A 56 -2.40 8.99 9.19
CA GLN A 56 -1.81 9.49 10.43
C GLN A 56 -1.26 10.90 10.24
N PRO A 57 -1.80 11.86 11.01
CA PRO A 57 -1.39 13.26 10.95
C PRO A 57 0.02 13.47 11.50
N GLY A 58 1.03 13.23 10.66
CA GLY A 58 2.39 13.39 11.09
C GLY A 58 3.24 12.16 10.86
N SER A 59 2.94 11.44 9.78
CA SER A 59 3.67 10.22 9.44
C SER A 59 5.02 10.56 8.82
N VAL A 60 4.99 11.20 7.66
CA VAL A 60 6.21 11.58 6.95
C VAL A 60 6.51 13.06 7.12
N LYS A 61 7.60 13.38 7.81
CA LYS A 61 7.99 14.76 8.04
C LYS A 61 7.69 15.62 6.82
N LYS A 62 8.18 15.19 5.66
CA LYS A 62 7.95 15.93 4.43
C LYS A 62 8.49 15.15 3.23
N ILE A 63 7.70 15.09 2.16
CA ILE A 63 8.10 14.38 0.95
C ILE A 63 8.89 15.30 0.01
N ASN A 64 10.01 14.79 -0.50
CA ASN A 64 10.84 15.56 -1.41
C ASN A 64 10.03 16.09 -2.59
N GLU A 65 9.44 15.18 -3.35
CA GLU A 65 8.62 15.56 -4.50
C GLU A 65 9.48 16.22 -5.57
N SER A 66 10.59 15.56 -5.92
CA SER A 66 11.50 16.09 -6.94
C SER A 66 11.22 15.45 -8.29
N THR A 67 10.40 14.41 -8.29
CA THR A 67 10.06 13.71 -9.53
C THR A 67 11.31 13.21 -10.26
N GLN A 68 12.27 12.71 -9.49
CA GLN A 68 13.51 12.20 -10.06
C GLN A 68 13.72 10.73 -9.69
N ASN A 69 14.89 10.20 -10.05
CA ASN A 69 15.22 8.81 -9.74
C ASN A 69 15.81 8.68 -8.34
N TRP A 70 15.80 9.78 -7.60
CA TRP A 70 16.35 9.79 -6.25
C TRP A 70 15.23 9.86 -5.22
N HIS A 71 14.45 10.94 -5.28
CA HIS A 71 13.35 11.14 -4.34
C HIS A 71 12.42 9.93 -4.34
N GLN A 72 12.46 9.15 -5.42
CA GLN A 72 11.62 7.97 -5.54
C GLN A 72 12.13 6.85 -4.64
N LEU A 73 13.44 6.87 -4.36
CA LEU A 73 14.05 5.85 -3.51
C LEU A 73 14.14 6.33 -2.06
N GLU A 74 14.40 7.62 -1.89
CA GLU A 74 14.51 8.19 -0.55
C GLU A 74 13.14 8.26 0.12
N ASN A 75 12.11 8.50 -0.68
CA ASN A 75 10.74 8.59 -0.16
C ASN A 75 10.26 7.22 0.33
N ILE A 76 10.18 6.27 -0.59
CA ILE A 76 9.73 4.92 -0.26
C ILE A 76 10.31 4.46 1.08
N GLY A 77 11.44 5.05 1.46
CA GLY A 77 12.07 4.70 2.71
C GLY A 77 11.35 5.26 3.91
N ASN A 78 11.00 6.55 3.84
CA ASN A 78 10.30 7.22 4.92
C ASN A 78 8.95 6.56 5.18
N PHE A 79 8.21 6.29 4.11
CA PHE A 79 6.90 5.66 4.22
C PHE A 79 7.00 4.33 4.95
N ILE A 80 7.78 3.41 4.40
CA ILE A 80 7.95 2.09 5.00
C ILE A 80 8.15 2.20 6.51
N LYS A 81 8.98 3.15 6.93
CA LYS A 81 9.27 3.36 8.34
C LYS A 81 8.06 3.98 9.04
N ALA A 82 7.37 4.88 8.36
CA ALA A 82 6.21 5.55 8.92
C ALA A 82 5.09 4.55 9.20
N ILE A 83 4.90 3.59 8.29
CA ILE A 83 3.87 2.58 8.44
C ILE A 83 4.25 1.57 9.52
N THR A 84 5.54 1.52 9.85
CA THR A 84 6.03 0.61 10.87
C THR A 84 5.53 1.00 12.26
N LYS A 85 5.47 2.30 12.51
CA LYS A 85 5.02 2.81 13.79
C LYS A 85 3.49 2.84 13.85
N TYR A 86 2.86 3.15 12.73
CA TYR A 86 1.41 3.21 12.65
C TYR A 86 0.78 1.94 13.21
N GLY A 87 0.93 0.84 12.47
CA GLY A 87 0.38 -0.43 12.91
C GLY A 87 0.70 -1.57 11.96
N VAL A 88 1.88 -1.51 11.36
CA VAL A 88 2.30 -2.54 10.42
C VAL A 88 3.68 -3.09 10.79
N LYS A 89 3.73 -4.38 11.08
CA LYS A 89 4.99 -5.03 11.45
C LYS A 89 5.96 -5.02 10.28
N PRO A 90 7.27 -5.05 10.61
CA PRO A 90 8.34 -5.05 9.60
C PRO A 90 8.40 -6.35 8.82
N HIS A 91 7.67 -7.36 9.30
CA HIS A 91 7.65 -8.67 8.65
C HIS A 91 6.69 -8.65 7.46
N ASP A 92 5.67 -7.80 7.53
CA ASP A 92 4.69 -7.70 6.45
C ASP A 92 4.87 -6.40 5.67
N ILE A 93 6.07 -5.83 5.76
CA ILE A 93 6.37 -4.58 5.06
C ILE A 93 7.39 -4.82 3.95
N PHE A 94 7.15 -4.17 2.81
CA PHE A 94 8.05 -4.31 1.66
C PHE A 94 9.25 -3.37 1.80
N GLU A 95 10.29 -3.62 1.01
CA GLU A 95 11.49 -2.81 1.04
C GLU A 95 11.48 -1.78 -0.10
N ALA A 96 12.35 -0.79 0.00
CA ALA A 96 12.44 0.25 -1.01
C ALA A 96 12.54 -0.34 -2.41
N ASN A 97 13.52 -1.22 -2.60
CA ASN A 97 13.73 -1.86 -3.90
C ASN A 97 12.48 -2.64 -4.33
N ASP A 98 11.98 -3.48 -3.44
CA ASP A 98 10.79 -4.28 -3.73
C ASP A 98 9.78 -3.46 -4.52
N LEU A 99 9.70 -2.16 -4.23
CA LEU A 99 8.77 -1.28 -4.92
C LEU A 99 9.47 -0.54 -6.05
N PHE A 100 10.50 0.23 -5.70
CA PHE A 100 11.24 0.99 -6.70
C PHE A 100 11.60 0.13 -7.89
N GLU A 101 12.43 -0.89 -7.66
CA GLU A 101 12.84 -1.80 -8.72
C GLU A 101 11.76 -2.82 -9.03
N ASN A 102 10.58 -2.63 -8.43
CA ASN A 102 9.46 -3.53 -8.62
C ASN A 102 9.95 -4.98 -8.76
N THR A 103 10.72 -5.42 -7.77
CA THR A 103 11.25 -6.78 -7.77
C THR A 103 10.35 -7.72 -6.98
N ASN A 104 9.78 -7.21 -5.89
CA ASN A 104 8.90 -8.00 -5.04
C ASN A 104 7.50 -7.42 -5.02
N HIS A 105 6.72 -7.71 -6.07
CA HIS A 105 5.36 -7.22 -6.17
C HIS A 105 4.51 -7.70 -5.00
N THR A 106 4.17 -8.98 -5.01
CA THR A 106 3.36 -9.57 -3.95
C THR A 106 3.68 -8.93 -2.60
N GLN A 107 4.96 -8.94 -2.25
CA GLN A 107 5.41 -8.37 -0.98
C GLN A 107 4.73 -7.03 -0.73
N VAL A 108 4.91 -6.10 -1.66
CA VAL A 108 4.31 -4.77 -1.54
C VAL A 108 2.79 -4.85 -1.48
N GLN A 109 2.23 -5.76 -2.27
CA GLN A 109 0.78 -5.93 -2.31
C GLN A 109 0.24 -6.30 -0.93
N SER A 110 0.85 -7.31 -0.31
CA SER A 110 0.42 -7.76 1.01
C SER A 110 0.53 -6.64 2.03
N THR A 111 1.67 -5.95 2.02
CA THR A 111 1.90 -4.84 2.95
C THR A 111 0.65 -3.97 3.08
N LEU A 112 0.00 -3.70 1.95
CA LEU A 112 -1.20 -2.88 1.95
C LEU A 112 -2.37 -3.62 2.59
N LEU A 113 -2.64 -4.82 2.11
CA LEU A 113 -3.72 -5.64 2.64
C LEU A 113 -3.86 -5.47 4.14
N ALA A 114 -2.72 -5.40 4.83
CA ALA A 114 -2.70 -5.22 6.27
C ALA A 114 -3.06 -3.80 6.66
N LEU A 115 -2.36 -2.83 6.06
CA LEU A 115 -2.61 -1.43 6.35
C LEU A 115 -4.11 -1.13 6.43
N ALA A 116 -4.83 -1.53 5.38
CA ALA A 116 -6.27 -1.32 5.33
C ALA A 116 -6.93 -1.69 6.65
N SER A 117 -6.58 -2.87 7.16
CA SER A 117 -7.15 -3.37 8.41
C SER A 117 -6.64 -2.53 9.59
N MET A 118 -5.48 -1.92 9.41
CA MET A 118 -4.88 -1.10 10.47
C MET A 118 -5.61 0.25 10.58
N ALA A 119 -6.22 0.67 9.48
CA ALA A 119 -6.95 1.93 9.47
C ALA A 119 -8.42 1.72 9.81
N LYS A 120 -8.89 0.49 9.66
CA LYS A 120 -10.27 0.16 9.95
C LYS A 120 -10.53 0.18 11.45
N THR A 121 -9.75 -0.60 12.19
CA THR A 121 -9.90 -0.68 13.64
C THR A 121 -9.91 0.72 14.25
N LYS A 122 -9.40 1.70 13.51
CA LYS A 122 -9.35 3.07 14.00
C LYS A 122 -10.65 3.81 13.65
N GLY A 123 -11.10 3.68 12.42
CA GLY A 123 -12.32 4.33 11.98
C GLY A 123 -12.19 4.97 10.62
N ASN A 124 -11.59 4.25 9.69
CA ASN A 124 -11.40 4.76 8.33
C ASN A 124 -12.16 3.91 7.31
N LYS A 125 -12.98 4.58 6.50
CA LYS A 125 -13.76 3.88 5.48
C LYS A 125 -12.86 3.12 4.53
N VAL A 126 -12.61 1.85 4.82
CA VAL A 126 -11.77 1.01 3.99
C VAL A 126 -12.57 -0.11 3.34
N ASN A 127 -12.76 -0.02 2.03
CA ASN A 127 -13.51 -1.03 1.29
C ASN A 127 -12.58 -2.12 0.76
N VAL A 128 -11.76 -2.67 1.64
CA VAL A 128 -10.82 -3.72 1.25
C VAL A 128 -11.16 -5.03 1.95
N GLY A 129 -11.33 -6.08 1.15
CA GLY A 129 -11.65 -7.39 1.70
C GLY A 129 -10.44 -8.10 2.26
N VAL A 130 -10.14 -7.85 3.53
CA VAL A 130 -8.99 -8.48 4.18
C VAL A 130 -9.37 -9.84 4.76
N SER A 131 -8.39 -10.75 4.80
CA SER A 131 -8.63 -12.08 5.32
C SER A 131 -7.54 -12.46 6.34
N GLY A 132 -7.68 -11.94 7.55
CA GLY A 132 -6.71 -12.23 8.59
C GLY A 132 -5.29 -11.87 8.18
N PRO A 133 -4.40 -11.71 9.18
CA PRO A 133 -3.01 -11.37 8.94
C PRO A 133 -2.23 -12.51 8.29
N SER A 134 -1.64 -12.24 7.12
CA SER A 134 -0.88 -13.24 6.41
C SER A 134 0.23 -13.82 7.29
N SER A 135 0.01 -15.04 7.77
CA SER A 135 0.98 -15.70 8.63
C SER A 135 2.14 -16.27 7.81
N GLY A 136 3.33 -15.67 8.00
CA GLY A 136 4.49 -16.12 7.26
C GLY A 136 5.75 -16.05 8.10
N GLY A 1 -18.34 5.48 -11.68
CA GLY A 1 -17.71 4.54 -10.78
C GLY A 1 -18.70 3.60 -10.13
N SER A 2 -18.41 2.29 -10.19
CA SER A 2 -19.29 1.29 -9.60
C SER A 2 -18.53 0.01 -9.29
N SER A 3 -19.18 -0.91 -8.60
CA SER A 3 -18.56 -2.18 -8.25
C SER A 3 -19.62 -3.19 -7.80
N GLY A 4 -19.23 -4.47 -7.79
CA GLY A 4 -20.16 -5.52 -7.37
C GLY A 4 -19.98 -6.78 -8.19
N SER A 5 -19.30 -7.77 -7.59
CA SER A 5 -19.06 -9.04 -8.26
C SER A 5 -18.65 -10.12 -7.27
N SER A 6 -18.70 -11.37 -7.70
CA SER A 6 -18.33 -12.49 -6.85
C SER A 6 -16.98 -13.07 -7.26
N GLY A 7 -16.46 -13.98 -6.43
CA GLY A 7 -15.19 -14.60 -6.74
C GLY A 7 -14.64 -15.41 -5.57
N ASN A 8 -14.52 -16.72 -5.76
CA ASN A 8 -14.02 -17.61 -4.72
C ASN A 8 -12.74 -18.30 -5.17
N LYS A 9 -11.61 -17.86 -4.62
CA LYS A 9 -10.32 -18.44 -4.95
C LYS A 9 -9.40 -18.46 -3.74
N LEU A 10 -8.51 -19.45 -3.70
CA LEU A 10 -7.57 -19.58 -2.59
C LEU A 10 -6.24 -18.93 -2.92
N ALA A 11 -6.28 -17.65 -3.25
CA ALA A 11 -5.07 -16.90 -3.59
C ALA A 11 -4.59 -16.05 -2.42
N GLN A 12 -3.44 -16.41 -1.85
CA GLN A 12 -2.89 -15.69 -0.71
C GLN A 12 -1.67 -14.88 -1.13
N LYS A 13 -1.08 -15.25 -2.28
CA LYS A 13 0.09 -14.56 -2.78
C LYS A 13 -0.30 -13.30 -3.55
N TYR A 14 -1.36 -13.41 -4.35
CA TYR A 14 -1.84 -12.28 -5.15
C TYR A 14 -3.25 -12.55 -5.66
N ASP A 15 -4.06 -11.49 -5.70
CA ASP A 15 -5.44 -11.61 -6.16
C ASP A 15 -5.83 -10.37 -6.98
N HIS A 16 -6.47 -10.60 -8.12
CA HIS A 16 -6.90 -9.52 -8.99
C HIS A 16 -7.95 -8.66 -8.30
N GLN A 17 -8.77 -9.28 -7.47
CA GLN A 17 -9.82 -8.57 -6.75
C GLN A 17 -9.22 -7.65 -5.68
N ARG A 18 -8.28 -8.19 -4.90
CA ARG A 18 -7.64 -7.41 -3.84
C ARG A 18 -6.98 -6.16 -4.42
N GLU A 19 -6.30 -6.32 -5.55
CA GLU A 19 -5.61 -5.20 -6.19
C GLU A 19 -6.59 -4.07 -6.49
N GLN A 20 -7.82 -4.44 -6.86
CA GLN A 20 -8.85 -3.45 -7.17
C GLN A 20 -9.19 -2.62 -5.95
N GLU A 21 -9.69 -3.28 -4.91
CA GLU A 21 -10.05 -2.59 -3.67
C GLU A 21 -8.89 -1.77 -3.14
N LEU A 22 -7.72 -2.40 -3.03
CA LEU A 22 -6.53 -1.72 -2.53
C LEU A 22 -6.33 -0.38 -3.23
N ARG A 23 -6.40 -0.39 -4.56
CA ARG A 23 -6.23 0.82 -5.33
C ARG A 23 -7.25 1.88 -4.92
N GLU A 24 -8.51 1.64 -5.25
CA GLU A 24 -9.58 2.58 -4.91
C GLU A 24 -9.31 3.23 -3.55
N TRP A 25 -8.79 2.45 -2.62
CA TRP A 25 -8.49 2.95 -1.28
C TRP A 25 -7.36 3.97 -1.32
N ILE A 26 -6.27 3.63 -2.03
CA ILE A 26 -5.13 4.51 -2.14
C ILE A 26 -5.47 5.75 -2.98
N GLU A 27 -5.63 5.55 -4.28
CA GLU A 27 -5.95 6.65 -5.18
C GLU A 27 -7.16 7.43 -4.67
N GLY A 28 -7.94 6.80 -3.81
CA GLY A 28 -9.12 7.45 -3.26
C GLY A 28 -8.80 8.31 -2.07
N VAL A 29 -8.13 7.73 -1.07
CA VAL A 29 -7.75 8.45 0.14
C VAL A 29 -6.87 9.65 -0.19
N THR A 30 -5.75 9.39 -0.86
CA THR A 30 -4.82 10.44 -1.24
C THR A 30 -5.39 11.31 -2.35
N GLY A 31 -5.77 10.68 -3.46
CA GLY A 31 -6.33 11.42 -4.58
C GLY A 31 -5.49 11.27 -5.84
N ARG A 32 -4.53 10.35 -5.81
CA ARG A 32 -3.67 10.12 -6.96
C ARG A 32 -4.11 8.87 -7.73
N ARG A 33 -4.50 9.05 -8.97
CA ARG A 33 -4.94 7.95 -9.81
C ARG A 33 -3.76 7.05 -10.20
N ILE A 34 -3.67 5.90 -9.55
CA ILE A 34 -2.60 4.95 -9.82
C ILE A 34 -2.59 4.54 -11.28
N GLY A 35 -3.76 4.23 -11.82
CA GLY A 35 -3.87 3.82 -13.21
C GLY A 35 -3.70 2.33 -13.38
N ASN A 36 -3.87 1.86 -14.62
CA ASN A 36 -3.74 0.43 -14.91
C ASN A 36 -2.60 -0.18 -14.11
N ASN A 37 -1.37 0.19 -14.46
CA ASN A 37 -0.20 -0.34 -13.78
C ASN A 37 -0.27 -0.04 -12.28
N PHE A 38 -0.63 -1.07 -11.51
CA PHE A 38 -0.74 -0.92 -10.05
C PHE A 38 0.64 -0.73 -9.43
N MET A 39 1.67 -1.24 -10.09
CA MET A 39 3.03 -1.13 -9.61
C MET A 39 3.66 0.19 -10.05
N ASP A 40 3.89 0.32 -11.35
CA ASP A 40 4.48 1.54 -11.89
C ASP A 40 3.81 2.78 -11.31
N GLY A 41 2.50 2.70 -11.12
CA GLY A 41 1.76 3.83 -10.57
C GLY A 41 2.17 4.16 -9.15
N LEU A 42 2.53 3.13 -8.39
CA LEU A 42 2.93 3.31 -7.00
C LEU A 42 4.45 3.33 -6.88
N LYS A 43 5.13 2.98 -7.97
CA LYS A 43 6.59 2.96 -7.99
C LYS A 43 7.16 4.33 -7.59
N ASP A 44 6.55 5.38 -8.11
CA ASP A 44 7.00 6.74 -7.80
C ASP A 44 7.43 6.86 -6.34
N GLY A 45 6.65 6.24 -5.46
CA GLY A 45 6.96 6.29 -4.04
C GLY A 45 6.31 7.46 -3.33
N ILE A 46 5.79 8.40 -4.12
CA ILE A 46 5.13 9.58 -3.57
C ILE A 46 3.78 9.23 -2.97
N ILE A 47 2.97 8.50 -3.74
CA ILE A 47 1.64 8.09 -3.29
C ILE A 47 1.72 7.43 -1.92
N LEU A 48 2.63 6.48 -1.77
CA LEU A 48 2.80 5.76 -0.51
C LEU A 48 2.92 6.73 0.65
N CYS A 49 3.92 7.61 0.59
CA CYS A 49 4.16 8.59 1.63
C CYS A 49 2.86 9.31 1.99
N GLU A 50 2.19 9.87 0.98
CA GLU A 50 0.94 10.58 1.19
C GLU A 50 -0.13 9.65 1.74
N PHE A 51 -0.01 8.36 1.42
CA PHE A 51 -0.98 7.37 1.87
C PHE A 51 -0.99 7.27 3.39
N ILE A 52 0.11 6.81 3.96
CA ILE A 52 0.23 6.67 5.41
C ILE A 52 -0.03 8.01 6.11
N ASN A 53 0.20 9.11 5.39
CA ASN A 53 -0.01 10.44 5.94
C ASN A 53 -1.48 10.67 6.25
N LYS A 54 -2.34 10.30 5.31
CA LYS A 54 -3.78 10.47 5.49
C LYS A 54 -4.29 9.64 6.67
N LEU A 55 -3.64 8.50 6.90
CA LEU A 55 -4.03 7.62 8.00
C LEU A 55 -3.56 8.19 9.34
N GLN A 56 -2.34 8.71 9.37
CA GLN A 56 -1.79 9.29 10.59
C GLN A 56 -1.30 10.72 10.34
N PRO A 57 -1.72 11.64 11.23
CA PRO A 57 -1.34 13.05 11.13
C PRO A 57 0.13 13.27 11.44
N GLY A 58 0.95 13.30 10.40
CA GLY A 58 2.38 13.51 10.57
C GLY A 58 3.19 12.24 10.38
N SER A 59 2.76 11.42 9.42
CA SER A 59 3.45 10.17 9.13
C SER A 59 4.84 10.43 8.58
N VAL A 60 4.91 11.23 7.53
CA VAL A 60 6.18 11.56 6.89
C VAL A 60 6.48 13.05 6.99
N LYS A 61 7.68 13.38 7.45
CA LYS A 61 8.09 14.78 7.60
C LYS A 61 7.87 15.54 6.30
N LYS A 62 8.64 15.18 5.27
CA LYS A 62 8.53 15.83 3.97
C LYS A 62 8.58 14.81 2.85
N ILE A 63 7.91 15.11 1.74
CA ILE A 63 7.89 14.21 0.59
C ILE A 63 8.60 14.84 -0.60
N ASN A 64 9.65 14.17 -1.07
CA ASN A 64 10.42 14.66 -2.21
C ASN A 64 9.66 14.43 -3.52
N GLU A 65 8.87 15.42 -3.92
CA GLU A 65 8.09 15.32 -5.15
C GLU A 65 8.96 15.61 -6.36
N SER A 66 9.96 14.75 -6.59
CA SER A 66 10.87 14.92 -7.71
C SER A 66 11.06 13.60 -8.44
N THR A 67 10.67 13.57 -9.72
CA THR A 67 10.80 12.36 -10.54
C THR A 67 12.16 11.71 -10.33
N GLN A 68 13.18 12.55 -10.12
CA GLN A 68 14.54 12.05 -9.92
C GLN A 68 14.53 10.75 -9.13
N ASN A 69 15.46 9.86 -9.46
CA ASN A 69 15.56 8.57 -8.77
C ASN A 69 15.78 8.76 -7.28
N TRP A 70 16.94 9.31 -6.92
CA TRP A 70 17.28 9.54 -5.52
C TRP A 70 16.04 9.92 -4.72
N HIS A 71 15.50 11.10 -5.01
CA HIS A 71 14.31 11.59 -4.32
C HIS A 71 13.24 10.50 -4.24
N GLN A 72 12.88 9.95 -5.40
CA GLN A 72 11.87 8.90 -5.46
C GLN A 72 12.14 7.83 -4.41
N LEU A 73 13.35 7.29 -4.42
CA LEU A 73 13.74 6.25 -3.47
C LEU A 73 13.70 6.78 -2.04
N GLU A 74 13.97 8.07 -1.88
CA GLU A 74 13.96 8.71 -0.57
C GLU A 74 12.58 8.65 0.05
N ASN A 75 11.55 8.86 -0.78
CA ASN A 75 10.17 8.85 -0.31
C ASN A 75 9.79 7.47 0.20
N ILE A 76 9.92 6.47 -0.65
CA ILE A 76 9.59 5.10 -0.28
C ILE A 76 10.19 4.73 1.08
N GLY A 77 11.44 5.14 1.30
CA GLY A 77 12.10 4.86 2.55
C GLY A 77 11.37 5.44 3.74
N ASN A 78 10.89 6.67 3.59
CA ASN A 78 10.17 7.35 4.66
C ASN A 78 8.85 6.66 4.95
N PHE A 79 8.17 6.22 3.90
CA PHE A 79 6.89 5.54 4.03
C PHE A 79 7.05 4.24 4.81
N ILE A 80 7.81 3.31 4.25
CA ILE A 80 8.04 2.02 4.89
C ILE A 80 8.24 2.18 6.39
N LYS A 81 9.05 3.18 6.77
CA LYS A 81 9.32 3.43 8.18
C LYS A 81 8.10 4.04 8.87
N ALA A 82 7.42 4.95 8.17
CA ALA A 82 6.23 5.59 8.72
C ALA A 82 5.17 4.57 9.08
N ILE A 83 4.81 3.73 8.11
CA ILE A 83 3.79 2.70 8.32
C ILE A 83 4.22 1.73 9.42
N THR A 84 5.52 1.53 9.55
CA THR A 84 6.07 0.62 10.56
C THR A 84 5.63 1.05 11.96
N LYS A 85 5.60 2.35 12.20
CA LYS A 85 5.19 2.88 13.50
C LYS A 85 3.68 2.87 13.64
N TYR A 86 2.98 3.28 12.59
CA TYR A 86 1.52 3.32 12.60
C TYR A 86 0.96 2.06 13.24
N GLY A 87 1.08 0.94 12.53
CA GLY A 87 0.57 -0.33 13.04
C GLY A 87 0.83 -1.48 12.09
N VAL A 88 2.03 -1.51 11.51
CA VAL A 88 2.39 -2.57 10.58
C VAL A 88 3.80 -3.08 10.86
N LYS A 89 3.90 -4.37 11.19
CA LYS A 89 5.19 -4.98 11.48
C LYS A 89 6.10 -4.95 10.26
N PRO A 90 7.42 -4.91 10.51
CA PRO A 90 8.43 -4.87 9.44
C PRO A 90 8.50 -6.19 8.67
N HIS A 91 7.88 -7.22 9.22
CA HIS A 91 7.87 -8.53 8.58
C HIS A 91 6.82 -8.60 7.48
N ASP A 92 5.79 -7.77 7.60
CA ASP A 92 4.72 -7.74 6.61
C ASP A 92 4.85 -6.52 5.71
N ILE A 93 5.96 -5.81 5.83
CA ILE A 93 6.20 -4.61 5.02
C ILE A 93 7.17 -4.91 3.88
N PHE A 94 7.07 -4.13 2.81
CA PHE A 94 7.93 -4.31 1.65
C PHE A 94 9.17 -3.42 1.75
N GLU A 95 10.21 -3.77 1.00
CA GLU A 95 11.45 -3.01 1.01
C GLU A 95 11.43 -1.95 -0.08
N ALA A 96 12.16 -0.85 0.15
CA ALA A 96 12.23 0.23 -0.81
C ALA A 96 12.47 -0.29 -2.22
N ASN A 97 13.15 -1.43 -2.31
CA ASN A 97 13.44 -2.04 -3.61
C ASN A 97 12.24 -2.84 -4.12
N ASP A 98 11.59 -3.56 -3.22
CA ASP A 98 10.42 -4.37 -3.56
C ASP A 98 9.45 -3.57 -4.43
N LEU A 99 9.30 -2.29 -4.10
CA LEU A 99 8.39 -1.41 -4.84
C LEU A 99 9.12 -0.71 -5.98
N PHE A 100 10.18 0.03 -5.64
CA PHE A 100 10.97 0.74 -6.62
C PHE A 100 11.30 -0.15 -7.81
N GLU A 101 12.08 -1.20 -7.56
CA GLU A 101 12.47 -2.14 -8.61
C GLU A 101 11.33 -3.09 -8.93
N ASN A 102 10.23 -2.97 -8.20
CA ASN A 102 9.07 -3.82 -8.41
C ASN A 102 9.50 -5.28 -8.56
N THR A 103 10.54 -5.67 -7.84
CA THR A 103 11.03 -7.04 -7.90
C THR A 103 10.13 -7.99 -7.13
N ASN A 104 9.40 -7.46 -6.16
CA ASN A 104 8.49 -8.26 -5.34
C ASN A 104 7.12 -7.59 -5.24
N HIS A 105 6.26 -7.85 -6.22
CA HIS A 105 4.93 -7.28 -6.24
C HIS A 105 4.12 -7.76 -5.04
N THR A 106 3.90 -9.07 -4.96
CA THR A 106 3.14 -9.66 -3.86
C THR A 106 3.52 -9.02 -2.54
N GLN A 107 4.77 -9.17 -2.13
CA GLN A 107 5.24 -8.62 -0.87
C GLN A 107 4.60 -7.25 -0.60
N VAL A 108 4.63 -6.38 -1.61
CA VAL A 108 4.04 -5.05 -1.50
C VAL A 108 2.55 -5.13 -1.24
N GLN A 109 1.89 -6.06 -1.93
CA GLN A 109 0.44 -6.23 -1.77
C GLN A 109 0.08 -6.53 -0.32
N SER A 110 0.74 -7.52 0.26
CA SER A 110 0.48 -7.90 1.65
C SER A 110 0.55 -6.69 2.56
N THR A 111 1.63 -5.93 2.45
CA THR A 111 1.84 -4.74 3.27
C THR A 111 0.57 -3.91 3.32
N LEU A 112 -0.16 -3.86 2.22
CA LEU A 112 -1.41 -3.10 2.15
C LEU A 112 -2.57 -3.87 2.79
N LEU A 113 -2.80 -5.08 2.30
CA LEU A 113 -3.87 -5.92 2.83
C LEU A 113 -3.98 -5.79 4.34
N ALA A 114 -2.83 -5.76 5.01
CA ALA A 114 -2.79 -5.63 6.46
C ALA A 114 -3.05 -4.18 6.89
N LEU A 115 -2.38 -3.25 6.23
CA LEU A 115 -2.52 -1.84 6.54
C LEU A 115 -4.00 -1.47 6.71
N ALA A 116 -4.83 -1.95 5.79
CA ALA A 116 -6.26 -1.68 5.82
C ALA A 116 -6.85 -2.02 7.19
N SER A 117 -6.69 -3.28 7.60
CA SER A 117 -7.21 -3.74 8.88
C SER A 117 -6.75 -2.82 10.01
N MET A 118 -5.54 -2.29 9.88
CA MET A 118 -4.99 -1.40 10.89
C MET A 118 -5.82 -0.12 10.99
N ALA A 119 -6.35 0.34 9.86
CA ALA A 119 -7.15 1.54 9.82
C ALA A 119 -8.61 1.24 10.16
N LYS A 120 -9.14 0.16 9.59
CA LYS A 120 -10.51 -0.25 9.84
C LYS A 120 -10.90 -0.03 11.30
N THR A 121 -10.03 -0.45 12.20
CA THR A 121 -10.27 -0.30 13.63
C THR A 121 -10.36 1.17 14.02
N LYS A 122 -9.46 1.98 13.47
CA LYS A 122 -9.42 3.41 13.76
C LYS A 122 -10.67 4.09 13.22
N GLY A 123 -11.09 3.69 12.02
CA GLY A 123 -12.27 4.29 11.41
C GLY A 123 -11.93 5.15 10.21
N ASN A 124 -11.15 4.59 9.29
CA ASN A 124 -10.75 5.32 8.08
C ASN A 124 -11.26 4.61 6.83
N LYS A 125 -11.89 5.37 5.94
CA LYS A 125 -12.42 4.82 4.70
C LYS A 125 -11.42 3.87 4.06
N VAL A 126 -11.71 2.57 4.14
CA VAL A 126 -10.84 1.55 3.56
C VAL A 126 -11.56 0.77 2.46
N ASN A 127 -12.62 0.07 2.85
CA ASN A 127 -13.39 -0.73 1.90
C ASN A 127 -12.50 -1.72 1.17
N VAL A 128 -11.67 -2.44 1.92
CA VAL A 128 -10.77 -3.43 1.35
C VAL A 128 -11.09 -4.82 1.87
N GLY A 129 -11.10 -5.79 0.95
CA GLY A 129 -11.39 -7.17 1.33
C GLY A 129 -10.21 -7.85 1.98
N VAL A 130 -9.75 -7.29 3.10
CA VAL A 130 -8.62 -7.85 3.83
C VAL A 130 -9.00 -9.14 4.55
N SER A 131 -8.08 -10.09 4.60
CA SER A 131 -8.33 -11.36 5.25
C SER A 131 -8.41 -11.19 6.77
N GLY A 132 -9.29 -11.97 7.40
CA GLY A 132 -9.44 -11.88 8.84
C GLY A 132 -8.98 -13.15 9.55
N PRO A 133 -9.26 -13.23 10.86
CA PRO A 133 -8.89 -14.39 11.68
C PRO A 133 -9.70 -15.64 11.32
N SER A 134 -9.01 -16.77 11.28
CA SER A 134 -9.66 -18.04 10.95
C SER A 134 -9.66 -18.98 12.16
N SER A 135 -10.38 -18.59 13.21
CA SER A 135 -10.46 -19.40 14.42
C SER A 135 -9.09 -19.99 14.76
N GLY A 136 -8.06 -19.15 14.72
CA GLY A 136 -6.71 -19.62 15.02
C GLY A 136 -5.65 -18.60 14.65
N GLY A 1 -27.61 -0.50 -2.71
CA GLY A 1 -27.13 -0.63 -4.08
C GLY A 1 -26.00 -1.63 -4.19
N SER A 2 -26.35 -2.88 -4.51
CA SER A 2 -25.35 -3.94 -4.64
C SER A 2 -25.99 -5.21 -5.19
N SER A 3 -25.54 -5.62 -6.37
CA SER A 3 -26.07 -6.81 -7.03
C SER A 3 -26.08 -8.00 -6.07
N GLY A 4 -25.23 -7.93 -5.05
CA GLY A 4 -25.15 -9.01 -4.07
C GLY A 4 -24.80 -10.34 -4.70
N SER A 5 -23.60 -10.83 -4.40
CA SER A 5 -23.13 -12.10 -4.94
C SER A 5 -21.85 -12.55 -4.25
N SER A 6 -21.75 -13.86 -3.99
CA SER A 6 -20.58 -14.42 -3.33
C SER A 6 -20.36 -15.87 -3.75
N GLY A 7 -19.14 -16.36 -3.54
CA GLY A 7 -18.83 -17.73 -3.90
C GLY A 7 -17.63 -17.82 -4.83
N ASN A 8 -16.44 -17.83 -4.24
CA ASN A 8 -15.21 -17.91 -5.02
C ASN A 8 -14.01 -18.18 -4.12
N LYS A 9 -13.34 -19.31 -4.35
CA LYS A 9 -12.17 -19.68 -3.56
C LYS A 9 -10.95 -19.86 -4.46
N LEU A 10 -10.08 -18.85 -4.47
CA LEU A 10 -8.87 -18.91 -5.28
C LEU A 10 -7.62 -18.95 -4.40
N ALA A 11 -6.67 -19.80 -4.77
CA ALA A 11 -5.43 -19.93 -4.01
C ALA A 11 -4.22 -19.62 -4.88
N GLN A 12 -3.74 -18.39 -4.80
CA GLN A 12 -2.58 -17.96 -5.58
C GLN A 12 -1.69 -17.03 -4.77
N LYS A 13 -0.56 -16.65 -5.35
CA LYS A 13 0.38 -15.75 -4.69
C LYS A 13 -0.10 -14.30 -4.76
N TYR A 14 -0.45 -13.87 -5.98
CA TYR A 14 -0.93 -12.51 -6.19
C TYR A 14 -2.36 -12.51 -6.72
N ASP A 15 -3.30 -12.10 -5.87
CA ASP A 15 -4.70 -12.05 -6.25
C ASP A 15 -4.98 -10.86 -7.15
N HIS A 16 -6.07 -10.93 -7.91
CA HIS A 16 -6.45 -9.86 -8.82
C HIS A 16 -7.45 -8.92 -8.17
N GLN A 17 -8.48 -9.49 -7.55
CA GLN A 17 -9.51 -8.71 -6.89
C GLN A 17 -8.90 -7.72 -5.91
N ARG A 18 -8.18 -8.24 -4.91
CA ARG A 18 -7.54 -7.40 -3.91
C ARG A 18 -6.85 -6.21 -4.56
N GLU A 19 -6.15 -6.47 -5.65
CA GLU A 19 -5.43 -5.42 -6.36
C GLU A 19 -6.38 -4.32 -6.81
N GLN A 20 -7.60 -4.71 -7.19
CA GLN A 20 -8.61 -3.75 -7.63
C GLN A 20 -9.05 -2.85 -6.49
N GLU A 21 -9.29 -3.45 -5.33
CA GLU A 21 -9.73 -2.70 -4.16
C GLU A 21 -8.68 -1.66 -3.77
N LEU A 22 -7.48 -2.12 -3.46
CA LEU A 22 -6.39 -1.24 -3.06
C LEU A 22 -6.48 0.09 -3.81
N ARG A 23 -6.50 0.00 -5.14
CA ARG A 23 -6.58 1.20 -5.98
C ARG A 23 -7.69 2.14 -5.49
N GLU A 24 -8.91 1.63 -5.50
CA GLU A 24 -10.06 2.42 -5.06
C GLU A 24 -9.80 3.06 -3.70
N TRP A 25 -9.09 2.34 -2.85
CA TRP A 25 -8.77 2.84 -1.51
C TRP A 25 -7.75 3.98 -1.60
N ILE A 26 -6.54 3.64 -2.04
CA ILE A 26 -5.47 4.63 -2.16
C ILE A 26 -5.96 5.88 -2.88
N GLU A 27 -6.31 5.72 -4.16
CA GLU A 27 -6.79 6.84 -4.96
C GLU A 27 -7.86 7.62 -4.21
N GLY A 28 -8.77 6.89 -3.56
CA GLY A 28 -9.83 7.54 -2.81
C GLY A 28 -9.32 8.30 -1.61
N VAL A 29 -8.21 7.83 -1.04
CA VAL A 29 -7.62 8.48 0.12
C VAL A 29 -6.75 9.66 -0.28
N THR A 30 -5.58 9.38 -0.82
CA THR A 30 -4.65 10.42 -1.25
C THR A 30 -5.27 11.27 -2.35
N GLY A 31 -5.63 10.64 -3.46
CA GLY A 31 -6.23 11.35 -4.57
C GLY A 31 -5.43 11.21 -5.84
N ARG A 32 -4.27 10.55 -5.75
CA ARG A 32 -3.41 10.35 -6.91
C ARG A 32 -3.96 9.25 -7.80
N ARG A 33 -4.00 9.52 -9.11
CA ARG A 33 -4.49 8.55 -10.08
C ARG A 33 -3.44 7.48 -10.37
N ILE A 34 -3.45 6.42 -9.58
CA ILE A 34 -2.49 5.33 -9.75
C ILE A 34 -2.32 4.98 -11.22
N GLY A 35 -3.44 4.78 -11.92
CA GLY A 35 -3.38 4.44 -13.32
C GLY A 35 -3.40 2.95 -13.56
N ASN A 36 -3.48 2.56 -14.84
CA ASN A 36 -3.50 1.14 -15.20
C ASN A 36 -2.53 0.34 -14.33
N ASN A 37 -1.23 0.53 -14.57
CA ASN A 37 -0.20 -0.18 -13.82
C ASN A 37 -0.27 0.19 -12.34
N PHE A 38 -0.88 -0.68 -11.55
CA PHE A 38 -1.01 -0.46 -10.11
C PHE A 38 0.36 -0.37 -9.44
N MET A 39 1.22 -1.33 -9.77
CA MET A 39 2.57 -1.35 -9.20
C MET A 39 3.36 -0.11 -9.60
N ASP A 40 3.65 0.01 -10.90
CA ASP A 40 4.40 1.15 -11.41
C ASP A 40 3.79 2.46 -10.92
N GLY A 41 2.46 2.54 -10.97
CA GLY A 41 1.78 3.75 -10.53
C GLY A 41 2.17 4.16 -9.12
N LEU A 42 2.48 3.17 -8.29
CA LEU A 42 2.87 3.43 -6.90
C LEU A 42 4.39 3.45 -6.76
N LYS A 43 5.08 2.90 -7.75
CA LYS A 43 6.54 2.86 -7.74
C LYS A 43 7.12 4.22 -7.39
N ASP A 44 6.52 5.28 -7.95
CA ASP A 44 6.98 6.64 -7.70
C ASP A 44 7.42 6.81 -6.25
N GLY A 45 6.60 6.31 -5.33
CA GLY A 45 6.94 6.41 -3.92
C GLY A 45 6.17 7.52 -3.22
N ILE A 46 5.86 8.57 -3.97
CA ILE A 46 5.12 9.71 -3.42
C ILE A 46 3.76 9.28 -2.89
N ILE A 47 2.91 8.78 -3.77
CA ILE A 47 1.58 8.33 -3.39
C ILE A 47 1.61 7.64 -2.02
N LEU A 48 2.56 6.74 -1.84
CA LEU A 48 2.69 6.01 -0.58
C LEU A 48 2.86 6.98 0.58
N CYS A 49 3.93 7.77 0.54
CA CYS A 49 4.21 8.74 1.59
C CYS A 49 2.93 9.44 2.03
N GLU A 50 2.19 9.98 1.07
CA GLU A 50 0.95 10.69 1.35
C GLU A 50 -0.11 9.73 1.89
N PHE A 51 0.01 8.46 1.52
CA PHE A 51 -0.93 7.44 1.95
C PHE A 51 -0.90 7.29 3.47
N ILE A 52 0.24 6.85 3.99
CA ILE A 52 0.39 6.66 5.44
C ILE A 52 0.13 7.95 6.19
N ASN A 53 0.29 9.09 5.50
CA ASN A 53 0.07 10.38 6.10
C ASN A 53 -1.42 10.63 6.35
N LYS A 54 -2.23 10.42 5.32
CA LYS A 54 -3.67 10.61 5.43
C LYS A 54 -4.24 9.84 6.62
N LEU A 55 -3.61 8.72 6.94
CA LEU A 55 -4.04 7.90 8.07
C LEU A 55 -3.49 8.44 9.39
N GLN A 56 -2.22 8.83 9.37
CA GLN A 56 -1.57 9.37 10.56
C GLN A 56 -1.09 10.80 10.33
N PRO A 57 -1.60 11.74 11.14
CA PRO A 57 -1.23 13.15 11.04
C PRO A 57 0.21 13.41 11.48
N GLY A 58 1.14 13.29 10.53
CA GLY A 58 2.54 13.52 10.84
C GLY A 58 3.39 12.30 10.56
N SER A 59 3.04 11.55 9.53
CA SER A 59 3.78 10.34 9.17
C SER A 59 5.15 10.70 8.59
N VAL A 60 5.15 11.36 7.44
CA VAL A 60 6.39 11.76 6.79
C VAL A 60 6.63 13.25 6.96
N LYS A 61 5.71 14.07 6.48
CA LYS A 61 5.83 15.52 6.57
C LYS A 61 6.97 16.03 5.71
N LYS A 62 7.27 15.31 4.64
CA LYS A 62 8.34 15.69 3.72
C LYS A 62 8.39 14.76 2.52
N ILE A 63 7.98 15.29 1.36
CA ILE A 63 7.98 14.50 0.13
C ILE A 63 8.51 15.32 -1.04
N ASN A 64 9.34 14.70 -1.86
CA ASN A 64 9.91 15.37 -3.02
C ASN A 64 9.14 15.02 -4.30
N GLU A 65 8.94 16.02 -5.15
CA GLU A 65 8.21 15.82 -6.40
C GLU A 65 9.07 16.22 -7.60
N SER A 66 9.85 15.28 -8.11
CA SER A 66 10.72 15.54 -9.25
C SER A 66 10.59 14.43 -10.29
N THR A 67 11.40 14.53 -11.34
CA THR A 67 11.38 13.53 -12.41
C THR A 67 12.60 12.62 -12.33
N GLN A 68 13.32 12.71 -11.22
CA GLN A 68 14.51 11.88 -11.02
C GLN A 68 14.14 10.51 -10.45
N ASN A 69 15.15 9.71 -10.14
CA ASN A 69 14.92 8.37 -9.59
C ASN A 69 15.47 8.27 -8.17
N TRP A 70 16.47 9.10 -7.86
CA TRP A 70 17.08 9.09 -6.54
C TRP A 70 16.09 9.56 -5.48
N HIS A 71 15.26 10.54 -5.83
CA HIS A 71 14.27 11.06 -4.91
C HIS A 71 13.16 10.05 -4.66
N GLN A 72 12.68 9.43 -5.73
CA GLN A 72 11.61 8.44 -5.63
C GLN A 72 11.95 7.39 -4.57
N LEU A 73 13.24 7.11 -4.41
CA LEU A 73 13.70 6.13 -3.43
C LEU A 73 13.53 6.66 -2.00
N GLU A 74 14.03 7.87 -1.78
CA GLU A 74 13.93 8.50 -0.46
C GLU A 74 12.49 8.51 0.04
N ASN A 75 11.56 8.78 -0.88
CA ASN A 75 10.15 8.81 -0.53
C ASN A 75 9.70 7.51 0.13
N ILE A 76 9.91 6.40 -0.57
CA ILE A 76 9.54 5.09 -0.05
C ILE A 76 10.26 4.80 1.26
N GLY A 77 11.49 5.31 1.38
CA GLY A 77 12.27 5.09 2.59
C GLY A 77 11.54 5.54 3.84
N ASN A 78 11.01 6.76 3.81
CA ASN A 78 10.29 7.30 4.94
C ASN A 78 8.95 6.59 5.15
N PHE A 79 8.28 6.29 4.04
CA PHE A 79 7.00 5.60 4.11
C PHE A 79 7.11 4.29 4.87
N ILE A 80 7.96 3.39 4.38
CA ILE A 80 8.17 2.10 5.03
C ILE A 80 8.26 2.25 6.54
N LYS A 81 9.11 3.16 6.99
CA LYS A 81 9.29 3.41 8.42
C LYS A 81 8.02 4.00 9.03
N ALA A 82 7.40 4.92 8.31
CA ALA A 82 6.17 5.57 8.78
C ALA A 82 5.08 4.53 9.05
N ILE A 83 4.96 3.56 8.15
CA ILE A 83 3.95 2.51 8.30
C ILE A 83 4.36 1.50 9.36
N THR A 84 5.64 1.51 9.72
CA THR A 84 6.16 0.60 10.73
C THR A 84 5.69 0.99 12.12
N LYS A 85 5.58 2.30 12.35
CA LYS A 85 5.14 2.81 13.64
C LYS A 85 3.62 2.80 13.74
N TYR A 86 2.96 3.21 12.66
CA TYR A 86 1.49 3.25 12.63
C TYR A 86 0.90 1.99 13.23
N GLY A 87 1.02 0.88 12.50
CA GLY A 87 0.49 -0.38 12.99
C GLY A 87 0.79 -1.53 12.06
N VAL A 88 2.00 -1.54 11.50
CA VAL A 88 2.41 -2.60 10.57
C VAL A 88 3.78 -3.13 10.95
N LYS A 89 3.84 -4.43 11.26
CA LYS A 89 5.09 -5.07 11.63
C LYS A 89 6.08 -5.03 10.48
N PRO A 90 7.38 -5.17 10.81
CA PRO A 90 8.45 -5.15 9.82
C PRO A 90 8.44 -6.38 8.92
N HIS A 91 7.82 -7.46 9.40
CA HIS A 91 7.74 -8.70 8.65
C HIS A 91 6.69 -8.60 7.55
N ASP A 92 5.69 -7.76 7.77
CA ASP A 92 4.62 -7.57 6.80
C ASP A 92 4.86 -6.30 5.98
N ILE A 93 6.10 -5.83 5.97
CA ILE A 93 6.44 -4.62 5.22
C ILE A 93 7.44 -4.93 4.11
N PHE A 94 7.22 -4.34 2.94
CA PHE A 94 8.10 -4.56 1.80
C PHE A 94 9.38 -3.73 1.94
N GLU A 95 10.32 -3.95 1.02
CA GLU A 95 11.58 -3.23 1.03
C GLU A 95 11.62 -2.17 -0.07
N ALA A 96 12.46 -1.16 0.12
CA ALA A 96 12.60 -0.09 -0.86
C ALA A 96 12.68 -0.64 -2.27
N ASN A 97 13.35 -1.78 -2.42
CA ASN A 97 13.51 -2.41 -3.72
C ASN A 97 12.23 -3.13 -4.14
N ASP A 98 11.58 -3.77 -3.18
CA ASP A 98 10.34 -4.49 -3.45
C ASP A 98 9.38 -3.63 -4.27
N LEU A 99 9.47 -2.32 -4.09
CA LEU A 99 8.61 -1.39 -4.82
C LEU A 99 9.39 -0.67 -5.91
N PHE A 100 10.41 0.09 -5.51
CA PHE A 100 11.23 0.83 -6.46
C PHE A 100 11.59 -0.04 -7.67
N GLU A 101 12.42 -1.05 -7.43
CA GLU A 101 12.84 -1.95 -8.50
C GLU A 101 11.77 -3.01 -8.77
N ASN A 102 10.60 -2.83 -8.16
CA ASN A 102 9.49 -3.77 -8.33
C ASN A 102 10.00 -5.20 -8.35
N THR A 103 10.95 -5.51 -7.46
CA THR A 103 11.52 -6.84 -7.37
C THR A 103 10.49 -7.84 -6.86
N ASN A 104 9.71 -7.43 -5.87
CA ASN A 104 8.68 -8.28 -5.28
C ASN A 104 7.34 -7.55 -5.19
N HIS A 105 6.48 -7.76 -6.18
CA HIS A 105 5.18 -7.12 -6.20
C HIS A 105 4.29 -7.65 -5.08
N THR A 106 4.25 -8.97 -4.94
CA THR A 106 3.45 -9.61 -3.91
C THR A 106 3.80 -9.08 -2.52
N GLN A 107 5.09 -9.10 -2.20
CA GLN A 107 5.56 -8.62 -0.91
C GLN A 107 4.92 -7.28 -0.55
N VAL A 108 4.77 -6.42 -1.56
CA VAL A 108 4.18 -5.10 -1.35
C VAL A 108 2.66 -5.21 -1.22
N GLN A 109 2.05 -6.04 -2.06
CA GLN A 109 0.61 -6.23 -2.04
C GLN A 109 0.11 -6.51 -0.63
N SER A 110 0.76 -7.46 0.03
CA SER A 110 0.38 -7.83 1.39
C SER A 110 0.51 -6.64 2.34
N THR A 111 1.67 -6.00 2.32
CA THR A 111 1.92 -4.85 3.18
C THR A 111 0.70 -3.93 3.23
N LEU A 112 0.04 -3.77 2.09
CA LEU A 112 -1.14 -2.91 2.00
C LEU A 112 -2.35 -3.62 2.60
N LEU A 113 -2.57 -4.86 2.19
CA LEU A 113 -3.70 -5.64 2.68
C LEU A 113 -3.86 -5.47 4.18
N ALA A 114 -2.74 -5.46 4.90
CA ALA A 114 -2.76 -5.30 6.35
C ALA A 114 -3.10 -3.87 6.74
N LEU A 115 -2.40 -2.91 6.13
CA LEU A 115 -2.63 -1.50 6.42
C LEU A 115 -4.12 -1.18 6.43
N ALA A 116 -4.82 -1.59 5.37
CA ALA A 116 -6.25 -1.35 5.27
C ALA A 116 -6.97 -1.72 6.57
N SER A 117 -6.55 -2.82 7.17
CA SER A 117 -7.16 -3.28 8.42
C SER A 117 -6.70 -2.43 9.60
N MET A 118 -5.46 -1.96 9.53
CA MET A 118 -4.90 -1.13 10.60
C MET A 118 -5.59 0.23 10.63
N ALA A 119 -6.20 0.62 9.52
CA ALA A 119 -6.89 1.89 9.44
C ALA A 119 -8.39 1.73 9.75
N LYS A 120 -8.87 0.50 9.68
CA LYS A 120 -10.28 0.20 9.95
C LYS A 120 -10.57 0.36 11.44
N THR A 121 -9.91 -0.47 12.26
CA THR A 121 -10.11 -0.42 13.70
C THR A 121 -10.14 1.02 14.21
N LYS A 122 -9.28 1.86 13.64
CA LYS A 122 -9.22 3.26 14.03
C LYS A 122 -10.54 3.98 13.76
N GLY A 123 -11.08 3.77 12.57
CA GLY A 123 -12.33 4.40 12.22
C GLY A 123 -12.32 4.96 10.80
N ASN A 124 -11.78 4.19 9.87
CA ASN A 124 -11.70 4.62 8.47
C ASN A 124 -12.34 3.59 7.55
N LYS A 125 -13.48 3.95 6.97
CA LYS A 125 -14.20 3.06 6.06
C LYS A 125 -13.28 2.57 4.94
N VAL A 126 -12.76 1.36 5.12
CA VAL A 126 -11.86 0.78 4.12
C VAL A 126 -12.60 -0.24 3.26
N ASN A 127 -12.65 0.02 1.96
CA ASN A 127 -13.33 -0.88 1.02
C ASN A 127 -12.59 -2.22 0.93
N VAL A 128 -11.26 -2.15 0.92
CA VAL A 128 -10.44 -3.35 0.83
C VAL A 128 -11.04 -4.49 1.64
N GLY A 129 -11.68 -5.43 0.95
CA GLY A 129 -12.28 -6.56 1.62
C GLY A 129 -11.26 -7.57 2.10
N VAL A 130 -10.40 -7.13 3.03
CA VAL A 130 -9.37 -8.00 3.59
C VAL A 130 -9.99 -9.19 4.32
N SER A 131 -9.32 -10.34 4.25
CA SER A 131 -9.80 -11.54 4.91
C SER A 131 -9.15 -11.70 6.29
N GLY A 132 -7.84 -11.51 6.34
CA GLY A 132 -7.12 -11.64 7.60
C GLY A 132 -6.15 -12.80 7.59
N PRO A 133 -5.13 -12.73 8.46
CA PRO A 133 -4.11 -13.77 8.57
C PRO A 133 -4.66 -15.05 9.19
N SER A 134 -5.90 -15.00 9.65
CA SER A 134 -6.54 -16.16 10.27
C SER A 134 -6.57 -17.33 9.30
N SER A 135 -6.38 -18.54 9.84
CA SER A 135 -6.37 -19.75 9.02
C SER A 135 -7.34 -20.78 9.59
N GLY A 136 -8.49 -20.93 8.94
CA GLY A 136 -9.48 -21.88 9.39
C GLY A 136 -10.80 -21.23 9.73
N GLY A 1 -21.62 10.91 15.20
CA GLY A 1 -21.10 9.85 14.36
C GLY A 1 -20.59 8.67 15.18
N SER A 2 -20.50 7.51 14.53
CA SER A 2 -20.04 6.31 15.20
C SER A 2 -19.77 5.19 14.20
N SER A 3 -18.62 4.55 14.33
CA SER A 3 -18.23 3.47 13.42
C SER A 3 -17.15 2.60 14.05
N GLY A 4 -16.95 1.41 13.49
CA GLY A 4 -15.94 0.50 13.99
C GLY A 4 -15.82 -0.76 13.17
N SER A 5 -14.67 -1.41 13.25
CA SER A 5 -14.43 -2.64 12.50
C SER A 5 -13.08 -3.25 12.87
N SER A 6 -12.77 -4.39 12.27
CA SER A 6 -11.51 -5.08 12.53
C SER A 6 -11.33 -6.27 11.59
N GLY A 7 -10.07 -6.61 11.31
CA GLY A 7 -9.79 -7.72 10.43
C GLY A 7 -8.50 -8.44 10.80
N ASN A 8 -8.01 -9.27 9.88
CA ASN A 8 -6.79 -10.02 10.12
C ASN A 8 -5.82 -9.85 8.95
N LYS A 9 -4.64 -10.48 9.07
CA LYS A 9 -3.63 -10.41 8.02
C LYS A 9 -3.49 -11.74 7.30
N LEU A 10 -2.92 -11.70 6.10
CA LEU A 10 -2.72 -12.92 5.31
C LEU A 10 -1.73 -12.67 4.18
N ALA A 11 -1.20 -13.75 3.62
CA ALA A 11 -0.23 -13.66 2.53
C ALA A 11 -0.38 -14.83 1.57
N GLN A 12 -0.36 -14.54 0.27
CA GLN A 12 -0.48 -15.57 -0.74
C GLN A 12 -0.30 -14.99 -2.14
N LYS A 13 -0.10 -15.86 -3.12
CA LYS A 13 0.09 -15.43 -4.50
C LYS A 13 -0.77 -14.21 -4.82
N TYR A 14 -0.24 -13.33 -5.67
CA TYR A 14 -0.95 -12.12 -6.05
C TYR A 14 -2.40 -12.42 -6.40
N ASP A 15 -3.25 -11.39 -6.34
CA ASP A 15 -4.66 -11.55 -6.67
C ASP A 15 -5.18 -10.35 -7.46
N HIS A 16 -6.29 -10.55 -8.15
CA HIS A 16 -6.89 -9.49 -8.96
C HIS A 16 -7.87 -8.67 -8.12
N GLN A 17 -8.71 -9.35 -7.34
CA GLN A 17 -9.69 -8.69 -6.50
C GLN A 17 -9.02 -7.70 -5.55
N ARG A 18 -8.17 -8.23 -4.68
CA ARG A 18 -7.45 -7.41 -3.71
C ARG A 18 -6.77 -6.23 -4.40
N GLU A 19 -6.16 -6.50 -5.55
CA GLU A 19 -5.47 -5.46 -6.30
C GLU A 19 -6.41 -4.32 -6.66
N GLN A 20 -7.69 -4.64 -6.81
CA GLN A 20 -8.70 -3.64 -7.15
C GLN A 20 -9.12 -2.85 -5.91
N GLU A 21 -9.58 -3.56 -4.89
CA GLU A 21 -10.01 -2.91 -3.66
C GLU A 21 -8.93 -1.96 -3.13
N LEU A 22 -7.67 -2.37 -3.27
CA LEU A 22 -6.56 -1.56 -2.81
C LEU A 22 -6.49 -0.23 -3.57
N ARG A 23 -6.50 -0.32 -4.90
CA ARG A 23 -6.44 0.86 -5.74
C ARG A 23 -7.49 1.89 -5.31
N GLU A 24 -8.76 1.56 -5.52
CA GLU A 24 -9.86 2.45 -5.14
C GLU A 24 -9.62 3.05 -3.76
N TRP A 25 -9.21 2.21 -2.82
CA TRP A 25 -8.96 2.66 -1.45
C TRP A 25 -7.92 3.77 -1.43
N ILE A 26 -6.89 3.63 -2.26
CA ILE A 26 -5.83 4.63 -2.34
C ILE A 26 -6.27 5.85 -3.13
N GLU A 27 -6.59 5.63 -4.41
CA GLU A 27 -7.03 6.70 -5.28
C GLU A 27 -8.08 7.57 -4.60
N GLY A 28 -8.74 7.00 -3.59
CA GLY A 28 -9.76 7.72 -2.86
C GLY A 28 -9.19 8.56 -1.73
N VAL A 29 -8.48 7.90 -0.81
CA VAL A 29 -7.88 8.59 0.33
C VAL A 29 -6.92 9.67 -0.14
N THR A 30 -5.78 9.25 -0.69
CA THR A 30 -4.77 10.20 -1.17
C THR A 30 -5.36 11.15 -2.21
N GLY A 31 -5.68 10.61 -3.38
CA GLY A 31 -6.24 11.43 -4.44
C GLY A 31 -5.49 11.28 -5.75
N ARG A 32 -4.37 10.58 -5.71
CA ARG A 32 -3.56 10.37 -6.90
C ARG A 32 -4.13 9.25 -7.76
N ARG A 33 -4.41 9.55 -9.02
CA ARG A 33 -4.96 8.57 -9.94
C ARG A 33 -3.88 7.60 -10.42
N ILE A 34 -3.69 6.51 -9.67
CA ILE A 34 -2.70 5.51 -10.02
C ILE A 34 -2.66 5.27 -11.52
N GLY A 35 -3.83 5.03 -12.10
CA GLY A 35 -3.91 4.78 -13.54
C GLY A 35 -2.97 3.68 -13.99
N ASN A 36 -1.73 4.06 -14.31
CA ASN A 36 -0.73 3.10 -14.76
C ASN A 36 -0.73 1.86 -13.88
N ASN A 37 -0.04 0.81 -14.34
CA ASN A 37 0.04 -0.43 -13.59
C ASN A 37 0.12 -0.17 -12.09
N PHE A 38 -0.73 -0.85 -11.33
CA PHE A 38 -0.76 -0.68 -9.88
C PHE A 38 0.66 -0.50 -9.32
N MET A 39 1.62 -1.17 -9.95
CA MET A 39 3.01 -1.08 -9.52
C MET A 39 3.65 0.23 -10.01
N ASP A 40 3.89 0.32 -11.30
CA ASP A 40 4.49 1.51 -11.89
C ASP A 40 3.92 2.77 -11.26
N GLY A 41 2.60 2.85 -11.18
CA GLY A 41 1.95 4.00 -10.59
C GLY A 41 2.33 4.21 -9.15
N LEU A 42 2.56 3.11 -8.43
CA LEU A 42 2.93 3.17 -7.02
C LEU A 42 4.45 3.19 -6.86
N LYS A 43 5.16 2.94 -7.96
CA LYS A 43 6.62 2.92 -7.94
C LYS A 43 7.17 4.26 -7.40
N ASP A 44 6.74 5.35 -8.03
CA ASP A 44 7.18 6.67 -7.63
C ASP A 44 7.37 6.75 -6.11
N GLY A 45 6.48 6.07 -5.38
CA GLY A 45 6.57 6.07 -3.94
C GLY A 45 5.92 7.29 -3.31
N ILE A 46 5.67 8.30 -4.14
CA ILE A 46 5.03 9.54 -3.66
C ILE A 46 3.64 9.26 -3.12
N ILE A 47 2.97 8.25 -3.68
CA ILE A 47 1.63 7.89 -3.25
C ILE A 47 1.66 7.12 -1.94
N LEU A 48 2.72 6.34 -1.74
CA LEU A 48 2.87 5.54 -0.53
C LEU A 48 3.00 6.46 0.70
N CYS A 49 3.99 7.34 0.66
CA CYS A 49 4.22 8.27 1.77
C CYS A 49 2.97 9.10 2.05
N GLU A 50 2.33 9.58 1.00
CA GLU A 50 1.13 10.39 1.13
C GLU A 50 -0.05 9.55 1.61
N PHE A 51 0.15 8.22 1.60
CA PHE A 51 -0.90 7.31 2.03
C PHE A 51 -0.93 7.17 3.55
N ILE A 52 0.20 6.72 4.12
CA ILE A 52 0.31 6.56 5.56
C ILE A 52 0.02 7.86 6.29
N ASN A 53 0.15 8.98 5.57
CA ASN A 53 -0.09 10.29 6.16
C ASN A 53 -1.59 10.50 6.40
N LYS A 54 -2.41 10.17 5.40
CA LYS A 54 -3.85 10.33 5.51
C LYS A 54 -4.39 9.54 6.70
N LEU A 55 -3.74 8.43 7.01
CA LEU A 55 -4.15 7.58 8.12
C LEU A 55 -3.60 8.11 9.45
N GLN A 56 -2.42 8.72 9.39
CA GLN A 56 -1.79 9.27 10.57
C GLN A 56 -1.26 10.68 10.31
N PRO A 57 -1.73 11.64 11.11
CA PRO A 57 -1.32 13.04 10.99
C PRO A 57 0.13 13.26 11.40
N GLY A 58 1.02 13.27 10.42
CA GLY A 58 2.43 13.48 10.72
C GLY A 58 3.26 12.22 10.50
N SER A 59 2.83 11.40 9.54
CA SER A 59 3.54 10.16 9.24
C SER A 59 4.92 10.44 8.65
N VAL A 60 4.94 11.18 7.54
CA VAL A 60 6.20 11.54 6.88
C VAL A 60 6.54 13.00 7.11
N LYS A 61 7.84 13.30 7.14
CA LYS A 61 8.31 14.65 7.34
C LYS A 61 8.38 15.42 6.01
N LYS A 62 8.97 14.78 5.01
CA LYS A 62 9.09 15.39 3.68
C LYS A 62 9.00 14.34 2.59
N ILE A 63 8.57 14.76 1.40
CA ILE A 63 8.44 13.85 0.27
C ILE A 63 9.02 14.47 -0.99
N ASN A 64 10.11 13.90 -1.48
CA ASN A 64 10.76 14.39 -2.68
C ASN A 64 9.90 14.13 -3.92
N GLU A 65 9.22 15.17 -4.38
CA GLU A 65 8.35 15.05 -5.56
C GLU A 65 9.11 15.41 -6.83
N SER A 66 9.65 14.40 -7.50
CA SER A 66 10.41 14.60 -8.73
C SER A 66 10.64 13.28 -9.45
N THR A 67 10.94 13.37 -10.74
CA THR A 67 11.17 12.17 -11.55
C THR A 67 12.46 11.48 -11.14
N GLN A 68 13.43 12.26 -10.68
CA GLN A 68 14.71 11.72 -10.25
C GLN A 68 14.52 10.43 -9.46
N ASN A 69 15.41 9.46 -9.68
CA ASN A 69 15.34 8.18 -8.99
C ASN A 69 15.75 8.34 -7.52
N TRP A 70 17.02 8.63 -7.29
CA TRP A 70 17.53 8.81 -5.94
C TRP A 70 16.49 9.44 -5.04
N HIS A 71 15.78 10.43 -5.57
CA HIS A 71 14.75 11.13 -4.82
C HIS A 71 13.55 10.21 -4.54
N GLN A 72 12.93 9.72 -5.61
CA GLN A 72 11.78 8.84 -5.50
C GLN A 72 12.04 7.76 -4.45
N LEU A 73 13.29 7.34 -4.32
CA LEU A 73 13.66 6.32 -3.35
C LEU A 73 13.45 6.82 -1.93
N GLU A 74 14.01 7.99 -1.62
CA GLU A 74 13.88 8.56 -0.30
C GLU A 74 12.44 8.49 0.19
N ASN A 75 11.50 8.84 -0.68
CA ASN A 75 10.08 8.81 -0.32
C ASN A 75 9.69 7.44 0.22
N ILE A 76 9.80 6.41 -0.61
CA ILE A 76 9.46 5.05 -0.21
C ILE A 76 10.10 4.71 1.13
N GLY A 77 11.39 4.97 1.26
CA GLY A 77 12.09 4.69 2.49
C GLY A 77 11.41 5.29 3.71
N ASN A 78 11.02 6.55 3.60
CA ASN A 78 10.35 7.24 4.70
C ASN A 78 8.99 6.62 4.97
N PHE A 79 8.28 6.29 3.91
CA PHE A 79 6.95 5.68 4.05
C PHE A 79 7.02 4.37 4.83
N ILE A 80 7.74 3.40 4.28
CA ILE A 80 7.89 2.10 4.94
C ILE A 80 8.06 2.26 6.44
N LYS A 81 9.01 3.12 6.84
CA LYS A 81 9.27 3.36 8.25
C LYS A 81 8.04 3.95 8.94
N ALA A 82 7.33 4.82 8.24
CA ALA A 82 6.13 5.44 8.79
C ALA A 82 5.06 4.40 9.09
N ILE A 83 4.79 3.54 8.11
CA ILE A 83 3.79 2.49 8.28
C ILE A 83 4.19 1.50 9.35
N THR A 84 5.50 1.40 9.60
CA THR A 84 6.02 0.49 10.61
C THR A 84 5.59 0.90 12.00
N LYS A 85 5.68 2.19 12.28
CA LYS A 85 5.29 2.72 13.58
C LYS A 85 3.76 2.77 13.72
N TYR A 86 3.10 3.18 12.66
CA TYR A 86 1.63 3.26 12.66
C TYR A 86 1.01 2.02 13.28
N GLY A 87 1.13 0.89 12.57
CA GLY A 87 0.58 -0.36 13.07
C GLY A 87 0.83 -1.51 12.12
N VAL A 88 2.06 -1.61 11.62
CA VAL A 88 2.43 -2.68 10.70
C VAL A 88 3.79 -3.26 11.05
N LYS A 89 3.86 -4.57 11.18
CA LYS A 89 5.11 -5.25 11.52
C LYS A 89 6.07 -5.25 10.33
N PRO A 90 7.37 -5.27 10.62
CA PRO A 90 8.42 -5.27 9.60
C PRO A 90 8.47 -6.58 8.83
N HIS A 91 7.77 -7.58 9.33
CA HIS A 91 7.73 -8.90 8.68
C HIS A 91 6.70 -8.92 7.57
N ASP A 92 5.80 -7.94 7.56
CA ASP A 92 4.76 -7.85 6.55
C ASP A 92 4.93 -6.59 5.71
N ILE A 93 6.08 -5.95 5.83
CA ILE A 93 6.37 -4.73 5.08
C ILE A 93 7.37 -4.99 3.96
N PHE A 94 7.19 -4.29 2.85
CA PHE A 94 8.08 -4.45 1.70
C PHE A 94 9.28 -3.51 1.81
N GLU A 95 10.36 -3.85 1.11
CA GLU A 95 11.57 -3.05 1.13
C GLU A 95 11.47 -1.91 0.12
N ALA A 96 12.39 -0.95 0.24
CA ALA A 96 12.42 0.20 -0.67
C ALA A 96 12.67 -0.24 -2.10
N ASN A 97 13.44 -1.31 -2.27
CA ASN A 97 13.76 -1.82 -3.59
C ASN A 97 12.67 -2.76 -4.09
N ASP A 98 11.82 -3.21 -3.17
CA ASP A 98 10.72 -4.10 -3.51
C ASP A 98 9.67 -3.39 -4.36
N LEU A 99 9.57 -2.07 -4.19
CA LEU A 99 8.62 -1.27 -4.94
C LEU A 99 9.32 -0.45 -6.02
N PHE A 100 10.53 0.01 -5.71
CA PHE A 100 11.31 0.80 -6.65
C PHE A 100 11.73 -0.03 -7.85
N GLU A 101 12.46 -1.11 -7.60
CA GLU A 101 12.91 -2.00 -8.67
C GLU A 101 11.82 -2.97 -9.08
N ASN A 102 10.71 -2.95 -8.34
CA ASN A 102 9.59 -3.84 -8.63
C ASN A 102 10.02 -5.29 -8.55
N THR A 103 11.03 -5.57 -7.74
CA THR A 103 11.53 -6.93 -7.58
C THR A 103 10.46 -7.85 -7.01
N ASN A 104 9.90 -7.47 -5.87
CA ASN A 104 8.86 -8.26 -5.22
C ASN A 104 7.53 -7.52 -5.20
N HIS A 105 6.62 -7.93 -6.08
CA HIS A 105 5.31 -7.29 -6.17
C HIS A 105 4.43 -7.71 -4.99
N THR A 106 4.02 -8.98 -4.97
CA THR A 106 3.18 -9.50 -3.91
C THR A 106 3.57 -8.93 -2.56
N GLN A 107 4.88 -8.86 -2.31
CA GLN A 107 5.40 -8.33 -1.05
C GLN A 107 4.76 -6.98 -0.74
N VAL A 108 4.77 -6.07 -1.72
CA VAL A 108 4.20 -4.75 -1.55
C VAL A 108 2.70 -4.82 -1.31
N GLN A 109 2.04 -5.70 -2.06
CA GLN A 109 0.59 -5.86 -1.93
C GLN A 109 0.21 -6.29 -0.52
N SER A 110 0.78 -7.41 -0.07
CA SER A 110 0.51 -7.92 1.26
C SER A 110 0.58 -6.81 2.30
N THR A 111 1.63 -6.00 2.22
CA THR A 111 1.81 -4.90 3.16
C THR A 111 0.56 -4.03 3.25
N LEU A 112 -0.02 -3.73 2.10
CA LEU A 112 -1.23 -2.91 2.05
C LEU A 112 -2.40 -3.64 2.69
N LEU A 113 -2.70 -4.83 2.20
CA LEU A 113 -3.80 -5.63 2.73
C LEU A 113 -3.94 -5.45 4.24
N ALA A 114 -2.81 -5.53 4.94
CA ALA A 114 -2.81 -5.38 6.39
C ALA A 114 -3.10 -3.93 6.78
N LEU A 115 -2.39 -2.99 6.16
CA LEU A 115 -2.57 -1.57 6.44
C LEU A 115 -4.06 -1.21 6.47
N ALA A 116 -4.77 -1.57 5.41
CA ALA A 116 -6.20 -1.29 5.32
C ALA A 116 -6.90 -1.56 6.65
N SER A 117 -6.56 -2.69 7.27
CA SER A 117 -7.16 -3.07 8.54
C SER A 117 -6.66 -2.16 9.67
N MET A 118 -5.42 -1.71 9.54
CA MET A 118 -4.82 -0.84 10.55
C MET A 118 -5.48 0.53 10.54
N ALA A 119 -6.07 0.90 9.40
CA ALA A 119 -6.74 2.19 9.27
C ALA A 119 -8.23 2.06 9.52
N LYS A 120 -8.81 0.91 9.15
CA LYS A 120 -10.23 0.66 9.34
C LYS A 120 -10.57 0.64 10.82
N THR A 121 -9.76 -0.05 11.62
CA THR A 121 -9.99 -0.15 13.05
C THR A 121 -9.96 1.23 13.71
N LYS A 122 -9.13 2.12 13.17
CA LYS A 122 -9.02 3.47 13.69
C LYS A 122 -10.28 4.28 13.41
N GLY A 123 -10.73 4.24 12.15
CA GLY A 123 -11.92 4.98 11.77
C GLY A 123 -11.83 5.51 10.35
N ASN A 124 -11.38 4.67 9.44
CA ASN A 124 -11.25 5.06 8.04
C ASN A 124 -12.08 4.15 7.13
N LYS A 125 -12.71 4.73 6.13
CA LYS A 125 -13.54 3.97 5.20
C LYS A 125 -12.68 3.05 4.35
N VAL A 126 -12.43 1.85 4.86
CA VAL A 126 -11.63 0.86 4.14
C VAL A 126 -12.50 -0.20 3.48
N ASN A 127 -12.63 -0.12 2.17
CA ASN A 127 -13.45 -1.07 1.42
C ASN A 127 -12.61 -2.26 0.97
N VAL A 128 -11.53 -2.52 1.69
CA VAL A 128 -10.63 -3.64 1.35
C VAL A 128 -11.07 -4.92 2.05
N GLY A 129 -11.22 -5.99 1.27
CA GLY A 129 -11.63 -7.26 1.84
C GLY A 129 -10.76 -7.69 3.00
N VAL A 130 -9.48 -7.91 2.73
CA VAL A 130 -8.54 -8.33 3.76
C VAL A 130 -9.18 -9.33 4.72
N SER A 131 -10.20 -10.05 4.23
CA SER A 131 -10.91 -11.03 5.04
C SER A 131 -10.66 -12.44 4.51
N GLY A 132 -9.89 -13.22 5.26
CA GLY A 132 -9.59 -14.57 4.84
C GLY A 132 -8.60 -15.27 5.77
N PRO A 133 -8.78 -16.57 5.96
CA PRO A 133 -7.91 -17.38 6.83
C PRO A 133 -6.51 -17.55 6.24
N SER A 134 -5.49 -17.27 7.06
CA SER A 134 -4.11 -17.38 6.62
C SER A 134 -3.54 -18.75 6.97
N SER A 135 -2.67 -19.27 6.11
CA SER A 135 -2.06 -20.57 6.33
C SER A 135 -0.55 -20.43 6.57
N GLY A 136 0.03 -21.42 7.24
CA GLY A 136 1.45 -21.39 7.52
C GLY A 136 1.75 -21.44 9.01
N GLY A 1 -23.80 -1.70 -2.96
CA GLY A 1 -23.57 -2.98 -3.62
C GLY A 1 -22.23 -3.04 -4.31
N SER A 2 -22.17 -3.80 -5.40
CA SER A 2 -20.93 -3.94 -6.17
C SER A 2 -19.74 -4.10 -5.23
N SER A 3 -19.89 -4.95 -4.22
CA SER A 3 -18.83 -5.19 -3.25
C SER A 3 -18.53 -6.68 -3.12
N GLY A 4 -17.25 -7.02 -3.02
CA GLY A 4 -16.87 -8.41 -2.89
C GLY A 4 -17.50 -9.29 -3.95
N SER A 5 -17.30 -8.92 -5.21
CA SER A 5 -17.86 -9.68 -6.33
C SER A 5 -17.09 -10.99 -6.52
N SER A 6 -17.59 -11.83 -7.43
CA SER A 6 -16.96 -13.10 -7.71
C SER A 6 -15.81 -12.93 -8.71
N GLY A 7 -14.58 -13.00 -8.19
CA GLY A 7 -13.41 -12.85 -9.03
C GLY A 7 -13.43 -13.79 -10.22
N ASN A 8 -12.76 -13.41 -11.30
CA ASN A 8 -12.70 -14.23 -12.51
C ASN A 8 -11.49 -15.16 -12.48
N LYS A 9 -10.30 -14.57 -12.44
CA LYS A 9 -9.06 -15.34 -12.41
C LYS A 9 -8.20 -14.93 -11.23
N LEU A 10 -7.80 -15.91 -10.42
CA LEU A 10 -6.97 -15.65 -9.24
C LEU A 10 -5.66 -16.41 -9.34
N ALA A 11 -4.58 -15.78 -8.88
CA ALA A 11 -3.26 -16.41 -8.89
C ALA A 11 -3.01 -17.19 -7.62
N GLN A 12 -1.84 -17.83 -7.54
CA GLN A 12 -1.47 -18.62 -6.38
C GLN A 12 -0.71 -17.77 -5.36
N LYS A 13 -0.18 -16.64 -5.82
CA LYS A 13 0.57 -15.74 -4.96
C LYS A 13 -0.08 -14.36 -4.92
N TYR A 14 -0.37 -13.81 -6.08
CA TYR A 14 -0.99 -12.50 -6.18
C TYR A 14 -2.51 -12.61 -6.23
N ASP A 15 -3.19 -11.52 -5.94
CA ASP A 15 -4.65 -11.49 -5.95
C ASP A 15 -5.17 -10.58 -7.05
N HIS A 16 -6.44 -10.75 -7.41
CA HIS A 16 -7.06 -9.95 -8.46
C HIS A 16 -8.13 -9.03 -7.89
N GLN A 17 -9.00 -9.60 -7.05
CA GLN A 17 -10.06 -8.83 -6.42
C GLN A 17 -9.50 -7.70 -5.57
N ARG A 18 -8.45 -8.00 -4.81
CA ARG A 18 -7.82 -7.02 -3.95
C ARG A 18 -7.24 -5.87 -4.76
N GLU A 19 -6.58 -6.21 -5.87
CA GLU A 19 -5.98 -5.22 -6.74
C GLU A 19 -6.87 -3.98 -6.87
N GLN A 20 -8.18 -4.23 -7.00
CA GLN A 20 -9.14 -3.14 -7.13
C GLN A 20 -9.33 -2.41 -5.80
N GLU A 21 -9.90 -3.11 -4.83
CA GLU A 21 -10.14 -2.54 -3.51
C GLU A 21 -8.98 -1.64 -3.09
N LEU A 22 -7.79 -1.94 -3.61
CA LEU A 22 -6.59 -1.17 -3.28
C LEU A 22 -6.55 0.13 -4.10
N ARG A 23 -6.76 -0.01 -5.40
CA ARG A 23 -6.74 1.16 -6.30
C ARG A 23 -7.84 2.15 -5.91
N GLU A 24 -8.99 1.63 -5.51
CA GLU A 24 -10.11 2.48 -5.11
C GLU A 24 -9.85 3.11 -3.75
N TRP A 25 -9.25 2.35 -2.85
CA TRP A 25 -8.95 2.84 -1.51
C TRP A 25 -7.88 3.92 -1.56
N ILE A 26 -6.76 3.62 -2.21
CA ILE A 26 -5.66 4.56 -2.33
C ILE A 26 -6.07 5.78 -3.14
N GLU A 27 -6.22 5.61 -4.44
CA GLU A 27 -6.60 6.70 -5.33
C GLU A 27 -7.69 7.56 -4.68
N GLY A 28 -8.48 6.96 -3.82
CA GLY A 28 -9.55 7.68 -3.14
C GLY A 28 -9.03 8.51 -1.98
N VAL A 29 -8.19 7.90 -1.15
CA VAL A 29 -7.63 8.59 0.02
C VAL A 29 -6.61 9.64 -0.41
N THR A 30 -5.50 9.19 -0.99
CA THR A 30 -4.45 10.09 -1.45
C THR A 30 -4.99 11.08 -2.48
N GLY A 31 -5.42 10.56 -3.61
CA GLY A 31 -5.95 11.41 -4.66
C GLY A 31 -5.08 11.40 -5.91
N ARG A 32 -4.24 10.39 -6.04
CA ARG A 32 -3.34 10.28 -7.18
C ARG A 32 -3.80 9.15 -8.11
N ARG A 33 -3.82 9.44 -9.41
CA ARG A 33 -4.24 8.45 -10.40
C ARG A 33 -3.17 7.38 -10.58
N ILE A 34 -3.38 6.23 -9.95
CA ILE A 34 -2.43 5.12 -10.04
C ILE A 34 -2.28 4.64 -11.48
N GLY A 35 -3.40 4.54 -12.19
CA GLY A 35 -3.36 4.09 -13.57
C GLY A 35 -3.34 2.59 -13.70
N ASN A 36 -3.41 2.09 -14.94
CA ASN A 36 -3.39 0.66 -15.20
C ASN A 36 -2.26 -0.02 -14.44
N ASN A 37 -1.02 0.42 -14.72
CA ASN A 37 0.15 -0.15 -14.05
C ASN A 37 0.09 0.06 -12.55
N PHE A 38 -0.44 -0.94 -11.84
CA PHE A 38 -0.56 -0.86 -10.39
C PHE A 38 0.82 -0.80 -9.72
N MET A 39 1.72 -1.65 -10.18
CA MET A 39 3.08 -1.70 -9.64
C MET A 39 3.80 -0.37 -9.87
N ASP A 40 3.94 0.00 -11.14
CA ASP A 40 4.61 1.25 -11.50
C ASP A 40 3.88 2.45 -10.90
N GLY A 41 2.57 2.50 -11.09
CA GLY A 41 1.79 3.61 -10.57
C GLY A 41 2.16 3.95 -9.14
N LEU A 42 2.57 2.94 -8.38
CA LEU A 42 2.97 3.14 -6.99
C LEU A 42 4.49 3.18 -6.84
N LYS A 43 5.18 2.67 -7.87
CA LYS A 43 6.64 2.65 -7.85
C LYS A 43 7.21 4.00 -7.44
N ASP A 44 6.67 5.07 -8.03
CA ASP A 44 7.12 6.42 -7.72
C ASP A 44 7.48 6.55 -6.24
N GLY A 45 6.56 6.12 -5.37
CA GLY A 45 6.80 6.20 -3.95
C GLY A 45 6.02 7.32 -3.28
N ILE A 46 5.76 8.38 -4.05
CA ILE A 46 5.01 9.52 -3.53
C ILE A 46 3.65 9.10 -3.00
N ILE A 47 2.83 8.51 -3.87
CA ILE A 47 1.50 8.05 -3.50
C ILE A 47 1.53 7.35 -2.14
N LEU A 48 2.57 6.56 -1.91
CA LEU A 48 2.70 5.83 -0.65
C LEU A 48 2.83 6.80 0.52
N CYS A 49 3.89 7.59 0.52
CA CYS A 49 4.13 8.55 1.58
C CYS A 49 2.83 9.22 2.01
N GLU A 50 2.07 9.71 1.03
CA GLU A 50 0.80 10.37 1.31
C GLU A 50 -0.21 9.39 1.91
N PHE A 51 -0.12 8.14 1.51
CA PHE A 51 -1.02 7.11 2.01
C PHE A 51 -0.97 7.03 3.53
N ILE A 52 0.16 6.58 4.07
CA ILE A 52 0.34 6.46 5.50
C ILE A 52 0.16 7.81 6.19
N ASN A 53 0.15 8.88 5.40
CA ASN A 53 -0.01 10.22 5.93
C ASN A 53 -1.49 10.52 6.19
N LYS A 54 -2.35 10.10 5.27
CA LYS A 54 -3.78 10.32 5.41
C LYS A 54 -4.33 9.60 6.64
N LEU A 55 -3.75 8.44 6.94
CA LEU A 55 -4.18 7.66 8.09
C LEU A 55 -3.61 8.23 9.39
N GLN A 56 -2.36 8.65 9.34
CA GLN A 56 -1.70 9.23 10.51
C GLN A 56 -1.25 10.66 10.23
N PRO A 57 -1.84 11.62 10.98
CA PRO A 57 -1.51 13.03 10.84
C PRO A 57 -0.10 13.36 11.33
N GLY A 58 0.88 13.23 10.45
CA GLY A 58 2.25 13.52 10.81
C GLY A 58 3.17 12.35 10.54
N SER A 59 2.83 11.54 9.55
CA SER A 59 3.63 10.37 9.20
C SER A 59 4.93 10.81 8.52
N VAL A 60 4.82 11.42 7.35
CA VAL A 60 5.99 11.87 6.61
C VAL A 60 6.17 13.38 6.74
N LYS A 61 7.39 13.80 7.03
CA LYS A 61 7.71 15.21 7.19
C LYS A 61 7.60 15.95 5.86
N LYS A 62 8.39 15.51 4.88
CA LYS A 62 8.38 16.12 3.56
C LYS A 62 8.31 15.05 2.48
N ILE A 63 7.72 15.42 1.33
CA ILE A 63 7.58 14.49 0.22
C ILE A 63 8.06 15.13 -1.08
N ASN A 64 9.17 14.63 -1.63
CA ASN A 64 9.71 15.16 -2.87
C ASN A 64 8.90 14.69 -4.07
N GLU A 65 8.32 15.64 -4.80
CA GLU A 65 7.51 15.30 -5.97
C GLU A 65 8.32 15.50 -7.26
N SER A 66 9.59 15.10 -7.22
CA SER A 66 10.46 15.24 -8.37
C SER A 66 10.57 13.92 -9.13
N THR A 67 11.11 13.99 -10.34
CA THR A 67 11.27 12.80 -11.17
C THR A 67 12.54 12.04 -10.81
N GLN A 68 13.58 12.78 -10.43
CA GLN A 68 14.86 12.19 -10.05
C GLN A 68 14.64 10.94 -9.19
N ASN A 69 15.39 9.88 -9.50
CA ASN A 69 15.28 8.63 -8.75
C ASN A 69 15.60 8.85 -7.27
N TRP A 70 16.76 9.43 -7.01
CA TRP A 70 17.19 9.69 -5.64
C TRP A 70 16.00 10.06 -4.76
N HIS A 71 15.24 11.06 -5.19
CA HIS A 71 14.07 11.51 -4.44
C HIS A 71 13.06 10.38 -4.29
N GLN A 72 12.76 9.71 -5.40
CA GLN A 72 11.80 8.60 -5.39
C GLN A 72 12.15 7.58 -4.31
N LEU A 73 13.43 7.27 -4.20
CA LEU A 73 13.90 6.30 -3.20
C LEU A 73 13.66 6.83 -1.79
N GLU A 74 14.08 8.08 -1.54
CA GLU A 74 13.92 8.69 -0.23
C GLU A 74 12.46 8.64 0.21
N ASN A 75 11.55 8.97 -0.71
CA ASN A 75 10.13 8.96 -0.42
C ASN A 75 9.71 7.64 0.21
N ILE A 76 9.84 6.57 -0.56
CA ILE A 76 9.47 5.23 -0.07
C ILE A 76 10.17 4.92 1.25
N GLY A 77 11.35 5.50 1.45
CA GLY A 77 12.09 5.27 2.67
C GLY A 77 11.33 5.71 3.91
N ASN A 78 10.75 6.91 3.84
CA ASN A 78 10.00 7.45 4.97
C ASN A 78 8.68 6.71 5.15
N PHE A 79 8.06 6.35 4.03
CA PHE A 79 6.79 5.63 4.06
C PHE A 79 6.94 4.29 4.78
N ILE A 80 7.81 3.44 4.25
CA ILE A 80 8.06 2.13 4.84
C ILE A 80 8.17 2.22 6.35
N LYS A 81 8.82 3.28 6.83
CA LYS A 81 8.99 3.49 8.26
C LYS A 81 7.71 4.01 8.90
N ALA A 82 7.08 4.97 8.23
CA ALA A 82 5.84 5.55 8.74
C ALA A 82 4.81 4.47 9.06
N ILE A 83 4.72 3.47 8.19
CA ILE A 83 3.77 2.38 8.39
C ILE A 83 4.27 1.42 9.47
N THR A 84 5.57 1.47 9.76
CA THR A 84 6.17 0.60 10.76
C THR A 84 5.73 1.02 12.16
N LYS A 85 5.65 2.33 12.39
CA LYS A 85 5.25 2.85 13.69
C LYS A 85 3.73 2.82 13.85
N TYR A 86 3.03 3.12 12.76
CA TYR A 86 1.57 3.12 12.77
C TYR A 86 1.03 1.84 13.39
N GLY A 87 1.19 0.73 12.66
CA GLY A 87 0.71 -0.55 13.15
C GLY A 87 1.01 -1.68 12.18
N VAL A 88 2.18 -1.62 11.55
CA VAL A 88 2.58 -2.65 10.60
C VAL A 88 3.96 -3.20 10.93
N LYS A 89 4.04 -4.50 11.19
CA LYS A 89 5.31 -5.14 11.51
C LYS A 89 6.24 -5.16 10.30
N PRO A 90 7.55 -5.18 10.57
CA PRO A 90 8.57 -5.21 9.51
C PRO A 90 8.60 -6.54 8.76
N HIS A 91 7.88 -7.52 9.29
CA HIS A 91 7.83 -8.84 8.67
C HIS A 91 6.77 -8.88 7.57
N ASP A 92 5.92 -7.85 7.54
CA ASP A 92 4.86 -7.77 6.54
C ASP A 92 5.00 -6.51 5.70
N ILE A 93 6.18 -5.91 5.75
CA ILE A 93 6.44 -4.68 5.00
C ILE A 93 7.42 -4.94 3.86
N PHE A 94 7.23 -4.23 2.74
CA PHE A 94 8.09 -4.38 1.58
C PHE A 94 9.34 -3.52 1.72
N GLU A 95 10.40 -3.91 1.02
CA GLU A 95 11.65 -3.17 1.06
C GLU A 95 11.67 -2.06 0.01
N ALA A 96 12.47 -1.02 0.27
CA ALA A 96 12.57 0.11 -0.65
C ALA A 96 12.67 -0.37 -2.10
N ASN A 97 13.35 -1.50 -2.30
CA ASN A 97 13.51 -2.05 -3.64
C ASN A 97 12.25 -2.79 -4.07
N ASP A 98 11.74 -3.65 -3.19
CA ASP A 98 10.53 -4.42 -3.49
C ASP A 98 9.56 -3.60 -4.32
N LEU A 99 9.54 -2.29 -4.07
CA LEU A 99 8.64 -1.39 -4.80
C LEU A 99 9.41 -0.59 -5.84
N PHE A 100 10.38 0.20 -5.38
CA PHE A 100 11.18 1.03 -6.27
C PHE A 100 11.62 0.24 -7.49
N GLU A 101 12.44 -0.79 -7.27
CA GLU A 101 12.93 -1.62 -8.35
C GLU A 101 11.90 -2.69 -8.74
N ASN A 102 10.69 -2.53 -8.22
CA ASN A 102 9.61 -3.48 -8.51
C ASN A 102 10.15 -4.90 -8.62
N THR A 103 10.87 -5.35 -7.59
CA THR A 103 11.44 -6.69 -7.58
C THR A 103 10.55 -7.66 -6.83
N ASN A 104 9.78 -7.14 -5.88
CA ASN A 104 8.86 -7.97 -5.09
C ASN A 104 7.46 -7.38 -5.09
N HIS A 105 6.70 -7.67 -6.14
CA HIS A 105 5.33 -7.18 -6.25
C HIS A 105 4.48 -7.66 -5.09
N THR A 106 4.14 -8.94 -5.10
CA THR A 106 3.32 -9.53 -4.05
C THR A 106 3.67 -8.94 -2.69
N GLN A 107 4.94 -9.02 -2.32
CA GLN A 107 5.41 -8.49 -1.05
C GLN A 107 4.77 -7.14 -0.75
N VAL A 108 4.77 -6.27 -1.75
CA VAL A 108 4.19 -4.94 -1.60
C VAL A 108 2.68 -5.01 -1.39
N GLN A 109 2.03 -5.91 -2.13
CA GLN A 109 0.59 -6.08 -2.02
C GLN A 109 0.18 -6.43 -0.59
N SER A 110 0.78 -7.49 -0.06
CA SER A 110 0.49 -7.93 1.31
C SER A 110 0.51 -6.77 2.27
N THR A 111 1.55 -5.94 2.17
CA THR A 111 1.70 -4.78 3.05
C THR A 111 0.41 -3.98 3.11
N LEU A 112 -0.12 -3.62 1.94
CA LEU A 112 -1.35 -2.85 1.87
C LEU A 112 -2.52 -3.61 2.50
N LEU A 113 -2.64 -4.88 2.14
CA LEU A 113 -3.72 -5.71 2.68
C LEU A 113 -3.80 -5.59 4.19
N ALA A 114 -2.65 -5.42 4.84
CA ALA A 114 -2.60 -5.28 6.29
C ALA A 114 -2.94 -3.86 6.71
N LEU A 115 -2.30 -2.88 6.08
CA LEU A 115 -2.53 -1.48 6.40
C LEU A 115 -4.03 -1.20 6.49
N ALA A 116 -4.79 -1.72 5.53
CA ALA A 116 -6.23 -1.53 5.51
C ALA A 116 -6.85 -1.80 6.88
N SER A 117 -6.56 -2.98 7.42
CA SER A 117 -7.10 -3.37 8.73
C SER A 117 -6.56 -2.47 9.83
N MET A 118 -5.32 -1.99 9.63
CA MET A 118 -4.69 -1.11 10.61
C MET A 118 -5.34 0.26 10.62
N ALA A 119 -6.08 0.57 9.56
CA ALA A 119 -6.76 1.85 9.44
C ALA A 119 -8.24 1.73 9.82
N LYS A 120 -8.83 0.57 9.54
CA LYS A 120 -10.23 0.33 9.85
C LYS A 120 -10.47 0.41 11.35
N THR A 121 -9.71 -0.37 12.12
CA THR A 121 -9.84 -0.37 13.57
C THR A 121 -9.84 1.05 14.13
N LYS A 122 -9.02 1.91 13.55
CA LYS A 122 -8.93 3.30 13.99
C LYS A 122 -10.21 4.06 13.66
N GLY A 123 -10.76 3.80 12.49
CA GLY A 123 -11.99 4.47 12.07
C GLY A 123 -11.91 5.00 10.67
N ASN A 124 -11.39 4.19 9.75
CA ASN A 124 -11.26 4.60 8.36
C ASN A 124 -12.29 3.87 7.49
N LYS A 125 -12.97 2.89 8.07
CA LYS A 125 -13.97 2.13 7.36
C LYS A 125 -13.47 1.72 5.98
N VAL A 126 -12.18 1.42 5.89
CA VAL A 126 -11.57 1.01 4.63
C VAL A 126 -12.45 0.02 3.89
N ASN A 127 -12.51 0.16 2.57
CA ASN A 127 -13.33 -0.73 1.74
C ASN A 127 -12.47 -1.83 1.12
N VAL A 128 -11.62 -2.46 1.94
CA VAL A 128 -10.76 -3.52 1.48
C VAL A 128 -11.08 -4.84 2.17
N GLY A 129 -11.40 -5.86 1.37
CA GLY A 129 -11.73 -7.16 1.93
C GLY A 129 -10.54 -7.81 2.63
N VAL A 130 -10.18 -7.29 3.80
CA VAL A 130 -9.07 -7.83 4.56
C VAL A 130 -9.39 -9.22 5.11
N SER A 131 -8.41 -10.11 5.06
CA SER A 131 -8.59 -11.47 5.54
C SER A 131 -7.29 -12.02 6.10
N GLY A 132 -7.25 -12.21 7.42
CA GLY A 132 -6.05 -12.74 8.06
C GLY A 132 -6.02 -12.45 9.54
N PRO A 133 -5.28 -13.28 10.30
CA PRO A 133 -5.15 -13.14 11.75
C PRO A 133 -4.35 -11.91 12.14
N SER A 134 -4.70 -11.31 13.27
CA SER A 134 -4.01 -10.11 13.76
C SER A 134 -2.74 -10.49 14.51
N SER A 135 -2.84 -11.51 15.36
CA SER A 135 -1.70 -11.96 16.15
C SER A 135 -0.86 -12.95 15.36
N GLY A 136 0.29 -12.49 14.86
CA GLY A 136 1.16 -13.36 14.09
C GLY A 136 2.41 -13.76 14.85
N GLY A 1 -7.83 -8.73 -13.21
CA GLY A 1 -9.12 -9.31 -12.93
C GLY A 1 -10.14 -8.27 -12.52
N SER A 2 -11.38 -8.44 -12.98
CA SER A 2 -12.45 -7.50 -12.67
C SER A 2 -13.58 -8.20 -11.91
N SER A 3 -14.36 -7.42 -11.16
CA SER A 3 -15.46 -7.97 -10.39
C SER A 3 -16.14 -9.11 -11.14
N GLY A 4 -16.36 -10.22 -10.44
CA GLY A 4 -16.99 -11.37 -11.07
C GLY A 4 -16.20 -11.91 -12.24
N SER A 5 -15.08 -12.56 -11.95
CA SER A 5 -14.23 -13.13 -12.99
C SER A 5 -13.94 -14.60 -12.72
N SER A 6 -14.37 -15.45 -13.64
CA SER A 6 -14.15 -16.89 -13.50
C SER A 6 -12.74 -17.27 -13.92
N GLY A 7 -11.94 -17.71 -12.96
CA GLY A 7 -10.58 -18.11 -13.25
C GLY A 7 -10.44 -19.59 -13.50
N ASN A 8 -9.20 -20.08 -13.50
CA ASN A 8 -8.94 -21.50 -13.73
C ASN A 8 -7.99 -22.06 -12.67
N LYS A 9 -6.91 -21.33 -12.41
CA LYS A 9 -5.93 -21.74 -11.41
C LYS A 9 -6.03 -20.89 -10.16
N LEU A 10 -6.60 -21.46 -9.11
CA LEU A 10 -6.75 -20.74 -7.84
C LEU A 10 -5.55 -19.85 -7.57
N ALA A 11 -5.77 -18.54 -7.64
CA ALA A 11 -4.69 -17.58 -7.40
C ALA A 11 -4.33 -17.53 -5.92
N GLN A 12 -3.09 -17.89 -5.61
CA GLN A 12 -2.62 -17.88 -4.24
C GLN A 12 -1.33 -17.07 -4.11
N LYS A 13 -0.75 -16.69 -5.24
CA LYS A 13 0.47 -15.91 -5.26
C LYS A 13 0.17 -14.42 -5.23
N TYR A 14 -0.50 -13.94 -6.28
CA TYR A 14 -0.85 -12.52 -6.38
C TYR A 14 -2.31 -12.36 -6.78
N ASP A 15 -3.19 -12.30 -5.79
CA ASP A 15 -4.62 -12.13 -6.04
C ASP A 15 -4.87 -10.99 -7.02
N HIS A 16 -6.08 -10.95 -7.55
CA HIS A 16 -6.46 -9.90 -8.51
C HIS A 16 -7.58 -9.04 -7.95
N GLN A 17 -8.51 -9.66 -7.25
CA GLN A 17 -9.64 -8.95 -6.65
C GLN A 17 -9.16 -7.89 -5.67
N ARG A 18 -8.46 -8.34 -4.63
CA ARG A 18 -7.95 -7.42 -3.61
C ARG A 18 -7.22 -6.25 -4.25
N GLU A 19 -6.40 -6.54 -5.26
CA GLU A 19 -5.64 -5.51 -5.95
C GLU A 19 -6.57 -4.42 -6.49
N GLN A 20 -7.74 -4.83 -6.97
CA GLN A 20 -8.71 -3.89 -7.52
C GLN A 20 -9.31 -3.04 -6.41
N GLU A 21 -9.42 -3.60 -5.22
CA GLU A 21 -9.97 -2.89 -4.07
C GLU A 21 -8.90 -2.06 -3.38
N LEU A 22 -7.65 -2.50 -3.50
CA LEU A 22 -6.54 -1.79 -2.88
C LEU A 22 -6.38 -0.39 -3.46
N ARG A 23 -6.27 -0.31 -4.78
CA ARG A 23 -6.12 0.98 -5.45
C ARG A 23 -7.25 1.93 -5.07
N GLU A 24 -8.47 1.58 -5.46
CA GLU A 24 -9.64 2.40 -5.16
C GLU A 24 -9.48 3.08 -3.80
N TRP A 25 -8.99 2.33 -2.82
CA TRP A 25 -8.81 2.86 -1.48
C TRP A 25 -7.64 3.85 -1.44
N ILE A 26 -6.54 3.48 -2.08
CA ILE A 26 -5.35 4.34 -2.13
C ILE A 26 -5.63 5.62 -2.91
N GLU A 27 -5.95 5.46 -4.19
CA GLU A 27 -6.23 6.61 -5.05
C GLU A 27 -7.44 7.39 -4.53
N GLY A 28 -8.22 6.75 -3.65
CA GLY A 28 -9.39 7.40 -3.10
C GLY A 28 -9.06 8.28 -1.91
N VAL A 29 -8.16 7.82 -1.05
CA VAL A 29 -7.76 8.58 0.12
C VAL A 29 -6.79 9.70 -0.26
N THR A 30 -5.66 9.33 -0.87
CA THR A 30 -4.66 10.30 -1.28
C THR A 30 -5.17 11.16 -2.43
N GLY A 31 -6.08 10.60 -3.23
CA GLY A 31 -6.62 11.34 -4.36
C GLY A 31 -5.80 11.17 -5.61
N ARG A 32 -4.69 10.46 -5.49
CA ARG A 32 -3.81 10.23 -6.64
C ARG A 32 -4.27 9.02 -7.46
N ARG A 33 -4.69 9.28 -8.70
CA ARG A 33 -5.16 8.22 -9.57
C ARG A 33 -4.00 7.35 -10.04
N ILE A 34 -3.83 6.20 -9.40
CA ILE A 34 -2.76 5.27 -9.76
C ILE A 34 -2.83 4.90 -11.22
N GLY A 35 -4.03 4.56 -11.69
CA GLY A 35 -4.20 4.17 -13.08
C GLY A 35 -3.90 2.71 -13.33
N ASN A 36 -4.19 2.24 -14.54
CA ASN A 36 -3.97 0.85 -14.90
C ASN A 36 -2.72 0.31 -14.21
N ASN A 37 -1.55 0.79 -14.64
CA ASN A 37 -0.29 0.35 -14.07
C ASN A 37 -0.29 0.53 -12.55
N PHE A 38 -0.57 -0.55 -11.83
CA PHE A 38 -0.61 -0.51 -10.37
C PHE A 38 0.78 -0.34 -9.80
N MET A 39 1.66 -1.30 -10.09
CA MET A 39 3.05 -1.25 -9.61
C MET A 39 3.69 0.09 -9.96
N ASP A 40 3.83 0.34 -11.26
CA ASP A 40 4.45 1.58 -11.73
C ASP A 40 3.84 2.79 -11.02
N GLY A 41 2.52 2.92 -11.12
CA GLY A 41 1.84 4.03 -10.49
C GLY A 41 2.31 4.28 -9.08
N LEU A 42 2.71 3.21 -8.39
CA LEU A 42 3.19 3.32 -7.02
C LEU A 42 4.71 3.40 -6.98
N LYS A 43 5.35 2.94 -8.05
CA LYS A 43 6.81 2.96 -8.14
C LYS A 43 7.35 4.32 -7.70
N ASP A 44 6.66 5.38 -8.08
CA ASP A 44 7.07 6.74 -7.73
C ASP A 44 7.43 6.83 -6.25
N GLY A 45 6.59 6.22 -5.41
CA GLY A 45 6.84 6.25 -3.98
C GLY A 45 6.15 7.41 -3.29
N ILE A 46 5.96 8.49 -4.03
CA ILE A 46 5.30 9.68 -3.49
C ILE A 46 3.92 9.33 -2.92
N ILE A 47 3.16 8.56 -3.68
CA ILE A 47 1.82 8.16 -3.24
C ILE A 47 1.88 7.42 -1.91
N LEU A 48 2.84 6.52 -1.78
CA LEU A 48 2.99 5.74 -0.55
C LEU A 48 3.01 6.66 0.66
N CYS A 49 3.94 7.61 0.66
CA CYS A 49 4.06 8.56 1.77
C CYS A 49 2.75 9.31 2.00
N GLU A 50 2.23 9.90 0.92
CA GLU A 50 0.97 10.65 1.02
C GLU A 50 -0.16 9.76 1.50
N PHE A 51 0.04 8.45 1.43
CA PHE A 51 -0.97 7.49 1.87
C PHE A 51 -0.97 7.36 3.38
N ILE A 52 0.10 6.80 3.92
CA ILE A 52 0.22 6.60 5.36
C ILE A 52 0.08 7.92 6.11
N ASN A 53 0.21 9.02 5.37
CA ASN A 53 0.10 10.35 5.96
C ASN A 53 -1.35 10.67 6.33
N LYS A 54 -2.26 10.30 5.43
CA LYS A 54 -3.69 10.54 5.66
C LYS A 54 -4.19 9.78 6.87
N LEU A 55 -3.65 8.58 7.08
CA LEU A 55 -4.03 7.75 8.22
C LEU A 55 -3.43 8.29 9.52
N GLN A 56 -2.19 8.75 9.44
CA GLN A 56 -1.51 9.30 10.61
C GLN A 56 -0.97 10.69 10.32
N PRO A 57 -1.44 11.68 11.09
CA PRO A 57 -1.00 13.07 10.93
C PRO A 57 0.44 13.29 11.37
N GLY A 58 1.37 13.19 10.43
CA GLY A 58 2.77 13.37 10.74
C GLY A 58 3.63 12.23 10.24
N SER A 59 3.00 11.24 9.62
CA SER A 59 3.71 10.08 9.11
C SER A 59 5.01 10.50 8.42
N VAL A 60 4.87 11.21 7.30
CA VAL A 60 6.03 11.68 6.55
C VAL A 60 6.11 13.21 6.55
N LYS A 61 6.92 13.75 7.44
CA LYS A 61 7.08 15.20 7.54
C LYS A 61 6.98 15.86 6.17
N LYS A 62 7.98 15.60 5.32
CA LYS A 62 8.00 16.17 3.98
C LYS A 62 8.11 15.07 2.93
N ILE A 63 7.52 15.32 1.76
CA ILE A 63 7.55 14.35 0.67
C ILE A 63 8.06 14.98 -0.62
N ASN A 64 9.05 14.35 -1.24
CA ASN A 64 9.61 14.85 -2.48
C ASN A 64 8.64 14.69 -3.64
N GLU A 65 8.54 15.71 -4.48
CA GLU A 65 7.64 15.67 -5.63
C GLU A 65 8.40 15.91 -6.92
N SER A 66 9.58 15.31 -7.03
CA SER A 66 10.42 15.46 -8.21
C SER A 66 10.40 14.19 -9.05
N THR A 67 11.09 14.22 -10.19
CA THR A 67 11.16 13.08 -11.08
C THR A 67 12.40 12.24 -10.80
N GLN A 68 13.50 12.90 -10.46
CA GLN A 68 14.75 12.22 -10.17
C GLN A 68 14.50 10.97 -9.31
N ASN A 69 15.08 9.84 -9.73
CA ASN A 69 14.91 8.59 -9.00
C ASN A 69 15.41 8.73 -7.57
N TRP A 70 16.62 9.26 -7.41
CA TRP A 70 17.20 9.44 -6.09
C TRP A 70 16.16 9.92 -5.09
N HIS A 71 15.47 11.00 -5.45
CA HIS A 71 14.43 11.57 -4.57
C HIS A 71 13.31 10.55 -4.35
N GLN A 72 12.85 9.93 -5.42
CA GLN A 72 11.78 8.95 -5.34
C GLN A 72 12.08 7.90 -4.26
N LEU A 73 13.27 7.32 -4.33
CA LEU A 73 13.69 6.30 -3.37
C LEU A 73 13.67 6.86 -1.94
N GLU A 74 13.99 8.15 -1.82
CA GLU A 74 14.00 8.81 -0.51
C GLU A 74 12.61 8.78 0.12
N ASN A 75 11.59 8.85 -0.72
CA ASN A 75 10.21 8.85 -0.24
C ASN A 75 9.82 7.46 0.28
N ILE A 76 9.82 6.48 -0.61
CA ILE A 76 9.46 5.11 -0.25
C ILE A 76 10.11 4.72 1.08
N GLY A 77 11.29 5.28 1.34
CA GLY A 77 11.99 4.97 2.58
C GLY A 77 11.29 5.54 3.79
N ASN A 78 10.75 6.75 3.66
CA ASN A 78 10.05 7.40 4.75
C ASN A 78 8.73 6.70 5.06
N PHE A 79 8.02 6.30 4.00
CA PHE A 79 6.74 5.62 4.15
C PHE A 79 6.92 4.29 4.87
N ILE A 80 7.67 3.39 4.25
CA ILE A 80 7.91 2.07 4.84
C ILE A 80 8.14 2.17 6.34
N LYS A 81 8.86 3.19 6.76
CA LYS A 81 9.15 3.41 8.17
C LYS A 81 7.92 3.95 8.90
N ALA A 82 7.23 4.89 8.28
CA ALA A 82 6.03 5.48 8.86
C ALA A 82 4.99 4.42 9.19
N ILE A 83 4.71 3.55 8.22
CA ILE A 83 3.73 2.48 8.39
C ILE A 83 4.17 1.53 9.50
N THR A 84 5.49 1.41 9.70
CA THR A 84 6.03 0.53 10.72
C THR A 84 5.60 0.97 12.11
N LYS A 85 5.46 2.27 12.30
CA LYS A 85 5.05 2.82 13.59
C LYS A 85 3.53 2.80 13.72
N TYR A 86 2.84 3.24 12.69
CA TYR A 86 1.38 3.27 12.68
C TYR A 86 0.81 1.98 13.27
N GLY A 87 0.94 0.90 12.52
CA GLY A 87 0.44 -0.39 12.97
C GLY A 87 0.73 -1.51 11.99
N VAL A 88 1.96 -1.55 11.48
CA VAL A 88 2.37 -2.58 10.53
C VAL A 88 3.72 -3.17 10.90
N LYS A 89 3.71 -4.42 11.34
CA LYS A 89 4.95 -5.10 11.73
C LYS A 89 5.94 -5.12 10.57
N PRO A 90 7.24 -5.17 10.90
CA PRO A 90 8.31 -5.18 9.91
C PRO A 90 8.36 -6.50 9.13
N HIS A 91 7.65 -7.51 9.65
CA HIS A 91 7.62 -8.81 9.00
C HIS A 91 6.55 -8.86 7.93
N ASP A 92 5.86 -7.74 7.72
CA ASP A 92 4.81 -7.65 6.71
C ASP A 92 4.95 -6.37 5.89
N ILE A 93 6.16 -5.83 5.86
CA ILE A 93 6.42 -4.60 5.11
C ILE A 93 7.39 -4.86 3.96
N PHE A 94 7.17 -4.18 2.84
CA PHE A 94 8.02 -4.33 1.67
C PHE A 94 9.24 -3.42 1.76
N GLU A 95 10.34 -3.84 1.14
CA GLU A 95 11.57 -3.07 1.15
C GLU A 95 11.52 -1.95 0.11
N ALA A 96 12.36 -0.93 0.30
CA ALA A 96 12.40 0.20 -0.62
C ALA A 96 12.47 -0.27 -2.06
N ASN A 97 13.49 -1.07 -2.38
CA ASN A 97 13.67 -1.59 -3.73
C ASN A 97 12.54 -2.54 -4.09
N ASP A 98 11.87 -3.08 -3.08
CA ASP A 98 10.77 -4.01 -3.30
C ASP A 98 9.69 -3.38 -4.18
N LEU A 99 9.52 -2.06 -4.05
CA LEU A 99 8.53 -1.34 -4.83
C LEU A 99 9.18 -0.59 -5.99
N PHE A 100 10.33 0.03 -5.71
CA PHE A 100 11.05 0.79 -6.73
C PHE A 100 11.44 -0.12 -7.90
N GLU A 101 12.17 -1.19 -7.59
CA GLU A 101 12.61 -2.14 -8.61
C GLU A 101 11.56 -3.23 -8.83
N ASN A 102 10.42 -3.09 -8.15
CA ASN A 102 9.34 -4.06 -8.28
C ASN A 102 9.89 -5.49 -8.29
N THR A 103 10.86 -5.74 -7.42
CA THR A 103 11.47 -7.07 -7.33
C THR A 103 10.45 -8.11 -6.88
N ASN A 104 9.46 -7.67 -6.13
CA ASN A 104 8.41 -8.56 -5.63
C ASN A 104 7.09 -7.82 -5.48
N HIS A 105 6.15 -8.12 -6.37
CA HIS A 105 4.84 -7.48 -6.34
C HIS A 105 4.04 -7.95 -5.12
N THR A 106 3.83 -9.26 -5.03
CA THR A 106 3.09 -9.84 -3.92
C THR A 106 3.51 -9.23 -2.59
N GLN A 107 4.82 -9.23 -2.34
CA GLN A 107 5.36 -8.69 -1.10
C GLN A 107 4.69 -7.35 -0.76
N VAL A 108 4.79 -6.39 -1.69
CA VAL A 108 4.20 -5.08 -1.49
C VAL A 108 2.67 -5.17 -1.39
N GLN A 109 2.09 -6.04 -2.20
CA GLN A 109 0.65 -6.23 -2.21
C GLN A 109 0.13 -6.52 -0.81
N SER A 110 0.77 -7.47 -0.13
CA SER A 110 0.37 -7.86 1.21
C SER A 110 0.48 -6.67 2.17
N THR A 111 1.65 -6.05 2.20
CA THR A 111 1.88 -4.90 3.07
C THR A 111 0.64 -4.01 3.14
N LEU A 112 -0.03 -3.84 2.01
CA LEU A 112 -1.23 -3.00 1.95
C LEU A 112 -2.42 -3.72 2.58
N LEU A 113 -2.58 -5.00 2.23
CA LEU A 113 -3.68 -5.79 2.75
C LEU A 113 -3.82 -5.62 4.26
N ALA A 114 -2.68 -5.50 4.95
CA ALA A 114 -2.68 -5.32 6.38
C ALA A 114 -3.01 -3.87 6.76
N LEU A 115 -2.37 -2.93 6.09
CA LEU A 115 -2.60 -1.51 6.35
C LEU A 115 -4.10 -1.21 6.39
N ALA A 116 -4.81 -1.64 5.35
CA ALA A 116 -6.25 -1.42 5.26
C ALA A 116 -6.93 -1.74 6.59
N SER A 117 -6.56 -2.85 7.19
CA SER A 117 -7.14 -3.28 8.46
C SER A 117 -6.72 -2.33 9.59
N MET A 118 -5.52 -1.76 9.46
CA MET A 118 -5.00 -0.84 10.46
C MET A 118 -5.82 0.45 10.49
N ALA A 119 -6.34 0.84 9.34
CA ALA A 119 -7.15 2.05 9.23
C ALA A 119 -8.61 1.77 9.53
N LYS A 120 -8.97 0.50 9.55
CA LYS A 120 -10.35 0.09 9.84
C LYS A 120 -10.63 0.13 11.33
N THR A 121 -9.71 -0.42 12.12
CA THR A 121 -9.86 -0.45 13.57
C THR A 121 -9.86 0.96 14.15
N LYS A 122 -9.10 1.85 13.53
CA LYS A 122 -9.01 3.24 13.98
C LYS A 122 -10.31 3.98 13.69
N GLY A 123 -10.87 3.75 12.51
CA GLY A 123 -12.10 4.41 12.12
C GLY A 123 -11.97 5.19 10.84
N ASN A 124 -11.42 4.56 9.81
CA ASN A 124 -11.23 5.20 8.52
C ASN A 124 -12.07 4.53 7.45
N LYS A 125 -12.04 5.08 6.24
CA LYS A 125 -12.80 4.52 5.12
C LYS A 125 -11.91 3.59 4.28
N VAL A 126 -12.06 2.30 4.51
CA VAL A 126 -11.28 1.31 3.76
C VAL A 126 -12.20 0.36 2.99
N ASN A 127 -12.27 0.56 1.68
CA ASN A 127 -13.10 -0.27 0.81
C ASN A 127 -12.33 -1.48 0.32
N VAL A 128 -11.49 -2.03 1.19
CA VAL A 128 -10.69 -3.21 0.85
C VAL A 128 -11.17 -4.44 1.62
N GLY A 129 -11.35 -5.54 0.90
CA GLY A 129 -11.81 -6.76 1.53
C GLY A 129 -10.70 -7.45 2.31
N VAL A 130 -10.10 -6.73 3.24
CA VAL A 130 -9.03 -7.28 4.07
C VAL A 130 -9.41 -8.64 4.63
N SER A 131 -10.63 -8.75 5.14
CA SER A 131 -11.12 -9.99 5.71
C SER A 131 -10.08 -10.61 6.64
N GLY A 132 -9.45 -9.77 7.46
CA GLY A 132 -8.44 -10.25 8.39
C GLY A 132 -7.13 -10.56 7.69
N PRO A 133 -6.22 -11.22 8.42
CA PRO A 133 -4.90 -11.59 7.89
C PRO A 133 -4.99 -12.68 6.83
N SER A 134 -4.00 -12.72 5.95
CA SER A 134 -3.96 -13.71 4.88
C SER A 134 -2.52 -13.99 4.44
N SER A 135 -2.09 -15.22 4.64
CA SER A 135 -0.73 -15.63 4.26
C SER A 135 -0.51 -15.48 2.77
N GLY A 136 0.57 -14.79 2.39
CA GLY A 136 0.88 -14.60 0.99
C GLY A 136 2.36 -14.47 0.74
N GLY A 1 -1.28 -13.96 -21.52
CA GLY A 1 -2.25 -12.88 -21.54
C GLY A 1 -1.96 -11.81 -20.52
N SER A 2 -0.85 -11.10 -20.69
CA SER A 2 -0.45 -10.05 -19.77
C SER A 2 -0.77 -10.45 -18.32
N SER A 3 -0.49 -11.70 -17.99
CA SER A 3 -0.75 -12.21 -16.65
C SER A 3 0.55 -12.64 -15.97
N GLY A 4 0.63 -12.43 -14.66
CA GLY A 4 1.81 -12.80 -13.91
C GLY A 4 1.81 -14.27 -13.51
N SER A 5 1.68 -14.53 -12.21
CA SER A 5 1.68 -15.88 -11.71
C SER A 5 0.25 -16.37 -11.47
N SER A 6 0.02 -17.65 -11.72
CA SER A 6 -1.31 -18.24 -11.55
C SER A 6 -1.21 -19.75 -11.30
N GLY A 7 -1.52 -20.17 -10.08
CA GLY A 7 -1.46 -21.58 -9.75
C GLY A 7 -2.83 -22.19 -9.55
N ASN A 8 -2.87 -23.47 -9.19
CA ASN A 8 -4.12 -24.17 -8.98
C ASN A 8 -4.30 -24.52 -7.49
N LYS A 9 -3.19 -24.76 -6.81
CA LYS A 9 -3.23 -25.11 -5.39
C LYS A 9 -3.71 -23.93 -4.56
N LEU A 10 -4.18 -24.22 -3.35
CA LEU A 10 -4.67 -23.18 -2.46
C LEU A 10 -3.55 -22.24 -2.03
N ALA A 11 -3.74 -20.95 -2.28
CA ALA A 11 -2.73 -19.95 -1.92
C ALA A 11 -3.29 -18.54 -2.09
N GLN A 12 -2.65 -17.58 -1.44
CA GLN A 12 -3.07 -16.18 -1.52
C GLN A 12 -1.92 -15.28 -1.94
N LYS A 13 -1.18 -15.70 -2.96
CA LYS A 13 -0.04 -14.93 -3.46
C LYS A 13 -0.50 -13.57 -3.98
N TYR A 14 -1.39 -13.59 -4.96
CA TYR A 14 -1.91 -12.36 -5.55
C TYR A 14 -3.31 -12.56 -6.11
N ASP A 15 -4.23 -11.69 -5.71
CA ASP A 15 -5.62 -11.78 -6.17
C ASP A 15 -5.97 -10.58 -7.05
N HIS A 16 -6.94 -10.77 -7.93
CA HIS A 16 -7.38 -9.70 -8.83
C HIS A 16 -8.29 -8.72 -8.10
N GLN A 17 -9.21 -9.26 -7.32
CA GLN A 17 -10.15 -8.42 -6.57
C GLN A 17 -9.41 -7.46 -5.65
N ARG A 18 -8.59 -8.01 -4.77
CA ARG A 18 -7.82 -7.20 -3.82
C ARG A 18 -7.15 -6.03 -4.54
N GLU A 19 -6.57 -6.30 -5.71
CA GLU A 19 -5.90 -5.27 -6.48
C GLU A 19 -6.86 -4.13 -6.82
N GLN A 20 -8.11 -4.48 -7.08
CA GLN A 20 -9.13 -3.49 -7.42
C GLN A 20 -9.57 -2.72 -6.17
N GLU A 21 -9.62 -3.42 -5.04
CA GLU A 21 -10.03 -2.79 -3.79
C GLU A 21 -8.91 -1.92 -3.22
N LEU A 22 -7.68 -2.32 -3.49
CA LEU A 22 -6.51 -1.57 -3.01
C LEU A 22 -6.43 -0.20 -3.67
N ARG A 23 -6.45 -0.20 -5.00
CA ARG A 23 -6.38 1.04 -5.76
C ARG A 23 -7.54 1.97 -5.41
N GLU A 24 -8.75 1.41 -5.37
CA GLU A 24 -9.93 2.19 -5.06
C GLU A 24 -9.81 2.83 -3.67
N TRP A 25 -9.07 2.18 -2.79
CA TRP A 25 -8.86 2.70 -1.44
C TRP A 25 -7.84 3.83 -1.44
N ILE A 26 -6.78 3.66 -2.21
CA ILE A 26 -5.73 4.66 -2.29
C ILE A 26 -6.16 5.83 -3.16
N GLU A 27 -6.44 5.55 -4.44
CA GLU A 27 -6.86 6.59 -5.36
C GLU A 27 -7.82 7.58 -4.69
N GLY A 28 -8.51 7.10 -3.66
CA GLY A 28 -9.44 7.96 -2.94
C GLY A 28 -8.78 8.70 -1.80
N VAL A 29 -8.23 7.95 -0.85
CA VAL A 29 -7.57 8.55 0.31
C VAL A 29 -6.58 9.62 -0.12
N THR A 30 -5.53 9.21 -0.84
CA THR A 30 -4.51 10.13 -1.31
C THR A 30 -5.10 11.14 -2.29
N GLY A 31 -5.69 10.64 -3.37
CA GLY A 31 -6.28 11.51 -4.37
C GLY A 31 -5.46 11.57 -5.64
N ARG A 32 -4.74 10.49 -5.93
CA ARG A 32 -3.92 10.41 -7.13
C ARG A 32 -4.39 9.29 -8.05
N ARG A 33 -4.19 9.49 -9.36
CA ARG A 33 -4.60 8.51 -10.34
C ARG A 33 -3.52 7.45 -10.54
N ILE A 34 -3.60 6.38 -9.75
CA ILE A 34 -2.62 5.29 -9.85
C ILE A 34 -2.39 4.89 -11.30
N GLY A 35 -3.47 4.67 -12.03
CA GLY A 35 -3.37 4.28 -13.42
C GLY A 35 -3.39 2.77 -13.60
N ASN A 36 -3.23 2.33 -14.85
CA ASN A 36 -3.23 0.90 -15.16
C ASN A 36 -2.21 0.15 -14.30
N ASN A 37 -0.94 0.31 -14.63
CA ASN A 37 0.14 -0.35 -13.89
C ASN A 37 0.04 -0.03 -12.40
N PHE A 38 -0.71 -0.86 -11.68
CA PHE A 38 -0.89 -0.66 -10.24
C PHE A 38 0.46 -0.48 -9.55
N MET A 39 1.39 -1.38 -9.82
CA MET A 39 2.72 -1.32 -9.22
C MET A 39 3.39 0.01 -9.54
N ASP A 40 3.76 0.18 -10.81
CA ASP A 40 4.42 1.41 -11.24
C ASP A 40 3.72 2.64 -10.67
N GLY A 41 2.42 2.75 -10.91
CA GLY A 41 1.67 3.87 -10.40
C GLY A 41 2.01 4.20 -8.96
N LEU A 42 2.39 3.19 -8.20
CA LEU A 42 2.75 3.38 -6.79
C LEU A 42 4.26 3.31 -6.60
N LYS A 43 4.96 2.78 -7.61
CA LYS A 43 6.41 2.66 -7.55
C LYS A 43 7.05 4.01 -7.25
N ASP A 44 6.52 5.07 -7.86
CA ASP A 44 7.05 6.41 -7.65
C ASP A 44 7.47 6.62 -6.21
N GLY A 45 6.67 6.09 -5.28
CA GLY A 45 6.98 6.23 -3.87
C GLY A 45 6.22 7.37 -3.22
N ILE A 46 5.94 8.41 -3.99
CA ILE A 46 5.22 9.57 -3.49
C ILE A 46 3.86 9.17 -2.93
N ILE A 47 2.99 8.66 -3.80
CA ILE A 47 1.66 8.24 -3.39
C ILE A 47 1.69 7.54 -2.03
N LEU A 48 2.69 6.69 -1.84
CA LEU A 48 2.85 5.95 -0.59
C LEU A 48 2.98 6.92 0.59
N CYS A 49 3.99 7.78 0.53
CA CYS A 49 4.23 8.74 1.60
C CYS A 49 2.93 9.44 2.01
N GLU A 50 2.21 9.95 1.01
CA GLU A 50 0.96 10.64 1.27
C GLU A 50 -0.09 9.68 1.82
N PHE A 51 0.05 8.40 1.49
CA PHE A 51 -0.88 7.39 1.95
C PHE A 51 -0.88 7.30 3.48
N ILE A 52 0.25 6.88 4.04
CA ILE A 52 0.39 6.75 5.48
C ILE A 52 0.13 8.09 6.18
N ASN A 53 0.34 9.17 5.46
CA ASN A 53 0.12 10.51 6.00
C ASN A 53 -1.37 10.77 6.22
N LYS A 54 -2.17 10.49 5.21
CA LYS A 54 -3.62 10.69 5.29
C LYS A 54 -4.21 9.92 6.47
N LEU A 55 -3.56 8.81 6.83
CA LEU A 55 -4.02 7.99 7.94
C LEU A 55 -3.48 8.52 9.26
N GLN A 56 -2.22 8.91 9.29
CA GLN A 56 -1.59 9.44 10.49
C GLN A 56 -1.14 10.88 10.28
N PRO A 57 -1.66 11.79 11.11
CA PRO A 57 -1.32 13.22 11.03
C PRO A 57 0.10 13.49 11.48
N GLY A 58 1.04 13.47 10.52
CA GLY A 58 2.43 13.72 10.84
C GLY A 58 3.32 12.52 10.56
N SER A 59 2.95 11.75 9.54
CA SER A 59 3.72 10.57 9.18
C SER A 59 5.10 10.95 8.64
N VAL A 60 5.13 11.48 7.42
CA VAL A 60 6.38 11.89 6.79
C VAL A 60 6.54 13.40 6.82
N LYS A 61 7.64 13.87 7.41
CA LYS A 61 7.90 15.30 7.50
C LYS A 61 7.59 16.00 6.18
N LYS A 62 8.33 15.63 5.14
CA LYS A 62 8.14 16.22 3.82
C LYS A 62 8.22 15.14 2.73
N ILE A 63 7.72 15.48 1.54
CA ILE A 63 7.73 14.55 0.42
C ILE A 63 8.32 15.20 -0.82
N ASN A 64 9.46 14.66 -1.28
CA ASN A 64 10.13 15.19 -2.46
C ASN A 64 9.36 14.82 -3.72
N GLU A 65 9.02 15.85 -4.51
CA GLU A 65 8.29 15.63 -5.76
C GLU A 65 9.17 15.95 -6.97
N SER A 66 10.06 15.02 -7.30
CA SER A 66 10.96 15.19 -8.42
C SER A 66 10.68 14.15 -9.50
N THR A 67 11.45 14.22 -10.60
CA THR A 67 11.28 13.28 -11.70
C THR A 67 12.49 12.37 -11.82
N GLN A 68 13.25 12.26 -10.74
CA GLN A 68 14.44 11.40 -10.73
C GLN A 68 14.23 10.19 -9.83
N ASN A 69 15.20 9.28 -9.83
CA ASN A 69 15.12 8.08 -9.02
C ASN A 69 15.51 8.39 -7.57
N TRP A 70 16.44 9.32 -7.40
CA TRP A 70 16.90 9.70 -6.06
C TRP A 70 15.72 9.99 -5.15
N HIS A 71 14.92 10.98 -5.53
CA HIS A 71 13.75 11.36 -4.73
C HIS A 71 12.84 10.16 -4.50
N GLN A 72 12.58 9.40 -5.56
CA GLN A 72 11.72 8.23 -5.47
C GLN A 72 12.17 7.32 -4.33
N LEU A 73 13.42 6.89 -4.38
CA LEU A 73 13.97 6.01 -3.36
C LEU A 73 13.81 6.63 -1.97
N GLU A 74 14.09 7.93 -1.87
CA GLU A 74 13.97 8.64 -0.60
C GLU A 74 12.58 8.49 -0.01
N ASN A 75 11.59 9.04 -0.71
CA ASN A 75 10.20 8.97 -0.26
C ASN A 75 9.88 7.59 0.30
N ILE A 76 9.81 6.59 -0.57
CA ILE A 76 9.52 5.23 -0.15
C ILE A 76 10.17 4.92 1.19
N GLY A 77 11.47 5.17 1.30
CA GLY A 77 12.18 4.91 2.53
C GLY A 77 11.48 5.49 3.74
N ASN A 78 11.03 6.73 3.62
CA ASN A 78 10.33 7.40 4.72
C ASN A 78 8.97 6.76 4.97
N PHE A 79 8.28 6.39 3.89
CA PHE A 79 6.97 5.78 3.99
C PHE A 79 7.04 4.48 4.81
N ILE A 80 7.83 3.53 4.31
CA ILE A 80 7.99 2.25 4.99
C ILE A 80 8.08 2.44 6.50
N LYS A 81 8.95 3.35 6.93
CA LYS A 81 9.14 3.62 8.35
C LYS A 81 7.83 4.11 8.98
N ALA A 82 7.17 5.04 8.31
CA ALA A 82 5.91 5.60 8.80
C ALA A 82 4.91 4.48 9.10
N ILE A 83 4.71 3.60 8.13
CA ILE A 83 3.78 2.50 8.29
C ILE A 83 4.25 1.51 9.35
N THR A 84 5.56 1.51 9.59
CA THR A 84 6.16 0.62 10.58
C THR A 84 5.78 1.04 12.00
N LYS A 85 5.56 2.34 12.19
CA LYS A 85 5.20 2.87 13.50
C LYS A 85 3.68 2.85 13.67
N TYR A 86 2.96 3.26 12.63
CA TYR A 86 1.50 3.29 12.69
C TYR A 86 0.95 2.00 13.29
N GLY A 87 1.07 0.90 12.55
CA GLY A 87 0.58 -0.37 13.03
C GLY A 87 0.88 -1.51 12.07
N VAL A 88 2.11 -1.55 11.58
CA VAL A 88 2.54 -2.59 10.65
C VAL A 88 3.94 -3.09 10.99
N LYS A 89 4.05 -4.39 11.25
CA LYS A 89 5.32 -5.00 11.59
C LYS A 89 6.25 -5.01 10.38
N PRO A 90 7.57 -5.06 10.64
CA PRO A 90 8.59 -5.07 9.58
C PRO A 90 8.60 -6.39 8.81
N HIS A 91 7.91 -7.39 9.35
CA HIS A 91 7.84 -8.71 8.70
C HIS A 91 6.81 -8.69 7.58
N ASP A 92 5.84 -7.80 7.68
CA ASP A 92 4.79 -7.70 6.67
C ASP A 92 4.95 -6.41 5.86
N ILE A 93 6.14 -5.83 5.91
CA ILE A 93 6.42 -4.60 5.18
C ILE A 93 7.45 -4.82 4.08
N PHE A 94 7.24 -4.19 2.94
CA PHE A 94 8.16 -4.32 1.82
C PHE A 94 9.36 -3.38 1.96
N GLU A 95 10.42 -3.65 1.23
CA GLU A 95 11.63 -2.83 1.28
C GLU A 95 11.64 -1.81 0.15
N ALA A 96 12.44 -0.76 0.30
CA ALA A 96 12.54 0.29 -0.71
C ALA A 96 12.74 -0.31 -2.09
N ASN A 97 13.50 -1.39 -2.17
CA ASN A 97 13.77 -2.06 -3.45
C ASN A 97 12.57 -2.89 -3.88
N ASP A 98 11.93 -3.56 -2.92
CA ASP A 98 10.76 -4.39 -3.21
C ASP A 98 9.79 -3.65 -4.11
N LEU A 99 9.54 -2.37 -3.80
CA LEU A 99 8.63 -1.56 -4.59
C LEU A 99 9.36 -0.86 -5.72
N PHE A 100 10.38 -0.09 -5.38
CA PHE A 100 11.16 0.63 -6.37
C PHE A 100 11.52 -0.27 -7.55
N GLU A 101 12.12 -1.41 -7.25
CA GLU A 101 12.52 -2.36 -8.28
C GLU A 101 11.37 -3.31 -8.62
N ASN A 102 10.25 -3.15 -7.91
CA ASN A 102 9.08 -3.99 -8.13
C ASN A 102 9.49 -5.45 -8.36
N THR A 103 10.55 -5.87 -7.67
CA THR A 103 11.04 -7.24 -7.80
C THR A 103 10.04 -8.23 -7.24
N ASN A 104 9.33 -7.84 -6.19
CA ASN A 104 8.34 -8.70 -5.57
C ASN A 104 7.01 -7.97 -5.40
N HIS A 105 6.19 -8.00 -6.45
CA HIS A 105 4.89 -7.34 -6.43
C HIS A 105 4.06 -7.83 -5.25
N THR A 106 3.87 -9.15 -5.17
CA THR A 106 3.09 -9.75 -4.09
C THR A 106 3.50 -9.19 -2.74
N GLN A 107 4.78 -9.33 -2.41
CA GLN A 107 5.31 -8.84 -1.13
C GLN A 107 4.69 -7.48 -0.79
N VAL A 108 4.82 -6.53 -1.71
CA VAL A 108 4.28 -5.19 -1.50
C VAL A 108 2.77 -5.24 -1.27
N GLN A 109 2.11 -6.14 -1.97
CA GLN A 109 0.65 -6.28 -1.85
C GLN A 109 0.27 -6.63 -0.41
N SER A 110 0.92 -7.64 0.14
CA SER A 110 0.63 -8.08 1.50
C SER A 110 0.72 -6.91 2.47
N THR A 111 1.74 -6.07 2.30
CA THR A 111 1.95 -4.92 3.17
C THR A 111 0.69 -4.05 3.23
N LEU A 112 0.13 -3.73 2.07
CA LEU A 112 -1.07 -2.91 1.99
C LEU A 112 -2.26 -3.64 2.63
N LEU A 113 -2.54 -4.85 2.15
CA LEU A 113 -3.64 -5.65 2.68
C LEU A 113 -3.72 -5.54 4.20
N ALA A 114 -2.55 -5.51 4.84
CA ALA A 114 -2.48 -5.41 6.30
C ALA A 114 -2.79 -3.99 6.76
N LEU A 115 -2.19 -3.01 6.11
CA LEU A 115 -2.40 -1.61 6.45
C LEU A 115 -3.89 -1.30 6.57
N ALA A 116 -4.64 -1.59 5.52
CA ALA A 116 -6.08 -1.34 5.51
C ALA A 116 -6.71 -1.80 6.82
N SER A 117 -6.45 -3.04 7.20
CA SER A 117 -7.00 -3.61 8.42
C SER A 117 -6.64 -2.74 9.63
N MET A 118 -5.49 -2.08 9.55
CA MET A 118 -5.03 -1.21 10.62
C MET A 118 -5.88 0.05 10.71
N ALA A 119 -6.30 0.56 9.56
CA ALA A 119 -7.13 1.76 9.51
C ALA A 119 -8.59 1.44 9.76
N LYS A 120 -8.95 0.17 9.58
CA LYS A 120 -10.32 -0.28 9.79
C LYS A 120 -10.73 -0.14 11.25
N THR A 121 -9.94 -0.76 12.13
CA THR A 121 -10.21 -0.71 13.56
C THR A 121 -10.29 0.72 14.06
N LYS A 122 -9.37 1.56 13.60
CA LYS A 122 -9.34 2.97 13.99
C LYS A 122 -10.58 3.69 13.51
N GLY A 123 -11.00 3.39 12.27
CA GLY A 123 -12.18 4.03 11.71
C GLY A 123 -11.86 4.87 10.50
N ASN A 124 -11.24 4.24 9.49
CA ASN A 124 -10.87 4.94 8.27
C ASN A 124 -11.47 4.25 7.05
N LYS A 125 -11.97 5.04 6.11
CA LYS A 125 -12.57 4.50 4.89
C LYS A 125 -11.61 3.57 4.19
N VAL A 126 -11.96 2.29 4.13
CA VAL A 126 -11.13 1.29 3.48
C VAL A 126 -11.90 0.56 2.38
N ASN A 127 -12.82 -0.31 2.77
CA ASN A 127 -13.63 -1.05 1.81
C ASN A 127 -12.77 -2.05 1.04
N VAL A 128 -11.77 -2.62 1.73
CA VAL A 128 -10.88 -3.59 1.10
C VAL A 128 -11.02 -4.96 1.76
N GLY A 129 -11.48 -5.94 0.98
CA GLY A 129 -11.65 -7.28 1.50
C GLY A 129 -10.38 -7.82 2.13
N VAL A 130 -10.17 -7.50 3.41
CA VAL A 130 -8.99 -7.95 4.13
C VAL A 130 -9.31 -9.19 4.95
N SER A 131 -9.25 -10.35 4.31
CA SER A 131 -9.51 -11.61 4.99
C SER A 131 -8.52 -11.86 6.12
N GLY A 132 -7.24 -11.94 5.75
CA GLY A 132 -6.21 -12.17 6.75
C GLY A 132 -4.83 -12.32 6.13
N PRO A 133 -3.93 -11.37 6.42
CA PRO A 133 -2.56 -11.39 5.89
C PRO A 133 -1.73 -12.51 6.48
N SER A 134 -2.10 -12.95 7.69
CA SER A 134 -1.38 -14.02 8.37
C SER A 134 -2.08 -15.36 8.17
N SER A 135 -1.28 -16.41 7.94
CA SER A 135 -1.82 -17.73 7.72
C SER A 135 -2.40 -18.31 9.02
N GLY A 136 -1.66 -18.15 10.11
CA GLY A 136 -2.10 -18.65 11.40
C GLY A 136 -0.96 -18.94 12.35
#